data_8TO5
#
_entry.id   8TO5
#
_cell.length_a   1.00
_cell.length_b   1.00
_cell.length_c   1.00
_cell.angle_alpha   90.00
_cell.angle_beta   90.00
_cell.angle_gamma   90.00
#
_symmetry.space_group_name_H-M   'P 1'
#
loop_
_entity.id
_entity.type
_entity.pdbx_description
1 polymer 'C-phycocyanin alpha subunit'
2 polymer 'C-phycocyanin beta subunit'
3 polymer 'Phycobilisome 32.1 kDa linker polypeptide, phycocyanin-associated, rod 1'
4 polymer 'Phycobilisome 32.1 kDa linker polypeptide, phycocyanin-associated, rod 2'
5 non-polymer PHYCOCYANOBILIN
6 water water
#
loop_
_entity_poly.entity_id
_entity_poly.type
_entity_poly.pdbx_seq_one_letter_code
_entity_poly.pdbx_strand_id
1 'polypeptide(L)'
;MKTPLTEAVSTADSQGRFLSSTELQIAFGRLRQANAGLQAAKALTDNAQSLVNGAAQAVYNKFPYTTQTQGNNFAADQRG
KDKCARDIGYYLRIVTYCLVAGGTGPLDEYLIAGIDEINRTFDLSPSWYVEALKYIKANHGLSGDARDEANSYLDYAINA
LS
;
M,O,Q,S,U,W
2 'polypeptide(L)'
;MFDVFTRVVSQADARGEYLSGSQLDALSATVAEGNKRIDSVNRITGNASAIVSNAARALFAEQPQLIQPGG(MEN)AYTS
RRMAACLRDMEIILRYVTYATFTGDASVLEDRCLNGLRETYVALGVPGASVAAGVQKMKEAALDIVNDPNGITRGDCSAI
VAEIAGYFDRAAAAVA
;
N,P,R,T,V,X
3 'polypeptide(L)'
;MAITTAASRLGVAPYNESRPVELRPDFSLDDAKMVIRAVYRQVLGNDYIMDSERLKGAESLLTNGSISVREFVRTVAKSE
LYKKKFLYNNFQTRVIELNYKHLLGRAPFSEDEVIFHLDLYENQGFDADIDSYIDSVEYQENFGENIVPYYRFNNQVGDR
TVGFTRMFRLYRGYANSDRSQLERSSSRLATELGQNTVSAIVGPSGSNAGWAYRPSRAGNTPAKALGGTVPFGQASKLFR
VEITAISAPGYPKVRRSNKAVIVPFEQLNQTLQQINRLGGKVASITPASLS
;
b
4 'polypeptide(L)'
;MTSLVSAQRLGIVAVDEAIPLELRSRSTEEEVDAVILAVYRQVLGNDHLMSQERLTSAESLLRGREISVRDFVRAVALSE
VYRQKFFHSNPQNRFIELNYKHLLGRAPYDQSEIAFHTDLYHQGGYEAEINSYIDSVEYTENFGDWVVPYFRGFATQRNQ
KTVGFSRSFQVYRGYATSDRSQGNGSRSRLTRELARNTASPVYAGSTAESLRGTSAGSRNQMYRLQVIQGAAPGRGTRVR
RGKAEYLVSYDNLSAKLQQINRQGDTVTMISLA
;
c
#
loop_
_chem_comp.id
_chem_comp.type
_chem_comp.name
_chem_comp.formula
CYC non-polymer PHYCOCYANOBILIN 'C33 H40 N4 O6'
#
# COMPACT_ATOMS: atom_id res chain seq x y z
N MET A 1 17.43 3.02 -20.83
CA MET A 1 18.89 2.91 -21.06
C MET A 1 19.62 3.96 -20.22
N LYS A 2 20.49 3.51 -19.32
CA LYS A 2 21.24 4.43 -18.47
C LYS A 2 22.24 5.19 -19.33
N THR A 3 22.02 6.48 -19.48
CA THR A 3 22.96 7.41 -20.09
C THR A 3 22.86 8.73 -19.33
N PRO A 4 23.87 9.60 -19.45
CA PRO A 4 23.78 10.89 -18.73
C PRO A 4 22.57 11.72 -19.11
N LEU A 5 22.17 11.71 -20.39
CA LEU A 5 21.05 12.55 -20.80
C LEU A 5 19.72 11.98 -20.33
N THR A 6 19.53 10.68 -20.45
CA THR A 6 18.26 10.08 -20.04
C THR A 6 18.13 10.08 -18.53
N GLU A 7 19.24 9.87 -17.81
CA GLU A 7 19.18 9.94 -16.35
C GLU A 7 18.89 11.35 -15.87
N ALA A 8 19.44 12.36 -16.55
CA ALA A 8 19.15 13.74 -16.17
C ALA A 8 17.67 14.04 -16.29
N VAL A 9 17.05 13.63 -17.40
CA VAL A 9 15.63 13.92 -17.60
C VAL A 9 14.77 13.08 -16.66
N SER A 10 15.16 11.82 -16.45
CA SER A 10 14.38 10.96 -15.55
C SER A 10 14.35 11.53 -14.14
N THR A 11 15.49 12.02 -13.66
CA THR A 11 15.54 12.61 -12.32
C THR A 11 14.65 13.85 -12.25
N ALA A 12 14.77 14.74 -13.23
CA ALA A 12 13.93 15.93 -13.25
C ALA A 12 12.45 15.57 -13.35
N ASP A 13 12.12 14.61 -14.22
CA ASP A 13 10.73 14.23 -14.39
C ASP A 13 10.16 13.64 -13.10
N SER A 14 10.95 12.82 -12.41
CA SER A 14 10.49 12.25 -11.14
C SER A 14 10.20 13.34 -10.12
N GLN A 15 10.87 14.48 -10.23
CA GLN A 15 10.66 15.62 -9.34
C GLN A 15 9.64 16.61 -9.90
N GLY A 16 9.10 16.36 -11.09
CA GLY A 16 8.18 17.31 -11.69
C GLY A 16 8.81 18.67 -11.95
N ARG A 17 10.10 18.68 -12.30
CA ARG A 17 10.87 19.91 -12.41
C ARG A 17 11.35 20.12 -13.84
N PHE A 18 11.45 21.39 -14.23
CA PHE A 18 12.19 21.73 -15.43
C PHE A 18 13.66 21.39 -15.25
N LEU A 19 14.37 21.28 -16.35
CA LEU A 19 15.80 21.05 -16.29
C LEU A 19 16.51 22.31 -15.81
N SER A 20 17.39 22.16 -14.83
CA SER A 20 18.10 23.26 -14.20
C SER A 20 19.58 23.17 -14.53
N SER A 21 20.37 24.07 -13.93
CA SER A 21 21.80 24.09 -14.17
C SER A 21 22.46 22.75 -13.85
N THR A 22 21.89 22.01 -12.89
CA THR A 22 22.41 20.69 -12.58
C THR A 22 22.38 19.80 -13.81
N GLU A 23 21.25 19.76 -14.52
CA GLU A 23 21.12 18.90 -15.68
C GLU A 23 21.89 19.43 -16.89
N LEU A 24 22.02 20.75 -17.03
CA LEU A 24 22.86 21.29 -18.08
C LEU A 24 24.32 20.89 -17.88
N GLN A 25 24.77 20.87 -16.62
CA GLN A 25 26.13 20.40 -16.34
C GLN A 25 26.28 18.93 -16.72
N ILE A 26 25.26 18.13 -16.49
CA ILE A 26 25.30 16.74 -16.93
C ILE A 26 25.48 16.67 -18.44
N ALA A 27 24.76 17.53 -19.17
CA ALA A 27 24.91 17.56 -20.62
C ALA A 27 26.32 17.95 -21.02
N PHE A 28 26.88 18.98 -20.36
CA PHE A 28 28.26 19.37 -20.65
C PHE A 28 29.23 18.23 -20.37
N GLY A 29 28.99 17.47 -19.31
CA GLY A 29 29.79 16.28 -19.07
C GLY A 29 29.71 15.30 -20.20
N ARG A 30 28.50 15.06 -20.72
CA ARG A 30 28.32 14.17 -21.86
C ARG A 30 29.10 14.67 -23.07
N LEU A 31 29.00 15.97 -23.36
CA LEU A 31 29.68 16.52 -24.53
C LEU A 31 31.19 16.44 -24.38
N ARG A 32 31.71 16.57 -23.16
CA ARG A 32 33.14 16.40 -22.96
C ARG A 32 33.57 15.00 -23.34
N GLN A 33 32.76 14.00 -23.01
CA GLN A 33 33.10 12.59 -23.22
C GLN A 33 32.80 12.09 -24.62
N ALA A 34 31.83 12.71 -25.31
CA ALA A 34 31.17 12.05 -26.43
C ALA A 34 32.14 11.71 -27.55
N ASN A 35 33.01 12.65 -27.93
CA ASN A 35 33.88 12.41 -29.07
C ASN A 35 34.88 11.30 -28.79
N ALA A 36 35.42 11.25 -27.58
CA ALA A 36 36.29 10.14 -27.22
C ALA A 36 35.55 8.81 -27.30
N GLY A 37 34.31 8.77 -26.80
CA GLY A 37 33.52 7.56 -26.92
C GLY A 37 33.27 7.15 -28.35
N LEU A 38 32.91 8.12 -29.21
CA LEU A 38 32.69 7.82 -30.61
C LEU A 38 33.96 7.36 -31.29
N GLN A 39 35.11 7.96 -30.93
CA GLN A 39 36.39 7.47 -31.43
C GLN A 39 36.64 6.04 -30.98
N ALA A 40 36.37 5.75 -29.71
CA ALA A 40 36.60 4.41 -29.19
C ALA A 40 35.73 3.38 -29.91
N ALA A 41 34.48 3.73 -30.17
CA ALA A 41 33.59 2.80 -30.87
C ALA A 41 34.13 2.49 -32.26
N LYS A 42 34.61 3.51 -32.98
CA LYS A 42 35.16 3.29 -34.31
C LYS A 42 36.38 2.39 -34.26
N ALA A 43 37.29 2.64 -33.31
CA ALA A 43 38.52 1.85 -33.23
C ALA A 43 38.19 0.39 -32.90
N LEU A 44 37.29 0.17 -31.95
CA LEU A 44 36.89 -1.21 -31.65
C LEU A 44 36.18 -1.84 -32.84
N THR A 45 35.32 -1.08 -33.51
CA THR A 45 34.58 -1.62 -34.66
C THR A 45 35.52 -2.01 -35.79
N ASP A 46 36.49 -1.13 -36.10
CA ASP A 46 37.42 -1.43 -37.19
C ASP A 46 38.27 -2.66 -36.87
N ASN A 47 38.53 -2.92 -35.59
CA ASN A 47 39.35 -4.03 -35.15
C ASN A 47 38.52 -5.19 -34.60
N ALA A 48 37.22 -5.21 -34.87
CA ALA A 48 36.32 -6.13 -34.18
C ALA A 48 36.68 -7.59 -34.48
N GLN A 49 36.90 -7.92 -35.75
CA GLN A 49 37.15 -9.31 -36.12
C GLN A 49 38.42 -9.83 -35.45
N SER A 50 39.48 -9.02 -35.44
CA SER A 50 40.72 -9.43 -34.79
C SER A 50 40.51 -9.57 -33.28
N LEU A 51 39.76 -8.66 -32.67
CA LEU A 51 39.54 -8.72 -31.22
C LEU A 51 38.69 -9.93 -30.85
N VAL A 52 37.63 -10.20 -31.61
CA VAL A 52 36.77 -11.34 -31.31
C VAL A 52 37.54 -12.65 -31.48
N ASN A 53 38.25 -12.77 -32.61
CA ASN A 53 39.02 -13.99 -32.86
C ASN A 53 40.13 -14.16 -31.84
N GLY A 54 40.87 -13.09 -31.55
CA GLY A 54 41.90 -13.17 -30.53
C GLY A 54 41.33 -13.48 -29.15
N ALA A 55 40.20 -12.85 -28.82
CA ALA A 55 39.56 -13.12 -27.54
C ALA A 55 39.11 -14.56 -27.45
N ALA A 56 38.53 -15.09 -28.53
CA ALA A 56 38.09 -16.49 -28.54
C ALA A 56 39.26 -17.43 -28.31
N GLN A 57 40.38 -17.19 -29.01
CA GLN A 57 41.54 -18.05 -28.81
C GLN A 57 42.11 -17.92 -27.40
N ALA A 58 42.04 -16.72 -26.82
CA ALA A 58 42.49 -16.55 -25.45
C ALA A 58 41.69 -17.43 -24.50
N VAL A 59 40.37 -17.52 -24.70
CA VAL A 59 39.55 -18.38 -23.86
C VAL A 59 39.93 -19.84 -24.06
N TYR A 60 40.10 -20.27 -25.32
CA TYR A 60 40.45 -21.66 -25.57
C TYR A 60 41.80 -22.01 -24.97
N ASN A 61 42.76 -21.08 -25.04
CA ASN A 61 44.07 -21.32 -24.44
C ASN A 61 43.96 -21.43 -22.93
N LYS A 62 43.22 -20.51 -22.29
CA LYS A 62 43.08 -20.54 -20.84
C LYS A 62 42.27 -21.74 -20.38
N PHE A 63 41.29 -22.18 -21.16
CA PHE A 63 40.39 -23.27 -20.81
C PHE A 63 40.41 -24.31 -21.92
N PRO A 64 41.50 -25.08 -22.03
CA PRO A 64 41.60 -26.03 -23.16
C PRO A 64 40.48 -27.05 -23.21
N TYR A 65 39.88 -27.39 -22.07
CA TYR A 65 38.82 -28.39 -22.07
C TYR A 65 37.63 -27.97 -22.93
N THR A 66 37.44 -26.65 -23.11
CA THR A 66 36.31 -26.18 -23.91
C THR A 66 36.47 -26.54 -25.39
N THR A 67 37.67 -26.88 -25.84
CA THR A 67 37.91 -27.30 -27.22
C THR A 67 38.13 -28.79 -27.36
N GLN A 68 38.13 -29.56 -26.27
CA GLN A 68 38.31 -31.00 -26.32
C GLN A 68 37.10 -31.79 -25.84
N THR A 69 36.22 -31.19 -25.04
CA THR A 69 35.15 -31.93 -24.39
C THR A 69 33.88 -31.89 -25.23
N GLN A 70 33.32 -33.05 -25.51
CA GLN A 70 32.04 -33.12 -26.20
C GLN A 70 30.94 -32.57 -25.31
N GLY A 71 29.98 -31.90 -25.92
CA GLY A 71 28.87 -31.32 -25.20
C GLY A 71 28.37 -30.07 -25.91
N ASN A 72 27.07 -29.82 -25.75
CA ASN A 72 26.46 -28.66 -26.40
C ASN A 72 27.03 -27.35 -25.84
N ASN A 73 27.51 -27.35 -24.60
CA ASN A 73 28.00 -26.14 -23.98
C ASN A 73 29.46 -25.86 -24.26
N PHE A 74 30.16 -26.75 -24.98
CA PHE A 74 31.57 -26.60 -25.27
C PHE A 74 31.80 -26.31 -26.74
N ALA A 75 33.04 -25.93 -27.05
CA ALA A 75 33.45 -25.53 -28.40
C ALA A 75 34.39 -26.56 -29.02
N ALA A 76 34.12 -27.84 -28.80
CA ALA A 76 34.96 -28.90 -29.36
C ALA A 76 34.71 -29.10 -30.85
N ASP A 77 33.57 -28.66 -31.37
CA ASP A 77 33.25 -28.74 -32.78
C ASP A 77 33.01 -27.33 -33.32
N GLN A 78 32.84 -27.25 -34.64
CA GLN A 78 32.69 -25.93 -35.27
C GLN A 78 31.42 -25.25 -34.81
N ARG A 79 30.37 -26.02 -34.50
CA ARG A 79 29.14 -25.43 -33.98
C ARG A 79 29.42 -24.60 -32.73
N GLY A 80 30.09 -25.20 -31.74
CA GLY A 80 30.33 -24.49 -30.51
C GLY A 80 31.30 -23.33 -30.67
N LYS A 81 32.31 -23.49 -31.52
CA LYS A 81 33.23 -22.40 -31.77
C LYS A 81 32.51 -21.21 -32.39
N ASP A 82 31.59 -21.46 -33.32
CA ASP A 82 30.79 -20.38 -33.89
C ASP A 82 29.88 -19.76 -32.84
N LYS A 83 29.28 -20.59 -31.99
CA LYS A 83 28.50 -20.04 -30.88
C LYS A 83 29.37 -19.17 -29.99
N CYS A 84 30.58 -19.64 -29.67
CA CYS A 84 31.46 -18.87 -28.80
C CYS A 84 31.88 -17.56 -29.45
N ALA A 85 32.34 -17.62 -30.69
CA ALA A 85 32.75 -16.41 -31.40
C ALA A 85 31.58 -15.44 -31.51
N ARG A 86 30.37 -15.96 -31.74
CA ARG A 86 29.19 -15.11 -31.77
C ARG A 86 28.98 -14.40 -30.43
N ASP A 87 29.07 -15.15 -29.33
CA ASP A 87 28.83 -14.57 -28.02
C ASP A 87 29.83 -13.46 -27.72
N ILE A 88 31.10 -13.72 -27.99
CA ILE A 88 32.13 -12.71 -27.74
C ILE A 88 31.88 -11.49 -28.61
N GLY A 89 31.45 -11.71 -29.85
CA GLY A 89 31.06 -10.59 -30.70
C GLY A 89 29.93 -9.77 -30.11
N TYR A 90 28.96 -10.45 -29.47
CA TYR A 90 27.88 -9.72 -28.82
C TYR A 90 28.42 -8.81 -27.73
N TYR A 91 29.36 -9.31 -26.92
CA TYR A 91 29.93 -8.47 -25.86
C TYR A 91 30.64 -7.26 -26.46
N LEU A 92 31.49 -7.48 -27.46
CA LEU A 92 32.23 -6.37 -28.04
C LEU A 92 31.30 -5.37 -28.70
N ARG A 93 30.32 -5.86 -29.46
CA ARG A 93 29.42 -4.96 -30.17
C ARG A 93 28.62 -4.10 -29.18
N ILE A 94 28.13 -4.71 -28.11
CA ILE A 94 27.30 -3.96 -27.17
C ILE A 94 28.16 -3.01 -26.33
N VAL A 95 29.45 -3.34 -26.17
CA VAL A 95 30.36 -2.40 -25.52
C VAL A 95 30.52 -1.14 -26.36
N THR A 96 30.62 -1.30 -27.69
CA THR A 96 30.70 -0.12 -28.55
C THR A 96 29.44 0.72 -28.45
N TYR A 97 28.28 0.08 -28.23
CA TYR A 97 27.06 0.84 -27.99
C TYR A 97 27.18 1.67 -26.72
N CYS A 98 27.74 1.09 -25.65
CA CYS A 98 27.92 1.85 -24.42
C CYS A 98 28.78 3.08 -24.66
N LEU A 99 29.83 2.94 -25.48
CA LEU A 99 30.67 4.08 -25.81
C LEU A 99 29.89 5.12 -26.61
N VAL A 100 29.05 4.66 -27.54
CA VAL A 100 28.22 5.59 -28.30
C VAL A 100 27.20 6.26 -27.38
N ALA A 101 26.54 5.47 -26.53
CA ALA A 101 25.53 6.02 -25.63
C ALA A 101 26.13 6.78 -24.45
N GLY A 102 27.38 6.53 -24.10
CA GLY A 102 27.97 7.15 -22.94
C GLY A 102 27.49 6.59 -21.62
N GLY A 103 27.00 5.35 -21.60
CA GLY A 103 26.58 4.74 -20.35
C GLY A 103 26.49 3.24 -20.51
N THR A 104 26.26 2.57 -19.38
CA THR A 104 26.14 1.12 -19.35
C THR A 104 24.78 0.62 -19.84
N GLY A 105 23.89 1.52 -20.24
CA GLY A 105 22.53 1.16 -20.58
C GLY A 105 22.41 0.04 -21.60
N PRO A 106 23.11 0.15 -22.73
CA PRO A 106 23.06 -0.96 -23.71
C PRO A 106 23.52 -2.29 -23.14
N LEU A 107 24.56 -2.29 -22.31
CA LEU A 107 24.95 -3.53 -21.65
C LEU A 107 23.88 -4.01 -20.70
N ASP A 108 23.28 -3.09 -19.94
CA ASP A 108 22.28 -3.47 -18.96
C ASP A 108 21.05 -4.09 -19.62
N GLU A 109 20.59 -3.50 -20.72
CA GLU A 109 19.30 -3.87 -21.27
C GLU A 109 19.40 -5.00 -22.29
N TYR A 110 20.54 -5.14 -22.96
CA TYR A 110 20.71 -6.15 -24.00
C TYR A 110 21.44 -7.40 -23.54
N LEU A 111 22.37 -7.28 -22.60
CA LEU A 111 23.25 -8.39 -22.24
C LEU A 111 23.16 -8.79 -20.78
N ILE A 112 23.27 -7.85 -19.85
CA ILE A 112 23.48 -8.20 -18.44
C ILE A 112 22.19 -8.75 -17.84
N ALA A 113 21.07 -8.08 -18.07
CA ALA A 113 19.80 -8.52 -17.52
C ALA A 113 19.43 -9.89 -18.10
N GLY A 114 19.47 -10.92 -17.26
CA GLY A 114 19.15 -12.26 -17.68
C GLY A 114 20.36 -13.14 -18.00
N ILE A 115 21.57 -12.58 -18.00
CA ILE A 115 22.75 -13.36 -18.36
C ILE A 115 22.96 -14.50 -17.37
N ASP A 116 22.65 -14.26 -16.09
CA ASP A 116 22.88 -15.30 -15.09
C ASP A 116 22.03 -16.53 -15.36
N GLU A 117 20.76 -16.34 -15.70
CA GLU A 117 19.90 -17.47 -16.00
C GLU A 117 20.34 -18.19 -17.27
N ILE A 118 20.79 -17.44 -18.27
CA ILE A 118 21.28 -18.06 -19.50
C ILE A 118 22.46 -18.96 -19.21
N ASN A 119 23.45 -18.43 -18.50
CA ASN A 119 24.67 -19.18 -18.25
C ASN A 119 24.41 -20.43 -17.42
N ARG A 120 23.52 -20.32 -16.43
CA ARG A 120 23.16 -21.50 -15.65
C ARG A 120 22.38 -22.50 -16.49
N THR A 121 21.41 -22.01 -17.27
CA THR A 121 20.57 -22.90 -18.06
C THR A 121 21.39 -23.69 -19.07
N PHE A 122 22.31 -23.02 -19.78
CA PHE A 122 23.08 -23.65 -20.83
C PHE A 122 24.47 -24.07 -20.38
N ASP A 123 24.75 -24.02 -19.08
CA ASP A 123 25.99 -24.55 -18.52
C ASP A 123 27.21 -23.83 -19.11
N LEU A 124 27.09 -22.53 -19.31
CA LEU A 124 28.19 -21.69 -19.77
C LEU A 124 28.88 -21.07 -18.57
N SER A 125 30.21 -21.14 -18.53
CA SER A 125 30.94 -20.60 -17.39
C SER A 125 31.13 -19.09 -17.56
N PRO A 126 30.75 -18.27 -16.58
CA PRO A 126 31.11 -16.84 -16.67
C PRO A 126 32.60 -16.60 -16.78
N SER A 127 33.42 -17.50 -16.23
CA SER A 127 34.88 -17.31 -16.29
C SER A 127 35.38 -17.30 -17.73
N TRP A 128 34.69 -18.00 -18.64
CA TRP A 128 35.07 -17.96 -20.04
C TRP A 128 34.99 -16.54 -20.58
N TYR A 129 33.88 -15.87 -20.33
CA TYR A 129 33.68 -14.54 -20.88
C TYR A 129 34.56 -13.50 -20.20
N VAL A 130 34.84 -13.68 -18.90
CA VAL A 130 35.74 -12.77 -18.20
C VAL A 130 37.11 -12.77 -18.88
N GLU A 131 37.61 -13.96 -19.24
CA GLU A 131 38.88 -14.02 -19.95
C GLU A 131 38.79 -13.30 -21.29
N ALA A 132 37.69 -13.50 -22.01
CA ALA A 132 37.51 -12.82 -23.30
C ALA A 132 37.52 -11.31 -23.13
N LEU A 133 36.82 -10.81 -22.11
CA LEU A 133 36.80 -9.37 -21.87
C LEU A 133 38.18 -8.87 -21.48
N LYS A 134 38.92 -9.64 -20.69
CA LYS A 134 40.26 -9.23 -20.30
C LYS A 134 41.19 -9.15 -21.51
N TYR A 135 41.04 -10.07 -22.46
CA TYR A 135 41.82 -9.98 -23.69
C TYR A 135 41.52 -8.69 -24.44
N ILE A 136 40.24 -8.35 -24.57
CA ILE A 136 39.86 -7.13 -25.30
C ILE A 136 40.42 -5.90 -24.59
N LYS A 137 40.37 -5.89 -23.25
CA LYS A 137 40.97 -4.80 -22.50
C LYS A 137 42.45 -4.65 -22.82
N ALA A 138 43.18 -5.77 -22.89
CA ALA A 138 44.61 -5.73 -23.11
C ALA A 138 45.00 -5.48 -24.56
N ASN A 139 44.05 -5.46 -25.49
CA ASN A 139 44.37 -5.44 -26.91
C ASN A 139 43.59 -4.43 -27.75
N HIS A 140 42.64 -3.69 -27.17
CA HIS A 140 41.93 -2.72 -27.99
C HIS A 140 42.82 -1.55 -28.40
N GLY A 141 43.94 -1.34 -27.71
CA GLY A 141 44.92 -0.36 -28.16
C GLY A 141 44.52 1.08 -27.99
N LEU A 142 43.47 1.36 -27.23
CA LEU A 142 43.01 2.72 -26.99
C LEU A 142 43.92 3.40 -25.97
N SER A 143 43.70 4.71 -25.81
CA SER A 143 44.43 5.49 -24.82
C SER A 143 43.56 6.67 -24.38
N GLY A 144 44.02 7.37 -23.36
CA GLY A 144 43.33 8.56 -22.90
C GLY A 144 41.91 8.27 -22.45
N ASP A 145 41.01 9.22 -22.71
CA ASP A 145 39.63 9.06 -22.29
C ASP A 145 38.95 7.89 -22.98
N ALA A 146 39.33 7.61 -24.23
CA ALA A 146 38.75 6.47 -24.94
C ALA A 146 39.03 5.18 -24.19
N ARG A 147 40.27 4.99 -23.77
CA ARG A 147 40.63 3.80 -23.01
C ARG A 147 39.85 3.72 -21.71
N ASP A 148 39.82 4.81 -20.94
CA ASP A 148 39.23 4.76 -19.62
C ASP A 148 37.73 4.46 -19.68
N GLU A 149 37.02 5.07 -20.63
CA GLU A 149 35.60 4.77 -20.76
C GLU A 149 35.39 3.34 -21.25
N ALA A 150 36.16 2.92 -22.27
CA ALA A 150 36.01 1.55 -22.78
C ALA A 150 36.30 0.53 -21.69
N ASN A 151 37.38 0.73 -20.93
CA ASN A 151 37.72 -0.19 -19.87
C ASN A 151 36.64 -0.22 -18.78
N SER A 152 35.98 0.91 -18.54
CA SER A 152 34.92 0.92 -17.54
C SER A 152 33.78 0.00 -17.94
N TYR A 153 33.42 -0.02 -19.22
CA TYR A 153 32.36 -0.91 -19.67
C TYR A 153 32.81 -2.36 -19.67
N LEU A 154 34.03 -2.63 -20.14
CA LEU A 154 34.55 -4.00 -20.08
C LEU A 154 34.64 -4.47 -18.64
N ASP A 155 35.12 -3.61 -17.73
CA ASP A 155 35.16 -3.97 -16.33
C ASP A 155 33.76 -4.10 -15.74
N TYR A 156 32.82 -3.28 -16.23
CA TYR A 156 31.43 -3.42 -15.80
C TYR A 156 30.90 -4.80 -16.14
N ALA A 157 31.19 -5.29 -17.35
CA ALA A 157 30.77 -6.63 -17.74
C ALA A 157 31.44 -7.69 -16.87
N ILE A 158 32.75 -7.54 -16.63
CA ILE A 158 33.47 -8.51 -15.82
C ILE A 158 32.89 -8.57 -14.41
N ASN A 159 32.60 -7.41 -13.83
CA ASN A 159 32.02 -7.38 -12.49
C ASN A 159 30.66 -8.04 -12.46
N ALA A 160 29.84 -7.79 -13.50
CA ALA A 160 28.53 -8.42 -13.58
C ALA A 160 28.64 -9.94 -13.65
N LEU A 161 29.73 -10.46 -14.23
CA LEU A 161 29.93 -11.89 -14.37
C LEU A 161 30.57 -12.52 -13.14
N SER A 162 30.96 -11.73 -12.15
CA SER A 162 31.69 -12.23 -11.00
C SER A 162 31.17 -11.64 -9.71
N MET B 1 12.72 5.24 -22.55
CA MET B 1 13.14 6.58 -23.04
C MET B 1 14.47 6.49 -23.76
N PHE B 2 14.56 7.14 -24.91
CA PHE B 2 15.78 7.23 -25.70
C PHE B 2 16.28 8.66 -25.74
N ASP B 3 17.57 8.82 -25.95
CA ASP B 3 18.15 10.09 -26.36
C ASP B 3 18.64 9.95 -27.80
N VAL B 4 19.29 11.00 -28.29
CA VAL B 4 19.76 10.97 -29.68
C VAL B 4 20.74 9.83 -29.88
N PHE B 5 21.56 9.53 -28.87
CA PHE B 5 22.55 8.46 -29.01
C PHE B 5 21.90 7.08 -28.92
N THR B 6 21.10 6.84 -27.89
CA THR B 6 20.53 5.51 -27.70
C THR B 6 19.52 5.15 -28.78
N ARG B 7 18.92 6.15 -29.42
CA ARG B 7 18.03 5.88 -30.54
C ARG B 7 18.77 5.14 -31.65
N VAL B 8 19.95 5.64 -32.02
CA VAL B 8 20.75 4.98 -33.06
C VAL B 8 21.21 3.61 -32.58
N VAL B 9 21.60 3.51 -31.31
CA VAL B 9 22.05 2.23 -30.76
C VAL B 9 20.95 1.19 -30.86
N SER B 10 19.73 1.56 -30.45
CA SER B 10 18.63 0.60 -30.44
C SER B 10 18.33 0.09 -31.84
N GLN B 11 18.36 0.98 -32.85
CA GLN B 11 18.17 0.53 -34.21
C GLN B 11 19.31 -0.39 -34.66
N ALA B 12 20.54 -0.06 -34.26
CA ALA B 12 21.68 -0.90 -34.63
C ALA B 12 21.60 -2.28 -33.98
N ASP B 13 21.20 -2.35 -32.71
CA ASP B 13 21.13 -3.65 -32.05
C ASP B 13 20.10 -4.55 -32.69
N ALA B 14 18.97 -3.98 -33.12
CA ALA B 14 17.93 -4.79 -33.75
C ALA B 14 18.42 -5.46 -35.03
N ARG B 15 19.38 -4.85 -35.71
CA ARG B 15 20.02 -5.46 -36.87
C ARG B 15 21.32 -6.18 -36.55
N GLY B 16 21.76 -6.16 -35.29
CA GLY B 16 23.00 -6.81 -34.91
C GLY B 16 24.22 -6.24 -35.60
N GLU B 17 24.26 -4.93 -35.79
CA GLU B 17 25.33 -4.26 -36.53
C GLU B 17 26.03 -3.24 -35.66
N TYR B 18 27.32 -3.05 -35.92
CA TYR B 18 28.02 -1.88 -35.40
C TYR B 18 27.51 -0.63 -36.08
N LEU B 19 27.56 0.49 -35.36
CA LEU B 19 27.28 1.77 -36.01
C LEU B 19 28.28 1.99 -37.13
N SER B 20 27.77 2.42 -38.29
CA SER B 20 28.63 2.68 -39.43
C SER B 20 29.43 3.98 -39.19
N GLY B 21 30.44 4.18 -40.04
CA GLY B 21 31.17 5.43 -39.98
C GLY B 21 30.28 6.64 -40.21
N SER B 22 29.31 6.50 -41.12
CA SER B 22 28.37 7.59 -41.36
C SER B 22 27.53 7.89 -40.12
N GLN B 23 27.07 6.84 -39.43
CA GLN B 23 26.26 7.05 -38.23
C GLN B 23 27.07 7.68 -37.11
N LEU B 24 28.31 7.22 -36.92
CA LEU B 24 29.17 7.82 -35.90
C LEU B 24 29.47 9.28 -36.25
N ASP B 25 29.71 9.56 -37.53
CA ASP B 25 29.96 10.94 -37.95
C ASP B 25 28.74 11.81 -37.71
N ALA B 26 27.54 11.27 -37.97
CA ALA B 26 26.32 12.02 -37.69
C ALA B 26 26.21 12.36 -36.22
N LEU B 27 26.55 11.41 -35.33
CA LEU B 27 26.53 11.70 -33.91
C LEU B 27 27.62 12.69 -33.53
N SER B 28 28.77 12.65 -34.21
CA SER B 28 29.79 13.66 -33.98
C SER B 28 29.27 15.05 -34.32
N ALA B 29 28.53 15.18 -35.43
CA ALA B 29 27.92 16.46 -35.75
C ALA B 29 26.91 16.87 -34.68
N THR B 30 26.14 15.91 -34.17
CA THR B 30 25.22 16.21 -33.07
C THR B 30 25.98 16.74 -31.85
N VAL B 31 27.12 16.13 -31.54
CA VAL B 31 27.93 16.59 -30.42
C VAL B 31 28.39 18.03 -30.65
N ALA B 32 28.75 18.36 -31.90
CA ALA B 32 29.24 19.70 -32.19
C ALA B 32 28.18 20.77 -31.94
N GLU B 33 26.91 20.42 -32.04
CA GLU B 33 25.82 21.36 -31.82
C GLU B 33 25.31 21.35 -30.38
N GLY B 34 25.98 20.63 -29.48
CA GLY B 34 25.44 20.43 -28.15
C GLY B 34 25.30 21.71 -27.35
N ASN B 35 26.24 22.64 -27.52
CA ASN B 35 26.18 23.89 -26.77
C ASN B 35 24.93 24.70 -27.14
N LYS B 36 24.61 24.75 -28.43
CA LYS B 36 23.38 25.41 -28.84
C LYS B 36 22.16 24.72 -28.26
N ARG B 37 22.19 23.38 -28.24
CA ARG B 37 21.08 22.63 -27.65
C ARG B 37 20.90 22.99 -26.18
N ILE B 38 22.00 23.06 -25.44
CA ILE B 38 21.92 23.41 -24.01
C ILE B 38 21.41 24.83 -23.84
N ASP B 39 21.87 25.76 -24.68
CA ASP B 39 21.40 27.14 -24.59
C ASP B 39 19.90 27.24 -24.85
N SER B 40 19.42 26.48 -25.84
CA SER B 40 17.99 26.52 -26.14
C SER B 40 17.18 26.00 -24.95
N VAL B 41 17.63 24.91 -24.33
CA VAL B 41 16.93 24.40 -23.16
C VAL B 41 16.97 25.42 -22.03
N ASN B 42 18.12 26.06 -21.83
CA ASN B 42 18.25 27.03 -20.75
C ASN B 42 17.37 28.24 -20.98
N ARG B 43 17.25 28.69 -22.23
CA ARG B 43 16.46 29.87 -22.52
C ARG B 43 14.96 29.59 -22.35
N ILE B 44 14.49 28.46 -22.86
CA ILE B 44 13.07 28.12 -22.69
C ILE B 44 12.75 27.95 -21.21
N THR B 45 13.61 27.24 -20.49
CA THR B 45 13.40 27.04 -19.07
C THR B 45 13.41 28.36 -18.31
N GLY B 46 14.34 29.25 -18.64
CA GLY B 46 14.44 30.52 -17.93
C GLY B 46 13.25 31.43 -18.14
N ASN B 47 12.45 31.18 -19.17
CA ASN B 47 11.25 31.96 -19.45
C ASN B 47 9.98 31.10 -19.39
N ALA B 48 10.03 29.97 -18.66
CA ALA B 48 8.92 29.03 -18.68
C ALA B 48 7.63 29.68 -18.16
N SER B 49 7.71 30.39 -17.03
CA SER B 49 6.50 30.99 -16.47
C SER B 49 5.92 32.03 -17.41
N ALA B 50 6.77 32.86 -18.01
CA ALA B 50 6.28 33.87 -18.95
C ALA B 50 5.68 33.22 -20.19
N ILE B 51 6.32 32.19 -20.72
CA ILE B 51 5.82 31.53 -21.92
C ILE B 51 4.43 30.97 -21.67
N VAL B 52 4.25 30.27 -20.55
CA VAL B 52 2.96 29.66 -20.24
C VAL B 52 1.90 30.74 -20.02
N SER B 53 2.20 31.72 -19.17
CA SER B 53 1.19 32.72 -18.83
C SER B 53 0.82 33.58 -20.03
N ASN B 54 1.82 33.98 -20.82
CA ASN B 54 1.53 34.76 -22.02
C ASN B 54 0.70 33.94 -23.02
N ALA B 55 1.05 32.66 -23.18
CA ALA B 55 0.27 31.80 -24.06
C ALA B 55 -1.14 31.63 -23.55
N ALA B 56 -1.31 31.41 -22.24
CA ALA B 56 -2.64 31.26 -21.67
C ALA B 56 -3.47 32.51 -21.88
N ARG B 57 -2.89 33.69 -21.61
CA ARG B 57 -3.63 34.93 -21.82
C ARG B 57 -4.05 35.07 -23.28
N ALA B 58 -3.14 34.80 -24.21
CA ALA B 58 -3.47 34.90 -25.62
C ALA B 58 -4.58 33.93 -25.99
N LEU B 59 -4.51 32.70 -25.50
CA LEU B 59 -5.52 31.70 -25.84
C LEU B 59 -6.91 32.15 -25.38
N PHE B 60 -7.03 32.56 -24.13
CA PHE B 60 -8.34 32.97 -23.62
C PHE B 60 -8.82 34.26 -24.29
N ALA B 61 -7.91 35.08 -24.81
CA ALA B 61 -8.32 36.27 -25.53
C ALA B 61 -9.00 35.92 -26.85
N GLU B 62 -8.47 34.93 -27.58
CA GLU B 62 -9.08 34.53 -28.84
C GLU B 62 -10.19 33.50 -28.68
N GLN B 63 -10.28 32.84 -27.54
CA GLN B 63 -11.29 31.80 -27.29
C GLN B 63 -11.95 32.08 -25.94
N PRO B 64 -12.68 33.19 -25.84
CA PRO B 64 -13.29 33.56 -24.56
C PRO B 64 -14.31 32.55 -24.06
N GLN B 65 -14.84 31.68 -24.92
CA GLN B 65 -15.77 30.65 -24.48
C GLN B 65 -15.13 29.78 -23.39
N LEU B 66 -13.81 29.57 -23.46
CA LEU B 66 -13.14 28.70 -22.50
C LEU B 66 -13.32 29.20 -21.07
N ILE B 67 -13.34 30.51 -20.87
CA ILE B 67 -13.33 31.10 -19.54
C ILE B 67 -14.68 31.67 -19.13
N GLN B 68 -15.66 31.75 -20.03
CA GLN B 68 -16.99 32.17 -19.62
C GLN B 68 -17.58 31.11 -18.70
N PRO B 69 -18.57 31.49 -17.87
CA PRO B 69 -19.21 30.48 -17.01
C PRO B 69 -19.74 29.30 -17.80
N GLY B 70 -19.45 28.10 -17.33
CA GLY B 70 -19.70 26.89 -18.07
C GLY B 70 -18.58 26.47 -18.99
N GLY B 71 -17.63 27.35 -19.27
CA GLY B 71 -16.48 27.01 -20.08
C GLY B 71 -15.58 26.03 -19.37
N MEN B 72 -14.77 25.30 -20.12
CA MEN B 72 -13.96 24.23 -19.54
C MEN B 72 -12.81 24.77 -18.70
O MEN B 72 -12.27 24.07 -17.87
CB MEN B 72 -13.41 23.29 -20.63
CG MEN B 72 -12.82 22.05 -20.02
OD1 MEN B 72 -11.61 21.85 -20.04
ND2 MEN B 72 -13.68 21.22 -19.44
CE2 MEN B 72 -13.26 20.03 -18.74
H MEN B 72 -14.67 25.41 -21.13
HA MEN B 72 -14.63 23.65 -18.90
HB2 MEN B 72 -12.68 23.82 -21.23
HB3 MEN B 72 -14.21 23.03 -21.32
HD2 MEN B 72 -14.68 21.40 -19.49
HE21 MEN B 72 -13.94 19.20 -18.95
HE22 MEN B 72 -13.26 20.18 -17.66
HE23 MEN B 72 -12.27 19.70 -19.01
N ALA B 73 -12.44 26.03 -18.92
CA ALA B 73 -11.39 26.67 -18.13
C ALA B 73 -11.95 27.64 -17.10
N TYR B 74 -13.26 27.61 -16.89
CA TYR B 74 -13.90 28.42 -15.87
C TYR B 74 -13.86 27.70 -14.53
N THR B 75 -13.85 28.49 -13.44
CA THR B 75 -13.59 28.06 -12.08
C THR B 75 -12.09 27.95 -11.84
N SER B 76 -11.66 28.20 -10.60
CA SER B 76 -10.22 28.28 -10.32
C SER B 76 -9.53 26.94 -10.53
N ARG B 77 -10.15 25.84 -10.09
CA ARG B 77 -9.46 24.55 -10.18
C ARG B 77 -9.29 24.14 -11.64
N ARG B 78 -10.29 24.39 -12.50
CA ARG B 78 -10.13 24.04 -13.90
C ARG B 78 -9.10 24.94 -14.57
N MET B 79 -9.11 26.23 -14.26
CA MET B 79 -8.10 27.14 -14.80
C MET B 79 -6.71 26.71 -14.32
N ALA B 80 -6.57 26.38 -13.03
CA ALA B 80 -5.29 25.91 -12.54
C ALA B 80 -4.87 24.62 -13.23
N ALA B 81 -5.82 23.70 -13.43
CA ALA B 81 -5.49 22.47 -14.15
C ALA B 81 -5.05 22.77 -15.58
N CYS B 82 -5.67 23.76 -16.21
CA CYS B 82 -5.29 24.12 -17.57
C CYS B 82 -3.89 24.72 -17.61
N LEU B 83 -3.59 25.65 -16.71
CA LEU B 83 -2.25 26.22 -16.65
C LEU B 83 -1.22 25.15 -16.32
N ARG B 84 -1.59 24.21 -15.45
CA ARG B 84 -0.72 23.08 -15.15
C ARG B 84 -0.42 22.28 -16.41
N ASP B 85 -1.46 21.97 -17.19
CA ASP B 85 -1.27 21.17 -18.40
C ASP B 85 -0.33 21.87 -19.38
N MET B 86 -0.48 23.19 -19.53
CA MET B 86 0.40 23.93 -20.40
CA MET B 86 0.39 23.94 -20.40
C MET B 86 1.84 23.83 -19.94
N GLU B 87 2.07 23.95 -18.62
CA GLU B 87 3.42 23.85 -18.10
C GLU B 87 3.97 22.44 -18.29
N ILE B 88 3.13 21.41 -18.12
CA ILE B 88 3.57 20.04 -18.32
C ILE B 88 4.06 19.85 -19.74
N ILE B 89 3.26 20.29 -20.72
CA ILE B 89 3.61 20.09 -22.12
C ILE B 89 4.91 20.82 -22.44
N LEU B 90 5.05 22.07 -21.98
CA LEU B 90 6.28 22.80 -22.20
C LEU B 90 7.47 22.08 -21.56
N ARG B 91 7.28 21.56 -20.35
CA ARG B 91 8.35 20.87 -19.66
C ARG B 91 8.85 19.67 -20.47
N TYR B 92 7.92 18.85 -20.97
CA TYR B 92 8.32 17.67 -21.72
C TYR B 92 8.88 18.02 -23.09
N VAL B 93 8.50 19.17 -23.65
CA VAL B 93 9.14 19.62 -24.89
C VAL B 93 10.60 19.96 -24.63
N THR B 94 10.88 20.60 -23.49
CA THR B 94 12.27 20.88 -23.13
C THR B 94 13.04 19.59 -22.91
N TYR B 95 12.40 18.58 -22.31
CA TYR B 95 13.04 17.28 -22.14
C TYR B 95 13.44 16.69 -23.48
N ALA B 96 12.53 16.75 -24.46
CA ALA B 96 12.84 16.22 -25.79
C ALA B 96 13.97 17.00 -26.43
N THR B 97 13.96 18.33 -26.28
CA THR B 97 15.06 19.14 -26.78
C THR B 97 16.36 18.74 -26.11
N PHE B 98 16.33 18.51 -24.80
CA PHE B 98 17.53 18.16 -24.05
C PHE B 98 18.12 16.83 -24.54
N THR B 99 17.26 15.82 -24.73
CA THR B 99 17.74 14.50 -25.12
C THR B 99 17.98 14.36 -26.61
N GLY B 100 17.42 15.25 -27.43
CA GLY B 100 17.51 15.10 -28.87
C GLY B 100 16.61 14.04 -29.45
N ASP B 101 15.66 13.51 -28.67
CA ASP B 101 14.75 12.48 -29.12
C ASP B 101 13.36 12.75 -28.56
N ALA B 102 12.34 12.52 -29.37
CA ALA B 102 10.96 12.80 -28.97
C ALA B 102 10.37 11.75 -28.04
N SER B 103 11.11 10.68 -27.73
CA SER B 103 10.52 9.55 -27.01
C SER B 103 10.00 9.97 -25.65
N VAL B 104 10.75 10.82 -24.92
CA VAL B 104 10.29 11.23 -23.59
C VAL B 104 8.96 11.97 -23.69
N LEU B 105 8.83 12.83 -24.70
CA LEU B 105 7.57 13.56 -24.88
C LEU B 105 6.44 12.59 -25.25
N GLU B 106 6.70 11.69 -26.20
CA GLU B 106 5.66 10.77 -26.63
C GLU B 106 5.32 9.75 -25.54
N ASP B 107 6.33 9.18 -24.89
CA ASP B 107 6.07 8.13 -23.93
C ASP B 107 5.47 8.67 -22.64
N ARG B 108 5.96 9.82 -22.16
CA ARG B 108 5.65 10.28 -20.81
C ARG B 108 4.68 11.46 -20.76
N CYS B 109 4.38 12.11 -21.89
CA CYS B 109 3.40 13.18 -21.92
C CYS B 109 2.23 12.88 -22.83
N LEU B 110 2.48 12.57 -24.10
CA LEU B 110 1.43 12.40 -25.08
C LEU B 110 0.81 11.01 -25.06
N ASN B 111 1.31 10.10 -24.24
CA ASN B 111 0.80 8.73 -24.19
C ASN B 111 -0.63 8.76 -23.66
N GLY B 112 -1.60 8.60 -24.54
CA GLY B 112 -2.99 8.59 -24.16
C GLY B 112 -3.58 9.95 -23.83
N LEU B 113 -2.88 11.04 -24.16
CA LEU B 113 -3.37 12.35 -23.76
C LEU B 113 -4.60 12.75 -24.55
N ARG B 114 -4.66 12.38 -25.84
CA ARG B 114 -5.84 12.68 -26.64
C ARG B 114 -7.07 12.00 -26.04
N GLU B 115 -6.95 10.74 -25.64
CA GLU B 115 -8.08 10.02 -25.08
C GLU B 115 -8.45 10.57 -23.71
N THR B 116 -7.45 11.00 -22.93
CA THR B 116 -7.73 11.57 -21.62
C THR B 116 -8.60 12.82 -21.74
N TYR B 117 -8.21 13.74 -22.64
CA TYR B 117 -8.98 14.97 -22.81
C TYR B 117 -10.38 14.67 -23.37
N VAL B 118 -10.48 13.70 -24.28
CA VAL B 118 -11.80 13.32 -24.79
C VAL B 118 -12.68 12.82 -23.65
N ALA B 119 -12.13 11.94 -22.80
CA ALA B 119 -12.90 11.41 -21.68
C ALA B 119 -13.29 12.51 -20.70
N LEU B 120 -12.38 13.46 -20.47
CA LEU B 120 -12.65 14.55 -19.53
C LEU B 120 -13.51 15.66 -20.14
N GLY B 121 -13.70 15.67 -21.46
CA GLY B 121 -14.38 16.78 -22.08
C GLY B 121 -13.50 18.01 -22.27
N VAL B 122 -12.19 17.86 -22.14
CA VAL B 122 -11.29 18.99 -22.35
C VAL B 122 -11.19 19.26 -23.85
N PRO B 123 -11.41 20.49 -24.33
CA PRO B 123 -11.31 20.72 -25.78
C PRO B 123 -9.88 20.63 -26.28
N GLY B 124 -9.56 19.51 -26.96
CA GLY B 124 -8.19 19.30 -27.41
C GLY B 124 -7.77 20.31 -28.45
N ALA B 125 -8.69 20.74 -29.31
CA ALA B 125 -8.36 21.73 -30.32
C ALA B 125 -7.90 23.04 -29.69
N SER B 126 -8.46 23.38 -28.53
CA SER B 126 -8.01 24.57 -27.81
C SER B 126 -6.68 24.34 -27.11
N VAL B 127 -6.43 23.12 -26.61
CA VAL B 127 -5.12 22.80 -26.07
C VAL B 127 -4.06 22.97 -27.15
N ALA B 128 -4.35 22.48 -28.36
CA ALA B 128 -3.42 22.60 -29.47
C ALA B 128 -3.15 24.07 -29.79
N ALA B 129 -4.19 24.91 -29.77
CA ALA B 129 -3.98 26.33 -30.01
C ALA B 129 -3.07 26.94 -28.93
N GLY B 130 -3.27 26.55 -27.68
CA GLY B 130 -2.39 27.03 -26.63
C GLY B 130 -0.95 26.57 -26.82
N VAL B 131 -0.77 25.30 -27.21
CA VAL B 131 0.57 24.78 -27.44
C VAL B 131 1.25 25.55 -28.56
N GLN B 132 0.49 25.90 -29.61
CA GLN B 132 1.06 26.68 -30.70
C GLN B 132 1.50 28.05 -30.21
N LYS B 133 0.73 28.66 -29.32
CA LYS B 133 1.12 29.95 -28.77
C LYS B 133 2.42 29.84 -27.97
N MET B 134 2.57 28.78 -27.18
CA MET B 134 3.84 28.56 -26.49
C MET B 134 4.96 28.34 -27.48
N LYS B 135 4.66 27.66 -28.60
CA LYS B 135 5.69 27.38 -29.59
C LYS B 135 6.30 28.67 -30.13
N GLU B 136 5.46 29.59 -30.60
CA GLU B 136 5.99 30.79 -31.23
C GLU B 136 6.77 31.64 -30.24
N ALA B 137 6.29 31.75 -29.00
CA ALA B 137 7.02 32.49 -27.98
C ALA B 137 8.37 31.85 -27.69
N ALA B 138 8.39 30.51 -27.57
CA ALA B 138 9.63 29.81 -27.24
C ALA B 138 10.68 29.98 -28.34
N LEU B 139 10.27 29.88 -29.60
CA LEU B 139 11.24 29.95 -30.68
C LEU B 139 11.86 31.34 -30.77
N ASP B 140 11.07 32.39 -30.55
CA ASP B 140 11.65 33.73 -30.51
C ASP B 140 12.62 33.88 -29.35
N ILE B 141 12.30 33.30 -28.20
CA ILE B 141 13.22 33.34 -27.07
C ILE B 141 14.51 32.62 -27.40
N VAL B 142 14.41 31.44 -28.02
CA VAL B 142 15.61 30.68 -28.38
C VAL B 142 16.43 31.44 -29.41
N ASN B 143 15.75 32.13 -30.33
CA ASN B 143 16.42 32.82 -31.44
C ASN B 143 16.97 34.19 -31.05
N ASP B 144 16.74 34.66 -29.84
CA ASP B 144 17.14 36.01 -29.44
C ASP B 144 18.66 36.17 -29.58
N PRO B 145 19.15 37.12 -30.38
CA PRO B 145 20.60 37.22 -30.56
C PRO B 145 21.34 37.95 -29.45
N ASN B 146 20.63 38.52 -28.48
CA ASN B 146 21.26 39.32 -27.44
C ASN B 146 21.85 38.45 -26.34
N GLY B 147 23.04 38.83 -25.88
CA GLY B 147 23.66 38.17 -24.73
C GLY B 147 24.03 36.73 -24.94
N ILE B 148 24.57 36.38 -26.10
CA ILE B 148 24.92 35.01 -26.42
C ILE B 148 25.91 35.03 -27.57
N THR B 149 26.78 34.03 -27.62
CA THR B 149 27.70 33.90 -28.74
C THR B 149 26.90 33.72 -30.02
N ARG B 150 27.26 34.49 -31.05
CA ARG B 150 26.49 34.47 -32.28
C ARG B 150 26.78 33.20 -33.08
N GLY B 151 25.73 32.68 -33.71
CA GLY B 151 25.87 31.52 -34.57
C GLY B 151 24.51 31.12 -35.12
N ASP B 152 24.51 30.02 -35.87
CA ASP B 152 23.33 29.54 -36.57
C ASP B 152 22.64 28.47 -35.72
N CYS B 153 21.45 28.79 -35.22
CA CYS B 153 20.65 27.87 -34.41
C CYS B 153 19.40 27.41 -35.17
N SER B 154 19.43 27.50 -36.50
CA SER B 154 18.25 27.14 -37.29
C SER B 154 17.91 25.66 -37.11
N ALA B 155 18.92 24.80 -37.09
CA ALA B 155 18.66 23.37 -36.97
C ALA B 155 17.99 23.03 -35.64
N ILE B 156 18.54 23.53 -34.54
CA ILE B 156 17.94 23.26 -33.24
C ILE B 156 16.55 23.88 -33.15
N VAL B 157 16.39 25.07 -33.72
CA VAL B 157 15.08 25.71 -33.71
C VAL B 157 14.07 24.86 -34.47
N ALA B 158 14.47 24.34 -35.63
CA ALA B 158 13.58 23.46 -36.38
C ALA B 158 13.23 22.22 -35.59
N GLU B 159 14.19 21.64 -34.89
CA GLU B 159 13.93 20.47 -34.07
C GLU B 159 12.93 20.79 -32.96
N ILE B 160 13.13 21.91 -32.26
CA ILE B 160 12.24 22.29 -31.18
C ILE B 160 10.84 22.53 -31.72
N ALA B 161 10.74 23.22 -32.86
CA ALA B 161 9.44 23.41 -33.49
C ALA B 161 8.77 22.07 -33.78
N GLY B 162 9.57 21.07 -34.17
CA GLY B 162 9.02 19.75 -34.41
C GLY B 162 8.40 19.16 -33.16
N TYR B 163 9.07 19.29 -32.02
CA TYR B 163 8.53 18.75 -30.78
C TYR B 163 7.24 19.46 -30.38
N PHE B 164 7.19 20.78 -30.51
CA PHE B 164 5.95 21.49 -30.26
C PHE B 164 4.84 21.02 -31.19
N ASP B 165 5.19 20.79 -32.46
CA ASP B 165 4.19 20.32 -33.42
C ASP B 165 3.65 18.95 -33.04
N ARG B 166 4.53 18.05 -32.57
CA ARG B 166 4.07 16.74 -32.11
C ARG B 166 3.04 16.88 -31.00
N ALA B 167 3.34 17.75 -30.02
CA ALA B 167 2.43 17.93 -28.89
C ALA B 167 1.09 18.50 -29.36
N ALA B 168 1.12 19.48 -30.25
CA ALA B 168 -0.12 20.06 -30.75
C ALA B 168 -0.95 19.03 -31.53
N ALA B 169 -0.28 18.25 -32.37
CA ALA B 169 -0.98 17.23 -33.14
C ALA B 169 -1.58 16.16 -32.23
N ALA B 170 -0.84 15.74 -31.20
CA ALA B 170 -1.30 14.66 -30.35
C ALA B 170 -2.59 15.02 -29.62
N VAL B 171 -2.68 16.22 -29.06
CA VAL B 171 -3.89 16.63 -28.37
C VAL B 171 -5.01 16.92 -29.37
N ALA B 172 -4.67 17.50 -30.52
CA ALA B 172 -5.64 17.81 -31.56
C ALA B 172 -4.94 18.31 -32.81
N MET C 1 -19.50 18.58 -3.07
CA MET C 1 -19.40 19.86 -2.30
C MET C 1 -19.46 19.60 -0.80
N LYS C 2 -18.93 20.54 -0.03
CA LYS C 2 -19.02 20.49 1.42
C LYS C 2 -20.30 21.21 1.85
N THR C 3 -21.35 20.45 2.07
CA THR C 3 -22.58 20.93 2.68
C THR C 3 -23.00 19.94 3.75
N PRO C 4 -23.84 20.37 4.70
CA PRO C 4 -24.20 19.45 5.80
C PRO C 4 -24.82 18.15 5.34
N LEU C 5 -25.70 18.20 4.33
CA LEU C 5 -26.42 17.00 3.92
C LEU C 5 -25.50 16.03 3.18
N THR C 6 -24.73 16.52 2.21
CA THR C 6 -23.85 15.64 1.46
C THR C 6 -22.75 15.07 2.35
N GLU C 7 -22.19 15.90 3.23
CA GLU C 7 -21.14 15.41 4.13
C GLU C 7 -21.70 14.34 5.06
N ALA C 8 -22.91 14.55 5.58
CA ALA C 8 -23.51 13.57 6.47
C ALA C 8 -23.69 12.22 5.77
N VAL C 9 -24.18 12.24 4.53
CA VAL C 9 -24.37 11.00 3.79
C VAL C 9 -23.02 10.38 3.43
N SER C 10 -22.04 11.21 3.09
CA SER C 10 -20.72 10.69 2.72
C SER C 10 -20.09 9.93 3.89
N THR C 11 -20.16 10.51 5.09
CA THR C 11 -19.58 9.85 6.25
C THR C 11 -20.34 8.57 6.59
N ALA C 12 -21.67 8.60 6.50
CA ALA C 12 -22.45 7.39 6.76
C ALA C 12 -22.11 6.30 5.75
N ASP C 13 -21.98 6.66 4.47
CA ASP C 13 -21.66 5.66 3.46
C ASP C 13 -20.29 5.06 3.68
N SER C 14 -19.32 5.86 4.14
CA SER C 14 -18.00 5.32 4.42
C SER C 14 -18.06 4.21 5.45
N GLN C 15 -18.99 4.29 6.39
CA GLN C 15 -19.19 3.24 7.39
C GLN C 15 -20.24 2.23 6.97
N GLY C 16 -20.84 2.38 5.80
CA GLY C 16 -21.89 1.46 5.38
C GLY C 16 -23.09 1.45 6.30
N ARG C 17 -23.38 2.58 6.93
CA ARG C 17 -24.46 2.70 7.90
C ARG C 17 -25.67 3.40 7.28
N PHE C 18 -26.85 3.02 7.74
CA PHE C 18 -28.01 3.86 7.53
C PHE C 18 -27.84 5.16 8.31
N LEU C 19 -28.53 6.19 7.84
CA LEU C 19 -28.52 7.45 8.57
C LEU C 19 -29.17 7.27 9.93
N SER C 20 -28.61 7.94 10.94
CA SER C 20 -29.07 7.79 12.32
C SER C 20 -29.42 9.14 12.90
N SER C 21 -29.70 9.18 14.21
CA SER C 21 -30.11 10.44 14.83
C SER C 21 -29.08 11.54 14.65
N THR C 22 -27.79 11.17 14.60
CA THR C 22 -26.74 12.15 14.35
C THR C 22 -26.99 12.88 13.03
N GLU C 23 -27.18 12.12 11.96
CA GLU C 23 -27.41 12.72 10.66
C GLU C 23 -28.74 13.45 10.59
N LEU C 24 -29.76 12.95 11.30
CA LEU C 24 -31.03 13.67 11.36
C LEU C 24 -30.84 15.03 12.03
N GLN C 25 -30.03 15.08 13.09
CA GLN C 25 -29.75 16.35 13.75
C GLN C 25 -29.01 17.29 12.82
N ILE C 26 -28.12 16.76 11.97
CA ILE C 26 -27.46 17.59 10.98
C ILE C 26 -28.51 18.22 10.07
N ALA C 27 -29.50 17.43 9.66
CA ALA C 27 -30.58 17.98 8.82
C ALA C 27 -31.33 19.08 9.54
N PHE C 28 -31.66 18.87 10.82
CA PHE C 28 -32.37 19.90 11.58
C PHE C 28 -31.55 21.17 11.68
N GLY C 29 -30.24 21.04 11.88
CA GLY C 29 -29.39 22.22 11.87
C GLY C 29 -29.44 22.95 10.53
N ARG C 30 -29.43 22.19 9.44
CA ARG C 30 -29.56 22.80 8.12
C ARG C 30 -30.90 23.52 7.97
N LEU C 31 -31.99 22.90 8.44
CA LEU C 31 -33.30 23.51 8.31
C LEU C 31 -33.39 24.79 9.13
N ARG C 32 -32.75 24.82 10.29
CA ARG C 32 -32.74 26.04 11.11
C ARG C 32 -32.04 27.18 10.38
N GLN C 33 -31.06 26.86 9.54
CA GLN C 33 -30.23 27.86 8.90
C GLN C 33 -30.75 28.30 7.55
N ALA C 34 -31.44 27.41 6.82
CA ALA C 34 -31.61 27.57 5.39
C ALA C 34 -32.40 28.82 5.04
N ASN C 35 -33.48 29.10 5.77
CA ASN C 35 -34.30 30.26 5.43
C ASN C 35 -33.51 31.56 5.56
N ALA C 36 -32.71 31.67 6.64
CA ALA C 36 -31.84 32.84 6.77
C ALA C 36 -30.83 32.90 5.64
N GLY C 37 -30.25 31.75 5.28
CA GLY C 37 -29.33 31.72 4.15
C GLY C 37 -30.00 32.13 2.86
N LEU C 38 -31.20 31.63 2.60
CA LEU C 38 -31.92 32.00 1.38
C LEU C 38 -32.24 33.49 1.38
N GLN C 39 -32.64 34.04 2.52
CA GLN C 39 -32.91 35.46 2.62
C GLN C 39 -31.63 36.27 2.38
N ALA C 40 -30.51 35.81 2.91
CA ALA C 40 -29.24 36.49 2.68
C ALA C 40 -28.90 36.49 1.19
N ALA C 41 -29.10 35.35 0.52
CA ALA C 41 -28.79 35.25 -0.90
C ALA C 41 -29.64 36.23 -1.71
N LYS C 42 -30.93 36.34 -1.39
CA LYS C 42 -31.81 37.26 -2.10
C LYS C 42 -31.33 38.70 -1.94
N ALA C 43 -30.97 39.08 -0.70
CA ALA C 43 -30.55 40.45 -0.45
C ALA C 43 -29.27 40.78 -1.20
N LEU C 44 -28.29 39.89 -1.16
CA LEU C 44 -27.05 40.12 -1.91
C LEU C 44 -27.32 40.15 -3.41
N THR C 45 -28.15 39.23 -3.90
CA THR C 45 -28.46 39.19 -5.32
C THR C 45 -29.12 40.49 -5.77
N ASP C 46 -30.10 40.98 -4.99
CA ASP C 46 -30.80 42.19 -5.38
C ASP C 46 -29.88 43.41 -5.37
N ASN C 47 -28.82 43.38 -4.56
CA ASN C 47 -27.88 44.49 -4.42
C ASN C 47 -26.55 44.20 -5.11
N ALA C 48 -26.50 43.22 -6.00
CA ALA C 48 -25.21 42.72 -6.50
C ALA C 48 -24.44 43.80 -7.24
N GLN C 49 -25.10 44.53 -8.14
CA GLN C 49 -24.37 45.51 -8.94
C GLN C 49 -23.83 46.65 -8.09
N SER C 50 -24.63 47.10 -7.10
CA SER C 50 -24.13 48.11 -6.18
C SER C 50 -22.95 47.59 -5.38
N LEU C 51 -23.05 46.37 -4.86
CA LEU C 51 -21.96 45.80 -4.09
C LEU C 51 -20.72 45.58 -4.95
N VAL C 52 -20.90 45.04 -6.15
CA VAL C 52 -19.75 44.76 -7.01
C VAL C 52 -19.09 46.06 -7.46
N ASN C 53 -19.89 47.02 -7.92
CA ASN C 53 -19.34 48.30 -8.34
C ASN C 53 -18.70 49.03 -7.16
N GLY C 54 -19.36 49.02 -6.00
CA GLY C 54 -18.78 49.64 -4.83
C GLY C 54 -17.48 48.97 -4.40
N ALA C 55 -17.46 47.63 -4.42
CA ALA C 55 -16.25 46.91 -4.03
C ALA C 55 -15.10 47.21 -4.98
N ALA C 56 -15.36 47.24 -6.28
CA ALA C 56 -14.30 47.55 -7.24
C ALA C 56 -13.72 48.94 -7.00
N GLN C 57 -14.59 49.92 -6.73
CA GLN C 57 -14.10 51.27 -6.46
C GLN C 57 -13.31 51.32 -5.16
N ALA C 58 -13.73 50.55 -4.15
CA ALA C 58 -12.97 50.49 -2.90
C ALA C 58 -11.56 49.97 -3.12
N VAL C 59 -11.42 48.93 -3.96
CA VAL C 59 -10.09 48.43 -4.27
C VAL C 59 -9.27 49.49 -4.98
N TYR C 60 -9.87 50.17 -5.96
CA TYR C 60 -9.15 51.22 -6.68
C TYR C 60 -8.75 52.34 -5.74
N ASN C 61 -9.62 52.68 -4.79
CA ASN C 61 -9.29 53.74 -3.83
C ASN C 61 -8.16 53.31 -2.91
N LYS C 62 -8.19 52.08 -2.42
CA LYS C 62 -7.14 51.63 -1.51
C LYS C 62 -5.84 51.35 -2.24
N PHE C 63 -5.91 50.96 -3.51
CA PHE C 63 -4.74 50.57 -4.30
C PHE C 63 -4.74 51.39 -5.59
N PRO C 64 -4.47 52.70 -5.49
CA PRO C 64 -4.63 53.55 -6.67
C PRO C 64 -3.73 53.17 -7.84
N TYR C 65 -2.58 52.55 -7.58
CA TYR C 65 -1.68 52.18 -8.66
C TYR C 65 -2.34 51.22 -9.65
N THR C 66 -3.36 50.48 -9.23
CA THR C 66 -4.03 49.54 -10.13
C THR C 66 -4.75 50.26 -11.26
N THR C 67 -5.15 51.52 -11.06
CA THR C 67 -5.81 52.28 -12.11
C THR C 67 -4.86 53.20 -12.87
N GLN C 68 -3.59 53.30 -12.45
CA GLN C 68 -2.62 54.18 -13.08
C GLN C 68 -1.45 53.46 -13.74
N THR C 69 -1.29 52.16 -13.51
CA THR C 69 -0.12 51.41 -13.98
C THR C 69 -0.50 50.59 -15.20
N GLN C 70 0.27 50.75 -16.27
CA GLN C 70 0.08 49.93 -17.46
C GLN C 70 0.52 48.50 -17.17
N GLY C 71 -0.21 47.54 -17.71
CA GLY C 71 0.09 46.14 -17.53
C GLY C 71 -1.16 45.30 -17.61
N ASN C 72 -0.97 44.04 -18.05
CA ASN C 72 -2.10 43.12 -18.18
C ASN C 72 -2.78 42.86 -16.85
N ASN C 73 -2.04 42.90 -15.75
CA ASN C 73 -2.59 42.55 -14.45
C ASN C 73 -3.29 43.72 -13.75
N PHE C 74 -3.23 44.93 -14.32
CA PHE C 74 -3.78 46.12 -13.68
C PHE C 74 -5.03 46.58 -14.42
N ALA C 75 -5.71 47.55 -13.82
CA ALA C 75 -6.98 48.08 -14.31
C ALA C 75 -6.85 49.53 -14.77
N ALA C 76 -5.75 49.84 -15.44
CA ALA C 76 -5.58 51.20 -15.96
C ALA C 76 -6.45 51.44 -17.18
N ASP C 77 -6.82 50.40 -17.90
CA ASP C 77 -7.68 50.50 -19.08
C ASP C 77 -9.02 49.84 -18.80
N GLN C 78 -9.96 50.01 -19.72
CA GLN C 78 -11.28 49.44 -19.54
C GLN C 78 -11.24 47.91 -19.54
N ARG C 79 -10.31 47.32 -20.29
CA ARG C 79 -10.13 45.87 -20.26
C ARG C 79 -9.91 45.38 -18.83
N GLY C 80 -8.93 45.97 -18.14
CA GLY C 80 -8.62 45.52 -16.80
C GLY C 80 -9.72 45.82 -15.80
N LYS C 81 -10.38 46.96 -15.95
CA LYS C 81 -11.50 47.29 -15.08
C LYS C 81 -12.61 46.26 -15.22
N ASP C 82 -12.91 45.85 -16.46
CA ASP C 82 -13.94 44.85 -16.69
C ASP C 82 -13.55 43.50 -16.09
N LYS C 83 -12.29 43.09 -16.28
CA LYS C 83 -11.83 41.86 -15.64
C LYS C 83 -12.00 41.95 -14.14
N CYS C 84 -11.68 43.11 -13.56
CA CYS C 84 -11.76 43.24 -12.11
C CYS C 84 -13.19 43.16 -11.61
N ALA C 85 -14.09 43.91 -12.25
CA ALA C 85 -15.50 43.85 -11.87
C ALA C 85 -16.05 42.44 -12.05
N ARG C 86 -15.62 41.75 -13.10
CA ARG C 86 -16.03 40.37 -13.31
C ARG C 86 -15.57 39.49 -12.16
N ASP C 87 -14.31 39.62 -11.75
CA ASP C 87 -13.79 38.78 -10.67
C ASP C 87 -14.53 39.02 -9.37
N ILE C 88 -14.75 40.29 -9.02
CA ILE C 88 -15.48 40.59 -7.79
C ILE C 88 -16.90 40.06 -7.87
N GLY C 89 -17.50 40.12 -9.06
CA GLY C 89 -18.82 39.52 -9.24
C GLY C 89 -18.80 38.02 -9.01
N TYR C 90 -17.73 37.35 -9.45
CA TYR C 90 -17.60 35.92 -9.20
C TYR C 90 -17.60 35.63 -7.70
N TYR C 91 -16.84 36.41 -6.93
CA TYR C 91 -16.79 36.20 -5.48
C TYR C 91 -18.18 36.35 -4.88
N LEU C 92 -18.88 37.42 -5.21
CA LEU C 92 -20.19 37.67 -4.63
C LEU C 92 -21.19 36.58 -5.05
N ARG C 93 -21.21 36.24 -6.33
CA ARG C 93 -22.17 35.24 -6.80
C ARG C 93 -21.92 33.90 -6.13
N ILE C 94 -20.66 33.49 -6.01
CA ILE C 94 -20.37 32.19 -5.41
C ILE C 94 -20.61 32.23 -3.90
N VAL C 95 -20.47 33.40 -3.28
CA VAL C 95 -20.83 33.53 -1.87
C VAL C 95 -22.32 33.32 -1.69
N THR C 96 -23.14 33.84 -2.61
CA THR C 96 -24.57 33.57 -2.54
C THR C 96 -24.86 32.08 -2.68
N TYR C 97 -24.06 31.38 -3.49
CA TYR C 97 -24.21 29.93 -3.58
C TYR C 97 -23.96 29.26 -2.23
N CYS C 98 -22.94 29.74 -1.51
CA CYS C 98 -22.65 29.16 -0.20
C CYS C 98 -23.83 29.34 0.75
N LEU C 99 -24.48 30.50 0.72
CA LEU C 99 -25.64 30.73 1.54
C LEU C 99 -26.78 29.80 1.13
N VAL C 100 -26.97 29.60 -0.17
CA VAL C 100 -28.01 28.69 -0.65
C VAL C 100 -27.68 27.26 -0.24
N ALA C 101 -26.42 26.85 -0.40
CA ALA C 101 -26.02 25.49 -0.10
C ALA C 101 -25.74 25.26 1.38
N GLY C 102 -25.66 26.32 2.18
CA GLY C 102 -25.36 26.16 3.59
C GLY C 102 -23.97 25.63 3.87
N GLY C 103 -22.98 26.00 3.07
CA GLY C 103 -21.63 25.57 3.32
C GLY C 103 -20.66 26.23 2.38
N THR C 104 -19.37 26.06 2.67
CA THR C 104 -18.30 26.61 1.84
C THR C 104 -18.07 25.82 0.56
N GLY C 105 -18.86 24.79 0.28
CA GLY C 105 -18.64 23.91 -0.83
C GLY C 105 -18.52 24.62 -2.16
N PRO C 106 -19.48 25.51 -2.48
CA PRO C 106 -19.35 26.27 -3.74
C PRO C 106 -18.10 27.12 -3.82
N LEU C 107 -17.73 27.80 -2.73
CA LEU C 107 -16.48 28.56 -2.73
C LEU C 107 -15.29 27.62 -2.94
N ASP C 108 -15.28 26.49 -2.24
CA ASP C 108 -14.18 25.54 -2.39
C ASP C 108 -14.10 25.01 -3.81
N GLU C 109 -15.24 24.54 -4.34
CA GLU C 109 -15.22 23.86 -5.63
C GLU C 109 -14.96 24.85 -6.77
N TYR C 110 -15.55 26.03 -6.73
CA TYR C 110 -15.54 26.94 -7.86
C TYR C 110 -14.43 27.98 -7.81
N LEU C 111 -14.06 28.46 -6.62
CA LEU C 111 -13.16 29.61 -6.50
C LEU C 111 -11.89 29.32 -5.73
N ILE C 112 -11.98 28.74 -4.54
CA ILE C 112 -10.82 28.74 -3.64
C ILE C 112 -9.78 27.73 -4.10
N ALA C 113 -10.20 26.53 -4.47
CA ALA C 113 -9.25 25.53 -4.95
C ALA C 113 -8.57 26.02 -6.22
N GLY C 114 -7.29 26.32 -6.14
CA GLY C 114 -6.52 26.80 -7.28
C GLY C 114 -6.41 28.31 -7.39
N ILE C 115 -6.98 29.07 -6.47
CA ILE C 115 -6.89 30.53 -6.57
C ILE C 115 -5.45 30.99 -6.41
N ASP C 116 -4.65 30.31 -5.58
CA ASP C 116 -3.27 30.72 -5.39
C ASP C 116 -2.47 30.61 -6.68
N GLU C 117 -2.68 29.53 -7.43
CA GLU C 117 -1.97 29.37 -8.71
C GLU C 117 -2.37 30.46 -9.68
N ILE C 118 -3.66 30.80 -9.73
CA ILE C 118 -4.13 31.84 -10.64
C ILE C 118 -3.51 33.18 -10.26
N ASN C 119 -3.59 33.55 -8.98
CA ASN C 119 -3.08 34.85 -8.56
C ASN C 119 -1.58 34.96 -8.79
N ARG C 120 -0.84 33.88 -8.55
CA ARG C 120 0.58 33.90 -8.82
C ARG C 120 0.85 33.97 -10.32
N THR C 121 0.15 33.15 -11.11
CA THR C 121 0.42 33.08 -12.54
C THR C 121 0.14 34.41 -13.22
N PHE C 122 -0.97 35.05 -12.88
CA PHE C 122 -1.39 36.29 -13.52
C PHE C 122 -1.04 37.52 -12.70
N ASP C 123 -0.20 37.38 -11.68
CA ASP C 123 0.34 38.52 -10.92
C ASP C 123 -0.77 39.38 -10.33
N LEU C 124 -1.81 38.73 -9.81
CA LEU C 124 -2.91 39.40 -9.14
C LEU C 124 -2.67 39.36 -7.64
N SER C 125 -2.79 40.50 -6.99
CA SER C 125 -2.52 40.57 -5.55
C SER C 125 -3.72 40.03 -4.77
N PRO C 126 -3.54 39.07 -3.86
CA PRO C 126 -4.67 38.69 -3.00
C PRO C 126 -5.21 39.84 -2.19
N SER C 127 -4.37 40.82 -1.83
CA SER C 127 -4.82 41.95 -1.03
C SER C 127 -5.93 42.73 -1.73
N TRP C 128 -5.89 42.80 -3.07
CA TRP C 128 -6.96 43.48 -3.79
C TRP C 128 -8.31 42.86 -3.48
N TYR C 129 -8.39 41.53 -3.56
CA TYR C 129 -9.67 40.85 -3.36
C TYR C 129 -10.07 40.85 -1.88
N VAL C 130 -9.09 40.87 -0.98
CA VAL C 130 -9.41 41.01 0.44
C VAL C 130 -10.15 42.32 0.68
N GLU C 131 -9.67 43.40 0.07
CA GLU C 131 -10.32 44.70 0.24
C GLU C 131 -11.73 44.68 -0.33
N ALA C 132 -11.92 44.05 -1.49
CA ALA C 132 -13.26 43.96 -2.06
C ALA C 132 -14.18 43.16 -1.15
N LEU C 133 -13.69 42.06 -0.59
CA LEU C 133 -14.50 41.26 0.32
C LEU C 133 -14.82 42.04 1.59
N LYS C 134 -13.86 42.81 2.09
CA LYS C 134 -14.11 43.64 3.26
C LYS C 134 -15.21 44.66 2.96
N TYR C 135 -15.20 45.25 1.76
CA TYR C 135 -16.24 46.20 1.40
C TYR C 135 -17.62 45.52 1.42
N ILE C 136 -17.71 44.33 0.81
CA ILE C 136 -19.00 43.63 0.74
C ILE C 136 -19.49 43.33 2.15
N LYS C 137 -18.60 42.88 3.02
CA LYS C 137 -18.98 42.66 4.42
C LYS C 137 -19.56 43.91 5.04
N ALA C 138 -18.93 45.07 4.80
CA ALA C 138 -19.31 46.30 5.46
C ALA C 138 -20.56 46.96 4.84
N ASN C 139 -21.07 46.45 3.72
CA ASN C 139 -22.10 47.14 2.97
C ASN C 139 -23.29 46.26 2.57
N HIS C 140 -23.29 44.97 2.91
CA HIS C 140 -24.41 44.13 2.50
C HIS C 140 -25.66 44.36 3.35
N GLY C 141 -25.52 44.99 4.52
CA GLY C 141 -26.68 45.39 5.30
C GLY C 141 -27.50 44.27 5.91
N LEU C 142 -26.96 43.06 5.94
CA LEU C 142 -27.65 41.93 6.54
C LEU C 142 -27.62 42.03 8.06
N SER C 143 -28.50 41.25 8.71
CA SER C 143 -28.58 41.21 10.15
C SER C 143 -28.82 39.77 10.60
N GLY C 144 -28.56 39.52 11.87
CA GLY C 144 -28.90 38.24 12.47
C GLY C 144 -28.15 37.09 11.85
N ASP C 145 -28.86 35.96 11.68
CA ASP C 145 -28.24 34.76 11.14
C ASP C 145 -27.76 34.98 9.71
N ALA C 146 -28.51 35.76 8.92
CA ALA C 146 -28.09 36.06 7.57
C ALA C 146 -26.74 36.76 7.56
N ARG C 147 -26.57 37.75 8.43
CA ARG C 147 -25.28 38.41 8.58
C ARG C 147 -24.19 37.42 8.99
N ASP C 148 -24.47 36.61 10.01
CA ASP C 148 -23.46 35.70 10.54
C ASP C 148 -23.01 34.70 9.48
N GLU C 149 -23.96 34.07 8.78
CA GLU C 149 -23.58 33.08 7.78
C GLU C 149 -22.87 33.74 6.61
N ALA C 150 -23.36 34.88 6.13
CA ALA C 150 -22.72 35.55 5.02
C ALA C 150 -21.30 35.97 5.37
N ASN C 151 -21.12 36.58 6.55
CA ASN C 151 -19.79 36.99 6.97
C ASN C 151 -18.87 35.80 7.18
N SER C 152 -19.42 34.65 7.55
CA SER C 152 -18.58 33.46 7.68
C SER C 152 -17.97 33.08 6.34
N TYR C 153 -18.75 33.16 5.27
CA TYR C 153 -18.21 32.82 3.95
C TYR C 153 -17.28 33.91 3.44
N LEU C 154 -17.62 35.18 3.66
CA LEU C 154 -16.74 36.26 3.26
C LEU C 154 -15.41 36.19 4.01
N ASP C 155 -15.47 35.86 5.30
CA ASP C 155 -14.24 35.68 6.07
C ASP C 155 -13.49 34.44 5.62
N TYR C 156 -14.21 33.39 5.23
CA TYR C 156 -13.56 32.19 4.72
C TYR C 156 -12.72 32.50 3.48
N ALA C 157 -13.27 33.30 2.57
CA ALA C 157 -12.50 33.73 1.41
C ALA C 157 -11.33 34.61 1.81
N ILE C 158 -11.53 35.53 2.75
CA ILE C 158 -10.45 36.41 3.18
C ILE C 158 -9.33 35.60 3.80
N ASN C 159 -9.67 34.66 4.67
CA ASN C 159 -8.65 33.82 5.30
C ASN C 159 -7.88 33.02 4.26
N ALA C 160 -8.58 32.48 3.26
CA ALA C 160 -7.90 31.74 2.19
C ALA C 160 -6.92 32.63 1.44
N LEU C 161 -7.22 33.92 1.31
CA LEU C 161 -6.35 34.86 0.61
C LEU C 161 -5.24 35.41 1.49
N SER C 162 -5.18 35.01 2.76
CA SER C 162 -4.20 35.55 3.69
C SER C 162 -3.46 34.42 4.44
N MET D 1 -21.40 14.43 -5.49
CA MET D 1 -22.86 14.29 -5.25
C MET D 1 -23.49 15.64 -4.95
N PHE D 2 -24.78 15.77 -5.28
CA PHE D 2 -25.56 16.96 -5.00
C PHE D 2 -26.64 16.66 -3.98
N ASP D 3 -27.06 17.70 -3.26
CA ASP D 3 -28.30 17.69 -2.51
C ASP D 3 -29.30 18.57 -3.23
N VAL D 4 -30.48 18.72 -2.64
CA VAL D 4 -31.52 19.51 -3.28
C VAL D 4 -31.05 20.95 -3.50
N PHE D 5 -30.21 21.46 -2.61
CA PHE D 5 -29.74 22.84 -2.72
C PHE D 5 -28.63 22.97 -3.76
N THR D 6 -27.58 22.16 -3.64
CA THR D 6 -26.43 22.30 -4.54
C THR D 6 -26.75 21.91 -5.97
N ARG D 7 -27.80 21.13 -6.19
CA ARG D 7 -28.23 20.85 -7.55
C ARG D 7 -28.59 22.13 -8.28
N VAL D 8 -29.33 23.02 -7.61
CA VAL D 8 -29.69 24.30 -8.23
C VAL D 8 -28.46 25.18 -8.39
N VAL D 9 -27.56 25.14 -7.41
CA VAL D 9 -26.35 25.96 -7.46
C VAL D 9 -25.51 25.60 -8.68
N SER D 10 -25.27 24.30 -8.88
CA SER D 10 -24.42 23.86 -9.97
C SER D 10 -24.98 24.29 -11.33
N GLN D 11 -26.30 24.18 -11.48
CA GLN D 11 -26.92 24.63 -12.72
C GLN D 11 -26.80 26.14 -12.89
N ALA D 12 -26.92 26.89 -11.79
CA ALA D 12 -26.75 28.34 -11.87
C ALA D 12 -25.32 28.72 -12.19
N ASP D 13 -24.34 28.04 -11.59
CA ASP D 13 -22.94 28.40 -11.82
C ASP D 13 -22.55 28.18 -13.28
N ALA D 14 -22.98 27.08 -13.89
CA ALA D 14 -22.66 26.82 -15.28
C ALA D 14 -23.21 27.90 -16.20
N ARG D 15 -24.27 28.58 -15.78
CA ARG D 15 -24.86 29.68 -16.53
C ARG D 15 -24.34 31.03 -16.08
N GLY D 16 -23.53 31.08 -15.02
CA GLY D 16 -23.02 32.35 -14.53
C GLY D 16 -24.09 33.29 -14.02
N GLU D 17 -25.13 32.74 -13.39
CA GLU D 17 -26.26 33.52 -12.92
C GLU D 17 -26.47 33.33 -11.43
N TYR D 18 -26.96 34.38 -10.78
CA TYR D 18 -27.51 34.24 -9.44
C TYR D 18 -28.80 33.44 -9.50
N LEU D 19 -29.13 32.77 -8.40
CA LEU D 19 -30.42 32.09 -8.34
C LEU D 19 -31.55 33.10 -8.46
N SER D 20 -32.53 32.78 -9.27
CA SER D 20 -33.68 33.66 -9.43
C SER D 20 -34.52 33.64 -8.16
N GLY D 21 -35.44 34.62 -8.07
CA GLY D 21 -36.36 34.63 -6.95
C GLY D 21 -37.26 33.40 -6.93
N SER D 22 -37.64 32.91 -8.11
CA SER D 22 -38.44 31.69 -8.17
C SER D 22 -37.66 30.49 -7.67
N GLN D 23 -36.37 30.40 -8.03
CA GLN D 23 -35.55 29.29 -7.57
C GLN D 23 -35.36 29.34 -6.06
N LEU D 24 -35.10 30.53 -5.51
CA LEU D 24 -34.98 30.66 -4.06
C LEU D 24 -36.29 30.31 -3.38
N ASP D 25 -37.41 30.74 -3.95
CA ASP D 25 -38.72 30.41 -3.39
C ASP D 25 -38.96 28.91 -3.40
N ALA D 26 -38.55 28.24 -4.48
CA ALA D 26 -38.71 26.79 -4.54
C ALA D 26 -37.89 26.09 -3.45
N LEU D 27 -36.67 26.56 -3.20
CA LEU D 27 -35.88 25.98 -2.12
C LEU D 27 -36.51 26.29 -0.77
N SER D 28 -37.09 27.48 -0.61
CA SER D 28 -37.79 27.79 0.64
C SER D 28 -38.93 26.81 0.87
N ALA D 29 -39.66 26.45 -0.18
CA ALA D 29 -40.70 25.43 -0.07
C ALA D 29 -40.10 24.09 0.35
N THR D 30 -38.94 23.74 -0.20
CA THR D 30 -38.28 22.50 0.18
C THR D 30 -37.92 22.50 1.66
N VAL D 31 -37.45 23.64 2.17
CA VAL D 31 -37.13 23.75 3.59
C VAL D 31 -38.38 23.52 4.43
N ALA D 32 -39.53 24.02 3.94
CA ALA D 32 -40.77 23.85 4.69
C ALA D 32 -41.19 22.38 4.79
N GLU D 33 -40.74 21.55 3.85
CA GLU D 33 -41.02 20.12 3.87
C GLU D 33 -39.94 19.33 4.62
N GLY D 34 -38.97 20.01 5.23
CA GLY D 34 -37.82 19.31 5.78
C GLY D 34 -38.19 18.33 6.87
N ASN D 35 -39.11 18.71 7.75
CA ASN D 35 -39.48 17.82 8.85
C ASN D 35 -40.12 16.54 8.32
N LYS D 36 -40.98 16.65 7.30
CA LYS D 36 -41.57 15.47 6.70
C LYS D 36 -40.50 14.59 6.07
N ARG D 37 -39.50 15.21 5.43
CA ARG D 37 -38.41 14.45 4.84
C ARG D 37 -37.63 13.70 5.90
N ILE D 38 -37.33 14.35 7.02
CA ILE D 38 -36.56 13.70 8.08
C ILE D 38 -37.36 12.54 8.67
N ASP D 39 -38.67 12.72 8.87
CA ASP D 39 -39.48 11.63 9.40
C ASP D 39 -39.49 10.44 8.46
N SER D 40 -39.61 10.69 7.15
CA SER D 40 -39.62 9.59 6.19
C SER D 40 -38.29 8.82 6.22
N VAL D 41 -37.18 9.55 6.30
CA VAL D 41 -35.88 8.88 6.41
C VAL D 41 -35.81 8.07 7.70
N ASN D 42 -36.27 8.65 8.81
CA ASN D 42 -36.23 7.95 10.09
C ASN D 42 -37.10 6.70 10.06
N ARG D 43 -38.30 6.80 9.49
CA ARG D 43 -39.21 5.67 9.48
C ARG D 43 -38.69 4.51 8.64
N ILE D 44 -38.16 4.81 7.45
CA ILE D 44 -37.61 3.75 6.62
C ILE D 44 -36.41 3.10 7.31
N THR D 45 -35.52 3.92 7.86
CA THR D 45 -34.35 3.38 8.54
C THR D 45 -34.74 2.53 9.74
N GLY D 46 -35.72 3.00 10.53
CA GLY D 46 -36.14 2.27 11.70
C GLY D 46 -36.77 0.92 11.39
N ASN D 47 -37.15 0.69 10.13
CA ASN D 47 -37.74 -0.58 9.70
C ASN D 47 -36.93 -1.25 8.60
N ALA D 48 -35.63 -0.94 8.52
CA ALA D 48 -34.83 -1.40 7.39
C ALA D 48 -34.76 -2.92 7.34
N SER D 49 -34.50 -3.55 8.49
CA SER D 49 -34.35 -5.00 8.51
C SER D 49 -35.63 -5.70 8.08
N ALA D 50 -36.77 -5.24 8.60
CA ALA D 50 -38.05 -5.86 8.24
C ALA D 50 -38.36 -5.65 6.76
N ILE D 51 -38.09 -4.47 6.23
CA ILE D 51 -38.39 -4.20 4.82
C ILE D 51 -37.58 -5.13 3.93
N VAL D 52 -36.29 -5.30 4.23
CA VAL D 52 -35.44 -6.15 3.40
C VAL D 52 -35.85 -7.61 3.52
N SER D 53 -36.05 -8.08 4.76
CA SER D 53 -36.34 -9.50 4.96
C SER D 53 -37.72 -9.86 4.41
N ASN D 54 -38.72 -9.04 4.68
CA ASN D 54 -40.07 -9.34 4.18
C ASN D 54 -40.11 -9.33 2.66
N ALA D 55 -39.45 -8.36 2.03
CA ALA D 55 -39.41 -8.33 0.58
C ALA D 55 -38.66 -9.52 0.03
N ALA D 56 -37.54 -9.89 0.66
CA ALA D 56 -36.77 -11.03 0.19
C ALA D 56 -37.58 -12.32 0.28
N ARG D 57 -38.29 -12.52 1.39
CA ARG D 57 -39.14 -13.70 1.54
C ARG D 57 -40.20 -13.73 0.45
N ALA D 58 -40.85 -12.60 0.21
CA ALA D 58 -41.88 -12.55 -0.83
C ALA D 58 -41.29 -12.81 -2.21
N LEU D 59 -40.09 -12.28 -2.47
CA LEU D 59 -39.45 -12.51 -3.77
C LEU D 59 -39.19 -13.99 -3.99
N PHE D 60 -38.63 -14.67 -2.99
CA PHE D 60 -38.33 -16.09 -3.14
C PHE D 60 -39.59 -16.93 -3.19
N ALA D 61 -40.65 -16.49 -2.51
CA ALA D 61 -41.92 -17.20 -2.59
C ALA D 61 -42.52 -17.12 -3.98
N GLU D 62 -42.41 -15.96 -4.63
CA GLU D 62 -42.94 -15.78 -5.97
C GLU D 62 -41.99 -16.24 -7.07
N GLN D 63 -40.70 -16.34 -6.76
CA GLN D 63 -39.69 -16.77 -7.72
C GLN D 63 -38.89 -17.91 -7.10
N PRO D 64 -39.52 -19.07 -6.92
CA PRO D 64 -38.82 -20.19 -6.27
C PRO D 64 -37.59 -20.66 -7.00
N GLN D 65 -37.49 -20.41 -8.31
CA GLN D 65 -36.31 -20.84 -9.06
C GLN D 65 -35.04 -20.18 -8.55
N LEU D 66 -35.14 -19.02 -7.89
CA LEU D 66 -33.95 -18.33 -7.42
C LEU D 66 -33.24 -19.13 -6.32
N ILE D 67 -33.99 -19.85 -5.49
CA ILE D 67 -33.42 -20.53 -4.33
C ILE D 67 -33.26 -22.02 -4.51
N GLN D 68 -33.79 -22.61 -5.57
CA GLN D 68 -33.57 -24.02 -5.81
C GLN D 68 -32.08 -24.26 -6.07
N PRO D 69 -31.60 -25.49 -5.87
CA PRO D 69 -30.19 -25.78 -6.16
C PRO D 69 -29.84 -25.40 -7.59
N GLY D 70 -28.74 -24.68 -7.74
CA GLY D 70 -28.35 -24.09 -9.00
C GLY D 70 -28.92 -22.70 -9.23
N GLY D 71 -29.94 -22.31 -8.48
CA GLY D 71 -30.52 -20.98 -8.58
C GLY D 71 -29.53 -19.92 -8.16
N MEN D 72 -29.77 -18.69 -8.56
CA MEN D 72 -28.77 -17.62 -8.36
C MEN D 72 -28.68 -17.19 -6.91
O MEN D 72 -27.69 -16.63 -6.50
CB MEN D 72 -29.06 -16.41 -9.26
CG MEN D 72 -27.85 -15.50 -9.25
OD1 MEN D 72 -27.88 -14.39 -8.71
ND2 MEN D 72 -26.76 -15.97 -9.85
CE2 MEN D 72 -25.50 -15.28 -9.82
H MEN D 72 -30.62 -18.37 -9.02
HA MEN D 72 -27.81 -18.06 -8.67
HB2 MEN D 72 -29.94 -15.89 -8.91
HB3 MEN D 72 -29.29 -16.73 -10.26
HD2 MEN D 72 -26.79 -16.85 -10.36
HE21 MEN D 72 -24.92 -15.49 -10.72
HE22 MEN D 72 -24.89 -15.58 -8.98
HE23 MEN D 72 -25.61 -14.19 -9.75
N ALA D 73 -29.72 -17.45 -6.14
CA ALA D 73 -29.72 -17.14 -4.71
C ALA D 73 -29.49 -18.37 -3.85
N TYR D 74 -29.07 -19.47 -4.46
CA TYR D 74 -28.80 -20.71 -3.73
C TYR D 74 -27.36 -20.69 -3.22
N THR D 75 -27.14 -21.40 -2.11
CA THR D 75 -25.92 -21.39 -1.29
C THR D 75 -25.94 -20.19 -0.36
N SER D 76 -25.28 -20.32 0.79
CA SER D 76 -25.33 -19.26 1.78
C SER D 76 -24.67 -17.99 1.29
N ARG D 77 -23.53 -18.10 0.62
CA ARG D 77 -22.80 -16.91 0.18
C ARG D 77 -23.66 -16.08 -0.78
N ARG D 78 -24.30 -16.74 -1.75
CA ARG D 78 -25.09 -16.00 -2.73
C ARG D 78 -26.36 -15.43 -2.11
N MET D 79 -27.00 -16.19 -1.22
CA MET D 79 -28.14 -15.62 -0.48
C MET D 79 -27.70 -14.43 0.36
N ALA D 80 -26.57 -14.56 1.06
CA ALA D 80 -26.09 -13.44 1.87
C ALA D 80 -25.79 -12.23 1.00
N ALA D 81 -25.18 -12.44 -0.16
CA ALA D 81 -24.93 -11.34 -1.09
C ALA D 81 -26.24 -10.72 -1.56
N CYS D 82 -27.24 -11.56 -1.84
CA CYS D 82 -28.52 -11.05 -2.33
C CYS D 82 -29.19 -10.16 -1.28
N LEU D 83 -29.24 -10.64 -0.04
CA LEU D 83 -29.81 -9.83 1.04
C LEU D 83 -29.00 -8.57 1.25
N ARG D 84 -27.68 -8.66 1.12
CA ARG D 84 -26.83 -7.48 1.24
C ARG D 84 -27.17 -6.45 0.17
N ASP D 85 -27.37 -6.92 -1.07
CA ASP D 85 -27.71 -6.00 -2.16
C ASP D 85 -29.01 -5.26 -1.88
N MET D 86 -30.03 -5.98 -1.39
CA MET D 86 -31.31 -5.35 -1.09
C MET D 86 -31.14 -4.26 -0.05
N GLU D 87 -30.34 -4.52 0.99
CA GLU D 87 -30.09 -3.53 2.01
C GLU D 87 -29.32 -2.34 1.44
N ILE D 88 -28.33 -2.60 0.58
CA ILE D 88 -27.54 -1.52 0.00
C ILE D 88 -28.45 -0.57 -0.78
N ILE D 89 -29.30 -1.13 -1.64
CA ILE D 89 -30.17 -0.30 -2.46
C ILE D 89 -31.12 0.51 -1.58
N LEU D 90 -31.68 -0.13 -0.55
CA LEU D 90 -32.52 0.60 0.40
C LEU D 90 -31.73 1.71 1.08
N ARG D 91 -30.50 1.42 1.50
CA ARG D 91 -29.69 2.42 2.18
C ARG D 91 -29.46 3.63 1.29
N TYR D 92 -29.11 3.39 0.02
CA TYR D 92 -28.86 4.50 -0.88
C TYR D 92 -30.13 5.24 -1.25
N VAL D 93 -31.27 4.54 -1.29
CA VAL D 93 -32.53 5.23 -1.50
C VAL D 93 -32.81 6.18 -0.34
N THR D 94 -32.54 5.75 0.90
CA THR D 94 -32.69 6.65 2.03
C THR D 94 -31.71 7.81 1.96
N TYR D 95 -30.50 7.58 1.42
CA TYR D 95 -29.56 8.67 1.21
C TYR D 95 -30.14 9.70 0.26
N ALA D 96 -30.72 9.25 -0.86
CA ALA D 96 -31.31 10.19 -1.82
C ALA D 96 -32.46 10.93 -1.20
N THR D 97 -33.29 10.25 -0.40
CA THR D 97 -34.37 10.92 0.30
C THR D 97 -33.83 11.98 1.25
N PHE D 98 -32.75 11.66 1.97
CA PHE D 98 -32.16 12.60 2.91
C PHE D 98 -31.65 13.85 2.20
N THR D 99 -30.88 13.66 1.13
CA THR D 99 -30.31 14.80 0.41
C THR D 99 -31.36 15.52 -0.44
N GLY D 100 -32.40 14.81 -0.86
CA GLY D 100 -33.36 15.39 -1.80
C GLY D 100 -32.90 15.38 -3.24
N ASP D 101 -31.91 14.57 -3.58
CA ASP D 101 -31.39 14.50 -4.94
C ASP D 101 -30.92 13.08 -5.21
N ALA D 102 -31.17 12.61 -6.44
CA ALA D 102 -30.87 11.23 -6.80
C ALA D 102 -29.38 11.00 -7.08
N SER D 103 -28.55 12.03 -7.00
CA SER D 103 -27.16 11.89 -7.42
C SER D 103 -26.42 10.83 -6.61
N VAL D 104 -26.61 10.80 -5.29
CA VAL D 104 -25.91 9.81 -4.47
C VAL D 104 -26.32 8.40 -4.87
N LEU D 105 -27.62 8.19 -5.10
CA LEU D 105 -28.09 6.87 -5.51
C LEU D 105 -27.56 6.52 -6.90
N GLU D 106 -27.67 7.45 -7.85
CA GLU D 106 -27.24 7.18 -9.22
C GLU D 106 -25.72 7.02 -9.30
N ASP D 107 -24.99 7.93 -8.68
CA ASP D 107 -23.54 7.99 -8.89
C ASP D 107 -22.79 6.88 -8.17
N ARG D 108 -23.25 6.48 -6.98
CA ARG D 108 -22.51 5.53 -6.15
C ARG D 108 -23.06 4.11 -6.22
N CYS D 109 -24.37 3.96 -6.32
CA CYS D 109 -25.01 2.65 -6.24
C CYS D 109 -25.36 2.07 -7.60
N LEU D 110 -26.08 2.83 -8.43
CA LEU D 110 -26.67 2.27 -9.63
C LEU D 110 -25.74 2.26 -10.83
N ASN D 111 -24.81 3.20 -10.93
CA ASN D 111 -23.92 3.28 -12.08
C ASN D 111 -23.10 2.00 -12.21
N GLY D 112 -23.28 1.30 -13.32
CA GLY D 112 -22.56 0.06 -13.55
C GLY D 112 -23.12 -1.16 -12.85
N LEU D 113 -24.20 -1.00 -12.09
CA LEU D 113 -24.77 -2.15 -11.38
C LEU D 113 -25.34 -3.17 -12.35
N ARG D 114 -25.98 -2.70 -13.44
CA ARG D 114 -26.54 -3.63 -14.41
C ARG D 114 -25.44 -4.48 -15.04
N GLU D 115 -24.30 -3.85 -15.37
CA GLU D 115 -23.19 -4.60 -15.95
C GLU D 115 -22.63 -5.63 -14.96
N THR D 116 -22.56 -5.26 -13.68
CA THR D 116 -22.13 -6.21 -12.67
C THR D 116 -23.06 -7.43 -12.65
N TYR D 117 -24.37 -7.18 -12.65
CA TYR D 117 -25.32 -8.29 -12.59
C TYR D 117 -25.32 -9.10 -13.87
N VAL D 118 -25.23 -8.44 -15.03
CA VAL D 118 -25.20 -9.18 -16.29
C VAL D 118 -23.98 -10.09 -16.34
N ALA D 119 -22.83 -9.58 -15.91
CA ALA D 119 -21.61 -10.39 -15.90
C ALA D 119 -21.73 -11.57 -14.94
N LEU D 120 -22.29 -11.34 -13.76
CA LEU D 120 -22.43 -12.39 -12.77
C LEU D 120 -23.56 -13.37 -13.10
N GLY D 121 -24.48 -12.99 -13.98
CA GLY D 121 -25.68 -13.76 -14.17
C GLY D 121 -26.74 -13.52 -13.13
N VAL D 122 -26.65 -12.44 -12.36
CA VAL D 122 -27.71 -12.10 -11.41
C VAL D 122 -28.95 -11.66 -12.19
N PRO D 123 -30.13 -12.26 -11.97
CA PRO D 123 -31.29 -11.83 -12.76
C PRO D 123 -31.77 -10.44 -12.38
N GLY D 124 -31.51 -9.47 -13.26
CA GLY D 124 -31.86 -8.10 -12.95
C GLY D 124 -33.34 -7.89 -12.75
N ALA D 125 -34.17 -8.56 -13.56
CA ALA D 125 -35.62 -8.45 -13.39
C ALA D 125 -36.05 -8.90 -12.00
N SER D 126 -35.38 -9.90 -11.43
CA SER D 126 -35.70 -10.34 -10.09
C SER D 126 -35.27 -9.31 -9.04
N VAL D 127 -34.12 -8.66 -9.26
CA VAL D 127 -33.71 -7.58 -8.36
C VAL D 127 -34.74 -6.46 -8.38
N ALA D 128 -35.17 -6.08 -9.58
CA ALA D 128 -36.16 -5.01 -9.71
C ALA D 128 -37.46 -5.39 -9.00
N ALA D 129 -37.88 -6.64 -9.13
CA ALA D 129 -39.04 -7.11 -8.39
C ALA D 129 -38.79 -7.00 -6.88
N GLY D 130 -37.58 -7.35 -6.44
CA GLY D 130 -37.26 -7.19 -5.03
C GLY D 130 -37.30 -5.75 -4.59
N VAL D 131 -36.70 -4.86 -5.39
CA VAL D 131 -36.73 -3.44 -5.08
C VAL D 131 -38.16 -2.92 -5.06
N GLN D 132 -38.99 -3.42 -5.99
CA GLN D 132 -40.39 -3.01 -6.02
C GLN D 132 -41.10 -3.41 -4.73
N LYS D 133 -40.83 -4.62 -4.23
CA LYS D 133 -41.45 -5.04 -2.98
C LYS D 133 -41.00 -4.16 -1.82
N MET D 134 -39.71 -3.83 -1.76
CA MET D 134 -39.22 -2.91 -0.73
C MET D 134 -39.91 -1.55 -0.85
N LYS D 135 -40.19 -1.12 -2.07
CA LYS D 135 -40.81 0.18 -2.27
C LYS D 135 -42.20 0.22 -1.64
N GLU D 136 -43.06 -0.74 -1.97
CA GLU D 136 -44.42 -0.72 -1.44
C GLU D 136 -44.42 -0.81 0.07
N ALA D 137 -43.56 -1.66 0.64
CA ALA D 137 -43.45 -1.73 2.09
C ALA D 137 -42.95 -0.41 2.67
N ALA D 138 -41.95 0.20 2.02
CA ALA D 138 -41.37 1.44 2.55
C ALA D 138 -42.39 2.57 2.54
N LEU D 139 -43.15 2.71 1.44
CA LEU D 139 -44.11 3.80 1.35
C LEU D 139 -45.24 3.64 2.36
N ASP D 140 -45.68 2.41 2.61
CA ASP D 140 -46.67 2.18 3.66
C ASP D 140 -46.14 2.61 5.01
N ILE D 141 -44.89 2.24 5.32
CA ILE D 141 -44.29 2.64 6.59
C ILE D 141 -44.20 4.16 6.67
N VAL D 142 -43.78 4.80 5.58
CA VAL D 142 -43.69 6.26 5.58
C VAL D 142 -45.07 6.88 5.77
N ASN D 143 -46.10 6.28 5.18
CA ASN D 143 -47.44 6.85 5.17
C ASN D 143 -48.26 6.52 6.42
N ASP D 144 -47.70 5.76 7.37
CA ASP D 144 -48.46 5.32 8.53
C ASP D 144 -48.90 6.54 9.35
N PRO D 145 -50.20 6.77 9.56
CA PRO D 145 -50.62 7.99 10.27
C PRO D 145 -50.43 7.95 11.77
N ASN D 146 -50.12 6.80 12.36
CA ASN D 146 -50.04 6.68 13.81
C ASN D 146 -48.73 7.25 14.35
N GLY D 147 -48.80 7.77 15.57
CA GLY D 147 -47.62 8.18 16.31
C GLY D 147 -46.80 9.27 15.64
N ILE D 148 -47.46 10.20 14.95
CA ILE D 148 -46.75 11.26 14.24
C ILE D 148 -47.72 12.40 14.03
N THR D 149 -47.19 13.63 14.00
CA THR D 149 -48.01 14.78 13.69
C THR D 149 -48.61 14.62 12.30
N ARG D 150 -49.93 14.79 12.21
CA ARG D 150 -50.64 14.51 10.97
C ARG D 150 -50.43 15.61 9.95
N GLY D 151 -50.31 15.21 8.69
CA GLY D 151 -50.18 16.17 7.60
C GLY D 151 -50.10 15.44 6.28
N ASP D 152 -49.92 16.23 5.22
CA ASP D 152 -49.88 15.70 3.86
C ASP D 152 -48.43 15.39 3.49
N CYS D 153 -48.12 14.12 3.32
CA CYS D 153 -46.77 13.67 2.96
C CYS D 153 -46.72 13.14 1.53
N SER D 154 -47.71 13.48 0.69
CA SER D 154 -47.77 12.92 -0.65
C SER D 154 -46.58 13.33 -1.49
N ALA D 155 -46.07 14.56 -1.31
CA ALA D 155 -44.94 15.01 -2.11
C ALA D 155 -43.69 14.18 -1.84
N ILE D 156 -43.33 14.00 -0.56
CA ILE D 156 -42.14 13.24 -0.23
C ILE D 156 -42.32 11.77 -0.61
N VAL D 157 -43.53 11.24 -0.43
CA VAL D 157 -43.79 9.85 -0.81
C VAL D 157 -43.62 9.68 -2.31
N ALA D 158 -44.08 10.64 -3.10
CA ALA D 158 -43.86 10.58 -4.53
C ALA D 158 -42.37 10.64 -4.87
N GLU D 159 -41.63 11.50 -4.17
CA GLU D 159 -40.19 11.57 -4.39
C GLU D 159 -39.51 10.26 -4.04
N ILE D 160 -39.87 9.67 -2.91
CA ILE D 160 -39.28 8.39 -2.50
C ILE D 160 -39.62 7.31 -3.51
N ALA D 161 -40.86 7.30 -3.99
CA ALA D 161 -41.26 6.34 -5.01
C ALA D 161 -40.38 6.46 -6.25
N GLY D 162 -40.08 7.69 -6.67
CA GLY D 162 -39.22 7.89 -7.82
C GLY D 162 -37.83 7.30 -7.63
N TYR D 163 -37.26 7.48 -6.44
CA TYR D 163 -35.94 6.93 -6.16
C TYR D 163 -35.97 5.41 -6.23
N PHE D 164 -37.00 4.78 -5.66
CA PHE D 164 -37.13 3.34 -5.77
C PHE D 164 -37.28 2.92 -7.23
N ASP D 165 -38.10 3.64 -7.99
CA ASP D 165 -38.31 3.31 -9.39
C ASP D 165 -37.03 3.44 -10.19
N ARG D 166 -36.20 4.44 -9.87
CA ARG D 166 -34.91 4.56 -10.53
C ARG D 166 -34.05 3.33 -10.28
N ALA D 167 -34.02 2.84 -9.05
CA ALA D 167 -33.21 1.67 -8.73
C ALA D 167 -33.70 0.45 -9.49
N ALA D 168 -35.02 0.25 -9.55
CA ALA D 168 -35.56 -0.89 -10.27
C ALA D 168 -35.23 -0.81 -11.76
N ALA D 169 -35.33 0.38 -12.34
CA ALA D 169 -35.04 0.54 -13.76
C ALA D 169 -33.57 0.34 -14.05
N ALA D 170 -32.69 0.78 -13.14
CA ALA D 170 -31.26 0.67 -13.38
C ALA D 170 -30.80 -0.78 -13.44
N VAL D 171 -31.45 -1.68 -12.71
CA VAL D 171 -31.02 -3.07 -12.63
C VAL D 171 -31.81 -3.98 -13.56
N ALA D 172 -33.04 -3.62 -13.92
CA ALA D 172 -33.85 -4.46 -14.78
C ALA D 172 -33.28 -4.47 -16.19
N MET E 1 -11.69 -23.84 -2.76
CA MET E 1 -12.17 -25.00 -1.94
C MET E 1 -11.00 -25.69 -1.26
N LYS E 2 -11.08 -25.82 0.07
CA LYS E 2 -10.04 -26.48 0.83
C LYS E 2 -10.14 -27.99 0.62
N THR E 3 -9.21 -28.54 -0.15
CA THR E 3 -8.99 -29.97 -0.26
C THR E 3 -7.50 -30.20 -0.34
N PRO E 4 -7.01 -31.39 0.03
CA PRO E 4 -5.55 -31.60 0.07
C PRO E 4 -4.85 -31.30 -1.24
N LEU E 5 -5.45 -31.66 -2.38
CA LEU E 5 -4.77 -31.45 -3.65
C LEU E 5 -4.78 -29.98 -4.05
N THR E 6 -5.91 -29.30 -3.85
CA THR E 6 -5.98 -27.88 -4.20
C THR E 6 -5.04 -27.03 -3.35
N GLU E 7 -4.98 -27.29 -2.05
CA GLU E 7 -4.08 -26.52 -1.19
C GLU E 7 -2.62 -26.83 -1.50
N ALA E 8 -2.29 -28.07 -1.86
CA ALA E 8 -0.92 -28.39 -2.22
C ALA E 8 -0.46 -27.57 -3.42
N VAL E 9 -1.29 -27.50 -4.46
CA VAL E 9 -0.91 -26.75 -5.66
C VAL E 9 -0.91 -25.26 -5.40
N SER E 10 -1.93 -24.76 -4.69
CA SER E 10 -2.02 -23.32 -4.45
C SER E 10 -0.82 -22.83 -3.66
N THR E 11 -0.40 -23.57 -2.64
CA THR E 11 0.79 -23.19 -1.90
C THR E 11 2.03 -23.21 -2.77
N ALA E 12 2.18 -24.26 -3.58
CA ALA E 12 3.30 -24.31 -4.51
C ALA E 12 3.23 -23.16 -5.51
N ASP E 13 2.03 -22.86 -6.02
CA ASP E 13 1.89 -21.79 -6.99
C ASP E 13 2.23 -20.45 -6.36
N SER E 14 1.80 -20.22 -5.12
CA SER E 14 2.12 -18.96 -4.44
C SER E 14 3.61 -18.79 -4.26
N GLN E 15 4.36 -19.90 -4.18
CA GLN E 15 5.81 -19.88 -4.09
C GLN E 15 6.49 -19.91 -5.45
N GLY E 16 5.73 -20.03 -6.53
CA GLY E 16 6.33 -20.16 -7.85
C GLY E 16 7.22 -21.38 -7.96
N ARG E 17 6.78 -22.51 -7.42
CA ARG E 17 7.60 -23.70 -7.27
C ARG E 17 6.93 -24.89 -7.95
N PHE E 18 7.75 -25.74 -8.55
CA PHE E 18 7.29 -27.07 -8.88
C PHE E 18 6.86 -27.79 -7.60
N LEU E 19 6.02 -28.81 -7.78
CA LEU E 19 5.65 -29.66 -6.66
C LEU E 19 6.86 -30.49 -6.24
N SER E 20 6.98 -30.72 -4.93
CA SER E 20 8.11 -31.47 -4.38
C SER E 20 7.61 -32.58 -3.48
N SER E 21 8.51 -33.25 -2.77
CA SER E 21 8.13 -34.37 -1.92
C SER E 21 7.04 -33.99 -0.91
N THR E 22 7.04 -32.73 -0.46
CA THR E 22 6.00 -32.29 0.44
C THR E 22 4.62 -32.47 -0.18
N GLU E 23 4.43 -31.97 -1.40
CA GLU E 23 3.13 -32.05 -2.03
C GLU E 23 2.75 -33.49 -2.38
N LEU E 24 3.73 -34.30 -2.78
CA LEU E 24 3.45 -35.70 -3.07
C LEU E 24 2.96 -36.42 -1.82
N GLN E 25 3.55 -36.11 -0.67
CA GLN E 25 3.07 -36.70 0.57
C GLN E 25 1.63 -36.29 0.84
N ILE E 26 1.29 -35.03 0.56
CA ILE E 26 -0.11 -34.61 0.69
C ILE E 26 -1.00 -35.49 -0.18
N ALA E 27 -0.56 -35.77 -1.41
CA ALA E 27 -1.33 -36.64 -2.30
C ALA E 27 -1.46 -38.04 -1.72
N PHE E 28 -0.38 -38.59 -1.16
CA PHE E 28 -0.47 -39.92 -0.56
C PHE E 28 -1.45 -39.92 0.60
N GLY E 29 -1.46 -38.85 1.40
CA GLY E 29 -2.44 -38.75 2.47
C GLY E 29 -3.87 -38.77 1.95
N ARG E 30 -4.12 -38.05 0.85
CA ARG E 30 -5.44 -38.08 0.24
C ARG E 30 -5.80 -39.48 -0.23
N LEU E 31 -4.84 -40.18 -0.85
CA LEU E 31 -5.13 -41.51 -1.38
C LEU E 31 -5.41 -42.50 -0.26
N ARG E 32 -4.71 -42.38 0.87
CA ARG E 32 -5.03 -43.21 2.02
C ARG E 32 -6.44 -42.96 2.51
N GLN E 33 -6.95 -41.74 2.34
CA GLN E 33 -8.26 -41.36 2.87
C GLN E 33 -9.39 -41.53 1.89
N ALA E 34 -9.11 -41.44 0.58
CA ALA E 34 -10.16 -41.17 -0.39
C ALA E 34 -11.22 -42.26 -0.43
N ASN E 35 -10.80 -43.53 -0.41
CA ASN E 35 -11.79 -44.61 -0.48
C ASN E 35 -12.72 -44.59 0.72
N ALA E 36 -12.20 -44.33 1.91
CA ALA E 36 -13.05 -44.25 3.09
C ALA E 36 -14.08 -43.13 2.94
N GLY E 37 -13.66 -41.98 2.41
CA GLY E 37 -14.60 -40.90 2.16
C GLY E 37 -15.69 -41.28 1.18
N LEU E 38 -15.32 -41.94 0.08
CA LEU E 38 -16.30 -42.33 -0.93
C LEU E 38 -17.31 -43.32 -0.37
N GLN E 39 -16.84 -44.31 0.39
CA GLN E 39 -17.77 -45.25 1.03
C GLN E 39 -18.65 -44.54 2.06
N ALA E 40 -18.07 -43.62 2.83
CA ALA E 40 -18.86 -42.84 3.77
C ALA E 40 -19.93 -42.03 3.03
N ALA E 41 -19.55 -41.42 1.91
CA ALA E 41 -20.52 -40.68 1.11
C ALA E 41 -21.61 -41.59 0.60
N LYS E 42 -21.27 -42.81 0.17
CA LYS E 42 -22.27 -43.74 -0.31
C LYS E 42 -23.23 -44.12 0.81
N ALA E 43 -22.70 -44.45 1.99
CA ALA E 43 -23.55 -44.87 3.10
C ALA E 43 -24.51 -43.76 3.52
N LEU E 44 -24.01 -42.53 3.62
CA LEU E 44 -24.88 -41.41 3.97
C LEU E 44 -25.90 -41.15 2.86
N THR E 45 -25.49 -41.25 1.60
CA THR E 45 -26.41 -41.01 0.50
C THR E 45 -27.55 -42.02 0.50
N ASP E 46 -27.22 -43.30 0.64
CA ASP E 46 -28.25 -44.34 0.62
C ASP E 46 -29.24 -44.17 1.77
N ASN E 47 -28.77 -43.68 2.91
CA ASN E 47 -29.58 -43.51 4.11
C ASN E 47 -30.07 -42.08 4.29
N ALA E 48 -30.04 -41.27 3.22
CA ALA E 48 -30.23 -39.83 3.36
C ALA E 48 -31.63 -39.50 3.89
N GLN E 49 -32.66 -40.11 3.32
CA GLN E 49 -34.02 -39.74 3.71
C GLN E 49 -34.31 -40.12 5.15
N SER E 50 -33.87 -41.31 5.58
CA SER E 50 -34.05 -41.69 6.98
C SER E 50 -33.29 -40.76 7.92
N LEU E 51 -32.07 -40.38 7.54
CA LEU E 51 -31.29 -39.48 8.39
C LEU E 51 -31.93 -38.08 8.44
N VAL E 52 -32.41 -37.59 7.31
CA VAL E 52 -32.97 -36.23 7.26
C VAL E 52 -34.26 -36.16 8.05
N ASN E 53 -35.17 -37.12 7.82
CA ASN E 53 -36.43 -37.15 8.55
C ASN E 53 -36.21 -37.38 10.03
N GLY E 54 -35.30 -38.31 10.37
CA GLY E 54 -34.98 -38.51 11.77
C GLY E 54 -34.38 -37.29 12.41
N ALA E 55 -33.49 -36.60 11.68
CA ALA E 55 -32.88 -35.39 12.21
C ALA E 55 -33.92 -34.31 12.43
N ALA E 56 -34.83 -34.12 11.48
CA ALA E 56 -35.86 -33.09 11.63
C ALA E 56 -36.74 -33.37 12.84
N GLN E 57 -37.12 -34.63 13.05
CA GLN E 57 -37.92 -34.95 14.22
C GLN E 57 -37.13 -34.78 15.51
N ALA E 58 -35.82 -35.04 15.47
CA ALA E 58 -34.98 -34.77 16.63
C ALA E 58 -35.01 -33.28 16.98
N VAL E 59 -34.97 -32.41 15.98
CA VAL E 59 -35.05 -30.98 16.23
C VAL E 59 -36.42 -30.63 16.82
N TYR E 60 -37.50 -31.14 16.21
CA TYR E 60 -38.83 -30.83 16.70
C TYR E 60 -39.03 -31.34 18.12
N ASN E 61 -38.48 -32.52 18.43
CA ASN E 61 -38.60 -33.06 19.78
C ASN E 61 -37.83 -32.19 20.79
N LYS E 62 -36.64 -31.73 20.42
CA LYS E 62 -35.83 -30.94 21.34
C LYS E 62 -36.36 -29.51 21.49
N PHE E 63 -37.00 -28.99 20.45
CA PHE E 63 -37.50 -27.61 20.43
C PHE E 63 -38.97 -27.63 20.01
N PRO E 64 -39.85 -28.11 20.90
CA PRO E 64 -41.26 -28.29 20.49
C PRO E 64 -41.94 -27.01 20.03
N TYR E 65 -41.48 -25.84 20.50
CA TYR E 65 -42.12 -24.60 20.09
C TYR E 65 -42.02 -24.34 18.60
N THR E 66 -41.02 -24.94 17.92
CA THR E 66 -40.86 -24.72 16.49
C THR E 66 -42.04 -25.29 15.71
N THR E 67 -42.67 -26.35 16.21
CA THR E 67 -43.83 -26.95 15.57
C THR E 67 -45.14 -26.46 16.15
N GLN E 68 -45.12 -25.62 17.18
CA GLN E 68 -46.31 -25.10 17.83
C GLN E 68 -46.54 -23.62 17.58
N THR E 69 -45.49 -22.86 17.26
CA THR E 69 -45.56 -21.41 17.18
C THR E 69 -45.75 -20.96 15.74
N GLN E 70 -46.74 -20.10 15.52
CA GLN E 70 -46.92 -19.48 14.22
C GLN E 70 -45.77 -18.52 13.93
N GLY E 71 -45.41 -18.44 12.68
CA GLY E 71 -44.34 -17.55 12.24
C GLY E 71 -43.63 -18.14 11.03
N ASN E 72 -43.09 -17.25 10.20
CA ASN E 72 -42.40 -17.69 8.99
C ASN E 72 -41.14 -18.48 9.31
N ASN E 73 -40.51 -18.21 10.44
CA ASN E 73 -39.27 -18.89 10.81
C ASN E 73 -39.48 -20.22 11.52
N PHE E 74 -40.72 -20.61 11.79
CA PHE E 74 -41.03 -21.82 12.53
C PHE E 74 -41.65 -22.86 11.60
N ALA E 75 -41.82 -24.07 12.14
CA ALA E 75 -42.30 -25.22 11.39
C ALA E 75 -43.67 -25.69 11.90
N ALA E 76 -44.54 -24.75 12.23
CA ALA E 76 -45.89 -25.10 12.67
C ALA E 76 -46.78 -25.55 11.52
N ASP E 77 -46.38 -25.28 10.28
CA ASP E 77 -47.12 -25.69 9.09
C ASP E 77 -46.23 -26.55 8.20
N GLN E 78 -46.84 -27.15 7.18
CA GLN E 78 -46.06 -27.97 6.26
C GLN E 78 -45.05 -27.13 5.49
N ARG E 79 -45.38 -25.87 5.20
CA ARG E 79 -44.43 -24.96 4.58
C ARG E 79 -43.14 -24.90 5.39
N GLY E 80 -43.26 -24.65 6.70
CA GLY E 80 -42.07 -24.57 7.53
C GLY E 80 -41.38 -25.90 7.67
N LYS E 81 -42.15 -26.98 7.82
CA LYS E 81 -41.54 -28.30 7.90
C LYS E 81 -40.78 -28.66 6.63
N ASP E 82 -41.35 -28.33 5.47
CA ASP E 82 -40.66 -28.59 4.22
C ASP E 82 -39.37 -27.77 4.10
N LYS E 83 -39.41 -26.51 4.53
CA LYS E 83 -38.19 -25.71 4.56
C LYS E 83 -37.15 -26.34 5.48
N CYS E 84 -37.59 -26.82 6.64
CA CYS E 84 -36.66 -27.38 7.60
C CYS E 84 -36.03 -28.68 7.09
N ALA E 85 -36.86 -29.59 6.57
CA ALA E 85 -36.34 -30.81 5.99
C ALA E 85 -35.40 -30.49 4.83
N ARG E 86 -35.75 -29.48 4.02
CA ARG E 86 -34.87 -29.05 2.94
C ARG E 86 -33.52 -28.62 3.48
N ASP E 87 -33.52 -27.76 4.50
CA ASP E 87 -32.27 -27.26 5.06
C ASP E 87 -31.41 -28.39 5.59
N ILE E 88 -32.02 -29.31 6.34
CA ILE E 88 -31.26 -30.43 6.89
C ILE E 88 -30.74 -31.30 5.76
N GLY E 89 -31.51 -31.44 4.69
CA GLY E 89 -31.03 -32.14 3.52
C GLY E 89 -29.81 -31.47 2.89
N TYR E 90 -29.80 -30.14 2.90
CA TYR E 90 -28.64 -29.42 2.38
C TYR E 90 -27.41 -29.72 3.21
N TYR E 91 -27.54 -29.73 4.54
CA TYR E 91 -26.41 -30.02 5.41
C TYR E 91 -25.85 -31.40 5.12
N LEU E 92 -26.72 -32.42 5.08
CA LEU E 92 -26.25 -33.78 4.82
C LEU E 92 -25.62 -33.90 3.45
N ARG E 93 -26.28 -33.36 2.42
CA ARG E 93 -25.78 -33.49 1.06
C ARG E 93 -24.40 -32.85 0.92
N ILE E 94 -24.24 -31.65 1.46
CA ILE E 94 -22.96 -30.96 1.32
C ILE E 94 -21.89 -31.65 2.17
N VAL E 95 -22.29 -32.33 3.25
CA VAL E 95 -21.33 -33.13 4.01
C VAL E 95 -20.80 -34.27 3.17
N THR E 96 -21.67 -34.93 2.39
CA THR E 96 -21.19 -35.98 1.51
C THR E 96 -20.22 -35.45 0.47
N TYR E 97 -20.41 -34.20 0.04
CA TYR E 97 -19.44 -33.57 -0.87
C TYR E 97 -18.08 -33.45 -0.20
N CYS E 98 -18.05 -33.08 1.09
CA CYS E 98 -16.79 -32.97 1.80
C CYS E 98 -16.09 -34.31 1.87
N LEU E 99 -16.85 -35.38 2.07
CA LEU E 99 -16.26 -36.72 2.07
C LEU E 99 -15.69 -37.06 0.70
N VAL E 100 -16.41 -36.70 -0.37
CA VAL E 100 -15.92 -36.94 -1.72
C VAL E 100 -14.69 -36.08 -1.98
N ALA E 101 -14.75 -34.80 -1.61
CA ALA E 101 -13.65 -33.89 -1.92
C ALA E 101 -12.45 -34.11 -1.01
N GLY E 102 -12.65 -34.64 0.18
CA GLY E 102 -11.58 -34.79 1.14
C GLY E 102 -11.28 -33.56 1.95
N GLY E 103 -12.24 -32.65 2.09
CA GLY E 103 -12.00 -31.45 2.88
C GLY E 103 -13.29 -30.71 3.11
N THR E 104 -13.18 -29.63 3.88
CA THR E 104 -14.34 -28.80 4.24
C THR E 104 -14.73 -27.81 3.14
N GLY E 105 -14.04 -27.83 1.99
CA GLY E 105 -14.27 -26.86 0.95
C GLY E 105 -15.73 -26.74 0.54
N PRO E 106 -16.39 -27.87 0.27
CA PRO E 106 -17.82 -27.80 -0.07
C PRO E 106 -18.67 -27.17 1.02
N LEU E 107 -18.41 -27.49 2.29
CA LEU E 107 -19.12 -26.84 3.38
C LEU E 107 -18.81 -25.35 3.43
N ASP E 108 -17.54 -25.00 3.28
CA ASP E 108 -17.15 -23.59 3.35
C ASP E 108 -17.80 -22.78 2.25
N GLU E 109 -17.77 -23.30 1.02
CA GLU E 109 -18.17 -22.51 -0.13
C GLU E 109 -19.69 -22.48 -0.30
N TYR E 110 -20.36 -23.61 -0.06
CA TYR E 110 -21.78 -23.72 -0.33
C TYR E 110 -22.65 -23.38 0.87
N LEU E 111 -22.19 -23.62 2.10
CA LEU E 111 -23.04 -23.52 3.28
C LEU E 111 -22.57 -22.53 4.31
N ILE E 112 -21.30 -22.59 4.73
CA ILE E 112 -20.90 -21.86 5.93
C ILE E 112 -20.71 -20.37 5.63
N ALA E 113 -20.14 -20.04 4.47
CA ALA E 113 -19.91 -18.64 4.13
C ALA E 113 -21.24 -17.92 4.00
N GLY E 114 -21.51 -16.98 4.91
CA GLY E 114 -22.75 -16.23 4.90
C GLY E 114 -23.88 -16.82 5.72
N ILE E 115 -23.67 -17.98 6.37
CA ILE E 115 -24.77 -18.60 7.11
C ILE E 115 -25.21 -17.74 8.28
N ASP E 116 -24.28 -17.02 8.91
CA ASP E 116 -24.65 -16.16 10.03
C ASP E 116 -25.62 -15.08 9.62
N GLU E 117 -25.39 -14.45 8.46
CA GLU E 117 -26.31 -13.43 7.98
C GLU E 117 -27.69 -14.01 7.72
N ILE E 118 -27.75 -15.20 7.13
CA ILE E 118 -29.03 -15.82 6.79
C ILE E 118 -29.83 -16.09 8.05
N ASN E 119 -29.20 -16.74 9.03
CA ASN E 119 -29.91 -17.10 10.25
C ASN E 119 -30.36 -15.86 11.00
N ARG E 120 -29.50 -14.83 11.05
CA ARG E 120 -29.90 -13.57 11.66
C ARG E 120 -31.05 -12.92 10.90
N THR E 121 -30.95 -12.87 9.57
CA THR E 121 -31.97 -12.21 8.77
C THR E 121 -33.32 -12.90 8.89
N PHE E 122 -33.32 -14.24 8.86
CA PHE E 122 -34.56 -15.02 8.84
C PHE E 122 -34.93 -15.56 10.21
N ASP E 123 -34.25 -15.13 11.27
CA ASP E 123 -34.63 -15.48 12.64
C ASP E 123 -34.60 -17.00 12.85
N LEU E 124 -33.61 -17.66 12.24
CA LEU E 124 -33.39 -19.09 12.40
C LEU E 124 -32.35 -19.31 13.49
N SER E 125 -32.61 -20.27 14.37
CA SER E 125 -31.74 -20.51 15.51
C SER E 125 -30.64 -21.49 15.12
N PRO E 126 -29.36 -21.15 15.28
CA PRO E 126 -28.32 -22.16 14.99
C PRO E 126 -28.46 -23.41 15.83
N SER E 127 -28.98 -23.31 17.05
CA SER E 127 -29.13 -24.49 17.90
C SER E 127 -30.00 -25.57 17.25
N TRP E 128 -30.97 -25.17 16.43
CA TRP E 128 -31.79 -26.14 15.71
C TRP E 128 -30.94 -27.05 14.85
N TYR E 129 -30.06 -26.45 14.04
CA TYR E 129 -29.25 -27.23 13.11
C TYR E 129 -28.18 -28.01 13.85
N VAL E 130 -27.66 -27.47 14.94
CA VAL E 130 -26.73 -28.22 15.79
C VAL E 130 -27.38 -29.53 16.23
N GLU E 131 -28.63 -29.45 16.67
CA GLU E 131 -29.34 -30.65 17.08
C GLU E 131 -29.52 -31.62 15.92
N ALA E 132 -29.84 -31.09 14.74
CA ALA E 132 -29.96 -31.94 13.55
C ALA E 132 -28.63 -32.61 13.22
N LEU E 133 -27.52 -31.86 13.29
CA LEU E 133 -26.22 -32.44 13.00
C LEU E 133 -25.84 -33.49 14.03
N LYS E 134 -26.15 -33.26 15.30
CA LYS E 134 -25.84 -34.24 16.33
C LYS E 134 -26.59 -35.54 16.10
N TYR E 135 -27.85 -35.48 15.67
CA TYR E 135 -28.58 -36.69 15.34
C TYR E 135 -27.88 -37.45 14.22
N ILE E 136 -27.43 -36.74 13.19
CA ILE E 136 -26.78 -37.40 12.06
C ILE E 136 -25.51 -38.12 12.53
N LYS E 137 -24.73 -37.46 13.40
CA LYS E 137 -23.55 -38.11 13.95
C LYS E 137 -23.92 -39.40 14.70
N ALA E 138 -24.99 -39.34 15.48
CA ALA E 138 -25.38 -40.47 16.32
C ALA E 138 -26.03 -41.60 15.55
N ASN E 139 -26.36 -41.41 14.27
CA ASN E 139 -27.20 -42.36 13.55
C ASN E 139 -26.70 -42.74 12.15
N HIS E 140 -25.57 -42.19 11.68
CA HIS E 140 -25.12 -42.57 10.35
C HIS E 140 -24.52 -43.97 10.31
N GLY E 141 -24.13 -44.52 11.46
CA GLY E 141 -23.71 -45.92 11.52
C GLY E 141 -22.35 -46.22 10.94
N LEU E 142 -21.56 -45.21 10.61
CA LEU E 142 -20.24 -45.43 10.05
C LEU E 142 -19.27 -45.94 11.11
N SER E 143 -18.13 -46.45 10.66
CA SER E 143 -17.10 -46.96 11.53
C SER E 143 -15.73 -46.62 10.95
N GLY E 144 -14.71 -46.68 11.81
CA GLY E 144 -13.35 -46.53 11.33
C GLY E 144 -13.08 -45.18 10.72
N ASP E 145 -12.28 -45.17 9.66
CA ASP E 145 -11.89 -43.90 9.03
C ASP E 145 -13.10 -43.16 8.47
N ALA E 146 -14.08 -43.91 7.94
CA ALA E 146 -15.28 -43.27 7.44
C ALA E 146 -15.99 -42.49 8.54
N ARG E 147 -16.14 -43.10 9.71
CA ARG E 147 -16.74 -42.41 10.84
C ARG E 147 -15.94 -41.16 11.21
N ASP E 148 -14.62 -41.29 11.31
CA ASP E 148 -13.81 -40.17 11.79
C ASP E 148 -13.91 -38.98 10.86
N GLU E 149 -13.81 -39.21 9.55
CA GLU E 149 -13.87 -38.09 8.61
C GLU E 149 -15.27 -37.47 8.58
N ALA E 150 -16.30 -38.32 8.52
CA ALA E 150 -17.67 -37.80 8.48
C ALA E 150 -17.96 -36.95 9.73
N ASN E 151 -17.54 -37.42 10.90
CA ASN E 151 -17.77 -36.67 12.12
C ASN E 151 -16.97 -35.37 12.16
N SER E 152 -15.81 -35.34 11.50
CA SER E 152 -15.04 -34.10 11.47
C SER E 152 -15.81 -33.01 10.74
N TYR E 153 -16.51 -33.36 9.65
CA TYR E 153 -17.29 -32.35 8.93
C TYR E 153 -18.55 -31.98 9.70
N LEU E 154 -19.21 -32.95 10.32
CA LEU E 154 -20.39 -32.64 11.11
C LEU E 154 -20.02 -31.76 12.30
N ASP E 155 -18.90 -32.06 12.95
CA ASP E 155 -18.43 -31.21 14.05
C ASP E 155 -17.94 -29.86 13.52
N TYR E 156 -17.35 -29.85 12.33
CA TYR E 156 -16.97 -28.59 11.71
C TYR E 156 -18.17 -27.68 11.52
N ALA E 157 -19.28 -28.23 11.03
CA ALA E 157 -20.50 -27.44 10.89
C ALA E 157 -21.03 -26.99 12.24
N ILE E 158 -21.02 -27.89 13.24
CA ILE E 158 -21.51 -27.51 14.56
C ILE E 158 -20.68 -26.38 15.14
N ASN E 159 -19.35 -26.47 15.00
CA ASN E 159 -18.49 -25.40 15.51
C ASN E 159 -18.76 -24.09 14.77
N ALA E 160 -18.99 -24.16 13.46
CA ALA E 160 -19.30 -22.96 12.70
C ALA E 160 -20.57 -22.29 13.20
N LEU E 161 -21.55 -23.10 13.63
CA LEU E 161 -22.80 -22.58 14.15
C LEU E 161 -22.71 -22.14 15.61
N SER E 162 -21.63 -22.45 16.30
CA SER E 162 -21.50 -22.18 17.73
C SER E 162 -20.29 -21.30 18.03
N MET F 1 -9.52 -22.90 -8.21
CA MET F 1 -9.26 -24.09 -9.07
C MET F 1 -10.07 -25.29 -8.58
N PHE F 2 -10.23 -26.28 -9.45
CA PHE F 2 -10.84 -27.56 -9.11
C PHE F 2 -9.78 -28.65 -9.20
N ASP F 3 -9.95 -29.71 -8.42
CA ASP F 3 -9.25 -30.96 -8.63
C ASP F 3 -10.25 -31.98 -9.19
N VAL F 4 -9.78 -33.21 -9.37
CA VAL F 4 -10.63 -34.23 -9.96
C VAL F 4 -11.87 -34.47 -9.11
N PHE F 5 -11.75 -34.35 -7.79
CA PHE F 5 -12.89 -34.60 -6.92
C PHE F 5 -13.84 -33.39 -6.88
N THR F 6 -13.30 -32.19 -6.65
CA THR F 6 -14.17 -31.02 -6.52
C THR F 6 -14.92 -30.72 -7.81
N ARG F 7 -14.35 -31.11 -8.96
CA ARG F 7 -15.05 -30.90 -10.23
C ARG F 7 -16.38 -31.64 -10.23
N VAL F 8 -16.39 -32.89 -9.79
CA VAL F 8 -17.63 -33.65 -9.73
C VAL F 8 -18.56 -33.05 -8.70
N VAL F 9 -18.01 -32.62 -7.56
CA VAL F 9 -18.84 -32.05 -6.50
C VAL F 9 -19.54 -30.78 -6.98
N SER F 10 -18.82 -29.92 -7.70
CA SER F 10 -19.42 -28.66 -8.14
C SER F 10 -20.58 -28.91 -9.08
N GLN F 11 -20.44 -29.87 -10.00
CA GLN F 11 -21.53 -30.18 -10.92
C GLN F 11 -22.73 -30.75 -10.16
N ALA F 12 -22.48 -31.61 -9.18
CA ALA F 12 -23.57 -32.21 -8.42
C ALA F 12 -24.32 -31.16 -7.61
N ASP F 13 -23.59 -30.22 -6.99
CA ASP F 13 -24.27 -29.20 -6.18
C ASP F 13 -25.18 -28.33 -7.03
N ALA F 14 -24.73 -27.96 -8.24
CA ALA F 14 -25.56 -27.13 -9.11
C ALA F 14 -26.87 -27.81 -9.47
N ARG F 15 -26.89 -29.14 -9.48
CA ARG F 15 -28.10 -29.91 -9.72
C ARG F 15 -28.83 -30.30 -8.43
N GLY F 16 -28.28 -29.96 -7.27
CA GLY F 16 -28.87 -30.35 -6.01
C GLY F 16 -28.97 -31.85 -5.84
N GLU F 17 -27.93 -32.58 -6.25
CA GLU F 17 -27.96 -34.04 -6.28
C GLU F 17 -26.78 -34.61 -5.51
N TYR F 18 -27.03 -35.73 -4.83
CA TYR F 18 -25.94 -36.55 -4.32
C TYR F 18 -25.20 -37.18 -5.49
N LEU F 19 -23.90 -37.40 -5.31
CA LEU F 19 -23.14 -38.13 -6.31
C LEU F 19 -23.74 -39.53 -6.48
N SER F 20 -23.93 -39.94 -7.73
CA SER F 20 -24.48 -41.26 -7.98
C SER F 20 -23.45 -42.34 -7.66
N GLY F 21 -23.93 -43.57 -7.56
CA GLY F 21 -23.01 -44.68 -7.34
C GLY F 21 -21.99 -44.80 -8.45
N SER F 22 -22.41 -44.55 -9.69
CA SER F 22 -21.48 -44.57 -10.81
C SER F 22 -20.39 -43.51 -10.65
N GLN F 23 -20.78 -42.29 -10.27
CA GLN F 23 -19.80 -41.23 -10.09
C GLN F 23 -18.82 -41.57 -8.96
N LEU F 24 -19.33 -42.13 -7.87
CA LEU F 24 -18.45 -42.56 -6.79
C LEU F 24 -17.49 -43.65 -7.27
N ASP F 25 -18.00 -44.60 -8.06
CA ASP F 25 -17.15 -45.65 -8.60
C ASP F 25 -16.09 -45.09 -9.52
N ALA F 26 -16.45 -44.09 -10.33
CA ALA F 26 -15.46 -43.46 -11.21
C ALA F 26 -14.36 -42.80 -10.41
N LEU F 27 -14.71 -42.17 -9.29
CA LEU F 27 -13.68 -41.54 -8.46
C LEU F 27 -12.83 -42.59 -7.74
N SER F 28 -13.42 -43.74 -7.39
CA SER F 28 -12.61 -44.82 -6.82
C SER F 28 -11.58 -45.31 -7.83
N ALA F 29 -11.97 -45.38 -9.10
CA ALA F 29 -11.01 -45.74 -10.14
C ALA F 29 -9.91 -44.69 -10.23
N THR F 30 -10.26 -43.42 -10.09
CA THR F 30 -9.25 -42.37 -10.07
C THR F 30 -8.29 -42.56 -8.91
N VAL F 31 -8.81 -42.92 -7.74
CA VAL F 31 -7.96 -43.16 -6.58
C VAL F 31 -7.00 -44.31 -6.87
N ALA F 32 -7.48 -45.34 -7.56
CA ALA F 32 -6.62 -46.49 -7.87
C ALA F 32 -5.44 -46.10 -8.75
N GLU F 33 -5.59 -45.05 -9.55
CA GLU F 33 -4.52 -44.55 -10.41
C GLU F 33 -3.61 -43.55 -9.70
N GLY F 34 -3.79 -43.36 -8.38
CA GLY F 34 -3.12 -42.27 -7.70
C GLY F 34 -1.60 -42.40 -7.70
N ASN F 35 -1.10 -43.60 -7.38
CA ASN F 35 0.35 -43.78 -7.31
C ASN F 35 1.01 -43.50 -8.66
N LYS F 36 0.39 -43.98 -9.75
CA LYS F 36 0.91 -43.69 -11.07
C LYS F 36 0.88 -42.20 -11.36
N ARG F 37 -0.18 -41.52 -10.93
CA ARG F 37 -0.25 -40.07 -11.08
C ARG F 37 0.90 -39.39 -10.33
N ILE F 38 1.11 -39.79 -9.08
CA ILE F 38 2.17 -39.17 -8.28
C ILE F 38 3.54 -39.42 -8.91
N ASP F 39 3.76 -40.64 -9.40
CA ASP F 39 5.04 -40.95 -10.05
C ASP F 39 5.25 -40.07 -11.27
N SER F 40 4.22 -39.88 -12.08
CA SER F 40 4.37 -39.05 -13.27
C SER F 40 4.75 -37.62 -12.90
N VAL F 41 4.10 -37.06 -11.88
CA VAL F 41 4.44 -35.71 -11.44
C VAL F 41 5.89 -35.68 -10.96
N ASN F 42 6.29 -36.66 -10.17
CA ASN F 42 7.64 -36.69 -9.64
C ASN F 42 8.67 -36.81 -10.75
N ARG F 43 8.38 -37.61 -11.76
CA ARG F 43 9.37 -37.84 -12.82
C ARG F 43 9.55 -36.60 -13.70
N ILE F 44 8.45 -35.94 -14.06
CA ILE F 44 8.59 -34.70 -14.84
C ILE F 44 9.31 -33.65 -14.03
N THR F 45 8.93 -33.50 -12.75
CA THR F 45 9.56 -32.49 -11.90
C THR F 45 11.05 -32.73 -11.76
N GLY F 46 11.45 -33.98 -11.53
CA GLY F 46 12.85 -34.29 -11.35
C GLY F 46 13.71 -33.98 -12.56
N ASN F 47 13.11 -33.94 -13.75
CA ASN F 47 13.81 -33.67 -14.99
C ASN F 47 13.43 -32.33 -15.59
N ALA F 48 12.86 -31.42 -14.79
CA ALA F 48 12.28 -30.20 -15.33
C ALA F 48 13.32 -29.35 -16.05
N SER F 49 14.49 -29.14 -15.42
CA SER F 49 15.50 -28.28 -16.03
C SER F 49 15.98 -28.85 -17.35
N ALA F 50 16.24 -30.16 -17.39
CA ALA F 50 16.66 -30.79 -18.65
C ALA F 50 15.56 -30.69 -19.70
N ILE F 51 14.31 -30.88 -19.30
CA ILE F 51 13.20 -30.82 -20.25
C ILE F 51 13.14 -29.44 -20.89
N VAL F 52 13.23 -28.39 -20.07
CA VAL F 52 13.14 -27.04 -20.60
C VAL F 52 14.35 -26.72 -21.47
N SER F 53 15.55 -26.96 -20.96
CA SER F 53 16.75 -26.55 -21.68
C SER F 53 16.91 -27.32 -22.98
N ASN F 54 16.65 -28.63 -22.96
CA ASN F 54 16.76 -29.42 -24.18
C ASN F 54 15.75 -28.98 -25.22
N ALA F 55 14.51 -28.71 -24.80
CA ALA F 55 13.49 -28.25 -25.73
C ALA F 55 13.85 -26.88 -26.31
N ALA F 56 14.37 -25.98 -25.47
CA ALA F 56 14.77 -24.66 -25.95
C ALA F 56 15.90 -24.76 -26.96
N ARG F 57 16.91 -25.58 -26.66
CA ARG F 57 18.02 -25.75 -27.59
C ARG F 57 17.52 -26.31 -28.92
N ALA F 58 16.68 -27.34 -28.85
CA ALA F 58 16.12 -27.90 -30.07
C ALA F 58 15.23 -26.90 -30.78
N LEU F 59 14.47 -26.10 -30.03
CA LEU F 59 13.62 -25.08 -30.65
C LEU F 59 14.47 -24.05 -31.40
N PHE F 60 15.50 -23.53 -30.75
CA PHE F 60 16.33 -22.51 -31.40
C PHE F 60 17.13 -23.08 -32.55
N ALA F 61 17.50 -24.37 -32.47
CA ALA F 61 18.20 -25.00 -33.59
C ALA F 61 17.32 -25.04 -34.83
N GLU F 62 16.05 -25.43 -34.66
CA GLU F 62 15.15 -25.53 -35.80
C GLU F 62 14.59 -24.20 -36.27
N GLN F 63 14.62 -23.18 -35.41
CA GLN F 63 14.07 -21.86 -35.72
C GLN F 63 15.14 -20.81 -35.38
N PRO F 64 16.22 -20.76 -36.16
CA PRO F 64 17.30 -19.82 -35.85
C PRO F 64 16.86 -18.35 -35.87
N GLN F 65 15.75 -18.02 -36.54
CA GLN F 65 15.32 -16.64 -36.59
C GLN F 65 14.96 -16.09 -35.20
N LEU F 66 14.65 -16.96 -34.25
CA LEU F 66 14.26 -16.49 -32.92
C LEU F 66 15.44 -15.83 -32.20
N ILE F 67 16.65 -16.34 -32.41
CA ILE F 67 17.81 -15.90 -31.65
C ILE F 67 18.77 -15.02 -32.46
N GLN F 68 18.52 -14.82 -33.75
CA GLN F 68 19.33 -13.88 -34.49
C GLN F 68 19.02 -12.47 -33.99
N PRO F 69 19.95 -11.52 -34.20
CA PRO F 69 19.70 -10.14 -33.72
C PRO F 69 18.40 -9.58 -34.27
N GLY F 70 17.61 -8.98 -33.37
CA GLY F 70 16.26 -8.59 -33.67
C GLY F 70 15.23 -9.68 -33.46
N GLY F 71 15.67 -10.93 -33.35
CA GLY F 71 14.77 -12.04 -33.09
C GLY F 71 14.09 -11.87 -31.76
N MEN F 72 12.93 -12.50 -31.57
CA MEN F 72 12.16 -12.25 -30.35
C MEN F 72 12.82 -12.87 -29.12
O MEN F 72 12.55 -12.47 -28.02
CB MEN F 72 10.71 -12.77 -30.48
CG MEN F 72 9.88 -12.28 -29.32
OD1 MEN F 72 9.52 -13.04 -28.42
ND2 MEN F 72 9.59 -10.98 -29.33
CE2 MEN F 72 8.94 -10.33 -28.22
H MEN F 72 12.52 -13.17 -32.21
HA MEN F 72 12.12 -11.17 -30.23
HB2 MEN F 72 10.70 -13.85 -30.54
HB3 MEN F 72 10.29 -12.44 -31.42
HD2 MEN F 72 9.84 -10.40 -30.13
HE21 MEN F 72 8.44 -9.42 -28.55
HE22 MEN F 72 9.63 -10.05 -27.43
HE23 MEN F 72 8.18 -10.96 -27.76
N ALA F 73 13.68 -13.85 -29.33
CA ALA F 73 14.43 -14.47 -28.22
C ALA F 73 15.86 -13.91 -28.08
N TYR F 74 16.16 -12.84 -28.82
CA TYR F 74 17.48 -12.24 -28.79
C TYR F 74 17.60 -11.25 -27.63
N THR F 75 18.82 -11.05 -27.15
CA THR F 75 19.14 -10.31 -25.92
C THR F 75 18.88 -11.19 -24.71
N SER F 76 19.65 -10.98 -23.64
CA SER F 76 19.57 -11.87 -22.49
C SER F 76 18.22 -11.81 -21.82
N ARG F 77 17.62 -10.61 -21.72
CA ARG F 77 16.35 -10.47 -21.04
C ARG F 77 15.26 -11.28 -21.72
N ARG F 78 15.20 -11.21 -23.05
CA ARG F 78 14.15 -11.92 -23.78
C ARG F 78 14.41 -13.42 -23.78
N MET F 79 15.67 -13.83 -23.93
CA MET F 79 16.01 -15.24 -23.79
C MET F 79 15.60 -15.75 -22.41
N ALA F 80 15.95 -15.00 -21.37
CA ALA F 80 15.58 -15.40 -20.01
C ALA F 80 14.07 -15.50 -19.85
N ALA F 81 13.33 -14.50 -20.36
CA ALA F 81 11.87 -14.56 -20.31
C ALA F 81 11.36 -15.77 -21.08
N CYS F 82 12.00 -16.08 -22.22
CA CYS F 82 11.56 -17.21 -23.01
C CYS F 82 11.76 -18.53 -22.26
N LEU F 83 12.94 -18.74 -21.70
CA LEU F 83 13.18 -19.94 -20.90
C LEU F 83 12.25 -19.98 -19.70
N ARG F 84 11.96 -18.81 -19.12
CA ARG F 84 11.01 -18.76 -18.01
C ARG F 84 9.63 -19.22 -18.45
N ASP F 85 9.18 -18.76 -19.63
CA ASP F 85 7.85 -19.13 -20.10
C ASP F 85 7.73 -20.65 -20.28
N MET F 86 8.75 -21.27 -20.85
CA MET F 86 8.77 -22.72 -20.98
C MET F 86 8.66 -23.38 -19.62
N GLU F 87 9.44 -22.91 -18.64
CA GLU F 87 9.39 -23.50 -17.31
C GLU F 87 8.04 -23.28 -16.66
N ILE F 88 7.45 -22.10 -16.87
CA ILE F 88 6.12 -21.82 -16.32
C ILE F 88 5.11 -22.83 -16.88
N ILE F 89 5.10 -23.01 -18.20
CA ILE F 89 4.11 -23.88 -18.82
C ILE F 89 4.28 -25.31 -18.33
N LEU F 90 5.53 -25.78 -18.27
CA LEU F 90 5.78 -27.13 -17.76
C LEU F 90 5.31 -27.26 -16.31
N ARG F 91 5.53 -26.22 -15.51
CA ARG F 91 5.11 -26.26 -14.10
C ARG F 91 3.60 -26.44 -13.99
N TYR F 92 2.84 -25.66 -14.76
CA TYR F 92 1.38 -25.73 -14.63
C TYR F 92 0.83 -27.02 -15.24
N VAL F 93 1.52 -27.59 -16.22
CA VAL F 93 1.13 -28.91 -16.70
C VAL F 93 1.27 -29.94 -15.59
N THR F 94 2.35 -29.86 -14.81
CA THR F 94 2.51 -30.78 -13.68
C THR F 94 1.43 -30.54 -12.63
N TYR F 95 1.06 -29.27 -12.41
CA TYR F 95 -0.05 -28.97 -11.49
C TYR F 95 -1.34 -29.65 -11.94
N ALA F 96 -1.67 -29.53 -13.22
CA ALA F 96 -2.87 -30.16 -13.74
C ALA F 96 -2.81 -31.67 -13.59
N THR F 97 -1.65 -32.25 -13.89
CA THR F 97 -1.46 -33.69 -13.70
C THR F 97 -1.67 -34.08 -12.23
N PHE F 98 -1.12 -33.28 -11.32
CA PHE F 98 -1.24 -33.57 -9.90
C PHE F 98 -2.70 -33.54 -9.45
N THR F 99 -3.43 -32.47 -9.80
CA THR F 99 -4.82 -32.35 -9.38
C THR F 99 -5.76 -33.22 -10.19
N GLY F 100 -5.37 -33.62 -11.40
CA GLY F 100 -6.29 -34.35 -12.26
C GLY F 100 -7.36 -33.49 -12.88
N ASP F 101 -7.16 -32.17 -12.94
CA ASP F 101 -8.10 -31.27 -13.56
C ASP F 101 -7.33 -30.14 -14.25
N ALA F 102 -7.80 -29.74 -15.42
CA ALA F 102 -7.10 -28.74 -16.23
C ALA F 102 -7.31 -27.32 -15.73
N SER F 103 -8.17 -27.10 -14.74
CA SER F 103 -8.57 -25.74 -14.36
C SER F 103 -7.37 -24.91 -13.94
N VAL F 104 -6.45 -25.48 -13.17
CA VAL F 104 -5.29 -24.71 -12.72
C VAL F 104 -4.45 -24.26 -13.92
N LEU F 105 -4.24 -25.16 -14.88
CA LEU F 105 -3.49 -24.80 -16.07
C LEU F 105 -4.22 -23.74 -16.89
N GLU F 106 -5.52 -23.93 -17.09
CA GLU F 106 -6.30 -22.99 -17.90
C GLU F 106 -6.39 -21.62 -17.23
N ASP F 107 -6.79 -21.59 -15.96
CA ASP F 107 -7.11 -20.32 -15.30
C ASP F 107 -5.86 -19.51 -15.03
N ARG F 108 -4.79 -20.15 -14.57
CA ARG F 108 -3.63 -19.43 -14.05
C ARG F 108 -2.52 -19.22 -15.07
N CYS F 109 -2.47 -20.04 -16.12
CA CYS F 109 -1.38 -19.98 -17.10
C CYS F 109 -1.86 -19.66 -18.50
N LEU F 110 -2.83 -20.42 -19.03
CA LEU F 110 -3.18 -20.29 -20.45
C LEU F 110 -4.18 -19.17 -20.73
N ASN F 111 -5.07 -18.87 -19.80
CA ASN F 111 -6.03 -17.80 -20.04
C ASN F 111 -5.31 -16.47 -20.19
N GLY F 112 -5.54 -15.80 -21.33
CA GLY F 112 -4.90 -14.55 -21.62
C GLY F 112 -3.52 -14.68 -22.26
N LEU F 113 -2.99 -15.88 -22.40
CA LEU F 113 -1.60 -16.02 -22.83
C LEU F 113 -1.43 -15.70 -24.30
N ARG F 114 -2.35 -16.17 -25.15
CA ARG F 114 -2.27 -15.82 -26.56
C ARG F 114 -2.36 -14.31 -26.76
N GLU F 115 -3.26 -13.67 -26.01
CA GLU F 115 -3.40 -12.22 -26.11
C GLU F 115 -2.13 -11.51 -25.67
N THR F 116 -1.49 -12.00 -24.60
CA THR F 116 -0.21 -11.43 -24.19
C THR F 116 0.82 -11.54 -25.30
N TYR F 117 0.94 -12.73 -25.90
CA TYR F 117 1.96 -12.94 -26.92
C TYR F 117 1.67 -12.11 -28.17
N VAL F 118 0.41 -12.05 -28.61
CA VAL F 118 0.10 -11.23 -29.78
C VAL F 118 0.35 -9.76 -29.47
N ALA F 119 0.03 -9.32 -28.25
CA ALA F 119 0.23 -7.93 -27.89
C ALA F 119 1.70 -7.56 -27.90
N LEU F 120 2.56 -8.45 -27.40
CA LEU F 120 3.98 -8.18 -27.24
C LEU F 120 4.84 -8.69 -28.39
N GLY F 121 4.23 -9.27 -29.43
CA GLY F 121 5.00 -9.76 -30.55
C GLY F 121 5.69 -11.09 -30.34
N VAL F 122 5.35 -11.82 -29.28
CA VAL F 122 5.93 -13.15 -29.08
C VAL F 122 5.33 -14.11 -30.11
N PRO F 123 6.13 -14.83 -30.90
CA PRO F 123 5.52 -15.76 -31.86
C PRO F 123 4.91 -16.97 -31.18
N GLY F 124 3.57 -16.99 -31.09
CA GLY F 124 2.90 -18.08 -30.39
C GLY F 124 3.13 -19.44 -31.03
N ALA F 125 3.23 -19.48 -32.36
CA ALA F 125 3.47 -20.74 -33.04
C ALA F 125 4.81 -21.35 -32.63
N SER F 126 5.82 -20.51 -32.44
CA SER F 126 7.11 -20.99 -31.95
C SER F 126 6.99 -21.50 -30.52
N VAL F 127 6.22 -20.81 -29.67
CA VAL F 127 5.99 -21.28 -28.32
C VAL F 127 5.33 -22.67 -28.35
N ALA F 128 4.35 -22.84 -29.25
CA ALA F 128 3.70 -24.14 -29.39
C ALA F 128 4.70 -25.23 -29.76
N ALA F 129 5.62 -24.92 -30.67
CA ALA F 129 6.64 -25.89 -31.04
C ALA F 129 7.51 -26.26 -29.85
N GLY F 130 7.87 -25.27 -29.02
CA GLY F 130 8.63 -25.56 -27.82
C GLY F 130 7.86 -26.43 -26.84
N VAL F 131 6.55 -26.19 -26.72
CA VAL F 131 5.73 -27.00 -25.83
C VAL F 131 5.67 -28.44 -26.32
N GLN F 132 5.55 -28.62 -27.64
CA GLN F 132 5.53 -29.97 -28.20
C GLN F 132 6.83 -30.72 -27.90
N LYS F 133 7.96 -30.03 -28.00
CA LYS F 133 9.23 -30.67 -27.66
C LYS F 133 9.26 -31.07 -26.19
N MET F 134 8.79 -30.19 -25.30
CA MET F 134 8.70 -30.56 -23.89
C MET F 134 7.75 -31.73 -23.69
N LYS F 135 6.63 -31.74 -24.41
CA LYS F 135 5.69 -32.86 -24.33
C LYS F 135 6.38 -34.18 -24.64
N GLU F 136 7.13 -34.23 -25.74
CA GLU F 136 7.78 -35.47 -26.15
C GLU F 136 8.75 -35.95 -25.08
N ALA F 137 9.59 -35.05 -24.57
CA ALA F 137 10.57 -35.44 -23.57
C ALA F 137 9.89 -35.86 -22.26
N ALA F 138 8.88 -35.10 -21.84
CA ALA F 138 8.20 -35.41 -20.59
C ALA F 138 7.52 -36.78 -20.65
N LEU F 139 6.83 -37.08 -21.74
CA LEU F 139 6.14 -38.36 -21.86
C LEU F 139 7.13 -39.52 -21.87
N ASP F 140 8.26 -39.35 -22.57
CA ASP F 140 9.28 -40.40 -22.55
C ASP F 140 9.82 -40.63 -21.15
N ILE F 141 10.02 -39.56 -20.39
CA ILE F 141 10.48 -39.67 -19.01
C ILE F 141 9.44 -40.42 -18.17
N VAL F 142 8.16 -40.09 -18.35
CA VAL F 142 7.11 -40.74 -17.59
C VAL F 142 7.05 -42.23 -17.93
N ASN F 143 7.21 -42.57 -19.20
CA ASN F 143 7.05 -43.94 -19.67
C ASN F 143 8.26 -44.83 -19.42
N ASP F 144 9.35 -44.29 -18.90
CA ASP F 144 10.56 -45.07 -18.73
C ASP F 144 10.30 -46.23 -17.77
N PRO F 145 10.46 -47.50 -18.16
CA PRO F 145 10.10 -48.59 -17.25
C PRO F 145 11.17 -48.93 -16.22
N ASN F 146 12.35 -48.32 -16.30
CA ASN F 146 13.42 -48.66 -15.38
C ASN F 146 13.20 -48.06 -14.01
N GLY F 147 13.54 -48.83 -12.97
CA GLY F 147 13.54 -48.32 -11.61
C GLY F 147 12.18 -47.92 -11.08
N ILE F 148 11.14 -48.69 -11.39
CA ILE F 148 9.79 -48.38 -10.96
C ILE F 148 8.96 -49.64 -11.06
N THR F 149 7.93 -49.74 -10.21
CA THR F 149 7.02 -50.88 -10.26
C THR F 149 6.29 -50.89 -11.60
N ARG F 150 6.42 -52.00 -12.33
CA ARG F 150 5.86 -52.09 -13.67
C ARG F 150 4.33 -52.06 -13.63
N GLY F 151 3.75 -51.39 -14.62
CA GLY F 151 2.31 -51.35 -14.76
C GLY F 151 1.94 -50.49 -15.94
N ASP F 152 0.63 -50.33 -16.13
CA ASP F 152 0.07 -49.65 -17.29
C ASP F 152 -0.23 -48.20 -16.93
N CYS F 153 0.56 -47.27 -17.48
CA CYS F 153 0.38 -45.84 -17.27
C CYS F 153 -0.20 -45.14 -18.49
N SER F 154 -0.82 -45.88 -19.40
CA SER F 154 -1.30 -45.29 -20.64
C SER F 154 -2.37 -44.22 -20.37
N ALA F 155 -3.27 -44.48 -19.43
CA ALA F 155 -4.31 -43.51 -19.12
C ALA F 155 -3.71 -42.22 -18.57
N ILE F 156 -2.74 -42.33 -17.66
CA ILE F 156 -2.09 -41.14 -17.12
C ILE F 156 -1.32 -40.42 -18.21
N VAL F 157 -0.60 -41.17 -19.05
CA VAL F 157 0.17 -40.55 -20.12
C VAL F 157 -0.76 -39.84 -21.11
N ALA F 158 -1.90 -40.46 -21.41
CA ALA F 158 -2.88 -39.81 -22.28
C ALA F 158 -3.38 -38.51 -21.66
N GLU F 159 -3.65 -38.53 -20.35
CA GLU F 159 -4.10 -37.31 -19.68
C GLU F 159 -3.03 -36.22 -19.73
N ILE F 160 -1.78 -36.58 -19.47
CA ILE F 160 -0.71 -35.59 -19.49
C ILE F 160 -0.54 -35.01 -20.89
N ALA F 161 -0.61 -35.86 -21.91
CA ALA F 161 -0.49 -35.38 -23.29
C ALA F 161 -1.58 -34.37 -23.60
N GLY F 162 -2.79 -34.58 -23.08
CA GLY F 162 -3.86 -33.63 -23.30
C GLY F 162 -3.55 -32.25 -22.73
N TYR F 163 -2.97 -32.21 -21.54
CA TYR F 163 -2.60 -30.92 -20.94
C TYR F 163 -1.54 -30.21 -21.78
N PHE F 164 -0.55 -30.95 -22.26
CA PHE F 164 0.44 -30.35 -23.17
C PHE F 164 -0.23 -29.88 -24.45
N ASP F 165 -1.15 -30.67 -25.00
CA ASP F 165 -1.84 -30.28 -26.21
C ASP F 165 -2.66 -29.01 -26.00
N ARG F 166 -3.34 -28.90 -24.86
CA ARG F 166 -4.08 -27.67 -24.57
C ARG F 166 -3.14 -26.49 -24.47
N ALA F 167 -1.99 -26.67 -23.82
CA ALA F 167 -1.01 -25.59 -23.73
C ALA F 167 -0.52 -25.17 -25.10
N ALA F 168 -0.22 -26.15 -25.97
CA ALA F 168 0.23 -25.82 -27.32
C ALA F 168 -0.86 -25.10 -28.10
N ALA F 169 -2.11 -25.57 -27.97
CA ALA F 169 -3.21 -24.93 -28.68
C ALA F 169 -3.50 -23.54 -28.14
N ALA F 170 -3.34 -23.35 -26.82
CA ALA F 170 -3.69 -22.07 -26.21
C ALA F 170 -2.82 -20.94 -26.75
N VAL F 171 -1.52 -21.20 -26.90
CA VAL F 171 -0.60 -20.14 -27.33
C VAL F 171 -0.59 -19.95 -28.84
N ALA F 172 -1.09 -20.91 -29.59
CA ALA F 172 -1.13 -20.83 -31.05
C ALA F 172 -2.57 -20.78 -31.55
N MET G 1 20.71 18.29 -0.85
CA MET G 1 20.57 19.45 -1.77
C MET G 1 20.75 19.00 -3.22
N LYS G 2 20.00 19.60 -4.13
CA LYS G 2 20.11 19.26 -5.55
C LYS G 2 21.40 19.86 -6.11
N THR G 3 22.37 19.00 -6.39
CA THR G 3 23.58 19.35 -7.12
C THR G 3 23.93 18.18 -8.01
N PRO G 4 24.80 18.37 -9.00
CA PRO G 4 25.18 17.24 -9.87
C PRO G 4 25.75 16.06 -9.11
N LEU G 5 26.59 16.30 -8.11
CA LEU G 5 27.24 15.19 -7.40
C LEU G 5 26.24 14.47 -6.52
N THR G 6 25.44 15.21 -5.76
CA THR G 6 24.45 14.58 -4.89
C THR G 6 23.37 13.87 -5.72
N GLU G 7 22.95 14.47 -6.82
CA GLU G 7 21.97 13.82 -7.69
C GLU G 7 22.53 12.53 -8.26
N ALA G 8 23.81 12.54 -8.66
CA ALA G 8 24.40 11.34 -9.23
C ALA G 8 24.39 10.17 -8.24
N VAL G 9 24.76 10.44 -6.99
CA VAL G 9 24.77 9.38 -5.99
C VAL G 9 23.35 8.97 -5.63
N SER G 10 22.43 9.94 -5.54
CA SER G 10 21.05 9.63 -5.21
C SER G 10 20.45 8.67 -6.23
N THR G 11 20.68 8.94 -7.52
CA THR G 11 20.16 8.06 -8.56
C THR G 11 20.82 6.68 -8.47
N ALA G 12 22.14 6.64 -8.33
CA ALA G 12 22.84 5.36 -8.25
C ALA G 12 22.39 4.58 -7.02
N ASP G 13 22.28 5.25 -5.88
CA ASP G 13 21.86 4.57 -4.66
C ASP G 13 20.45 3.99 -4.79
N SER G 14 19.53 4.75 -5.37
CA SER G 14 18.17 4.28 -5.55
C SER G 14 18.13 3.03 -6.43
N GLN G 15 19.11 2.88 -7.32
CA GLN G 15 19.23 1.70 -8.16
C GLN G 15 20.14 0.64 -7.54
N GLY G 16 20.69 0.88 -6.35
CA GLY G 16 21.60 -0.08 -5.74
C GLY G 16 22.84 -0.33 -6.57
N ARG G 17 23.34 0.69 -7.25
CA ARG G 17 24.40 0.55 -8.25
C ARG G 17 25.67 1.25 -7.82
N PHE G 18 26.80 0.67 -8.19
CA PHE G 18 28.06 1.40 -8.15
C PHE G 18 28.01 2.53 -9.18
N LEU G 19 28.78 3.57 -8.92
CA LEU G 19 28.87 4.67 -9.88
C LEU G 19 29.53 4.19 -11.15
N SER G 20 28.96 4.58 -12.28
CA SER G 20 29.43 4.16 -13.59
C SER G 20 29.88 5.38 -14.39
N SER G 21 30.22 5.14 -15.66
CA SER G 21 30.67 6.23 -16.53
C SER G 21 29.65 7.35 -16.61
N THR G 22 28.36 7.02 -16.48
CA THR G 22 27.33 8.05 -16.47
C THR G 22 27.57 9.05 -15.35
N GLU G 23 27.76 8.55 -14.12
CA GLU G 23 27.99 9.44 -12.99
C GLU G 23 29.35 10.13 -13.08
N LEU G 24 30.36 9.45 -13.64
CA LEU G 24 31.65 10.10 -13.83
C LEU G 24 31.52 11.29 -14.76
N GLN G 25 30.75 11.15 -15.84
CA GLN G 25 30.52 12.27 -16.74
C GLN G 25 29.82 13.41 -16.02
N ILE G 26 28.89 13.09 -15.12
CA ILE G 26 28.25 14.14 -14.32
C ILE G 26 29.30 14.89 -13.52
N ALA G 27 30.26 14.17 -12.94
CA ALA G 27 31.34 14.82 -12.20
C ALA G 27 32.17 15.73 -13.10
N PHE G 28 32.49 15.26 -14.30
CA PHE G 28 33.27 16.09 -15.22
C PHE G 28 32.49 17.34 -15.61
N GLY G 29 31.18 17.22 -15.79
CA GLY G 29 30.37 18.40 -16.01
C GLY G 29 30.46 19.39 -14.87
N ARG G 30 30.38 18.90 -13.63
CA ARG G 30 30.53 19.77 -12.47
C ARG G 30 31.88 20.45 -12.48
N LEU G 31 32.95 19.71 -12.75
CA LEU G 31 34.29 20.29 -12.76
C LEU G 31 34.43 21.34 -13.86
N ARG G 32 33.79 21.12 -15.02
CA ARG G 32 33.82 22.12 -16.07
C ARG G 32 33.21 23.43 -15.59
N GLN G 33 32.14 23.34 -14.80
CA GLN G 33 31.39 24.52 -14.36
C GLN G 33 31.96 25.16 -13.10
N ALA G 34 32.68 24.39 -12.26
CA ALA G 34 32.88 24.81 -10.87
C ALA G 34 33.63 26.13 -10.76
N ASN G 35 34.73 26.28 -11.52
CA ASN G 35 35.54 27.48 -11.38
C ASN G 35 34.78 28.73 -11.81
N ALA G 36 34.00 28.63 -12.89
CA ALA G 36 33.19 29.78 -13.31
C ALA G 36 32.16 30.12 -12.24
N GLY G 37 31.57 29.11 -11.62
CA GLY G 37 30.63 29.37 -10.54
C GLY G 37 31.29 30.04 -9.35
N LEU G 38 32.47 29.57 -8.96
CA LEU G 38 33.16 30.17 -7.83
C LEU G 38 33.55 31.61 -8.12
N GLN G 39 34.02 31.90 -9.34
CA GLN G 39 34.33 33.28 -9.70
C GLN G 39 33.08 34.14 -9.65
N ALA G 40 31.95 33.61 -10.16
CA ALA G 40 30.69 34.35 -10.09
C ALA G 40 30.30 34.63 -8.65
N ALA G 41 30.43 33.63 -7.78
CA ALA G 41 30.12 33.85 -6.37
C ALA G 41 30.98 34.94 -5.77
N LYS G 42 32.29 34.92 -6.07
CA LYS G 42 33.19 35.96 -5.59
C LYS G 42 32.75 37.34 -6.10
N ALA G 43 32.45 37.44 -7.40
CA ALA G 43 32.09 38.74 -7.96
C ALA G 43 30.82 39.29 -7.35
N LEU G 44 29.80 38.44 -7.18
CA LEU G 44 28.56 38.89 -6.57
C LEU G 44 28.78 39.30 -5.11
N THR G 45 29.56 38.49 -4.38
CA THR G 45 29.80 38.79 -2.97
C THR G 45 30.52 40.13 -2.81
N ASP G 46 31.56 40.37 -3.62
CA ASP G 46 32.31 41.62 -3.52
C ASP G 46 31.45 42.82 -3.89
N ASN G 47 30.46 42.63 -4.74
CA ASN G 47 29.60 43.71 -5.22
C ASN G 47 28.23 43.68 -4.53
N ALA G 48 28.10 42.91 -3.45
CA ALA G 48 26.79 42.60 -2.89
C ALA G 48 26.09 43.85 -2.37
N GLN G 49 26.81 44.69 -1.63
CA GLN G 49 26.16 45.85 -1.01
C GLN G 49 25.58 46.78 -2.06
N SER G 50 26.34 47.04 -3.14
CA SER G 50 25.83 47.87 -4.22
C SER G 50 24.66 47.20 -4.92
N LEU G 51 24.74 45.89 -5.15
CA LEU G 51 23.63 45.19 -5.80
C LEU G 51 22.38 45.21 -4.95
N VAL G 52 22.52 44.96 -3.65
CA VAL G 52 21.34 44.90 -2.78
C VAL G 52 20.67 46.26 -2.70
N ASN G 53 21.45 47.31 -2.44
CA ASN G 53 20.85 48.64 -2.34
C ASN G 53 20.30 49.09 -3.68
N GLY G 54 21.02 48.84 -4.77
CA GLY G 54 20.51 49.18 -6.09
C GLY G 54 19.22 48.46 -6.41
N ALA G 55 19.15 47.17 -6.08
CA ALA G 55 17.93 46.39 -6.33
C ALA G 55 16.77 46.92 -5.49
N ALA G 56 17.02 47.22 -4.22
CA ALA G 56 15.96 47.76 -3.37
C ALA G 56 15.41 49.07 -3.94
N GLN G 57 16.30 49.96 -4.37
CA GLN G 57 15.85 51.22 -4.96
C GLN G 57 15.10 50.97 -6.26
N ALA G 58 15.52 49.96 -7.04
CA ALA G 58 14.78 49.61 -8.25
C ALA G 58 13.35 49.21 -7.92
N VAL G 59 13.18 48.42 -6.85
CA VAL G 59 11.85 48.04 -6.41
C VAL G 59 11.05 49.27 -5.98
N TYR G 60 11.67 50.15 -5.21
CA TYR G 60 10.98 51.35 -4.75
C TYR G 60 10.60 52.25 -5.93
N ASN G 61 11.49 52.36 -6.93
CA ASN G 61 11.17 53.15 -8.10
C ASN G 61 10.00 52.55 -8.88
N LYS G 62 10.01 51.22 -9.06
CA LYS G 62 8.95 50.59 -9.84
C LYS G 62 7.63 50.55 -9.09
N PHE G 63 7.67 50.50 -7.76
CA PHE G 63 6.48 50.38 -6.92
C PHE G 63 6.52 51.47 -5.86
N PRO G 64 6.33 52.73 -6.26
CA PRO G 64 6.48 53.83 -5.28
C PRO G 64 5.54 53.75 -4.10
N TYR G 65 4.40 53.07 -4.22
CA TYR G 65 3.50 52.93 -3.08
C TYR G 65 4.16 52.19 -1.92
N THR G 66 5.17 51.36 -2.19
CA THR G 66 5.81 50.61 -1.13
C THR G 66 6.52 51.52 -0.14
N THR G 67 6.96 52.70 -0.58
CA THR G 67 7.65 53.65 0.28
C THR G 67 6.78 54.80 0.75
N GLN G 68 5.50 54.82 0.37
CA GLN G 68 4.58 55.88 0.75
C GLN G 68 3.39 55.41 1.56
N THR G 69 3.13 54.11 1.62
CA THR G 69 1.92 53.57 2.23
C THR G 69 2.26 52.97 3.58
N GLN G 70 1.50 53.36 4.60
CA GLN G 70 1.69 52.80 5.93
C GLN G 70 1.23 51.35 5.98
N GLY G 71 1.93 50.54 6.74
CA GLY G 71 1.58 49.15 6.91
C GLY G 71 2.82 48.33 7.21
N ASN G 72 2.61 47.24 7.95
CA ASN G 72 3.72 46.36 8.33
C ASN G 72 4.38 45.74 7.11
N ASN G 73 3.64 45.55 6.03
CA ASN G 73 4.16 44.88 4.84
C ASN G 73 4.86 45.83 3.87
N PHE G 74 4.87 47.13 4.14
CA PHE G 74 5.45 48.12 3.23
C PHE G 74 6.71 48.72 3.84
N ALA G 75 7.42 49.48 3.00
CA ALA G 75 8.72 50.05 3.33
C ALA G 75 8.65 51.58 3.42
N ALA G 76 7.56 52.10 3.98
CA ALA G 76 7.43 53.54 4.15
C ALA G 76 8.33 54.07 5.26
N ASP G 77 8.63 53.24 6.26
CA ASP G 77 9.48 53.60 7.37
C ASP G 77 10.82 52.88 7.27
N GLN G 78 11.75 53.24 8.15
CA GLN G 78 13.06 52.60 8.14
C GLN G 78 12.96 51.12 8.50
N ARG G 79 12.02 50.76 9.35
CA ARG G 79 11.81 49.35 9.69
C ARG G 79 11.55 48.54 8.42
N GLY G 80 10.59 48.97 7.61
CA GLY G 80 10.24 48.20 6.42
C GLY G 80 11.35 48.20 5.39
N LYS G 81 12.06 49.32 5.26
CA LYS G 81 13.19 49.37 4.32
C LYS G 81 14.28 48.39 4.74
N ASP G 82 14.56 48.30 6.04
CA ASP G 82 15.56 47.36 6.53
C ASP G 82 15.14 45.92 6.25
N LYS G 83 13.87 45.60 6.49
CA LYS G 83 13.38 44.27 6.15
C LYS G 83 13.55 44.00 4.66
N CYS G 84 13.25 44.98 3.82
CA CYS G 84 13.31 44.78 2.39
C CYS G 84 14.75 44.54 1.93
N ALA G 85 15.67 45.41 2.35
CA ALA G 85 17.08 45.21 1.99
C ALA G 85 17.59 43.88 2.52
N ARG G 86 17.11 43.46 3.69
CA ARG G 86 17.47 42.16 4.22
C ARG G 86 17.01 41.04 3.29
N ASP G 87 15.74 41.06 2.88
CA ASP G 87 15.21 40.01 2.01
C ASP G 87 15.97 39.94 0.70
N ILE G 88 16.25 41.09 0.09
CA ILE G 88 16.99 41.11 -1.17
C ILE G 88 18.39 40.55 -0.95
N GLY G 89 19.00 40.87 0.20
CA GLY G 89 20.29 40.30 0.53
C GLY G 89 20.23 38.79 0.65
N TYR G 90 19.15 38.26 1.24
CA TYR G 90 18.98 36.81 1.33
C TYR G 90 18.96 36.19 -0.05
N TYR G 91 18.18 36.78 -0.98
CA TYR G 91 18.13 36.26 -2.33
C TYR G 91 19.51 36.23 -2.97
N LEU G 92 20.24 37.35 -2.88
CA LEU G 92 21.55 37.43 -3.50
C LEU G 92 22.52 36.45 -2.86
N ARG G 93 22.53 36.38 -1.52
CA ARG G 93 23.45 35.49 -0.83
C ARG G 93 23.17 34.03 -1.21
N ILE G 94 21.90 33.64 -1.19
CA ILE G 94 21.57 32.25 -1.49
C ILE G 94 21.87 31.93 -2.95
N VAL G 95 21.78 32.93 -3.84
CA VAL G 95 22.18 32.71 -5.23
C VAL G 95 23.67 32.39 -5.30
N THR G 96 24.49 33.11 -4.53
CA THR G 96 25.91 32.79 -4.50
C THR G 96 26.14 31.36 -4.03
N TYR G 97 25.33 30.90 -3.08
CA TYR G 97 25.43 29.50 -2.66
C TYR G 97 25.15 28.55 -3.83
N CYS G 98 24.16 28.88 -4.66
CA CYS G 98 23.85 28.03 -5.81
C CYS G 98 25.05 27.96 -6.75
N LEU G 99 25.71 29.09 -6.99
CA LEU G 99 26.90 29.09 -7.83
C LEU G 99 28.01 28.25 -7.21
N VAL G 100 28.16 28.34 -5.88
CA VAL G 100 29.12 27.49 -5.20
C VAL G 100 28.70 26.02 -5.31
N ALA G 101 27.44 25.72 -5.02
CA ALA G 101 26.97 24.34 -5.05
C ALA G 101 26.82 23.80 -6.45
N GLY G 102 26.64 24.67 -7.45
CA GLY G 102 26.41 24.21 -8.80
C GLY G 102 25.02 23.65 -9.02
N GLY G 103 24.03 24.13 -8.27
CA GLY G 103 22.66 23.69 -8.45
C GLY G 103 21.72 24.56 -7.67
N THR G 104 20.43 24.36 -7.92
CA THR G 104 19.39 25.13 -7.24
C THR G 104 19.13 24.67 -5.81
N GLY G 105 19.89 23.70 -5.32
CA GLY G 105 19.70 23.15 -4.00
C GLY G 105 19.54 24.21 -2.91
N PRO G 106 20.55 25.08 -2.76
CA PRO G 106 20.45 26.12 -1.73
C PRO G 106 19.21 26.99 -1.86
N LEU G 107 18.83 27.36 -3.09
CA LEU G 107 17.59 28.10 -3.27
C LEU G 107 16.39 27.25 -2.89
N ASP G 108 16.38 25.98 -3.29
CA ASP G 108 15.24 25.12 -3.01
C ASP G 108 14.99 25.00 -1.51
N GLU G 109 16.06 24.80 -0.73
CA GLU G 109 15.90 24.43 0.66
C GLU G 109 15.85 25.65 1.58
N TYR G 110 16.60 26.70 1.28
CA TYR G 110 16.66 27.87 2.17
C TYR G 110 15.62 28.93 1.84
N LEU G 111 15.26 29.10 0.57
CA LEU G 111 14.39 30.20 0.14
C LEU G 111 13.09 29.74 -0.49
N ILE G 112 13.15 28.88 -1.51
CA ILE G 112 11.96 28.65 -2.33
C ILE G 112 10.91 27.86 -1.55
N ALA G 113 11.32 26.81 -0.84
CA ALA G 113 10.36 25.99 -0.10
C ALA G 113 9.71 26.80 1.00
N GLY G 114 8.42 27.09 0.85
CA GLY G 114 7.67 27.86 1.82
C GLY G 114 7.54 29.33 1.51
N ILE G 115 8.13 29.82 0.42
CA ILE G 115 8.08 31.24 0.12
C ILE G 115 6.66 31.69 -0.19
N ASP G 116 5.86 30.82 -0.82
CA ASP G 116 4.50 31.21 -1.17
C ASP G 116 3.66 31.49 0.07
N GLU G 117 3.78 30.64 1.09
CA GLU G 117 3.03 30.85 2.32
C GLU G 117 3.49 32.12 3.03
N ILE G 118 4.80 32.39 3.03
CA ILE G 118 5.31 33.60 3.67
C ILE G 118 4.74 34.83 2.98
N ASN G 119 4.82 34.88 1.66
CA ASN G 119 4.36 36.06 0.94
C ASN G 119 2.86 36.27 1.12
N ARG G 120 2.09 35.18 1.11
CA ARG G 120 0.66 35.29 1.39
C ARG G 120 0.43 35.74 2.83
N THR G 121 1.12 35.11 3.77
CA THR G 121 0.86 35.37 5.19
C THR G 121 1.18 36.81 5.56
N PHE G 122 2.31 37.33 5.09
CA PHE G 122 2.76 38.66 5.43
C PHE G 122 2.44 39.69 4.35
N ASP G 123 1.64 39.32 3.35
CA ASP G 123 1.11 40.26 2.37
C ASP G 123 2.23 40.95 1.59
N LEU G 124 3.19 40.15 1.13
CA LEU G 124 4.31 40.63 0.34
C LEU G 124 4.09 40.24 -1.12
N SER G 125 4.23 41.19 -2.03
CA SER G 125 3.99 40.90 -3.43
C SER G 125 5.20 40.19 -4.04
N PRO G 126 5.01 39.03 -4.68
CA PRO G 126 6.15 38.42 -5.39
C PRO G 126 6.72 39.31 -6.49
N SER G 127 5.90 40.21 -7.04
CA SER G 127 6.39 41.11 -8.08
C SER G 127 7.52 42.00 -7.57
N TRP G 128 7.49 42.35 -6.28
CA TRP G 128 8.56 43.16 -5.71
C TRP G 128 9.91 42.47 -5.87
N TYR G 129 9.97 41.18 -5.52
CA TYR G 129 11.23 40.45 -5.57
C TYR G 129 11.62 40.09 -6.99
N VAL G 130 10.64 39.95 -7.88
CA VAL G 130 10.94 39.74 -9.30
C VAL G 130 11.72 40.93 -9.85
N GLU G 131 11.27 42.14 -9.54
CA GLU G 131 11.97 43.34 -10.00
C GLU G 131 13.36 43.43 -9.38
N ALA G 132 13.50 43.07 -8.11
CA ALA G 132 14.82 43.06 -7.49
C ALA G 132 15.74 42.08 -8.18
N LEU G 133 15.24 40.88 -8.48
CA LEU G 133 16.05 39.89 -9.18
C LEU G 133 16.40 40.35 -10.59
N LYS G 134 15.46 41.01 -11.28
CA LYS G 134 15.77 41.53 -12.61
C LYS G 134 16.88 42.57 -12.54
N TYR G 135 16.85 43.43 -11.53
CA TYR G 135 17.92 44.41 -11.38
C TYR G 135 19.27 43.71 -11.20
N ILE G 136 19.31 42.67 -10.37
CA ILE G 136 20.56 41.96 -10.13
C ILE G 136 21.06 41.35 -11.44
N LYS G 137 20.15 40.79 -12.23
CA LYS G 137 20.54 40.21 -13.52
C LYS G 137 21.20 41.25 -14.41
N ALA G 138 20.65 42.45 -14.45
CA ALA G 138 21.14 43.49 -15.36
C ALA G 138 22.39 44.20 -14.85
N ASN G 139 22.81 43.95 -13.60
CA ASN G 139 23.85 44.76 -12.99
C ASN G 139 24.99 43.97 -12.36
N HIS G 140 24.94 42.63 -12.35
CA HIS G 140 26.03 41.91 -11.72
C HIS G 140 27.31 41.93 -12.55
N GLY G 141 27.22 42.31 -13.83
CA GLY G 141 28.42 42.51 -14.63
C GLY G 141 29.14 41.25 -15.04
N LEU G 142 28.57 40.08 -14.81
CA LEU G 142 29.22 38.84 -15.18
C LEU G 142 29.16 38.63 -16.69
N SER G 143 29.98 37.69 -17.17
CA SER G 143 30.00 37.31 -18.58
C SER G 143 30.30 35.83 -18.68
N GLY G 144 30.06 35.27 -19.87
CA GLY G 144 30.40 33.89 -20.14
C GLY G 144 29.61 32.92 -19.26
N ASP G 145 30.28 31.83 -18.89
CA ASP G 145 29.62 30.79 -18.10
C ASP G 145 29.17 31.31 -16.74
N ALA G 146 29.95 32.23 -16.15
CA ALA G 146 29.55 32.82 -14.88
C ALA G 146 28.21 33.53 -15.01
N ARG G 147 28.04 34.31 -16.09
CA ARG G 147 26.78 34.99 -16.33
C ARG G 147 25.64 33.99 -16.54
N ASP G 148 25.88 32.98 -17.37
CA ASP G 148 24.80 32.07 -17.73
C ASP G 148 24.30 31.28 -16.53
N GLU G 149 25.22 30.79 -15.70
CA GLU G 149 24.80 30.03 -14.53
C GLU G 149 24.10 30.92 -13.52
N ALA G 150 24.65 32.10 -13.26
CA ALA G 150 24.03 33.01 -12.30
C ALA G 150 22.63 33.42 -12.76
N ASN G 151 22.50 33.78 -14.03
CA ASN G 151 21.19 34.18 -14.54
C ASN G 151 20.21 33.03 -14.49
N SER G 152 20.68 31.78 -14.63
CA SER G 152 19.80 30.64 -14.51
C SER G 152 19.20 30.55 -13.10
N TYR G 153 20.00 30.84 -12.07
CA TYR G 153 19.48 30.81 -10.71
C TYR G 153 18.58 31.99 -10.43
N LEU G 154 18.95 33.18 -10.92
CA LEU G 154 18.07 34.33 -10.77
C LEU G 154 16.75 34.11 -11.48
N ASP G 155 16.80 33.55 -12.69
CA ASP G 155 15.57 33.21 -13.42
C ASP G 155 14.78 32.12 -12.70
N TYR G 156 15.48 31.14 -12.12
CA TYR G 156 14.81 30.11 -11.37
C TYR G 156 14.00 30.69 -10.23
N ALA G 157 14.58 31.65 -9.50
CA ALA G 157 13.83 32.34 -8.46
C ALA G 157 12.68 33.15 -9.05
N ILE G 158 12.92 33.82 -10.17
CA ILE G 158 11.85 34.59 -10.81
C ILE G 158 10.71 33.67 -11.22
N ASN G 159 11.03 32.52 -11.81
CA ASN G 159 10.00 31.58 -12.23
C ASN G 159 9.21 31.05 -11.03
N ALA G 160 9.90 30.79 -9.91
CA ALA G 160 9.21 30.31 -8.72
C ALA G 160 8.21 31.34 -8.20
N LEU G 161 8.58 32.62 -8.29
CA LEU G 161 7.72 33.70 -7.81
C LEU G 161 6.57 34.01 -8.76
N SER G 162 6.60 33.51 -9.99
CA SER G 162 5.62 33.86 -11.02
C SER G 162 4.89 32.63 -11.55
N MET H 1 21.58 14.48 1.47
CA MET H 1 23.04 14.34 1.70
C MET H 1 23.77 15.62 1.27
N PHE H 2 25.01 15.75 1.73
CA PHE H 2 25.89 16.85 1.33
C PHE H 2 27.01 16.32 0.45
N ASP H 3 27.54 17.21 -0.38
CA ASP H 3 28.82 17.00 -1.05
C ASP H 3 29.82 18.01 -0.50
N VAL H 4 31.03 18.00 -1.04
CA VAL H 4 32.08 18.88 -0.53
C VAL H 4 31.65 20.34 -0.66
N PHE H 5 30.97 20.68 -1.75
CA PHE H 5 30.54 22.06 -1.96
C PHE H 5 29.40 22.44 -1.02
N THR H 6 28.38 21.59 -0.93
CA THR H 6 27.19 21.95 -0.16
C THR H 6 27.40 21.87 1.35
N ARG H 7 28.43 21.13 1.78
CA ARG H 7 28.79 21.14 3.19
C ARG H 7 29.19 22.54 3.63
N VAL H 8 30.04 23.20 2.84
CA VAL H 8 30.49 24.55 3.18
C VAL H 8 29.34 25.54 3.08
N VAL H 9 28.48 25.37 2.08
CA VAL H 9 27.33 26.25 1.90
C VAL H 9 26.44 26.21 3.13
N SER H 10 26.11 24.99 3.59
CA SER H 10 25.19 24.85 4.72
C SER H 10 25.76 25.51 5.97
N GLN H 11 27.07 25.38 6.19
CA GLN H 11 27.68 26.05 7.33
C GLN H 11 27.67 27.57 7.16
N ALA H 12 27.74 28.06 5.91
CA ALA H 12 27.71 29.49 5.67
C ALA H 12 26.31 30.06 5.88
N ASP H 13 25.28 29.36 5.41
CA ASP H 13 23.92 29.85 5.59
C ASP H 13 23.55 29.92 7.06
N ALA H 14 23.98 28.94 7.85
CA ALA H 14 23.69 28.94 9.28
C ALA H 14 24.26 30.18 9.96
N ARG H 15 25.34 30.74 9.42
CA ARG H 15 25.90 31.99 9.92
C ARG H 15 25.41 33.21 9.17
N GLY H 16 24.63 33.03 8.10
CA GLY H 16 24.17 34.16 7.31
C GLY H 16 25.29 34.92 6.62
N GLU H 17 26.34 34.24 6.19
CA GLU H 17 27.51 34.88 5.61
C GLU H 17 27.76 34.36 4.21
N TYR H 18 28.25 35.25 3.35
CA TYR H 18 28.82 34.84 2.09
C TYR H 18 30.07 34.02 2.34
N LEU H 19 30.34 33.06 1.45
CA LEU H 19 31.60 32.34 1.53
C LEU H 19 32.77 33.31 1.43
N SER H 20 33.74 33.15 2.33
CA SER H 20 34.91 34.01 2.32
C SER H 20 35.81 33.68 1.14
N GLY H 21 36.74 34.59 0.85
CA GLY H 21 37.69 34.34 -0.21
C GLY H 21 38.52 33.09 0.03
N SER H 22 38.91 32.86 1.29
CA SER H 22 39.66 31.65 1.61
C SER H 22 38.83 30.41 1.38
N GLN H 23 37.55 30.45 1.75
CA GLN H 23 36.66 29.30 1.53
C GLN H 23 36.47 29.03 0.04
N LEU H 24 36.30 30.09 -0.76
CA LEU H 24 36.17 29.90 -2.20
C LEU H 24 37.45 29.35 -2.79
N ASP H 25 38.61 29.84 -2.34
CA ASP H 25 39.88 29.33 -2.84
C ASP H 25 40.08 27.87 -2.45
N ALA H 26 39.67 27.50 -1.22
CA ALA H 26 39.77 26.10 -0.81
C ALA H 26 38.91 25.20 -1.70
N LEU H 27 37.72 25.65 -2.06
CA LEU H 27 36.88 24.87 -2.96
C LEU H 27 37.47 24.83 -4.37
N SER H 28 38.16 25.88 -4.78
CA SER H 28 38.87 25.83 -6.07
C SER H 28 39.96 24.77 -6.04
N ALA H 29 40.69 24.67 -4.94
CA ALA H 29 41.70 23.61 -4.81
C ALA H 29 41.04 22.24 -4.89
N THR H 30 39.86 22.09 -4.30
CA THR H 30 39.12 20.83 -4.42
C THR H 30 38.79 20.54 -5.87
N VAL H 31 38.36 21.55 -6.63
CA VAL H 31 38.07 21.36 -8.04
C VAL H 31 39.31 20.90 -8.78
N ALA H 32 40.47 21.45 -8.44
CA ALA H 32 41.71 21.08 -9.11
C ALA H 32 42.08 19.63 -8.87
N GLU H 33 41.57 19.01 -7.81
CA GLU H 33 41.79 17.59 -7.53
C GLU H 33 40.70 16.70 -8.11
N GLY H 34 39.75 17.27 -8.87
CA GLY H 34 38.57 16.52 -9.26
C GLY H 34 38.88 15.32 -10.13
N ASN H 35 39.82 15.46 -11.06
CA ASN H 35 40.16 14.33 -11.93
C ASN H 35 40.70 13.16 -11.13
N LYS H 36 41.60 13.44 -10.18
CA LYS H 36 42.11 12.37 -9.33
C LYS H 36 40.99 11.71 -8.54
N ARG H 37 40.05 12.51 -8.04
CA ARG H 37 38.90 11.95 -7.33
C ARG H 37 38.09 11.03 -8.24
N ILE H 38 37.87 11.45 -9.49
CA ILE H 38 37.08 10.62 -10.40
C ILE H 38 37.83 9.35 -10.75
N ASP H 39 39.15 9.43 -10.95
CA ASP H 39 39.94 8.24 -11.22
C ASP H 39 39.88 7.26 -10.05
N SER H 40 39.95 7.78 -8.82
CA SER H 40 39.91 6.90 -7.66
C SER H 40 38.59 6.14 -7.57
N VAL H 41 37.48 6.83 -7.82
CA VAL H 41 36.18 6.16 -7.83
C VAL H 41 36.13 5.12 -8.95
N ASN H 42 36.63 5.48 -10.13
CA ASN H 42 36.59 4.56 -11.26
C ASN H 42 37.39 3.30 -10.98
N ARG H 43 38.56 3.46 -10.36
CA ARG H 43 39.43 2.30 -10.12
C ARG H 43 38.83 1.36 -9.08
N ILE H 44 38.29 1.90 -7.99
CA ILE H 44 37.65 1.06 -6.98
C ILE H 44 36.46 0.34 -7.59
N THR H 45 35.62 1.08 -8.34
CA THR H 45 34.44 0.48 -8.92
C THR H 45 34.80 -0.62 -9.91
N GLY H 46 35.81 -0.37 -10.76
CA GLY H 46 36.20 -1.35 -11.75
C GLY H 46 36.72 -2.65 -11.16
N ASN H 47 37.20 -2.61 -9.91
CA ASN H 47 37.70 -3.80 -9.22
C ASN H 47 36.81 -4.22 -8.06
N ALA H 48 35.55 -3.79 -8.07
CA ALA H 48 34.69 -3.96 -6.90
C ALA H 48 34.50 -5.44 -6.55
N SER H 49 34.22 -6.28 -7.55
CA SER H 49 33.99 -7.69 -7.27
C SER H 49 35.24 -8.35 -6.72
N ALA H 50 36.40 -8.06 -7.30
CA ALA H 50 37.64 -8.63 -6.81
C ALA H 50 37.95 -8.16 -5.39
N ILE H 51 37.67 -6.89 -5.10
CA ILE H 51 37.93 -6.35 -3.76
C ILE H 51 37.09 -7.08 -2.74
N VAL H 52 35.80 -7.27 -3.04
CA VAL H 52 34.90 -7.92 -2.08
C VAL H 52 35.27 -9.39 -1.92
N SER H 53 35.48 -10.10 -3.04
CA SER H 53 35.73 -11.54 -2.96
C SER H 53 37.08 -11.85 -2.33
N ASN H 54 38.11 -11.08 -2.68
CA ASN H 54 39.42 -11.30 -2.07
C ASN H 54 39.38 -11.01 -0.57
N ALA H 55 38.70 -9.91 -0.18
CA ALA H 55 38.59 -9.59 1.23
C ALA H 55 37.79 -10.65 1.98
N ALA H 56 36.69 -11.12 1.39
CA ALA H 56 35.91 -12.17 2.04
C ALA H 56 36.73 -13.44 2.21
N ARG H 57 37.46 -13.84 1.16
CA ARG H 57 38.29 -15.03 1.27
C ARG H 57 39.35 -14.87 2.35
N ALA H 58 40.02 -13.71 2.38
CA ALA H 58 41.02 -13.48 3.41
C ALA H 58 40.41 -13.49 4.80
N LEU H 59 39.21 -12.91 4.94
CA LEU H 59 38.55 -12.87 6.24
C LEU H 59 38.24 -14.27 6.75
N PHE H 60 37.59 -15.09 5.91
CA PHE H 60 37.19 -16.41 6.37
C PHE H 60 38.40 -17.30 6.64
N ALA H 61 39.50 -17.09 5.91
CA ALA H 61 40.72 -17.83 6.19
C ALA H 61 41.28 -17.48 7.56
N GLU H 62 41.28 -16.20 7.92
CA GLU H 62 41.80 -15.77 9.21
C GLU H 62 40.83 -16.05 10.35
N GLN H 63 39.52 -16.08 10.07
CA GLN H 63 38.49 -16.29 11.08
C GLN H 63 37.61 -17.46 10.64
N PRO H 64 38.15 -18.68 10.66
CA PRO H 64 37.39 -19.83 10.15
C PRO H 64 36.14 -20.14 10.96
N GLN H 65 36.00 -19.60 12.18
CA GLN H 65 34.79 -19.83 12.95
C GLN H 65 33.56 -19.29 12.22
N LEU H 66 33.74 -18.25 11.40
CA LEU H 66 32.61 -17.63 10.71
C LEU H 66 31.90 -18.61 9.78
N ILE H 67 32.64 -19.53 9.16
CA ILE H 67 32.09 -20.40 8.12
C ILE H 67 31.96 -21.84 8.55
N GLN H 68 32.42 -22.21 9.74
CA GLN H 68 32.15 -23.54 10.24
C GLN H 68 30.66 -23.67 10.56
N PRO H 69 30.12 -24.88 10.60
CA PRO H 69 28.70 -25.04 10.94
C PRO H 69 28.36 -24.36 12.25
N GLY H 70 27.25 -23.63 12.25
CA GLY H 70 26.88 -22.77 13.36
C GLY H 70 27.49 -21.38 13.30
N GLY H 71 28.50 -21.17 12.46
CA GLY H 71 29.08 -19.85 12.29
C GLY H 71 28.07 -18.90 11.68
N MEN H 72 28.31 -17.61 11.82
CA MEN H 72 27.33 -16.62 11.33
C MEN H 72 27.39 -16.44 9.82
O MEN H 72 26.48 -15.93 9.23
CB MEN H 72 27.52 -15.26 12.02
CG MEN H 72 26.36 -14.33 11.72
OD1 MEN H 72 26.50 -13.32 11.04
ND2 MEN H 72 25.18 -14.69 12.23
CE2 MEN H 72 23.97 -13.94 11.99
H MEN H 72 29.14 -17.20 12.24
HA MEN H 72 26.34 -17.01 11.60
HB2 MEN H 72 28.46 -14.81 11.72
HB3 MEN H 72 27.60 -15.40 13.10
HD2 MEN H 72 25.10 -15.51 12.81
HE21 MEN H 72 23.33 -13.92 12.88
HE22 MEN H 72 23.37 -14.37 11.18
HE23 MEN H 72 24.16 -12.90 11.71
N ALA H 73 28.49 -16.87 9.20
CA ALA H 73 28.61 -16.86 7.73
C ALA H 73 28.36 -18.24 7.12
N TYR H 74 27.88 -19.17 7.92
CA TYR H 74 27.57 -20.52 7.46
C TYR H 74 26.15 -20.57 6.91
N THR H 75 25.95 -21.49 5.96
CA THR H 75 24.74 -21.59 5.11
C THR H 75 24.82 -20.59 3.98
N SER H 76 24.13 -20.88 2.88
CA SER H 76 24.22 -20.01 1.70
C SER H 76 23.49 -18.69 1.92
N ARG H 77 22.38 -18.72 2.66
CA ARG H 77 21.64 -17.49 2.93
C ARG H 77 22.52 -16.48 3.65
N ARG H 78 23.22 -16.92 4.70
CA ARG H 78 24.01 -16.00 5.50
C ARG H 78 25.28 -15.60 4.77
N MET H 79 25.92 -16.54 4.08
CA MET H 79 27.11 -16.19 3.31
C MET H 79 26.76 -15.18 2.22
N ALA H 80 25.64 -15.38 1.54
CA ALA H 80 25.18 -14.41 0.55
C ALA H 80 24.91 -13.05 1.19
N ALA H 81 24.27 -13.05 2.36
CA ALA H 81 24.03 -11.79 3.05
C ALA H 81 25.35 -11.14 3.46
N CYS H 82 26.33 -11.94 3.85
CA CYS H 82 27.61 -11.39 4.27
C CYS H 82 28.33 -10.73 3.09
N LEU H 83 28.41 -11.43 1.96
CA LEU H 83 29.05 -10.85 0.78
C LEU H 83 28.32 -9.59 0.33
N ARG H 84 26.99 -9.60 0.38
CA ARG H 84 26.21 -8.43 0.04
C ARG H 84 26.59 -7.25 0.92
N ASP H 85 26.73 -7.49 2.24
CA ASP H 85 27.06 -6.40 3.15
C ASP H 85 28.40 -5.77 2.81
N MET H 86 29.40 -6.59 2.49
CA MET H 86 30.70 -6.04 2.12
C MET H 86 30.59 -5.17 0.87
N GLU H 87 29.83 -5.62 -0.11
CA GLU H 87 29.65 -4.84 -1.33
C GLU H 87 28.90 -3.54 -1.03
N ILE H 88 27.91 -3.58 -0.14
CA ILE H 88 27.18 -2.38 0.22
C ILE H 88 28.13 -1.36 0.84
N ILE H 89 28.94 -1.81 1.80
CA ILE H 89 29.84 -0.88 2.50
C ILE H 89 30.83 -0.28 1.52
N LEU H 90 31.39 -1.12 0.64
CA LEU H 90 32.29 -0.61 -0.39
C LEU H 90 31.57 0.39 -1.30
N ARG H 91 30.33 0.07 -1.69
CA ARG H 91 29.59 0.95 -2.58
C ARG H 91 29.43 2.34 -1.96
N TYR H 92 29.05 2.41 -0.69
CA TYR H 92 28.85 3.69 -0.04
C TYR H 92 30.18 4.41 0.21
N VAL H 93 31.26 3.68 0.43
CA VAL H 93 32.57 4.32 0.53
C VAL H 93 32.90 5.04 -0.77
N THR H 94 32.62 4.40 -1.92
CA THR H 94 32.85 5.07 -3.20
C THR H 94 31.94 6.28 -3.36
N TYR H 95 30.69 6.18 -2.88
CA TYR H 95 29.80 7.33 -2.93
C TYR H 95 30.40 8.52 -2.19
N ALA H 96 30.90 8.28 -0.98
CA ALA H 96 31.49 9.35 -0.18
C ALA H 96 32.72 9.91 -0.87
N THR H 97 33.53 9.04 -1.49
CA THR H 97 34.67 9.51 -2.26
C THR H 97 34.23 10.39 -3.41
N PHE H 98 33.17 9.97 -4.12
CA PHE H 98 32.65 10.73 -5.25
C PHE H 98 32.18 12.11 -4.83
N THR H 99 31.44 12.19 -3.72
CA THR H 99 30.90 13.48 -3.26
C THR H 99 31.89 14.28 -2.43
N GLY H 100 32.96 13.65 -1.94
CA GLY H 100 33.86 14.34 -1.04
C GLY H 100 33.28 14.65 0.32
N ASP H 101 32.25 13.92 0.74
CA ASP H 101 31.63 14.12 2.04
C ASP H 101 31.15 12.78 2.56
N ALA H 102 31.31 12.57 3.87
CA ALA H 102 30.96 11.29 4.48
C ALA H 102 29.48 11.15 4.79
N SER H 103 28.66 12.18 4.53
CA SER H 103 27.27 12.16 4.96
C SER H 103 26.50 11.00 4.35
N VAL H 104 26.69 10.75 3.05
CA VAL H 104 25.95 9.66 2.41
C VAL H 104 26.32 8.32 3.03
N LEU H 105 27.61 8.12 3.32
CA LEU H 105 28.03 6.91 4.00
C LEU H 105 27.44 6.83 5.41
N GLU H 106 27.53 7.92 6.16
CA GLU H 106 27.07 7.90 7.54
C GLU H 106 25.54 7.80 7.62
N ASP H 107 24.84 8.62 6.82
CA ASP H 107 23.39 8.69 6.95
C ASP H 107 22.71 7.41 6.51
N ARG H 108 23.12 6.85 5.38
CA ARG H 108 22.38 5.77 4.74
C ARG H 108 22.90 4.38 5.10
N CYS H 109 24.17 4.25 5.47
CA CYS H 109 24.80 2.95 5.69
C CYS H 109 25.18 2.72 7.14
N LEU H 110 25.97 3.61 7.74
CA LEU H 110 26.56 3.31 9.04
C LEU H 110 25.61 3.57 10.20
N ASN H 111 24.75 4.57 10.09
CA ASN H 111 23.85 4.90 11.19
C ASN H 111 22.86 3.76 11.42
N GLY H 112 22.94 3.13 12.59
CA GLY H 112 22.13 1.98 12.91
C GLY H 112 22.76 0.64 12.59
N LEU H 113 23.93 0.62 11.95
CA LEU H 113 24.51 -0.66 11.55
C LEU H 113 25.04 -1.44 12.74
N ARG H 114 25.63 -0.75 13.73
CA ARG H 114 26.06 -1.44 14.93
C ARG H 114 24.87 -2.11 15.61
N GLU H 115 23.75 -1.39 15.73
CA GLU H 115 22.58 -1.94 16.40
C GLU H 115 21.96 -3.07 15.60
N THR H 116 21.97 -2.94 14.27
CA THR H 116 21.46 -4.02 13.43
C THR H 116 22.24 -5.30 13.64
N TYR H 117 23.57 -5.22 13.58
CA TYR H 117 24.38 -6.43 13.71
C TYR H 117 24.28 -7.02 15.11
N VAL H 118 24.19 -6.17 16.14
CA VAL H 118 24.02 -6.67 17.49
C VAL H 118 22.69 -7.42 17.60
N ALA H 119 21.62 -6.86 17.01
CA ALA H 119 20.32 -7.52 17.06
C ALA H 119 20.36 -8.86 16.34
N LEU H 120 20.99 -8.90 15.17
CA LEU H 120 21.05 -10.11 14.36
C LEU H 120 22.07 -11.13 14.86
N GLY H 121 22.94 -10.75 15.79
CA GLY H 121 24.04 -11.60 16.17
C GLY H 121 25.19 -11.63 15.18
N VAL H 122 25.21 -10.71 14.23
CA VAL H 122 26.34 -10.61 13.31
C VAL H 122 27.58 -10.16 14.09
N PRO H 123 28.74 -10.81 13.95
CA PRO H 123 29.92 -10.32 14.68
C PRO H 123 30.48 -9.05 14.09
N GLY H 124 30.26 -7.92 14.77
CA GLY H 124 30.67 -6.63 14.21
C GLY H 124 32.18 -6.52 14.06
N ALA H 125 32.93 -7.06 15.00
CA ALA H 125 34.39 -7.01 14.90
C ALA H 125 34.87 -7.72 13.64
N SER H 126 34.23 -8.84 13.28
CA SER H 126 34.61 -9.55 12.06
C SER H 126 34.30 -8.71 10.82
N VAL H 127 33.18 -7.98 10.84
CA VAL H 127 32.88 -7.09 9.73
C VAL H 127 33.97 -6.04 9.59
N ALA H 128 34.40 -5.47 10.72
CA ALA H 128 35.46 -4.47 10.69
C ALA H 128 36.74 -5.05 10.08
N ALA H 129 37.07 -6.30 10.43
CA ALA H 129 38.22 -6.95 9.81
C ALA H 129 38.04 -7.07 8.30
N GLY H 130 36.84 -7.42 7.86
CA GLY H 130 36.59 -7.49 6.43
C GLY H 130 36.67 -6.13 5.76
N VAL H 131 36.11 -5.10 6.41
CA VAL H 131 36.21 -3.74 5.87
C VAL H 131 37.67 -3.32 5.77
N GLN H 132 38.47 -3.64 6.79
CA GLN H 132 39.89 -3.28 6.76
C GLN H 132 40.59 -3.97 5.59
N LYS H 133 40.25 -5.22 5.31
CA LYS H 133 40.85 -5.91 4.18
C LYS H 133 40.45 -5.25 2.86
N MET H 134 39.19 -4.84 2.73
CA MET H 134 38.79 -4.12 1.53
C MET H 134 39.56 -2.81 1.42
N LYS H 135 39.80 -2.14 2.54
CA LYS H 135 40.53 -0.87 2.53
C LYS H 135 41.90 -1.04 1.89
N GLU H 136 42.68 -2.02 2.37
CA GLU H 136 44.05 -2.16 1.86
C GLU H 136 44.05 -2.46 0.36
N ALA H 137 43.17 -3.36 -0.08
CA ALA H 137 43.11 -3.69 -1.50
C ALA H 137 42.71 -2.48 -2.34
N ALA H 138 41.68 -1.75 -1.88
CA ALA H 138 41.21 -0.60 -2.64
C ALA H 138 42.29 0.48 -2.71
N LEU H 139 42.95 0.78 -1.59
CA LEU H 139 43.97 1.83 -1.60
C LEU H 139 45.13 1.45 -2.50
N ASP H 140 45.53 0.18 -2.49
CA ASP H 140 46.54 -0.29 -3.44
C ASP H 140 46.07 -0.10 -4.88
N ILE H 141 44.80 -0.42 -5.16
CA ILE H 141 44.27 -0.24 -6.51
C ILE H 141 44.29 1.23 -6.89
N VAL H 142 43.86 2.11 -5.99
CA VAL H 142 43.83 3.54 -6.29
C VAL H 142 45.24 4.05 -6.57
N ASN H 143 46.23 3.54 -5.85
CA ASN H 143 47.60 4.04 -5.93
C ASN H 143 48.40 3.44 -7.09
N ASP H 144 47.83 2.51 -7.84
CA ASP H 144 48.60 1.82 -8.87
C ASP H 144 49.10 2.82 -9.92
N PRO H 145 50.40 2.94 -10.15
CA PRO H 145 50.89 3.96 -11.09
C PRO H 145 50.71 3.61 -12.56
N ASN H 146 50.29 2.38 -12.88
CA ASN H 146 50.25 1.94 -14.27
C ASN H 146 48.99 2.44 -14.98
N GLY H 147 49.16 2.82 -16.24
CA GLY H 147 48.02 3.16 -17.09
C GLY H 147 47.24 4.37 -16.66
N ILE H 148 47.93 5.43 -16.20
CA ILE H 148 47.27 6.62 -15.71
C ILE H 148 48.27 7.76 -15.72
N THR H 149 47.77 8.99 -15.88
CA THR H 149 48.63 10.16 -15.81
C THR H 149 49.24 10.27 -14.42
N ARG H 150 50.56 10.43 -14.37
CA ARG H 150 51.27 10.38 -13.09
C ARG H 150 51.03 11.65 -12.29
N GLY H 151 50.92 11.49 -10.98
CA GLY H 151 50.78 12.61 -10.07
C GLY H 151 50.59 12.11 -8.67
N ASP H 152 50.38 13.06 -7.76
CA ASP H 152 50.30 12.78 -6.34
C ASP H 152 48.83 12.65 -5.93
N CYS H 153 48.43 11.45 -5.53
CA CYS H 153 47.09 11.19 -5.05
C CYS H 153 47.03 10.91 -3.55
N SER H 154 48.06 11.33 -2.81
CA SER H 154 48.12 11.02 -1.39
C SER H 154 46.95 11.65 -0.63
N ALA H 155 46.55 12.86 -1.02
CA ALA H 155 45.43 13.51 -0.36
C ALA H 155 44.12 12.76 -0.60
N ILE H 156 43.89 12.35 -1.85
CA ILE H 156 42.68 11.59 -2.15
C ILE H 156 42.71 10.24 -1.45
N VAL H 157 43.87 9.58 -1.47
CA VAL H 157 44.00 8.27 -0.82
C VAL H 157 43.76 8.39 0.67
N ALA H 158 44.29 9.44 1.30
CA ALA H 158 44.04 9.66 2.72
C ALA H 158 42.55 9.85 3.00
N GLU H 159 41.88 10.62 2.13
CA GLU H 159 40.44 10.82 2.30
C GLU H 159 39.69 9.50 2.19
N ILE H 160 40.04 8.67 1.21
CA ILE H 160 39.38 7.38 1.04
C ILE H 160 39.64 6.50 2.26
N ALA H 161 40.88 6.50 2.76
CA ALA H 161 41.21 5.72 3.94
C ALA H 161 40.35 6.16 5.13
N GLY H 162 40.08 7.46 5.23
CA GLY H 162 39.22 7.94 6.30
C GLY H 162 37.81 7.36 6.23
N TYR H 163 37.25 7.30 5.02
CA TYR H 163 35.91 6.75 4.89
C TYR H 163 35.87 5.27 5.24
N PHE H 164 36.89 4.51 4.83
CA PHE H 164 36.97 3.11 5.23
C PHE H 164 37.06 3.00 6.76
N ASP H 165 37.84 3.88 7.37
CA ASP H 165 37.97 3.87 8.82
C ASP H 165 36.64 4.16 9.49
N ARG H 166 35.87 5.10 8.94
CA ARG H 166 34.54 5.37 9.46
C ARG H 166 33.68 4.11 9.42
N ALA H 167 33.73 3.37 8.31
CA ALA H 167 32.93 2.16 8.19
C ALA H 167 33.37 1.10 9.19
N ALA H 168 34.68 0.89 9.32
CA ALA H 168 35.17 -0.11 10.26
C ALA H 168 34.80 0.24 11.69
N ALA H 169 34.91 1.52 12.05
CA ALA H 169 34.57 1.94 13.40
C ALA H 169 33.09 1.76 13.69
N ALA H 170 32.23 1.95 12.69
CA ALA H 170 30.79 1.97 12.92
C ALA H 170 30.24 0.56 13.15
N VAL H 171 30.77 -0.44 12.43
CA VAL H 171 30.21 -1.78 12.52
C VAL H 171 30.49 -2.40 13.88
N ALA H 172 31.68 -2.16 14.42
CA ALA H 172 32.09 -2.75 15.69
C ALA H 172 31.59 -1.91 16.87
N MET I 1 10.57 -23.61 7.25
CA MET I 1 10.94 -24.76 6.37
C MET I 1 9.73 -25.29 5.61
N LYS I 2 9.97 -25.78 4.40
CA LYS I 2 8.94 -26.46 3.63
C LYS I 2 8.93 -27.92 4.06
N THR I 3 8.01 -28.26 4.95
CA THR I 3 7.71 -29.64 5.30
C THR I 3 6.19 -29.77 5.39
N PRO I 4 5.66 -30.99 5.24
CA PRO I 4 4.19 -31.13 5.26
C PRO I 4 3.54 -30.58 6.52
N LEU I 5 4.15 -30.79 7.68
CA LEU I 5 3.51 -30.39 8.93
C LEU I 5 3.57 -28.86 9.11
N THR I 6 4.73 -28.26 8.85
CA THR I 6 4.84 -26.82 9.03
C THR I 6 4.01 -26.05 8.00
N GLU I 7 4.04 -26.48 6.74
CA GLU I 7 3.25 -25.82 5.72
C GLU I 7 1.75 -25.98 5.97
N ALA I 8 1.34 -27.15 6.46
CA ALA I 8 -0.06 -27.35 6.80
C ALA I 8 -0.52 -26.35 7.87
N VAL I 9 0.30 -26.15 8.90
CA VAL I 9 -0.06 -25.23 9.97
C VAL I 9 0.00 -23.79 9.48
N SER I 10 1.06 -23.43 8.76
CA SER I 10 1.20 -22.05 8.32
C SER I 10 0.07 -21.65 7.39
N THR I 11 -0.36 -22.56 6.51
CA THR I 11 -1.48 -22.28 5.63
C THR I 11 -2.77 -22.09 6.43
N ALA I 12 -3.03 -23.00 7.37
CA ALA I 12 -4.22 -22.88 8.20
C ALA I 12 -4.18 -21.59 9.02
N ASP I 13 -3.01 -21.24 9.55
CA ASP I 13 -2.89 -20.02 10.33
C ASP I 13 -3.16 -18.79 9.47
N SER I 14 -2.64 -18.77 8.24
CA SER I 14 -2.89 -17.65 7.34
C SER I 14 -4.38 -17.49 7.06
N GLN I 15 -5.11 -18.60 7.03
CA GLN I 15 -6.55 -18.58 6.86
C GLN I 15 -7.30 -18.42 8.18
N GLY I 16 -6.60 -18.43 9.32
CA GLY I 16 -7.25 -18.29 10.60
C GLY I 16 -8.09 -19.47 11.01
N ARG I 17 -7.80 -20.66 10.47
CA ARG I 17 -8.64 -21.83 10.66
C ARG I 17 -7.96 -22.83 11.59
N PHE I 18 -8.79 -23.56 12.34
CA PHE I 18 -8.32 -24.77 12.98
C PHE I 18 -7.90 -25.79 11.92
N LEU I 19 -7.06 -26.73 12.33
CA LEU I 19 -6.72 -27.83 11.44
C LEU I 19 -7.96 -28.68 11.18
N SER I 20 -8.16 -29.04 9.92
CA SER I 20 -9.33 -29.81 9.50
C SER I 20 -8.87 -31.12 8.87
N SER I 21 -9.82 -31.86 8.30
CA SER I 21 -9.50 -33.15 7.70
C SER I 21 -8.45 -33.03 6.61
N THR I 22 -8.38 -31.88 5.93
CA THR I 22 -7.34 -31.67 4.94
C THR I 22 -5.96 -31.77 5.59
N GLU I 23 -5.75 -31.03 6.67
CA GLU I 23 -4.44 -31.05 7.32
C GLU I 23 -4.15 -32.40 7.96
N LEU I 24 -5.18 -33.08 8.47
CA LEU I 24 -4.96 -34.41 9.03
C LEU I 24 -4.48 -35.39 7.96
N GLN I 25 -5.04 -35.29 6.76
CA GLN I 25 -4.57 -36.12 5.66
C GLN I 25 -3.11 -35.84 5.34
N ILE I 26 -2.71 -34.57 5.40
CA ILE I 26 -1.30 -34.23 5.20
C ILE I 26 -0.44 -34.95 6.24
N ALA I 27 -0.89 -34.98 7.49
CA ALA I 27 -0.16 -35.71 8.52
C ALA I 27 -0.07 -37.19 8.20
N PHE I 28 -1.17 -37.79 7.74
CA PHE I 28 -1.14 -39.20 7.38
C PHE I 28 -0.17 -39.45 6.23
N GLY I 29 -0.14 -38.55 5.25
CA GLY I 29 0.86 -38.65 4.21
C GLY I 29 2.28 -38.62 4.75
N ARG I 30 2.54 -37.73 5.71
CA ARG I 30 3.85 -37.67 6.34
C ARG I 30 4.16 -38.98 7.06
N LEU I 31 3.20 -39.51 7.80
CA LEU I 31 3.44 -40.75 8.55
C LEU I 31 3.67 -41.93 7.60
N ARG I 32 2.99 -41.94 6.45
CA ARG I 32 3.25 -42.98 5.46
C ARG I 32 4.70 -42.91 4.96
N GLN I 33 5.30 -41.73 4.96
CA GLN I 33 6.60 -41.50 4.36
C GLN I 33 7.76 -41.57 5.33
N ALA I 34 7.52 -41.27 6.62
CA ALA I 34 8.61 -40.90 7.51
C ALA I 34 9.62 -42.03 7.70
N ASN I 35 9.14 -43.27 7.89
CA ASN I 35 10.06 -44.36 8.19
C ASN I 35 11.02 -44.60 7.03
N ALA I 36 10.51 -44.57 5.79
CA ALA I 36 11.40 -44.72 4.64
C ALA I 36 12.41 -43.58 4.59
N GLY I 37 11.97 -42.37 4.94
CA GLY I 37 12.91 -41.25 4.99
C GLY I 37 13.97 -41.44 6.04
N LEU I 38 13.57 -41.87 7.24
CA LEU I 38 14.54 -42.10 8.30
C LEU I 38 15.48 -43.24 7.94
N GLN I 39 14.95 -44.30 7.32
CA GLN I 39 15.81 -45.39 6.86
C GLN I 39 16.78 -44.90 5.80
N ALA I 40 16.29 -44.09 4.85
CA ALA I 40 17.18 -43.54 3.83
C ALA I 40 18.25 -42.65 4.45
N ALA I 41 17.86 -41.83 5.42
CA ALA I 41 18.83 -40.98 6.10
C ALA I 41 19.91 -41.81 6.78
N LYS I 42 19.51 -42.90 7.43
CA LYS I 42 20.48 -43.78 8.07
C LYS I 42 21.45 -44.37 7.05
N ALA I 43 20.93 -44.84 5.91
CA ALA I 43 21.78 -45.48 4.92
C ALA I 43 22.78 -44.50 4.33
N LEU I 44 22.33 -43.29 4.00
CA LEU I 44 23.26 -42.27 3.48
C LEU I 44 24.31 -41.91 4.52
N THR I 45 23.89 -41.78 5.78
CA THR I 45 24.82 -41.39 6.83
C THR I 45 25.89 -42.45 7.04
N ASP I 46 25.49 -43.72 7.14
CA ASP I 46 26.46 -44.79 7.37
C ASP I 46 27.47 -44.87 6.22
N ASN I 47 27.07 -44.46 5.02
CA ASN I 47 27.90 -44.54 3.82
CA ASN I 47 27.90 -44.54 3.82
C ASN I 47 28.41 -43.17 3.40
N ALA I 48 28.35 -42.18 4.29
CA ALA I 48 28.64 -40.80 3.91
C ALA I 48 30.08 -40.64 3.42
N GLN I 49 31.04 -41.22 4.13
CA GLN I 49 32.43 -41.02 3.76
C GLN I 49 32.74 -41.61 2.39
N SER I 50 32.22 -42.81 2.12
CA SER I 50 32.41 -43.41 0.81
C SER I 50 31.75 -42.58 -0.28
N LEU I 51 30.51 -42.14 -0.03
CA LEU I 51 29.80 -41.34 -1.03
C LEU I 51 30.52 -40.02 -1.29
N VAL I 52 30.96 -39.35 -0.23
CA VAL I 52 31.62 -38.06 -0.40
C VAL I 52 32.93 -38.23 -1.16
N ASN I 53 33.75 -39.18 -0.74
CA ASN I 53 35.01 -39.41 -1.44
C ASN I 53 34.76 -39.87 -2.87
N GLY I 54 33.80 -40.77 -3.07
CA GLY I 54 33.47 -41.19 -4.41
C GLY I 54 32.93 -40.06 -5.27
N ALA I 55 32.06 -39.23 -4.69
CA ALA I 55 31.51 -38.11 -5.44
C ALA I 55 32.61 -37.12 -5.82
N ALA I 56 33.53 -36.83 -4.89
CA ALA I 56 34.62 -35.91 -5.20
C ALA I 56 35.48 -36.44 -6.34
N GLN I 57 35.82 -37.73 -6.29
CA GLN I 57 36.64 -38.30 -7.37
C GLN I 57 35.89 -38.30 -8.70
N ALA I 58 34.57 -38.51 -8.66
CA ALA I 58 33.79 -38.44 -9.88
C ALA I 58 33.87 -37.05 -10.50
N VAL I 59 33.81 -36.00 -9.67
CA VAL I 59 33.97 -34.65 -10.18
C VAL I 59 35.36 -34.46 -10.77
N TYR I 60 36.39 -34.93 -10.06
CA TYR I 60 37.75 -34.75 -10.54
C TYR I 60 37.98 -35.49 -11.84
N ASN I 61 37.41 -36.70 -11.96
CA ASN I 61 37.53 -37.45 -13.20
C ASN I 61 36.84 -36.74 -14.36
N LYS I 62 35.65 -36.19 -14.11
CA LYS I 62 34.89 -35.56 -15.18
C LYS I 62 35.48 -34.21 -15.56
N PHE I 63 36.08 -33.50 -14.61
CA PHE I 63 36.65 -32.17 -14.82
C PHE I 63 38.10 -32.19 -14.33
N PRO I 64 39.00 -32.83 -15.08
CA PRO I 64 40.38 -32.95 -14.60
C PRO I 64 41.09 -31.63 -14.40
N TYR I 65 40.68 -30.56 -15.09
CA TYR I 65 41.33 -29.27 -14.90
C TYR I 65 41.19 -28.75 -13.47
N THR I 66 40.17 -29.21 -12.74
CA THR I 66 39.99 -28.74 -11.36
C THR I 66 41.09 -29.24 -10.43
N THR I 67 41.81 -30.30 -10.82
CA THR I 67 42.92 -30.82 -10.02
C THR I 67 44.29 -30.44 -10.57
N GLN I 68 44.35 -29.82 -11.77
CA GLN I 68 45.61 -29.43 -12.37
C GLN I 68 45.79 -27.93 -12.49
N THR I 69 44.75 -27.14 -12.23
CA THR I 69 44.77 -25.70 -12.49
C THR I 69 44.99 -24.97 -11.18
N GLN I 70 46.03 -24.12 -11.14
CA GLN I 70 46.23 -23.25 -9.99
C GLN I 70 45.10 -22.24 -9.91
N GLY I 71 44.68 -21.94 -8.69
CA GLY I 71 43.66 -20.97 -8.43
C GLY I 71 42.90 -21.29 -7.16
N ASN I 72 42.38 -20.25 -6.52
CA ASN I 72 41.65 -20.45 -5.27
C ASN I 72 40.39 -21.28 -5.47
N ASN I 73 39.77 -21.20 -6.66
CA ASN I 73 38.51 -21.88 -6.92
C ASN I 73 38.69 -23.33 -7.35
N PHE I 74 39.92 -23.81 -7.52
CA PHE I 74 40.19 -25.15 -8.01
C PHE I 74 40.80 -26.02 -6.91
N ALA I 75 40.88 -27.31 -7.19
CA ALA I 75 41.33 -28.32 -6.25
C ALA I 75 42.70 -28.87 -6.62
N ALA I 76 43.60 -28.00 -7.10
CA ALA I 76 44.95 -28.45 -7.44
C ALA I 76 45.81 -28.71 -6.21
N ASP I 77 45.42 -28.20 -5.04
CA ASP I 77 46.15 -28.39 -3.80
C ASP I 77 45.22 -29.01 -2.77
N GLN I 78 45.83 -29.45 -1.65
CA GLN I 78 45.02 -30.05 -0.58
C GLN I 78 44.03 -29.05 -0.02
N ARG I 79 44.36 -27.77 -0.02
CA ARG I 79 43.41 -26.75 0.41
C ARG I 79 42.13 -26.83 -0.42
N GLY I 80 42.26 -26.83 -1.75
CA GLY I 80 41.09 -26.87 -2.59
C GLY I 80 40.37 -28.21 -2.52
N LYS I 81 41.13 -29.30 -2.45
CA LYS I 81 40.51 -30.61 -2.33
C LYS I 81 39.69 -30.71 -1.04
N ASP I 82 40.24 -30.20 0.06
CA ASP I 82 39.51 -30.21 1.32
C ASP I 82 38.25 -29.36 1.23
N LYS I 83 38.34 -28.19 0.59
CA LYS I 83 37.16 -27.36 0.39
C LYS I 83 36.12 -28.12 -0.42
N CYS I 84 36.55 -28.88 -1.42
CA CYS I 84 35.61 -29.58 -2.28
C CYS I 84 34.90 -30.70 -1.53
N ALA I 85 35.67 -31.53 -0.83
CA ALA I 85 35.06 -32.62 -0.07
C ALA I 85 34.11 -32.09 0.99
N ARG I 86 34.49 -30.98 1.63
CA ARG I 86 33.60 -30.33 2.59
C ARG I 86 32.27 -29.95 1.93
N ASP I 87 32.34 -29.31 0.76
CA ASP I 87 31.13 -28.85 0.09
C ASP I 87 30.23 -30.01 -0.28
N ILE I 88 30.80 -31.08 -0.84
CA ILE I 88 29.98 -32.25 -1.19
C ILE I 88 29.39 -32.86 0.06
N GLY I 89 30.16 -32.88 1.16
CA GLY I 89 29.63 -33.32 2.42
C GLY I 89 28.44 -32.50 2.87
N TYR I 90 28.48 -31.19 2.61
CA TYR I 90 27.34 -30.33 2.95
C TYR I 90 26.11 -30.75 2.15
N TYR I 91 26.27 -31.00 0.85
CA TYR I 91 25.15 -31.43 0.03
C TYR I 91 24.56 -32.73 0.57
N LEU I 92 25.41 -33.72 0.83
CA LEU I 92 24.93 -35.00 1.32
C LEU I 92 24.27 -34.86 2.68
N ARG I 93 24.92 -34.14 3.60
CA ARG I 93 24.38 -33.99 4.94
C ARG I 93 23.01 -33.31 4.92
N ILE I 94 22.89 -32.24 4.13
CA ILE I 94 21.62 -31.51 4.11
C ILE I 94 20.56 -32.33 3.40
N VAL I 95 20.94 -33.19 2.46
CA VAL I 95 19.97 -34.08 1.84
C VAL I 95 19.42 -35.07 2.85
N THR I 96 20.26 -35.57 3.76
CA THR I 96 19.74 -36.43 4.82
C THR I 96 18.77 -35.67 5.71
N TYR I 97 19.01 -34.38 5.94
CA TYR I 97 18.05 -33.58 6.69
C TYR I 97 16.71 -33.52 5.98
N CYS I 98 16.73 -33.40 4.65
CA CYS I 98 15.48 -33.34 3.90
C CYS I 98 14.70 -34.64 4.07
N LEU I 99 15.39 -35.77 4.08
CA LEU I 99 14.73 -37.05 4.30
C LEU I 99 14.14 -37.12 5.70
N VAL I 100 14.86 -36.63 6.70
CA VAL I 100 14.34 -36.62 8.06
C VAL I 100 13.13 -35.71 8.15
N ALA I 101 13.23 -34.51 7.57
CA ALA I 101 12.14 -33.54 7.63
C ALA I 101 10.97 -33.89 6.72
N GLY I 102 11.21 -34.66 5.67
CA GLY I 102 10.16 -34.95 4.70
C GLY I 102 9.85 -33.79 3.77
N GLY I 103 10.82 -32.96 3.46
CA GLY I 103 10.60 -31.85 2.55
C GLY I 103 11.91 -31.18 2.19
N THR I 104 11.82 -30.27 1.23
CA THR I 104 13.00 -29.56 0.75
C THR I 104 13.44 -28.43 1.68
N GLY I 105 12.80 -28.27 2.83
CA GLY I 105 13.06 -27.16 3.72
C GLY I 105 14.53 -27.01 4.09
N PRO I 106 15.17 -28.08 4.56
CA PRO I 106 16.59 -27.97 4.91
C PRO I 106 17.47 -27.56 3.74
N LEU I 107 17.22 -28.10 2.54
CA LEU I 107 17.97 -27.66 1.37
C LEU I 107 17.70 -26.21 1.05
N ASP I 108 16.42 -25.80 1.12
CA ASP I 108 16.08 -24.42 0.80
C ASP I 108 16.74 -23.44 1.77
N GLU I 109 16.70 -23.75 3.06
CA GLU I 109 17.13 -22.78 4.06
C GLU I 109 18.65 -22.76 4.24
N TYR I 110 19.29 -23.92 4.17
CA TYR I 110 20.70 -24.02 4.47
C TYR I 110 21.59 -23.89 3.24
N LEU I 111 21.15 -24.41 2.09
CA LEU I 111 22.02 -24.54 0.93
C LEU I 111 21.54 -23.76 -0.28
N ILE I 112 20.30 -23.97 -0.73
CA ILE I 112 19.90 -23.50 -2.05
C ILE I 112 19.79 -21.98 -2.09
N ALA I 113 19.16 -21.40 -1.08
CA ALA I 113 18.96 -19.95 -1.06
C ALA I 113 20.31 -19.23 -0.97
N GLY I 114 20.68 -18.52 -2.02
CA GLY I 114 21.95 -17.84 -2.09
C GLY I 114 23.09 -18.61 -2.71
N ILE I 115 22.85 -19.85 -3.15
CA ILE I 115 23.94 -20.65 -3.72
C ILE I 115 24.44 -20.02 -5.02
N ASP I 116 23.54 -19.43 -5.80
CA ASP I 116 23.96 -18.81 -7.05
C ASP I 116 24.93 -17.66 -6.80
N GLU I 117 24.69 -16.86 -5.75
CA GLU I 117 25.62 -15.79 -5.42
C GLU I 117 26.98 -16.34 -5.02
N ILE I 118 26.99 -17.42 -4.23
CA ILE I 118 28.25 -18.01 -3.79
C ILE I 118 29.07 -18.50 -4.97
N ASN I 119 28.43 -19.27 -5.86
CA ASN I 119 29.16 -19.86 -6.98
C ASN I 119 29.67 -18.77 -7.92
N ARG I 120 28.90 -17.70 -8.09
CA ARG I 120 29.36 -16.59 -8.93
C ARG I 120 30.52 -15.86 -8.28
N THR I 121 30.40 -15.54 -6.98
CA THR I 121 31.41 -14.77 -6.30
C THR I 121 32.75 -15.51 -6.26
N PHE I 122 32.71 -16.80 -5.95
CA PHE I 122 33.92 -17.59 -5.77
C PHE I 122 34.28 -18.40 -7.00
N ASP I 123 33.61 -18.16 -8.14
CA ASP I 123 33.96 -18.77 -9.42
C ASP I 123 33.95 -20.29 -9.33
N LEU I 124 32.89 -20.84 -8.74
CA LEU I 124 32.67 -22.27 -8.65
C LEU I 124 31.64 -22.69 -9.68
N SER I 125 31.93 -23.75 -10.43
CA SER I 125 31.03 -24.18 -11.48
C SER I 125 29.88 -25.00 -10.89
N PRO I 126 28.62 -24.63 -11.14
CA PRO I 126 27.52 -25.51 -10.69
C PRO I 126 27.61 -26.91 -11.29
N SER I 127 28.18 -27.04 -12.50
CA SER I 127 28.29 -28.34 -13.14
C SER I 127 29.10 -29.31 -12.30
N TRP I 128 30.06 -28.81 -11.51
CA TRP I 128 30.82 -29.68 -10.62
C TRP I 128 29.90 -30.38 -9.64
N TYR I 129 29.05 -29.62 -8.97
CA TYR I 129 28.19 -30.19 -7.94
C TYR I 129 27.09 -31.05 -8.54
N VAL I 130 26.65 -30.74 -9.75
CA VAL I 130 25.71 -31.61 -10.46
C VAL I 130 26.33 -32.99 -10.63
N GLU I 131 27.60 -33.04 -11.01
CA GLU I 131 28.27 -34.34 -11.17
C GLU I 131 28.35 -35.09 -9.85
N ALA I 132 28.69 -34.38 -8.77
CA ALA I 132 28.74 -35.02 -7.46
C ALA I 132 27.37 -35.56 -7.06
N LEU I 133 26.31 -34.79 -7.31
CA LEU I 133 24.98 -35.25 -6.95
C LEU I 133 24.57 -36.46 -7.77
N LYS I 134 24.88 -36.47 -9.07
CA LYS I 134 24.56 -37.63 -9.89
C LYS I 134 25.30 -38.87 -9.42
N TYR I 135 26.56 -38.72 -9.00
CA TYR I 135 27.28 -39.86 -8.44
C TYR I 135 26.54 -40.43 -7.23
N ILE I 136 26.08 -39.55 -6.35
CA ILE I 136 25.41 -40.00 -5.13
C ILE I 136 24.10 -40.71 -5.49
N LYS I 137 23.37 -40.19 -6.48
CA LYS I 137 22.15 -40.87 -6.93
C LYS I 137 22.46 -42.29 -7.39
N ALA I 138 23.54 -42.47 -8.13
CA ALA I 138 23.85 -43.77 -8.71
C ALA I 138 24.41 -44.76 -7.69
N ASN I 139 24.86 -44.30 -6.52
CA ASN I 139 25.63 -45.14 -5.61
C ASN I 139 25.06 -45.25 -4.21
N HIS I 140 23.97 -44.55 -3.88
CA HIS I 140 23.46 -44.64 -2.51
C HIS I 140 22.80 -45.99 -2.24
N GLY I 141 22.48 -46.77 -3.27
CA GLY I 141 22.02 -48.13 -3.07
C GLY I 141 20.63 -48.27 -2.50
N LEU I 142 19.84 -47.20 -2.46
CA LEU I 142 18.51 -47.25 -1.89
C LEU I 142 17.53 -47.86 -2.88
N SER I 143 16.36 -48.25 -2.35
CA SER I 143 15.30 -48.78 -3.19
C SER I 143 13.95 -48.36 -2.60
N GLY I 144 12.90 -48.55 -3.39
CA GLY I 144 11.56 -48.27 -2.91
C GLY I 144 11.33 -46.80 -2.62
N ASP I 145 10.49 -46.55 -1.61
CA ASP I 145 10.15 -45.17 -1.25
C ASP I 145 11.39 -44.40 -0.82
N ALA I 146 12.31 -45.07 -0.12
CA ALA I 146 13.55 -44.41 0.28
C ALA I 146 14.31 -43.87 -0.92
N ARG I 147 14.45 -44.68 -1.96
CA ARG I 147 15.11 -44.23 -3.18
C ARG I 147 14.38 -43.04 -3.79
N ASP I 148 13.06 -43.15 -3.92
CA ASP I 148 12.31 -42.12 -4.63
C ASP I 148 12.40 -40.78 -3.90
N GLU I 149 12.24 -40.78 -2.58
CA GLU I 149 12.33 -39.53 -1.84
C GLU I 149 13.73 -38.96 -1.89
N ALA I 150 14.75 -39.80 -1.69
CA ALA I 150 16.13 -39.32 -1.71
C ALA I 150 16.49 -38.75 -3.07
N ASN I 151 16.12 -39.44 -4.14
CA ASN I 151 16.40 -38.95 -5.49
C ASN I 151 15.66 -37.65 -5.78
N SER I 152 14.47 -37.48 -5.20
CA SER I 152 13.73 -36.24 -5.42
C SER I 152 14.50 -35.04 -4.87
N TYR I 153 15.13 -35.19 -3.70
CA TYR I 153 15.93 -34.10 -3.17
C TYR I 153 17.21 -33.92 -3.95
N LEU I 154 17.87 -35.01 -4.33
CA LEU I 154 19.07 -34.90 -5.15
C LEU I 154 18.76 -34.24 -6.48
N ASP I 155 17.64 -34.62 -7.10
CA ASP I 155 17.23 -33.97 -8.34
C ASP I 155 16.80 -32.53 -8.09
N TYR I 156 16.20 -32.25 -6.93
CA TYR I 156 15.85 -30.88 -6.60
C TYR I 156 17.09 -29.99 -6.57
N ALA I 157 18.17 -30.48 -5.95
CA ALA I 157 19.42 -29.72 -5.93
C ALA I 157 20.01 -29.58 -7.32
N ILE I 158 19.96 -30.66 -8.12
CA ILE I 158 20.48 -30.60 -9.48
C ILE I 158 19.72 -29.57 -10.30
N ASN I 159 18.39 -29.57 -10.19
CA ASN I 159 17.59 -28.61 -10.94
C ASN I 159 17.89 -27.18 -10.52
N ALA I 160 18.08 -26.95 -9.21
CA ALA I 160 18.42 -25.61 -8.74
C ALA I 160 19.74 -25.15 -9.34
N LEU I 161 20.70 -26.04 -9.48
CA LEU I 161 22.00 -25.69 -10.04
C LEU I 161 21.97 -25.53 -11.55
N SER I 162 20.93 -26.01 -12.23
CA SER I 162 20.86 -25.97 -13.68
C SER I 162 19.70 -25.10 -14.16
N MET J 1 9.37 -21.44 12.44
CA MET J 1 8.55 -22.54 13.04
C MET J 1 9.18 -23.88 12.70
N PHE J 2 9.34 -24.73 13.71
CA PHE J 2 9.82 -26.09 13.55
C PHE J 2 8.69 -27.07 13.84
N ASP J 3 8.80 -28.26 13.24
CA ASP J 3 8.03 -29.41 13.69
C ASP J 3 8.98 -30.34 14.46
N VAL J 4 8.45 -31.48 14.90
CA VAL J 4 9.24 -32.41 15.69
C VAL J 4 10.45 -32.89 14.91
N PHE J 5 10.33 -33.00 13.58
CA PHE J 5 11.46 -33.46 12.78
C PHE J 5 12.48 -32.35 12.56
N THR J 6 12.02 -31.15 12.18
CA THR J 6 12.96 -30.09 11.84
C THR J 6 13.62 -29.49 13.07
N ARG J 7 13.01 -29.64 14.25
CA ARG J 7 13.68 -29.23 15.47
C ARG J 7 15.01 -29.96 15.63
N VAL J 8 15.00 -31.28 15.43
CA VAL J 8 16.23 -32.06 15.53
C VAL J 8 17.19 -31.68 14.41
N VAL J 9 16.67 -31.48 13.21
CA VAL J 9 17.51 -31.15 12.06
C VAL J 9 18.24 -29.84 12.31
N SER J 10 17.53 -28.82 12.81
CA SER J 10 18.15 -27.53 13.03
C SER J 10 19.28 -27.63 14.03
N GLN J 11 19.08 -28.39 15.12
CA GLN J 11 20.15 -28.59 16.08
C GLN J 11 21.31 -29.34 15.45
N ALA J 12 21.03 -30.33 14.60
CA ALA J 12 22.10 -31.07 13.95
C ALA J 12 22.89 -30.17 13.00
N ASP J 13 22.19 -29.34 12.22
CA ASP J 13 22.90 -28.49 11.25
C ASP J 13 23.81 -27.49 11.95
N ALA J 14 23.34 -26.90 13.06
CA ALA J 14 24.15 -25.95 13.79
C ALA J 14 25.43 -26.60 14.32
N ARG J 15 25.41 -27.91 14.53
CA ARG J 15 26.60 -28.67 14.90
C ARG J 15 27.34 -29.24 13.69
N GLY J 16 26.75 -29.17 12.50
CA GLY J 16 27.38 -29.75 11.32
C GLY J 16 27.46 -31.25 11.37
N GLU J 17 26.46 -31.92 11.95
CA GLU J 17 26.50 -33.35 12.19
C GLU J 17 25.30 -34.02 11.55
N TYR J 18 25.51 -35.27 11.12
CA TYR J 18 24.40 -36.12 10.77
C TYR J 18 23.63 -36.51 12.02
N LEU J 19 22.33 -36.73 11.89
CA LEU J 19 21.56 -37.26 13.00
C LEU J 19 22.11 -38.63 13.38
N SER J 20 22.29 -38.86 14.67
CA SER J 20 22.79 -40.14 15.13
C SER J 20 21.71 -41.20 15.05
N GLY J 21 22.12 -42.46 15.19
CA GLY J 21 21.16 -43.55 15.18
C GLY J 21 20.13 -43.41 16.29
N SER J 22 20.57 -42.94 17.46
CA SER J 22 19.63 -42.72 18.56
C SER J 22 18.59 -41.67 18.19
N GLN J 23 19.03 -40.58 17.55
CA GLN J 23 18.10 -39.53 17.16
C GLN J 23 17.11 -40.03 16.12
N LEU J 24 17.57 -40.80 15.13
CA LEU J 24 16.66 -41.33 14.13
C LEU J 24 15.66 -42.30 14.76
N ASP J 25 16.11 -43.14 15.69
CA ASP J 25 15.21 -44.06 16.36
C ASP J 25 14.17 -43.31 17.18
N ALA J 26 14.57 -42.24 17.85
CA ALA J 26 13.62 -41.43 18.61
C ALA J 26 12.55 -40.85 17.71
N LEU J 27 12.93 -40.37 16.53
CA LEU J 27 11.94 -39.89 15.57
C LEU J 27 11.08 -41.02 15.05
N SER J 28 11.63 -42.22 14.91
CA SER J 28 10.82 -43.36 14.52
C SER J 28 9.74 -43.64 15.54
N ALA J 29 10.07 -43.54 16.84
CA ALA J 29 9.07 -43.71 17.88
C ALA J 29 8.01 -42.62 17.81
N THR J 30 8.41 -41.41 17.44
CA THR J 30 7.43 -40.34 17.24
C THR J 30 6.46 -40.70 16.13
N VAL J 31 6.98 -41.29 15.04
CA VAL J 31 6.11 -41.68 13.93
C VAL J 31 5.14 -42.77 14.36
N ALA J 32 5.60 -43.67 15.23
CA ALA J 32 4.72 -44.74 15.71
C ALA J 32 3.54 -44.19 16.50
N GLU J 33 3.71 -43.04 17.16
CA GLU J 33 2.66 -42.39 17.91
C GLU J 33 1.85 -41.41 17.07
N GLY J 34 2.06 -41.39 15.75
CA GLY J 34 1.45 -40.36 14.92
C GLY J 34 -0.06 -40.43 14.91
N ASN J 35 -0.62 -41.64 14.90
CA ASN J 35 -2.08 -41.78 14.88
C ASN J 35 -2.70 -41.20 16.15
N LYS J 36 -2.08 -41.44 17.30
CA LYS J 36 -2.56 -40.85 18.54
C LYS J 36 -2.51 -39.33 18.48
N ARG J 37 -1.43 -38.80 17.92
CA ARG J 37 -1.29 -37.35 17.78
C ARG J 37 -2.40 -36.76 16.91
N ILE J 38 -2.66 -37.39 15.77
CA ILE J 38 -3.70 -36.89 14.88
C ILE J 38 -5.06 -36.96 15.55
N ASP J 39 -5.32 -38.05 16.28
CA ASP J 39 -6.59 -38.18 16.99
C ASP J 39 -6.78 -37.06 18.00
N SER J 40 -5.73 -36.77 18.77
CA SER J 40 -5.84 -35.73 19.79
C SER J 40 -6.13 -34.38 19.16
N VAL J 41 -5.44 -34.06 18.05
CA VAL J 41 -5.72 -32.82 17.34
C VAL J 41 -7.17 -32.80 16.85
N ASN J 42 -7.63 -33.92 16.29
CA ASN J 42 -8.98 -33.99 15.78
C ASN J 42 -10.00 -33.81 16.90
N ARG J 43 -9.78 -34.46 18.04
CA ARG J 43 -10.74 -34.39 19.13
C ARG J 43 -10.82 -32.98 19.72
N ILE J 44 -9.68 -32.33 19.92
CA ILE J 44 -9.71 -30.97 20.45
C ILE J 44 -10.38 -30.03 19.46
N THR J 45 -10.06 -30.16 18.17
CA THR J 45 -10.65 -29.30 17.17
C THR J 45 -12.16 -29.53 17.08
N GLY J 46 -12.59 -30.78 17.11
CA GLY J 46 -14.01 -31.09 16.99
C GLY J 46 -14.85 -30.57 18.14
N ASN J 47 -14.22 -30.24 19.26
CA ASN J 47 -14.90 -29.69 20.43
C ASN J 47 -14.42 -28.28 20.76
N ALA J 48 -13.85 -27.57 19.79
CA ALA J 48 -13.19 -26.30 20.08
C ALA J 48 -14.20 -25.29 20.64
N SER J 49 -15.37 -25.19 20.03
CA SER J 49 -16.35 -24.20 20.48
C SER J 49 -16.80 -24.49 21.90
N ALA J 50 -17.05 -25.76 22.23
CA ALA J 50 -17.47 -26.11 23.58
C ALA J 50 -16.37 -25.83 24.60
N ILE J 51 -15.12 -26.13 24.24
CA ILE J 51 -14.02 -25.89 25.17
C ILE J 51 -13.89 -24.40 25.46
N VAL J 52 -13.99 -23.57 24.44
CA VAL J 52 -13.86 -22.13 24.65
C VAL J 52 -15.02 -21.59 25.47
N SER J 53 -16.26 -21.90 25.07
CA SER J 53 -17.42 -21.34 25.74
C SER J 53 -17.53 -21.84 27.19
N ASN J 54 -17.30 -23.12 27.41
CA ASN J 54 -17.37 -23.66 28.77
C ASN J 54 -16.29 -23.06 29.66
N ALA J 55 -15.07 -22.94 29.14
CA ALA J 55 -14.00 -22.34 29.92
C ALA J 55 -14.29 -20.87 30.21
N ALA J 56 -14.78 -20.14 29.21
CA ALA J 56 -15.12 -18.74 29.41
C ALA J 56 -16.21 -18.59 30.47
N ARG J 57 -17.25 -19.43 30.40
CA ARG J 57 -18.31 -19.37 31.40
C ARG J 57 -17.76 -19.64 32.79
N ALA J 58 -16.88 -20.63 32.92
CA ALA J 58 -16.31 -20.95 34.22
C ALA J 58 -15.42 -19.82 34.72
N LEU J 59 -14.62 -19.22 33.84
CA LEU J 59 -13.75 -18.12 34.26
C LEU J 59 -14.56 -16.94 34.78
N PHE J 60 -15.61 -16.55 34.05
CA PHE J 60 -16.40 -15.41 34.47
C PHE J 60 -17.21 -15.71 35.73
N ALA J 61 -17.61 -16.97 35.92
CA ALA J 61 -18.31 -17.33 37.14
C ALA J 61 -17.41 -17.19 38.35
N GLU J 62 -16.16 -17.65 38.24
CA GLU J 62 -15.22 -17.54 39.36
C GLU J 62 -14.62 -16.16 39.50
N GLN J 63 -14.64 -15.35 38.45
CA GLN J 63 -14.07 -14.00 38.45
C GLN J 63 -15.12 -13.03 37.91
N PRO J 64 -16.19 -12.80 38.67
CA PRO J 64 -17.25 -11.90 38.18
C PRO J 64 -16.79 -10.47 37.96
N GLN J 65 -15.67 -10.07 38.57
CA GLN J 65 -15.13 -8.73 38.35
C GLN J 65 -14.77 -8.49 36.89
N LEU J 66 -14.50 -9.56 36.12
CA LEU J 66 -14.11 -9.37 34.74
C LEU J 66 -15.25 -8.83 33.89
N ILE J 67 -16.49 -9.17 34.23
CA ILE J 67 -17.64 -8.87 33.38
C ILE J 67 -18.57 -7.81 33.95
N GLN J 68 -18.35 -7.36 35.19
CA GLN J 68 -19.16 -6.27 35.69
C GLN J 68 -18.79 -5.00 34.93
N PRO J 69 -19.64 -3.97 34.98
CA PRO J 69 -19.28 -2.70 34.33
C PRO J 69 -17.91 -2.19 34.79
N GLY J 70 -17.10 -1.76 33.83
CA GLY J 70 -15.73 -1.40 34.09
C GLY J 70 -14.74 -2.55 34.03
N GLY J 71 -15.23 -3.78 34.10
CA GLY J 71 -14.36 -4.95 33.97
C GLY J 71 -13.74 -5.03 32.59
N MEN J 72 -12.67 -5.79 32.46
CA MEN J 72 -11.93 -5.83 31.19
C MEN J 72 -12.64 -6.68 30.14
O MEN J 72 -12.32 -6.60 28.97
CB MEN J 72 -10.50 -6.35 31.39
CG MEN J 72 -9.66 -6.06 30.16
OD1 MEN J 72 -9.31 -6.96 29.41
ND2 MEN J 72 -9.39 -4.78 29.94
CE2 MEN J 72 -8.81 -4.31 28.70
H MEN J 72 -12.27 -6.38 33.19
HA MEN J 72 -11.87 -4.81 30.84
HB2 MEN J 72 -10.51 -7.41 31.61
HB3 MEN J 72 -10.06 -5.89 32.27
HD2 MEN J 72 -9.58 -4.08 30.65
HE21 MEN J 72 -8.18 -3.45 28.88
HE22 MEN J 72 -9.57 -4.01 27.99
HE23 MEN J 72 -8.20 -5.07 28.20
N ALA J 73 -13.62 -7.47 30.56
CA ALA J 73 -14.43 -8.27 29.64
C ALA J 73 -15.85 -7.71 29.50
N TYR J 74 -16.08 -6.52 30.03
CA TYR J 74 -17.37 -5.85 29.91
C TYR J 74 -17.46 -5.13 28.56
N THR J 75 -18.70 -5.01 28.06
CA THR J 75 -19.01 -4.52 26.71
C THR J 75 -18.80 -5.65 25.70
N SER J 76 -19.60 -5.65 24.64
CA SER J 76 -19.55 -6.74 23.67
C SER J 76 -18.19 -6.82 22.98
N ARG J 77 -17.62 -5.67 22.63
CA ARG J 77 -16.35 -5.65 21.91
C ARG J 77 -15.24 -6.32 22.72
N ARG J 78 -15.06 -5.89 23.97
CA ARG J 78 -14.05 -6.51 24.82
C ARG J 78 -14.38 -7.97 25.07
N MET J 79 -15.66 -8.27 25.30
CA MET J 79 -16.05 -9.65 25.54
C MET J 79 -15.75 -10.51 24.32
N ALA J 80 -16.08 -10.01 23.12
CA ALA J 80 -15.78 -10.74 21.90
C ALA J 80 -14.28 -10.91 21.71
N ALA J 81 -13.52 -9.85 21.95
CA ALA J 81 -12.06 -9.95 21.86
C ALA J 81 -11.53 -10.98 22.84
N CYS J 82 -12.13 -11.04 24.04
CA CYS J 82 -11.70 -12.03 25.03
C CYS J 82 -11.96 -13.44 24.53
N LEU J 83 -13.14 -13.70 23.96
CA LEU J 83 -13.44 -15.02 23.44
C LEU J 83 -12.53 -15.37 22.27
N ARG J 84 -12.21 -14.38 21.43
CA ARG J 84 -11.26 -14.60 20.36
C ARG J 84 -9.90 -15.03 20.90
N ASP J 85 -9.45 -14.39 21.97
CA ASP J 85 -8.16 -14.73 22.55
C ASP J 85 -8.13 -16.19 22.98
N MET J 86 -9.17 -16.64 23.68
CA MET J 86 -9.23 -18.03 24.11
C MET J 86 -9.21 -18.98 22.92
N GLU J 87 -10.01 -18.67 21.89
CA GLU J 87 -10.02 -19.50 20.70
C GLU J 87 -8.66 -19.52 20.02
N ILE J 88 -8.00 -18.37 19.94
CA ILE J 88 -6.70 -18.29 19.28
C ILE J 88 -5.67 -19.13 20.03
N ILE J 89 -5.65 -19.01 21.36
CA ILE J 89 -4.69 -19.77 22.14
C ILE J 89 -4.95 -21.26 21.99
N LEU J 90 -6.21 -21.67 22.02
CA LEU J 90 -6.55 -23.07 21.80
C LEU J 90 -6.14 -23.50 20.39
N ARG J 91 -6.37 -22.65 19.40
CA ARG J 91 -6.02 -23.00 18.03
C ARG J 91 -4.52 -23.24 17.89
N TYR J 92 -3.71 -22.36 18.48
CA TYR J 92 -2.27 -22.54 18.37
C TYR J 92 -1.78 -23.74 19.17
N VAL J 93 -2.45 -24.06 20.28
CA VAL J 93 -2.09 -25.25 21.03
C VAL J 93 -2.32 -26.50 20.17
N THR J 94 -3.39 -26.51 19.37
CA THR J 94 -3.58 -27.62 18.45
C THR J 94 -2.51 -27.63 17.37
N TYR J 95 -2.05 -26.46 16.91
CA TYR J 95 -0.93 -26.43 15.97
C TYR J 95 0.30 -27.08 16.58
N ALA J 96 0.63 -26.73 17.81
CA ALA J 96 1.82 -27.30 18.45
C ALA J 96 1.66 -28.81 18.62
N THR J 97 0.47 -29.27 18.97
CA THR J 97 0.23 -30.70 19.06
C THR J 97 0.41 -31.36 17.71
N PHE J 98 -0.07 -30.70 16.64
CA PHE J 98 0.02 -31.26 15.30
C PHE J 98 1.48 -31.38 14.85
N THR J 99 2.27 -30.34 15.08
CA THR J 99 3.67 -30.34 14.65
C THR J 99 4.59 -31.05 15.63
N GLY J 100 4.16 -31.25 16.87
CA GLY J 100 5.01 -31.87 17.86
C GLY J 100 6.10 -30.96 18.39
N ASP J 101 5.98 -29.65 18.21
CA ASP J 101 6.96 -28.69 18.68
C ASP J 101 6.26 -27.42 19.13
N ALA J 102 6.79 -26.81 20.19
CA ALA J 102 6.19 -25.60 20.74
C ALA J 102 6.50 -24.34 19.93
N SER J 103 7.33 -24.44 18.90
CA SER J 103 7.82 -23.24 18.22
C SER J 103 6.69 -22.40 17.66
N VAL J 104 5.68 -23.04 17.08
CA VAL J 104 4.57 -22.28 16.51
C VAL J 104 3.86 -21.47 17.58
N LEU J 105 3.72 -22.03 18.78
CA LEU J 105 3.17 -21.28 19.90
C LEU J 105 4.08 -20.12 20.27
N GLU J 106 5.39 -20.38 20.39
CA GLU J 106 6.33 -19.34 20.80
C GLU J 106 6.47 -18.28 19.73
N ASP J 107 6.63 -18.69 18.46
CA ASP J 107 6.93 -17.73 17.41
C ASP J 107 5.76 -16.80 17.15
N ARG J 108 4.52 -17.30 17.24
CA ARG J 108 3.35 -16.56 16.79
C ARG J 108 2.40 -16.22 17.93
N CYS J 109 1.90 -17.20 18.67
CA CYS J 109 0.84 -16.94 19.63
C CYS J 109 1.34 -16.12 20.82
N LEU J 110 2.47 -16.51 21.37
CA LEU J 110 3.01 -15.91 22.58
C LEU J 110 4.05 -14.83 22.30
N ASN J 111 4.29 -14.52 21.02
CA ASN J 111 5.28 -13.52 20.63
C ASN J 111 4.66 -12.14 20.72
N GLY J 112 5.05 -11.37 21.74
CA GLY J 112 4.50 -10.06 21.99
C GLY J 112 3.19 -10.05 22.76
N LEU J 113 2.68 -11.21 23.16
CA LEU J 113 1.37 -11.25 23.81
C LEU J 113 1.39 -10.56 25.16
N ARG J 114 2.45 -10.76 25.95
CA ARG J 114 2.53 -10.10 27.24
C ARG J 114 2.54 -8.57 27.07
N GLU J 115 3.25 -8.08 26.05
CA GLU J 115 3.21 -6.65 25.77
C GLU J 115 1.79 -6.20 25.47
N THR J 116 1.05 -7.00 24.70
CA THR J 116 -0.32 -6.64 24.36
C THR J 116 -1.19 -6.49 25.61
N TYR J 117 -1.09 -7.45 26.53
CA TYR J 117 -1.97 -7.42 27.70
C TYR J 117 -1.55 -6.33 28.69
N VAL J 118 -0.25 -6.11 28.84
CA VAL J 118 0.21 -5.02 29.71
C VAL J 118 -0.22 -3.68 29.14
N ALA J 119 -0.06 -3.49 27.83
CA ALA J 119 -0.45 -2.23 27.21
C ALA J 119 -1.94 -1.97 27.36
N LEU J 120 -2.75 -3.01 27.16
CA LEU J 120 -4.20 -2.86 27.19
C LEU J 120 -4.78 -2.93 28.60
N GLY J 121 -4.02 -3.41 29.57
CA GLY J 121 -4.56 -3.65 30.89
C GLY J 121 -5.32 -4.94 31.03
N VAL J 122 -5.20 -5.86 30.08
CA VAL J 122 -5.85 -7.17 30.20
C VAL J 122 -5.22 -7.91 31.38
N PRO J 123 -6.01 -8.45 32.32
CA PRO J 123 -5.38 -9.18 33.44
C PRO J 123 -4.80 -10.52 33.00
N GLY J 124 -3.47 -10.57 32.90
CA GLY J 124 -2.82 -11.79 32.43
C GLY J 124 -3.09 -12.99 33.32
N ALA J 125 -3.19 -12.77 34.62
CA ALA J 125 -3.48 -13.87 35.53
C ALA J 125 -4.84 -14.48 35.24
N SER J 126 -5.79 -13.67 34.79
CA SER J 126 -7.12 -14.20 34.46
C SER J 126 -7.09 -14.97 33.15
N VAL J 127 -6.29 -14.52 32.18
CA VAL J 127 -6.11 -15.29 30.95
C VAL J 127 -5.51 -16.65 31.27
N ALA J 128 -4.51 -16.67 32.15
CA ALA J 128 -3.90 -17.94 32.55
C ALA J 128 -4.93 -18.87 33.17
N ALA J 129 -5.84 -18.33 34.00
CA ALA J 129 -6.90 -19.15 34.57
C ALA J 129 -7.80 -19.71 33.47
N GLY J 130 -8.17 -18.88 32.50
CA GLY J 130 -8.99 -19.37 31.39
C GLY J 130 -8.28 -20.44 30.58
N VAL J 131 -6.99 -20.25 30.33
CA VAL J 131 -6.21 -21.26 29.60
C VAL J 131 -6.16 -22.55 30.40
N GLN J 132 -6.06 -22.44 31.72
CA GLN J 132 -6.05 -23.63 32.57
C GLN J 132 -7.38 -24.38 32.47
N LYS J 133 -8.49 -23.67 32.39
CA LYS J 133 -9.78 -24.32 32.26
C LYS J 133 -9.91 -25.02 30.90
N MET J 134 -9.44 -24.38 29.83
CA MET J 134 -9.44 -25.05 28.53
C MET J 134 -8.58 -26.30 28.57
N LYS J 135 -7.43 -26.23 29.25
CA LYS J 135 -6.55 -27.39 29.35
C LYS J 135 -7.29 -28.57 29.98
N GLU J 136 -7.97 -28.32 31.10
CA GLU J 136 -8.68 -29.39 31.78
C GLU J 136 -9.70 -30.04 30.87
N ALA J 137 -10.48 -29.23 30.15
CA ALA J 137 -11.49 -29.78 29.25
C ALA J 137 -10.85 -30.51 28.08
N ALA J 138 -9.80 -29.94 27.50
CA ALA J 138 -9.17 -30.55 26.33
C ALA J 138 -8.60 -31.92 26.66
N LEU J 139 -7.88 -32.02 27.79
CA LEU J 139 -7.25 -33.30 28.14
C LEU J 139 -8.29 -34.39 28.38
N ASP J 140 -9.40 -34.04 29.02
CA ASP J 140 -10.48 -35.01 29.20
C ASP J 140 -11.01 -35.47 27.85
N ILE J 141 -11.19 -34.54 26.92
CA ILE J 141 -11.70 -34.89 25.59
C ILE J 141 -10.72 -35.81 24.88
N VAL J 142 -9.42 -35.49 24.94
CA VAL J 142 -8.42 -36.33 24.30
C VAL J 142 -8.43 -37.73 24.89
N ASN J 143 -8.64 -37.83 26.21
CA ASN J 143 -8.54 -39.09 26.92
C ASN J 143 -9.82 -39.92 26.89
N ASP J 144 -10.88 -39.42 26.25
CA ASP J 144 -12.16 -40.13 26.30
C ASP J 144 -12.02 -41.51 25.67
N PRO J 145 -12.29 -42.61 26.39
CA PRO J 145 -12.05 -43.94 25.81
C PRO J 145 -13.09 -44.37 24.79
N ASN J 146 -14.19 -43.64 24.65
CA ASN J 146 -15.30 -44.09 23.81
C ASN J 146 -15.06 -43.76 22.34
N GLY J 147 -15.50 -44.67 21.46
CA GLY J 147 -15.48 -44.41 20.03
C GLY J 147 -14.10 -44.22 19.44
N ILE J 148 -13.13 -45.03 19.87
CA ILE J 148 -11.77 -44.92 19.38
C ILE J 148 -11.04 -46.23 19.70
N THR J 149 -10.03 -46.54 18.91
CA THR J 149 -9.20 -47.71 19.17
C THR J 149 -8.41 -47.52 20.45
N ARG J 150 -8.59 -48.43 21.41
CA ARG J 150 -8.03 -48.23 22.73
C ARG J 150 -6.51 -48.33 22.71
N GLY J 151 -5.88 -47.52 23.55
CA GLY J 151 -4.44 -47.54 23.70
C GLY J 151 -4.02 -46.47 24.68
N ASP J 152 -2.72 -46.40 24.90
CA ASP J 152 -2.15 -45.49 25.90
C ASP J 152 -1.78 -44.18 25.23
N CYS J 153 -2.47 -43.10 25.61
CA CYS J 153 -2.19 -41.76 25.12
C CYS J 153 -1.62 -40.86 26.19
N SER J 154 -0.97 -41.43 27.21
CA SER J 154 -0.42 -40.60 28.28
C SER J 154 0.67 -39.67 27.76
N ALA J 155 1.52 -40.17 26.86
CA ALA J 155 2.64 -39.37 26.37
C ALA J 155 2.16 -38.16 25.58
N ILE J 156 1.19 -38.35 24.68
CA ILE J 156 0.67 -37.22 23.91
C ILE J 156 -0.09 -36.28 24.83
N VAL J 157 -0.83 -36.82 25.81
CA VAL J 157 -1.57 -35.98 26.73
C VAL J 157 -0.61 -35.12 27.57
N ALA J 158 0.50 -35.71 28.02
CA ALA J 158 1.49 -34.93 28.76
C ALA J 158 2.08 -33.83 27.87
N GLU J 159 2.33 -34.13 26.61
CA GLU J 159 2.84 -33.13 25.69
C GLU J 159 1.84 -32.00 25.51
N ILE J 160 0.55 -32.32 25.35
CA ILE J 160 -0.46 -31.30 25.16
C ILE J 160 -0.59 -30.44 26.41
N ALA J 161 -0.55 -31.06 27.59
CA ALA J 161 -0.60 -30.29 28.84
C ALA J 161 0.53 -29.28 28.90
N GLY J 162 1.72 -29.66 28.40
CA GLY J 162 2.84 -28.73 28.42
C GLY J 162 2.59 -27.50 27.56
N TYR J 163 1.98 -27.69 26.39
CA TYR J 163 1.68 -26.55 25.52
C TYR J 163 0.70 -25.61 26.18
N PHE J 164 -0.32 -26.15 26.85
CA PHE J 164 -1.23 -25.31 27.61
C PHE J 164 -0.49 -24.58 28.73
N ASP J 165 0.40 -25.29 29.44
CA ASP J 165 1.17 -24.66 30.51
C ASP J 165 2.07 -23.56 29.97
N ARG J 166 2.67 -23.79 28.80
CA ARG J 166 3.49 -22.76 28.16
C ARG J 166 2.67 -21.50 27.92
N ALA J 167 1.48 -21.65 27.34
CA ALA J 167 0.64 -20.49 27.05
C ALA J 167 0.24 -19.77 28.34
N ALA J 168 -0.13 -20.53 29.37
CA ALA J 168 -0.53 -19.91 30.63
C ALA J 168 0.64 -19.17 31.28
N ALA J 169 1.83 -19.75 31.21
CA ALA J 169 2.99 -19.09 31.80
C ALA J 169 3.38 -17.83 31.05
N ALA J 170 3.18 -17.82 29.72
CA ALA J 170 3.59 -16.67 28.92
C ALA J 170 2.76 -15.43 29.24
N VAL J 171 1.54 -15.60 29.72
CA VAL J 171 0.65 -14.48 29.99
C VAL J 171 0.63 -14.19 31.50
N ALA J 172 0.84 -15.23 32.30
CA ALA J 172 0.93 -15.09 33.75
C ALA J 172 1.22 -16.45 34.41
N MET K 1 -16.72 8.23 19.12
CA MET K 1 -18.03 7.56 18.86
C MET K 1 -18.97 8.52 18.13
N LYS K 2 -19.96 7.97 17.43
CA LYS K 2 -20.79 8.77 16.53
C LYS K 2 -21.74 9.65 17.32
N THR K 3 -21.40 10.94 17.40
CA THR K 3 -22.30 11.97 17.87
C THR K 3 -22.13 13.19 16.97
N PRO K 4 -23.11 14.11 16.95
CA PRO K 4 -22.99 15.26 16.04
C PRO K 4 -21.74 16.10 16.25
N LEU K 5 -21.37 16.37 17.50
CA LEU K 5 -20.19 17.21 17.73
C LEU K 5 -18.91 16.46 17.37
N THR K 6 -18.80 15.20 17.75
CA THR K 6 -17.62 14.42 17.40
C THR K 6 -17.50 14.24 15.90
N GLU K 7 -18.62 13.95 15.22
CA GLU K 7 -18.57 13.79 13.77
C GLU K 7 -18.14 15.09 13.09
N ALA K 8 -18.65 16.22 13.58
CA ALA K 8 -18.31 17.51 12.97
C ALA K 8 -16.81 17.77 13.06
N VAL K 9 -16.23 17.58 14.24
CA VAL K 9 -14.80 17.81 14.40
C VAL K 9 -14.00 16.75 13.65
N SER K 10 -14.50 15.52 13.62
CA SER K 10 -13.80 14.46 12.89
C SER K 10 -13.73 14.77 11.40
N THR K 11 -14.80 15.32 10.83
CA THR K 11 -14.78 15.68 9.42
C THR K 11 -13.78 16.80 9.15
N ALA K 12 -13.84 17.87 9.95
CA ALA K 12 -12.91 18.98 9.75
C ALA K 12 -11.47 18.55 10.00
N ASP K 13 -11.25 17.75 11.03
CA ASP K 13 -9.90 17.27 11.32
C ASP K 13 -9.35 16.42 10.19
N SER K 14 -10.19 15.56 9.61
CA SER K 14 -9.76 14.76 8.46
C SER K 14 -9.34 15.65 7.31
N GLN K 15 -10.03 16.77 7.12
CA GLN K 15 -9.73 17.70 6.04
C GLN K 15 -8.65 18.72 6.42
N GLY K 16 -8.20 18.73 7.67
CA GLY K 16 -7.22 19.70 8.10
C GLY K 16 -7.73 21.12 8.03
N ARG K 17 -9.00 21.32 8.36
CA ARG K 17 -9.68 22.60 8.19
C ARG K 17 -10.21 23.11 9.51
N PHE K 18 -10.29 24.43 9.62
CA PHE K 18 -11.08 25.02 10.69
C PHE K 18 -12.55 24.65 10.52
N LEU K 19 -13.29 24.76 11.61
CA LEU K 19 -14.73 24.54 11.53
C LEU K 19 -15.39 25.66 10.74
N SER K 20 -16.35 25.30 9.89
CA SER K 20 -17.05 26.24 9.03
C SER K 20 -18.54 26.21 9.36
N SER K 21 -19.31 26.99 8.58
CA SER K 21 -20.75 27.07 8.81
C SER K 21 -21.41 25.71 8.78
N THR K 22 -20.88 24.77 8.00
CA THR K 22 -21.41 23.41 8.01
C THR K 22 -21.35 22.82 9.41
N GLU K 23 -20.18 22.90 10.04
CA GLU K 23 -20.04 22.31 11.38
C GLU K 23 -20.86 23.07 12.40
N LEU K 24 -20.94 24.40 12.27
CA LEU K 24 -21.77 25.17 13.19
C LEU K 24 -23.23 24.78 13.08
N GLN K 25 -23.70 24.51 11.87
CA GLN K 25 -25.06 24.03 11.69
C GLN K 25 -25.27 22.71 12.42
N ILE K 26 -24.27 21.82 12.36
CA ILE K 26 -24.37 20.55 13.08
C ILE K 26 -24.57 20.80 14.56
N ALA K 27 -23.80 21.73 15.12
CA ALA K 27 -23.94 22.07 16.54
C ALA K 27 -25.34 22.60 16.84
N PHE K 28 -25.87 23.45 15.96
CA PHE K 28 -27.22 23.95 16.16
C PHE K 28 -28.23 22.81 16.15
N GLY K 29 -28.05 21.83 15.28
CA GLY K 29 -28.89 20.66 15.29
C GLY K 29 -28.82 19.92 16.62
N ARG K 30 -27.61 19.77 17.15
CA ARG K 30 -27.45 19.15 18.47
C ARG K 30 -28.22 19.93 19.53
N LEU K 31 -28.07 21.25 19.55
CA LEU K 31 -28.70 22.06 20.58
C LEU K 31 -30.22 21.97 20.50
N ARG K 32 -30.76 21.91 19.29
CA ARG K 32 -32.21 21.73 19.14
C ARG K 32 -32.67 20.42 19.74
N GLN K 33 -31.83 19.40 19.70
CA GLN K 33 -32.20 18.06 20.14
C GLN K 33 -31.87 17.79 21.61
N ALA K 34 -30.85 18.46 22.15
CA ALA K 34 -30.21 17.98 23.37
C ALA K 34 -31.17 17.91 24.55
N ASN K 35 -31.97 18.97 24.75
CA ASN K 35 -32.84 19.03 25.92
C ASN K 35 -33.88 17.90 25.89
N ALA K 36 -34.45 17.61 24.72
CA ALA K 36 -35.37 16.48 24.61
C ALA K 36 -34.66 15.17 24.92
N GLY K 37 -33.42 15.04 24.46
CA GLY K 37 -32.65 13.84 24.78
C GLY K 37 -32.41 13.68 26.27
N LEU K 38 -32.04 14.77 26.94
CA LEU K 38 -31.83 14.71 28.38
C LEU K 38 -33.13 14.38 29.11
N GLN K 39 -34.25 14.93 28.64
CA GLN K 39 -35.54 14.59 29.22
C GLN K 39 -35.84 13.11 29.05
N ALA K 40 -35.59 12.57 27.86
CA ALA K 40 -35.83 11.15 27.63
C ALA K 40 -34.95 10.30 28.52
N ALA K 41 -33.67 10.68 28.66
CA ALA K 41 -32.77 9.92 29.53
C ALA K 41 -33.27 9.91 30.96
N LYS K 42 -33.74 11.05 31.47
CA LYS K 42 -34.26 11.10 32.83
C LYS K 42 -35.50 10.23 32.97
N ALA K 43 -36.43 10.30 32.01
CA ALA K 43 -37.66 9.53 32.11
C ALA K 43 -37.37 8.03 32.08
N LEU K 44 -36.49 7.59 31.20
CA LEU K 44 -36.13 6.18 31.15
C LEU K 44 -35.41 5.75 32.43
N THR K 45 -34.54 6.61 32.94
CA THR K 45 -33.78 6.27 34.14
C THR K 45 -34.70 6.11 35.35
N ASP K 46 -35.64 7.04 35.52
CA ASP K 46 -36.56 6.96 36.66
C ASP K 46 -37.44 5.73 36.58
N ASN K 47 -37.73 5.25 35.38
CA ASN K 47 -38.62 4.13 35.14
C ASN K 47 -37.87 2.85 34.82
N ALA K 48 -36.55 2.83 35.03
CA ALA K 48 -35.71 1.75 34.50
C ALA K 48 -36.09 0.41 35.10
N GLN K 49 -36.26 0.36 36.43
CA GLN K 49 -36.62 -0.90 37.07
C GLN K 49 -37.92 -1.47 36.51
N SER K 50 -38.93 -0.63 36.32
CA SER K 50 -40.19 -1.11 35.79
C SER K 50 -40.05 -1.57 34.34
N LEU K 51 -39.33 -0.79 33.52
CA LEU K 51 -39.16 -1.17 32.13
C LEU K 51 -38.36 -2.47 31.98
N VAL K 52 -37.29 -2.62 32.76
CA VAL K 52 -36.45 -3.80 32.65
C VAL K 52 -37.22 -5.04 33.11
N ASN K 53 -37.91 -4.94 34.25
CA ASN K 53 -38.68 -6.07 34.74
C ASN K 53 -39.82 -6.42 33.80
N GLY K 54 -40.56 -5.43 33.32
CA GLY K 54 -41.62 -5.71 32.37
C GLY K 54 -41.07 -6.26 31.06
N ALA K 55 -39.95 -5.71 30.60
CA ALA K 55 -39.35 -6.20 29.36
C ALA K 55 -38.92 -7.65 29.50
N ALA K 56 -38.30 -8.01 30.62
CA ALA K 56 -37.91 -9.40 30.84
C ALA K 56 -39.12 -10.31 30.85
N GLN K 57 -40.20 -9.90 31.52
CA GLN K 57 -41.40 -10.72 31.58
C GLN K 57 -42.05 -10.84 30.21
N ALA K 58 -42.01 -9.79 29.40
CA ALA K 58 -42.52 -9.87 28.04
C ALA K 58 -41.76 -10.91 27.23
N VAL K 59 -40.44 -10.99 27.41
CA VAL K 59 -39.65 -12.00 26.71
C VAL K 59 -40.06 -13.39 27.17
N TYR K 60 -40.19 -13.59 28.49
CA TYR K 60 -40.56 -14.90 29.01
C TYR K 60 -41.93 -15.32 28.49
N ASN K 61 -42.88 -14.40 28.41
CA ASN K 61 -44.19 -14.73 27.88
C ASN K 61 -44.12 -15.12 26.41
N LYS K 62 -43.37 -14.37 25.61
CA LYS K 62 -43.30 -14.66 24.18
C LYS K 62 -42.50 -15.92 23.90
N PHE K 63 -41.54 -16.25 24.75
CA PHE K 63 -40.65 -17.40 24.56
C PHE K 63 -40.67 -18.23 25.85
N PRO K 64 -41.79 -18.89 26.15
CA PRO K 64 -41.91 -19.57 27.46
C PRO K 64 -40.90 -20.67 27.67
N TYR K 65 -40.33 -21.24 26.61
CA TYR K 65 -39.30 -22.26 26.79
C TYR K 65 -38.08 -21.73 27.51
N THR K 66 -37.85 -20.41 27.51
CA THR K 66 -36.67 -19.86 28.15
C THR K 66 -36.74 -19.99 29.68
N THR K 67 -37.94 -20.04 30.25
CA THR K 67 -38.12 -20.21 31.69
C THR K 67 -38.46 -21.65 32.06
N GLN K 68 -38.58 -22.56 31.08
CA GLN K 68 -38.91 -23.95 31.33
C GLN K 68 -37.79 -24.91 31.01
N THR K 69 -36.80 -24.50 30.22
CA THR K 69 -35.78 -25.39 29.69
C THR K 69 -34.48 -25.24 30.48
N GLN K 70 -33.94 -26.37 30.93
CA GLN K 70 -32.64 -26.35 31.58
C GLN K 70 -31.56 -26.03 30.58
N GLY K 71 -30.55 -25.31 31.02
CA GLY K 71 -29.44 -24.91 30.18
C GLY K 71 -28.86 -23.60 30.67
N ASN K 72 -27.57 -23.42 30.42
CA ASN K 72 -26.89 -22.20 30.84
C ASN K 72 -27.37 -20.98 30.08
N ASN K 73 -27.91 -21.16 28.87
CA ASN K 73 -28.35 -20.04 28.05
C ASN K 73 -29.80 -19.65 28.31
N PHE K 74 -30.50 -20.35 29.20
CA PHE K 74 -31.92 -20.10 29.47
C PHE K 74 -32.10 -19.56 30.88
N ALA K 75 -33.31 -19.07 31.13
CA ALA K 75 -33.69 -18.43 32.39
C ALA K 75 -34.63 -19.31 33.20
N ALA K 76 -34.39 -20.62 33.20
CA ALA K 76 -35.24 -21.52 33.97
C ALA K 76 -34.97 -21.39 35.47
N ASP K 77 -33.77 -20.98 35.86
CA ASP K 77 -33.40 -20.78 37.25
C ASP K 77 -33.16 -19.30 37.51
N GLN K 78 -33.02 -18.96 38.80
CA GLN K 78 -32.79 -17.56 39.16
C GLN K 78 -31.48 -17.05 38.59
N ARG K 79 -30.49 -17.92 38.40
CA ARG K 79 -29.24 -17.51 37.78
C ARG K 79 -29.48 -16.93 36.39
N GLY K 80 -30.18 -17.69 35.54
CA GLY K 80 -30.43 -17.21 34.19
C GLY K 80 -31.36 -16.01 34.16
N LYS K 81 -32.35 -15.98 35.07
CA LYS K 81 -33.22 -14.82 35.16
C LYS K 81 -32.44 -13.56 35.50
N ASP K 82 -31.50 -13.67 36.45
CA ASP K 82 -30.67 -12.53 36.81
C ASP K 82 -29.80 -12.09 35.65
N LYS K 83 -29.23 -13.05 34.90
CA LYS K 83 -28.46 -12.70 33.72
C LYS K 83 -29.33 -11.97 32.71
N CYS K 84 -30.56 -12.45 32.51
CA CYS K 84 -31.43 -11.86 31.51
C CYS K 84 -31.79 -10.42 31.88
N ALA K 85 -32.22 -10.20 33.13
CA ALA K 85 -32.57 -8.87 33.57
C ALA K 85 -31.36 -7.94 33.49
N ARG K 86 -30.17 -8.46 33.81
CA ARG K 86 -28.95 -7.68 33.66
C ARG K 86 -28.78 -7.23 32.21
N ASP K 87 -28.91 -8.16 31.25
CA ASP K 87 -28.70 -7.82 29.85
C ASP K 87 -29.67 -6.75 29.37
N ILE K 88 -30.96 -6.93 29.69
CA ILE K 88 -31.95 -5.95 29.29
C ILE K 88 -31.65 -4.60 29.93
N GLY K 89 -31.17 -4.61 31.17
CA GLY K 89 -30.76 -3.36 31.80
C GLY K 89 -29.61 -2.70 31.07
N TYR K 90 -28.68 -3.49 30.55
CA TYR K 90 -27.58 -2.92 29.78
C TYR K 90 -28.09 -2.21 28.55
N TYR K 91 -29.04 -2.82 27.83
CA TYR K 91 -29.64 -2.17 26.67
C TYR K 91 -30.30 -0.85 27.07
N LEU K 92 -31.10 -0.88 28.13
CA LEU K 92 -31.82 0.34 28.52
C LEU K 92 -30.86 1.42 28.97
N ARG K 93 -29.85 1.07 29.76
CA ARG K 93 -28.88 2.05 30.22
C ARG K 93 -28.10 2.66 29.06
N ILE K 94 -27.61 1.81 28.16
CA ILE K 94 -26.81 2.32 27.06
C ILE K 94 -27.67 3.15 26.11
N VAL K 95 -28.97 2.84 26.02
CA VAL K 95 -29.86 3.68 25.23
C VAL K 95 -29.96 5.08 25.84
N THR K 96 -30.00 5.18 27.16
CA THR K 96 -30.03 6.49 27.79
C THR K 96 -28.75 7.27 27.48
N TYR K 97 -27.62 6.57 27.40
CA TYR K 97 -26.38 7.22 27.00
C TYR K 97 -26.50 7.81 25.59
N CYS K 98 -27.10 7.07 24.67
CA CYS K 98 -27.29 7.58 23.32
C CYS K 98 -28.11 8.87 23.35
N LEU K 99 -29.13 8.91 24.18
CA LEU K 99 -29.94 10.12 24.31
C LEU K 99 -29.13 11.28 24.87
N VAL K 100 -28.25 11.00 25.83
CA VAL K 100 -27.40 12.06 26.36
C VAL K 100 -26.39 12.50 25.31
N ALA K 101 -25.75 11.54 24.65
CA ALA K 101 -24.72 11.87 23.67
C ALA K 101 -25.30 12.41 22.36
N GLY K 102 -26.56 12.11 22.07
CA GLY K 102 -27.16 12.54 20.82
C GLY K 102 -26.79 11.69 19.63
N GLY K 103 -26.40 10.43 19.84
CA GLY K 103 -26.07 9.56 18.73
C GLY K 103 -26.00 8.12 19.19
N THR K 104 -25.81 7.24 18.21
CA THR K 104 -25.69 5.81 18.47
C THR K 104 -24.34 5.41 19.05
N GLY K 105 -23.42 6.36 19.21
CA GLY K 105 -22.07 6.10 19.65
C GLY K 105 -21.96 5.12 20.82
N PRO K 106 -22.63 5.43 21.94
CA PRO K 106 -22.59 4.50 23.07
C PRO K 106 -23.09 3.10 22.74
N LEU K 107 -24.16 2.98 21.94
CA LEU K 107 -24.62 1.66 21.53
C LEU K 107 -23.58 0.98 20.64
N ASP K 108 -23.00 1.73 19.69
CA ASP K 108 -22.01 1.15 18.79
C ASP K 108 -20.79 0.65 19.57
N GLU K 109 -20.31 1.44 20.52
CA GLU K 109 -19.06 1.12 21.19
C GLU K 109 -19.26 0.08 22.28
N TYR K 110 -20.32 0.21 23.08
CA TYR K 110 -20.45 -0.60 24.29
C TYR K 110 -21.23 -1.89 24.07
N LEU K 111 -22.16 -1.92 23.11
CA LEU K 111 -23.09 -3.03 22.97
C LEU K 111 -23.03 -3.74 21.63
N ILE K 112 -23.09 -3.01 20.52
CA ILE K 112 -23.36 -3.66 19.24
C ILE K 112 -22.11 -4.30 18.66
N ALA K 113 -20.96 -3.62 18.75
CA ALA K 113 -19.73 -4.17 18.21
C ALA K 113 -19.41 -5.49 18.90
N GLY K 114 -19.46 -6.59 18.15
CA GLY K 114 -19.20 -7.90 18.69
C GLY K 114 -20.41 -8.63 19.28
N ILE K 115 -21.59 -8.02 19.25
CA ILE K 115 -22.77 -8.68 19.84
C ILE K 115 -23.09 -9.97 19.13
N ASP K 116 -22.85 -10.04 17.81
CA ASP K 116 -23.12 -11.27 17.07
C ASP K 116 -22.28 -12.42 17.60
N GLU K 117 -21.01 -12.17 17.88
CA GLU K 117 -20.13 -13.22 18.39
C GLU K 117 -20.58 -13.69 19.77
N ILE K 118 -21.02 -12.76 20.62
CA ILE K 118 -21.46 -13.13 21.97
C ILE K 118 -22.68 -14.03 21.89
N ASN K 119 -23.69 -13.62 21.12
CA ASN K 119 -24.92 -14.39 21.04
C ASN K 119 -24.69 -15.76 20.43
N ARG K 120 -23.81 -15.84 19.43
CA ARG K 120 -23.47 -17.14 18.86
C ARG K 120 -22.76 -18.01 19.89
N THR K 121 -21.75 -17.44 20.56
CA THR K 121 -20.91 -18.24 21.46
C THR K 121 -21.72 -18.78 22.63
N PHE K 122 -22.59 -17.96 23.21
CA PHE K 122 -23.36 -18.34 24.38
C PHE K 122 -24.78 -18.79 24.03
N ASP K 123 -25.07 -18.99 22.75
CA ASP K 123 -26.34 -19.59 22.31
C ASP K 123 -27.53 -18.76 22.78
N LEU K 124 -27.42 -17.44 22.65
CA LEU K 124 -28.48 -16.51 23.00
C LEU K 124 -29.18 -16.08 21.72
N SER K 125 -30.51 -16.12 21.74
CA SER K 125 -31.26 -15.76 20.54
C SER K 125 -31.42 -14.25 20.45
N PRO K 126 -31.02 -13.60 19.35
CA PRO K 126 -31.29 -12.17 19.23
C PRO K 126 -32.78 -11.84 19.27
N SER K 127 -33.65 -12.80 18.95
CA SER K 127 -35.08 -12.55 18.99
C SER K 127 -35.56 -12.23 20.40
N TRP K 128 -34.93 -12.83 21.42
CA TRP K 128 -35.29 -12.52 22.80
C TRP K 128 -35.13 -11.03 23.07
N TYR K 129 -33.98 -10.47 22.69
CA TYR K 129 -33.71 -9.06 22.96
C TYR K 129 -34.55 -8.15 22.10
N VAL K 130 -34.85 -8.56 20.86
CA VAL K 130 -35.75 -7.77 20.02
C VAL K 130 -37.10 -7.61 20.72
N GLU K 131 -37.60 -8.69 21.33
CA GLU K 131 -38.87 -8.60 22.04
C GLU K 131 -38.77 -7.65 23.22
N ALA K 132 -37.66 -7.71 23.96
CA ALA K 132 -37.47 -6.78 25.08
C ALA K 132 -37.45 -5.35 24.61
N LEU K 133 -36.73 -5.07 23.51
CA LEU K 133 -36.65 -3.72 22.99
C LEU K 133 -38.02 -3.21 22.55
N LYS K 134 -38.81 -4.09 21.92
CA LYS K 134 -40.16 -3.72 21.52
C LYS K 134 -41.02 -3.37 22.73
N TYR K 135 -40.85 -4.10 23.84
CA TYR K 135 -41.59 -3.77 25.05
C TYR K 135 -41.23 -2.37 25.53
N ILE K 136 -39.94 -2.06 25.57
CA ILE K 136 -39.51 -0.75 26.05
C ILE K 136 -40.06 0.35 25.15
N LYS K 137 -40.09 0.11 23.84
CA LYS K 137 -40.65 1.08 22.91
C LYS K 137 -42.12 1.37 23.24
N ALA K 138 -42.89 0.32 23.50
CA ALA K 138 -44.33 0.46 23.71
C ALA K 138 -44.68 0.93 25.12
N ASN K 139 -43.69 1.08 26.01
CA ASN K 139 -43.96 1.32 27.42
C ASN K 139 -43.15 2.45 28.04
N HIS K 140 -42.26 3.12 27.30
CA HIS K 140 -41.50 4.20 27.91
C HIS K 140 -42.31 5.48 28.05
N GLY K 141 -43.45 5.61 27.38
CA GLY K 141 -44.35 6.72 27.61
C GLY K 141 -43.87 8.07 27.15
N LEU K 142 -42.75 8.13 26.43
CA LEU K 142 -42.24 9.39 25.91
C LEU K 142 -43.17 9.93 24.82
N SER K 143 -42.93 11.18 24.45
CA SER K 143 -43.68 11.82 23.37
C SER K 143 -42.80 12.81 22.65
N GLY K 144 -43.23 13.20 21.45
CA GLY K 144 -42.55 14.25 20.71
C GLY K 144 -41.13 13.86 20.34
N ASP K 145 -40.23 14.84 20.39
CA ASP K 145 -38.84 14.59 20.01
C ASP K 145 -38.19 13.56 20.92
N ALA K 146 -38.57 13.53 22.20
CA ALA K 146 -38.02 12.53 23.11
C ALA K 146 -38.38 11.12 22.64
N ARG K 147 -39.64 10.91 22.26
CA ARG K 147 -40.07 9.62 21.76
C ARG K 147 -39.32 9.26 20.48
N ASP K 148 -39.23 10.22 19.56
CA ASP K 148 -38.63 9.93 18.25
C ASP K 148 -37.19 9.51 18.39
N GLU K 149 -36.39 10.31 19.12
CA GLU K 149 -34.98 9.96 19.28
C GLU K 149 -34.81 8.66 20.05
N ALA K 150 -35.60 8.47 21.11
CA ALA K 150 -35.50 7.25 21.90
C ALA K 150 -35.82 6.02 21.04
N ASN K 151 -36.92 6.09 20.28
CA ASN K 151 -37.29 4.96 19.44
C ASN K 151 -36.27 4.72 18.33
N SER K 152 -35.55 5.76 17.91
CA SER K 152 -34.53 5.57 16.88
C SER K 152 -33.41 4.67 17.39
N TYR K 153 -33.00 4.85 18.65
CA TYR K 153 -31.96 4.00 19.21
C TYR K 153 -32.48 2.60 19.51
N LEU K 154 -33.72 2.49 20.00
CA LEU K 154 -34.29 1.17 20.24
C LEU K 154 -34.43 0.39 18.93
N ASP K 155 -34.90 1.06 17.87
CA ASP K 155 -34.98 0.41 16.56
C ASP K 155 -33.59 0.14 16.00
N TYR K 156 -32.63 1.04 16.26
CA TYR K 156 -31.26 0.82 15.82
C TYR K 156 -30.71 -0.48 16.39
N ALA K 157 -30.95 -0.71 17.70
CA ALA K 157 -30.53 -1.96 18.32
C ALA K 157 -31.30 -3.14 17.72
N ILE K 158 -32.61 -2.98 17.51
CA ILE K 158 -33.41 -4.06 16.94
C ILE K 158 -32.88 -4.43 15.57
N ASN K 159 -32.60 -3.44 14.73
CA ASN K 159 -32.09 -3.71 13.38
C ASN K 159 -30.74 -4.40 13.45
N ALA K 160 -29.88 -3.99 14.39
CA ALA K 160 -28.60 -4.65 14.55
C ALA K 160 -28.77 -6.11 14.92
N LEU K 161 -29.81 -6.45 15.66
CA LEU K 161 -30.09 -7.83 16.05
C LEU K 161 -30.78 -8.63 14.95
N SER K 162 -31.23 -7.99 13.88
CA SER K 162 -31.99 -8.65 12.83
C SER K 162 -31.42 -8.33 11.45
N MET L 1 -11.84 10.70 20.36
CA MET L 1 -12.08 11.95 21.14
C MET L 1 -13.42 11.88 21.86
N PHE L 2 -13.56 12.72 22.89
CA PHE L 2 -14.83 12.91 23.59
C PHE L 2 -15.29 14.35 23.37
N ASP L 3 -16.61 14.52 23.35
CA ASP L 3 -17.20 15.83 23.50
C ASP L 3 -17.73 15.96 24.93
N VAL L 4 -18.33 17.10 25.24
CA VAL L 4 -18.78 17.35 26.60
C VAL L 4 -19.78 16.28 27.04
N PHE L 5 -20.62 15.82 26.12
CA PHE L 5 -21.63 14.82 26.46
C PHE L 5 -21.00 13.43 26.63
N THR L 6 -20.18 13.01 25.67
CA THR L 6 -19.65 11.65 25.72
C THR L 6 -18.64 11.47 26.84
N ARG L 7 -17.99 12.54 27.30
CA ARG L 7 -17.09 12.43 28.44
C ARG L 7 -17.85 11.94 29.66
N VAL L 8 -19.03 12.50 29.92
CA VAL L 8 -19.83 12.07 31.06
C VAL L 8 -20.36 10.66 30.84
N VAL L 9 -20.75 10.35 29.61
CA VAL L 9 -21.28 9.03 29.30
C VAL L 9 -20.23 7.96 29.55
N SER L 10 -19.01 8.18 29.06
CA SER L 10 -17.96 7.18 29.20
C SER L 10 -17.65 6.91 30.67
N GLN L 11 -17.62 7.97 31.49
CA GLN L 11 -17.42 7.78 32.93
C GLN L 11 -18.56 6.97 33.54
N ALA L 12 -19.80 7.25 33.13
CA ALA L 12 -20.94 6.55 33.70
C ALA L 12 -20.93 5.07 33.34
N ASP L 13 -20.58 4.74 32.09
CA ASP L 13 -20.58 3.35 31.67
C ASP L 13 -19.56 2.52 32.46
N ALA L 14 -18.37 3.09 32.69
CA ALA L 14 -17.36 2.37 33.45
C ALA L 14 -17.84 2.06 34.86
N ARG L 15 -18.71 2.90 35.42
CA ARG L 15 -19.32 2.64 36.71
C ARG L 15 -20.63 1.86 36.62
N GLY L 16 -21.12 1.61 35.41
CA GLY L 16 -22.36 0.87 35.24
C GLY L 16 -23.57 1.58 35.82
N GLU L 17 -23.62 2.91 35.74
CA GLU L 17 -24.69 3.69 36.34
C GLU L 17 -25.37 4.57 35.31
N TYR L 18 -26.66 4.80 35.51
CA TYR L 18 -27.36 5.87 34.80
C TYR L 18 -26.82 7.22 35.24
N LEU L 19 -26.89 8.20 34.35
CA LEU L 19 -26.50 9.56 34.71
C LEU L 19 -27.42 10.08 35.81
N SER L 20 -26.82 10.69 36.83
CA SER L 20 -27.61 11.23 37.92
C SER L 20 -28.37 12.47 37.46
N GLY L 21 -29.36 12.87 38.27
CA GLY L 21 -30.10 14.08 37.97
C GLY L 21 -29.20 15.30 37.90
N SER L 22 -28.23 15.41 38.80
CA SER L 22 -27.31 16.54 38.76
C SER L 22 -26.48 16.53 37.48
N GLN L 23 -26.04 15.35 37.04
CA GLN L 23 -25.26 15.27 35.81
C GLN L 23 -26.09 15.70 34.61
N LEU L 24 -27.33 15.25 34.53
CA LEU L 24 -28.20 15.66 33.42
C LEU L 24 -28.46 17.17 33.47
N ASP L 25 -28.64 17.72 34.67
CA ASP L 25 -28.83 19.16 34.80
C ASP L 25 -27.58 19.91 34.35
N ALA L 26 -26.40 19.41 34.73
CA ALA L 26 -25.16 20.06 34.32
C ALA L 26 -25.03 20.10 32.81
N LEU L 27 -25.37 19.00 32.13
CA LEU L 27 -25.34 19.00 30.67
C LEU L 27 -26.41 19.91 30.09
N SER L 28 -27.57 19.99 30.75
CA SER L 28 -28.58 20.95 30.32
C SER L 28 -28.05 22.37 30.42
N ALA L 29 -27.29 22.66 31.48
CA ALA L 29 -26.65 23.98 31.58
C ALA L 29 -25.67 24.20 30.43
N THR L 30 -24.90 23.16 30.08
CA THR L 30 -23.99 23.28 28.95
C THR L 30 -24.74 23.60 27.66
N VAL L 31 -25.91 22.99 27.47
CA VAL L 31 -26.69 23.25 26.27
C VAL L 31 -27.11 24.71 26.20
N ALA L 32 -27.49 25.29 27.34
CA ALA L 32 -27.91 26.68 27.37
C ALA L 32 -26.80 27.64 26.96
N GLU L 33 -25.55 27.23 27.08
CA GLU L 33 -24.40 28.01 26.64
C GLU L 33 -24.00 27.73 25.20
N GLY L 34 -24.76 26.89 24.49
CA GLY L 34 -24.33 26.43 23.19
C GLY L 34 -24.22 27.55 22.17
N ASN L 35 -25.18 28.47 22.15
CA ASN L 35 -25.13 29.56 21.18
C ASN L 35 -23.88 30.40 21.38
N LYS L 36 -23.54 30.71 22.63
CA LYS L 36 -22.32 31.46 22.90
C LYS L 36 -21.09 30.70 22.45
N ARG L 37 -21.07 29.39 22.71
CA ARG L 37 -19.96 28.55 22.29
C ARG L 37 -19.78 28.59 20.77
N ILE L 38 -20.89 28.46 20.04
CA ILE L 38 -20.84 28.51 18.58
C ILE L 38 -20.33 29.86 18.11
N ASP L 39 -20.83 30.94 18.72
CA ASP L 39 -20.38 32.27 18.33
C ASP L 39 -18.89 32.45 18.59
N SER L 40 -18.39 31.93 19.71
CA SER L 40 -16.97 32.05 20.02
C SER L 40 -16.14 31.29 19.00
N VAL L 41 -16.57 30.09 18.61
CA VAL L 41 -15.85 29.32 17.59
C VAL L 41 -15.86 30.07 16.27
N ASN L 42 -17.03 30.60 15.89
CA ASN L 42 -17.13 31.32 14.62
C ASN L 42 -16.24 32.54 14.59
N ARG L 43 -16.16 33.26 15.72
CA ARG L 43 -15.39 34.50 15.75
C ARG L 43 -13.89 34.24 15.66
N ILE L 44 -13.40 33.22 16.37
CA ILE L 44 -11.98 32.88 16.26
C ILE L 44 -11.65 32.41 14.84
N THR L 45 -12.50 31.55 14.28
CA THR L 45 -12.25 31.03 12.94
C THR L 45 -12.24 32.14 11.90
N GLY L 46 -13.18 33.08 11.99
CA GLY L 46 -13.27 34.16 11.03
C GLY L 46 -12.07 35.09 11.05
N ASN L 47 -11.28 35.07 12.12
CA ASN L 47 -10.08 35.90 12.25
C ASN L 47 -8.83 35.04 12.36
N ALA L 48 -8.86 33.80 11.87
CA ALA L 48 -7.76 32.88 12.11
C ALA L 48 -6.47 33.37 11.48
N SER L 49 -6.53 33.85 10.23
CA SER L 49 -5.31 34.29 9.56
C SER L 49 -4.69 35.49 10.26
N ALA L 50 -5.52 36.47 10.63
CA ALA L 50 -5.00 37.64 11.32
C ALA L 50 -4.42 37.27 12.69
N ILE L 51 -5.09 36.38 13.42
CA ILE L 51 -4.61 36.00 14.74
C ILE L 51 -3.22 35.37 14.62
N VAL L 52 -3.06 34.44 13.68
CA VAL L 52 -1.78 33.77 13.53
C VAL L 52 -0.70 34.74 13.06
N SER L 53 -1.00 35.51 12.01
CA SER L 53 0.01 36.39 11.43
C SER L 53 0.40 37.50 12.39
N ASN L 54 -0.59 38.12 13.06
CA ASN L 54 -0.28 39.18 14.02
C ASN L 54 0.53 38.64 15.20
N ALA L 55 0.15 37.47 15.71
CA ALA L 55 0.94 36.88 16.79
C ALA L 55 2.36 36.58 16.33
N ALA L 56 2.51 36.01 15.13
CA ALA L 56 3.84 35.69 14.63
C ALA L 56 4.69 36.94 14.45
N ARG L 57 4.11 38.00 13.87
CA ARG L 57 4.85 39.24 13.71
C ARG L 57 5.27 39.80 15.06
N ALA L 58 4.35 39.78 16.03
CA ALA L 58 4.68 40.25 17.36
C ALA L 58 5.78 39.41 17.99
N LEU L 59 5.71 38.09 17.83
CA LEU L 59 6.72 37.21 18.44
C LEU L 59 8.11 37.50 17.89
N PHE L 60 8.23 37.63 16.56
CA PHE L 60 9.55 37.88 15.98
C PHE L 60 10.07 39.26 16.34
N ALA L 61 9.17 40.21 16.61
CA ALA L 61 9.60 41.54 17.03
C ALA L 61 10.22 41.51 18.43
N GLU L 62 9.56 40.82 19.38
CA GLU L 62 10.12 40.71 20.72
C GLU L 62 11.31 39.77 20.75
N GLN L 63 11.36 38.81 19.84
CA GLN L 63 12.38 37.76 19.84
C GLN L 63 13.06 37.72 18.49
N PRO L 64 13.84 38.75 18.16
CA PRO L 64 14.51 38.79 16.84
C PRO L 64 15.48 37.66 16.62
N GLN L 65 15.91 36.97 17.68
CA GLN L 65 16.86 35.87 17.52
C GLN L 65 16.23 34.67 16.81
N LEU L 66 14.91 34.61 16.75
CA LEU L 66 14.25 33.52 16.03
C LEU L 66 14.46 33.63 14.53
N ILE L 67 14.59 34.85 14.01
CA ILE L 67 14.59 35.11 12.58
C ILE L 67 15.94 35.59 12.06
N GLN L 68 16.93 35.76 12.93
CA GLN L 68 18.27 36.05 12.44
C GLN L 68 18.77 34.83 11.67
N PRO L 69 19.76 35.02 10.79
CA PRO L 69 20.35 33.86 10.11
C PRO L 69 20.87 32.84 11.12
N GLY L 70 20.53 31.58 10.89
CA GLY L 70 20.77 30.53 11.85
C GLY L 70 19.71 30.38 12.92
N GLY L 71 18.86 31.39 13.09
CA GLY L 71 17.75 31.31 14.04
C GLY L 71 16.80 30.21 13.64
N MEN L 72 15.96 29.79 14.57
CA MEN L 72 15.14 28.59 14.34
C MEN L 72 14.01 28.84 13.35
O MEN L 72 13.53 27.93 12.72
CB MEN L 72 14.55 28.04 15.65
CG MEN L 72 14.07 26.63 15.45
OD1 MEN L 72 12.88 26.35 15.47
ND2 MEN L 72 15.02 25.73 15.23
CE2 MEN L 72 14.73 24.35 14.88
H MEN L 72 15.80 30.24 15.47
HA MEN L 72 15.81 27.85 13.92
HB2 MEN L 72 13.75 28.68 16.01
HB3 MEN L 72 15.31 28.09 16.43
HD2 MEN L 72 16.00 25.97 15.31
HE21 MEN L 72 15.44 23.67 15.34
HE22 MEN L 72 14.77 24.19 13.81
HE23 MEN L 72 13.73 24.04 15.20
N ALA L 73 13.58 30.10 13.21
CA ALA L 73 12.53 30.45 12.25
C ALA L 73 13.11 30.98 10.93
N TYR L 74 14.43 30.90 10.77
CA TYR L 74 15.10 31.40 9.58
C TYR L 74 15.01 30.39 8.44
N THR L 75 15.04 30.90 7.21
CA THR L 75 14.77 30.17 5.97
C THR L 75 13.27 30.06 5.76
N SER L 76 12.84 30.02 4.50
CA SER L 76 11.41 29.98 4.22
C SER L 76 10.77 28.70 4.73
N ARG L 77 11.49 27.58 4.63
CA ARG L 77 10.93 26.29 5.06
C ARG L 77 10.59 26.32 6.55
N ARG L 78 11.51 26.81 7.37
CA ARG L 78 11.28 26.82 8.82
C ARG L 78 10.26 27.88 9.21
N MET L 79 10.31 29.05 8.58
CA MET L 79 9.28 30.06 8.84
C MET L 79 7.90 29.52 8.49
N ALA L 80 7.77 28.84 7.35
CA ALA L 80 6.49 28.25 6.98
C ALA L 80 6.05 27.20 7.99
N ALA L 81 6.98 26.37 8.45
CA ALA L 81 6.65 25.40 9.50
C ALA L 81 6.20 26.11 10.78
N CYS L 82 6.84 27.22 11.10
CA CYS L 82 6.49 27.95 12.32
C CYS L 82 5.08 28.51 12.21
N LEU L 83 4.77 29.19 11.11
CA LEU L 83 3.41 29.71 10.92
C LEU L 83 2.41 28.57 10.88
N ARG L 84 2.77 27.45 10.25
CA ARG L 84 1.89 26.29 10.22
C ARG L 84 1.58 25.80 11.62
N ASP L 85 2.59 25.71 12.48
CA ASP L 85 2.37 25.22 13.84
C ASP L 85 1.40 26.12 14.60
N MET L 86 1.55 27.42 14.46
CA MET L 86 0.64 28.35 15.14
C MET L 86 -0.79 28.13 14.66
N GLU L 87 -0.97 27.94 13.36
CA GLU L 87 -2.30 27.68 12.82
C GLU L 87 -2.85 26.34 13.31
N ILE L 88 -1.99 25.32 13.40
CA ILE L 88 -2.45 24.01 13.89
C ILE L 88 -2.96 24.14 15.32
N ILE L 89 -2.19 24.80 16.18
CA ILE L 89 -2.57 24.93 17.59
C ILE L 89 -3.88 25.70 17.71
N LEU L 90 -4.00 26.80 16.97
CA LEU L 90 -5.25 27.56 17.00
C LEU L 90 -6.42 26.70 16.52
N ARG L 91 -6.21 25.93 15.46
CA ARG L 91 -7.26 25.08 14.93
C ARG L 91 -7.77 24.11 15.99
N TYR L 92 -6.87 23.41 16.67
CA TYR L 92 -7.31 22.43 17.66
C TYR L 92 -7.85 23.10 18.91
N VAL L 93 -7.45 24.34 19.21
CA VAL L 93 -8.10 25.07 20.29
C VAL L 93 -9.56 25.30 19.96
N THR L 94 -9.85 25.68 18.71
CA THR L 94 -11.24 25.88 18.30
C THR L 94 -12.02 24.57 18.31
N TYR L 95 -11.36 23.47 17.95
CA TYR L 95 -12.01 22.16 18.06
C TYR L 95 -12.44 21.87 19.49
N ALA L 96 -11.52 22.06 20.45
CA ALA L 96 -11.84 21.79 21.85
C ALA L 96 -12.96 22.69 22.34
N THR L 97 -12.95 23.96 21.93
CA THR L 97 -14.04 24.86 22.27
C THR L 97 -15.36 24.34 21.71
N PHE L 98 -15.33 23.87 20.46
CA PHE L 98 -16.54 23.38 19.81
C PHE L 98 -17.10 22.18 20.56
N THR L 99 -16.25 21.19 20.87
CA THR L 99 -16.71 19.98 21.54
C THR L 99 -16.96 20.19 23.02
N GLY L 100 -16.35 21.20 23.63
CA GLY L 100 -16.44 21.37 25.06
C GLY L 100 -15.56 20.42 25.86
N ASP L 101 -14.60 19.77 25.22
CA ASP L 101 -13.70 18.82 25.86
C ASP L 101 -12.32 18.98 25.27
N ALA L 102 -11.30 18.89 26.11
CA ALA L 102 -9.93 19.13 25.69
C ALA L 102 -9.28 17.92 25.03
N SER L 103 -10.00 16.79 24.91
CA SER L 103 -9.37 15.55 24.47
C SER L 103 -8.79 15.68 23.06
N VAL L 104 -9.54 16.32 22.15
CA VAL L 104 -9.06 16.44 20.77
C VAL L 104 -7.78 17.26 20.72
N LEU L 105 -7.71 18.33 21.51
CA LEU L 105 -6.49 19.13 21.58
C LEU L 105 -5.34 18.32 22.15
N GLU L 106 -5.59 17.60 23.24
CA GLU L 106 -4.53 16.78 23.85
C GLU L 106 -4.07 15.69 22.90
N ASP L 107 -5.00 14.97 22.30
CA ASP L 107 -4.67 13.75 21.55
C ASP L 107 -3.99 14.09 20.23
N ARG L 108 -4.52 15.07 19.50
CA ARG L 108 -4.05 15.35 18.15
C ARG L 108 -2.88 16.33 18.14
N CYS L 109 -2.89 17.32 19.02
CA CYS L 109 -1.96 18.44 18.93
C CYS L 109 -0.85 18.38 19.97
N LEU L 110 -1.19 18.24 21.25
CA LEU L 110 -0.22 18.46 22.32
C LEU L 110 0.51 17.21 22.77
N ASN L 111 -0.08 16.03 22.58
CA ASN L 111 0.56 14.79 22.99
C ASN L 111 1.72 14.50 22.05
N GLY L 112 2.94 14.74 22.52
CA GLY L 112 4.15 14.53 21.74
C GLY L 112 4.77 15.79 21.18
N LEU L 113 4.09 16.93 21.26
CA LEU L 113 4.64 18.15 20.68
C LEU L 113 5.92 18.58 21.38
N ARG L 114 5.95 18.50 22.72
CA ARG L 114 7.16 18.86 23.44
C ARG L 114 8.33 17.97 23.03
N GLU L 115 8.08 16.67 22.90
CA GLU L 115 9.13 15.76 22.46
C GLU L 115 9.64 16.12 21.08
N THR L 116 8.74 16.52 20.19
CA THR L 116 9.14 16.94 18.86
C THR L 116 10.02 18.18 18.91
N TYR L 117 9.57 19.21 19.60
CA TYR L 117 10.32 20.46 19.64
C TYR L 117 11.66 20.29 20.32
N VAL L 118 11.71 19.49 21.39
CA VAL L 118 12.98 19.25 22.08
C VAL L 118 13.96 18.55 21.14
N ALA L 119 13.48 17.56 20.40
CA ALA L 119 14.36 16.81 19.51
C ALA L 119 14.91 17.69 18.41
N LEU L 120 14.10 18.62 17.90
CA LEU L 120 14.50 19.45 16.76
C LEU L 120 15.20 20.74 17.14
N GLY L 121 15.22 21.09 18.43
CA GLY L 121 15.75 22.37 18.83
C GLY L 121 14.79 23.53 18.68
N VAL L 122 13.52 23.26 18.42
CA VAL L 122 12.52 24.34 18.38
C VAL L 122 12.37 24.91 19.78
N PRO L 123 12.53 26.24 19.99
CA PRO L 123 12.39 26.76 21.35
C PRO L 123 10.95 26.71 21.83
N GLY L 124 10.65 25.77 22.71
CA GLY L 124 9.28 25.63 23.20
C GLY L 124 8.79 26.86 23.94
N ALA L 125 9.69 27.52 24.67
CA ALA L 125 9.31 28.73 25.37
C ALA L 125 8.84 29.81 24.41
N SER L 126 9.44 29.87 23.22
CA SER L 126 9.03 30.87 22.24
C SER L 126 7.69 30.48 21.59
N VAL L 127 7.46 29.19 21.39
CA VAL L 127 6.15 28.75 20.91
C VAL L 127 5.07 29.16 21.91
N ALA L 128 5.34 28.91 23.20
CA ALA L 128 4.38 29.30 24.23
C ALA L 128 4.13 30.79 24.23
N ALA L 129 5.18 31.58 23.98
CA ALA L 129 4.99 33.02 23.84
C ALA L 129 4.05 33.33 22.68
N GLY L 130 4.25 32.67 21.54
CA GLY L 130 3.35 32.86 20.42
C GLY L 130 1.92 32.44 20.74
N VAL L 131 1.76 31.32 21.45
CA VAL L 131 0.43 30.85 21.82
C VAL L 131 -0.26 31.87 22.71
N GLN L 132 0.47 32.43 23.67
CA GLN L 132 -0.11 33.45 24.53
C GLN L 132 -0.55 34.67 23.72
N LYS L 133 0.24 35.06 22.72
CA LYS L 133 -0.15 36.19 21.88
C LYS L 133 -1.44 35.88 21.11
N MET L 134 -1.57 34.66 20.58
CA MET L 134 -2.82 34.27 19.95
C MET L 134 -3.96 34.27 20.95
N LYS L 135 -3.68 33.88 22.19
CA LYS L 135 -4.71 33.86 23.22
C LYS L 135 -5.28 35.26 23.46
N GLU L 136 -4.41 36.24 23.70
CA GLU L 136 -4.89 37.60 23.95
C GLU L 136 -5.68 38.13 22.77
N ALA L 137 -5.20 37.89 21.55
CA ALA L 137 -5.94 38.33 20.37
C ALA L 137 -7.26 37.59 20.25
N ALA L 138 -7.25 36.27 20.45
CA ALA L 138 -8.48 35.48 20.26
C ALA L 138 -9.54 35.86 21.29
N LEU L 139 -9.16 36.01 22.55
CA LEU L 139 -10.13 36.35 23.58
C LEU L 139 -10.70 37.75 23.36
N ASP L 140 -9.87 38.69 22.91
CA ASP L 140 -10.38 40.02 22.57
C ASP L 140 -11.42 39.93 21.46
N ILE L 141 -11.17 39.06 20.47
CA ILE L 141 -12.13 38.88 19.38
C ILE L 141 -13.42 38.25 19.91
N VAL L 142 -13.31 37.27 20.80
CA VAL L 142 -14.50 36.61 21.32
C VAL L 142 -15.34 37.59 22.14
N ASN L 143 -14.70 38.52 22.86
CA ASN L 143 -15.38 39.41 23.79
C ASN L 143 -15.93 40.67 23.15
N ASP L 144 -15.77 40.85 21.84
CA ASP L 144 -16.13 42.11 21.21
C ASP L 144 -17.66 42.27 21.32
N PRO L 145 -18.17 43.34 21.95
CA PRO L 145 -19.62 43.46 22.12
C PRO L 145 -20.38 43.93 20.88
N ASN L 146 -19.68 44.33 19.83
CA ASN L 146 -20.34 44.87 18.64
C ASN L 146 -20.79 43.76 17.71
N GLY L 147 -21.98 43.93 17.14
CA GLY L 147 -22.47 43.04 16.11
C GLY L 147 -22.93 41.68 16.61
N ILE L 148 -23.48 41.62 17.81
CA ILE L 148 -23.83 40.34 18.42
C ILE L 148 -24.83 40.60 19.52
N THR L 149 -25.65 39.59 19.83
CA THR L 149 -26.59 39.70 20.93
C THR L 149 -25.84 39.80 22.25
N ARG L 150 -26.15 40.82 23.04
CA ARG L 150 -25.44 41.05 24.28
C ARG L 150 -25.72 39.94 25.28
N GLY L 151 -24.69 39.56 26.04
CA GLY L 151 -24.85 38.61 27.11
C GLY L 151 -23.51 38.33 27.76
N ASP L 152 -23.55 37.43 28.73
CA ASP L 152 -22.38 37.10 29.55
C ASP L 152 -21.69 35.88 28.95
N CYS L 153 -20.49 36.10 28.39
CA CYS L 153 -19.68 35.04 27.81
C CYS L 153 -18.46 34.70 28.67
N SER L 154 -18.45 35.11 29.95
CA SER L 154 -17.25 34.93 30.77
C SER L 154 -16.91 33.46 30.94
N ALA L 155 -17.92 32.60 31.13
CA ALA L 155 -17.65 31.18 31.31
C ALA L 155 -17.02 30.58 30.06
N ILE L 156 -17.58 30.91 28.89
CA ILE L 156 -17.01 30.40 27.64
C ILE L 156 -15.59 30.95 27.45
N VAL L 157 -15.41 32.24 27.73
CA VAL L 157 -14.09 32.85 27.58
C VAL L 157 -13.08 32.16 28.49
N ALA L 158 -13.48 31.87 29.73
CA ALA L 158 -12.58 31.19 30.67
C ALA L 158 -12.18 29.82 30.13
N GLU L 159 -13.14 29.07 29.60
CA GLU L 159 -12.82 27.76 29.05
C GLU L 159 -11.84 27.87 27.88
N ILE L 160 -12.07 28.82 26.97
CA ILE L 160 -11.17 29.00 25.83
C ILE L 160 -9.78 29.38 26.31
N ALA L 161 -9.70 30.29 27.28
CA ALA L 161 -8.41 30.66 27.85
C ALA L 161 -7.69 29.44 28.43
N GLY L 162 -8.45 28.53 29.03
CA GLY L 162 -7.85 27.31 29.55
C GLY L 162 -7.22 26.46 28.47
N TYR L 163 -7.87 26.35 27.31
CA TYR L 163 -7.30 25.56 26.23
C TYR L 163 -6.03 26.19 25.70
N PHE L 164 -6.01 27.52 25.55
CA PHE L 164 -4.77 28.20 25.18
C PHE L 164 -3.70 27.99 26.23
N ASP L 165 -4.06 28.10 27.51
CA ASP L 165 -3.09 27.89 28.58
C ASP L 165 -2.55 26.47 28.52
N ARG L 166 -3.42 25.50 28.25
CA ARG L 166 -2.97 24.11 28.14
C ARG L 166 -1.99 23.95 26.98
N ALA L 167 -2.27 24.60 25.85
CA ALA L 167 -1.36 24.51 24.71
C ALA L 167 -0.01 25.12 25.04
N ALA L 168 -0.01 26.30 25.67
CA ALA L 168 1.24 26.95 26.04
C ALA L 168 2.02 26.11 27.04
N ALA L 169 1.34 25.56 28.05
CA ALA L 169 2.02 24.76 29.05
C ALA L 169 2.61 23.49 28.45
N ALA L 170 1.96 22.95 27.41
CA ALA L 170 2.42 21.68 26.84
C ALA L 170 3.78 21.82 26.18
N VAL L 171 4.13 23.01 25.69
CA VAL L 171 5.36 23.21 24.93
C VAL L 171 6.42 23.95 25.73
N ALA L 172 6.05 24.85 26.63
CA ALA L 172 7.02 25.67 27.35
C ALA L 172 7.98 24.81 28.16
N ALA M 2 19.35 -12.12 4.82
CA ALA M 2 18.04 -12.29 5.44
C ALA M 2 18.19 -12.33 6.96
N ILE M 3 17.13 -12.75 7.65
CA ILE M 3 17.14 -12.91 9.10
C ILE M 3 16.83 -14.37 9.37
N THR M 4 17.83 -15.12 9.86
CA THR M 4 17.68 -16.54 10.10
C THR M 4 17.81 -16.89 11.57
N THR M 5 18.94 -16.58 12.20
CA THR M 5 19.16 -17.05 13.57
C THR M 5 18.27 -16.30 14.57
N ALA M 6 18.15 -14.99 14.40
CA ALA M 6 17.35 -14.17 15.32
C ALA M 6 15.91 -13.98 14.85
N ALA M 7 15.49 -14.71 13.82
CA ALA M 7 14.16 -14.48 13.24
C ALA M 7 13.06 -14.72 14.26
N SER M 8 13.07 -15.89 14.92
CA SER M 8 12.03 -16.19 15.90
C SER M 8 12.11 -15.24 17.08
N ARG M 9 13.33 -14.95 17.55
CA ARG M 9 13.52 -14.04 18.66
C ARG M 9 12.95 -12.67 18.36
N LEU M 10 13.07 -12.21 17.12
CA LEU M 10 12.64 -10.87 16.72
C LEU M 10 11.21 -10.83 16.22
N GLY M 11 10.49 -11.95 16.23
CA GLY M 11 9.14 -11.96 15.70
C GLY M 11 9.05 -11.95 14.20
N VAL M 12 10.17 -12.17 13.50
CA VAL M 12 10.18 -12.13 12.04
C VAL M 12 9.91 -13.50 11.42
N ALA M 13 10.15 -14.59 12.15
CA ALA M 13 10.00 -15.92 11.59
C ALA M 13 8.65 -16.18 10.92
N PRO M 14 7.50 -15.79 11.50
CA PRO M 14 6.24 -16.01 10.78
C PRO M 14 6.20 -15.31 9.43
N TYR M 15 6.79 -14.12 9.32
CA TYR M 15 6.79 -13.42 8.03
C TYR M 15 7.83 -13.99 7.07
N ASN M 16 8.92 -14.56 7.60
CA ASN M 16 9.81 -15.33 6.74
C ASN M 16 9.06 -16.48 6.09
N GLU M 17 8.12 -17.09 6.81
CA GLU M 17 7.38 -18.25 6.34
C GLU M 17 6.17 -17.88 5.49
N SER M 18 5.88 -16.60 5.33
CA SER M 18 4.75 -16.15 4.51
C SER M 18 5.25 -15.65 3.16
N ARG M 19 4.33 -15.63 2.20
CA ARG M 19 4.58 -15.13 0.86
C ARG M 19 3.64 -13.96 0.58
N PRO M 20 3.99 -13.07 -0.34
CA PRO M 20 3.07 -11.97 -0.66
C PRO M 20 1.74 -12.50 -1.16
N VAL M 21 0.66 -11.83 -0.74
CA VAL M 21 -0.69 -12.21 -1.14
C VAL M 21 -1.02 -11.43 -2.41
N GLU M 22 -1.12 -12.14 -3.53
CA GLU M 22 -1.35 -11.55 -4.83
C GLU M 22 -2.72 -11.96 -5.34
N LEU M 23 -3.44 -11.00 -5.92
CA LEU M 23 -4.72 -11.25 -6.57
C LEU M 23 -4.46 -11.38 -8.07
N ARG M 24 -4.42 -12.62 -8.54
CA ARG M 24 -4.11 -12.88 -9.93
C ARG M 24 -5.30 -12.51 -10.80
N PRO M 25 -5.09 -12.30 -12.10
CA PRO M 25 -6.24 -12.11 -12.99
C PRO M 25 -7.13 -13.34 -12.98
N ASP M 26 -8.44 -13.11 -13.14
CA ASP M 26 -9.43 -14.18 -13.09
C ASP M 26 -9.36 -14.93 -11.75
N PHE M 27 -9.19 -14.18 -10.67
CA PHE M 27 -9.05 -14.76 -9.34
C PHE M 27 -10.33 -15.49 -8.94
N SER M 28 -10.17 -16.46 -8.04
CA SER M 28 -11.27 -17.26 -7.54
C SER M 28 -11.86 -16.63 -6.29
N LEU M 29 -12.91 -17.26 -5.75
CA LEU M 29 -13.54 -16.76 -4.54
C LEU M 29 -12.58 -16.79 -3.36
N ASP M 30 -11.86 -17.90 -3.20
CA ASP M 30 -10.93 -18.02 -2.07
C ASP M 30 -9.79 -17.01 -2.18
N ASP M 31 -9.37 -16.68 -3.39
CA ASP M 31 -8.33 -15.67 -3.58
C ASP M 31 -8.79 -14.32 -3.01
N ALA M 32 -10.02 -13.92 -3.31
CA ALA M 32 -10.54 -12.64 -2.84
C ALA M 32 -10.60 -12.60 -1.31
N LYS M 33 -11.04 -13.70 -0.69
CA LYS M 33 -11.15 -13.73 0.77
C LYS M 33 -9.78 -13.61 1.41
N MET M 34 -8.77 -14.28 0.86
CA MET M 34 -7.43 -14.19 1.42
CA MET M 34 -7.43 -14.19 1.42
C MET M 34 -6.90 -12.76 1.34
N VAL M 35 -7.18 -12.06 0.23
CA VAL M 35 -6.75 -10.66 0.11
C VAL M 35 -7.42 -9.81 1.17
N ILE M 36 -8.74 -9.98 1.36
CA ILE M 36 -9.46 -9.17 2.33
C ILE M 36 -8.92 -9.42 3.73
N ARG M 37 -8.69 -10.69 4.08
CA ARG M 37 -8.08 -11.01 5.37
C ARG M 37 -6.69 -10.41 5.48
N ALA M 38 -5.88 -10.55 4.42
CA ALA M 38 -4.52 -10.02 4.46
C ALA M 38 -4.51 -8.50 4.56
N VAL M 39 -5.43 -7.84 3.83
CA VAL M 39 -5.48 -6.39 3.87
C VAL M 39 -5.92 -5.91 5.26
N TYR M 40 -6.93 -6.55 5.84
CA TYR M 40 -7.38 -6.13 7.16
C TYR M 40 -6.30 -6.31 8.22
N ARG M 41 -5.57 -7.43 8.17
CA ARG M 41 -4.51 -7.63 9.15
C ARG M 41 -3.40 -6.61 8.98
N GLN M 42 -2.98 -6.37 7.74
CA GLN M 42 -1.87 -5.46 7.50
C GLN M 42 -2.27 -4.01 7.75
N VAL M 43 -3.28 -3.53 7.03
CA VAL M 43 -3.57 -2.10 7.02
C VAL M 43 -4.07 -1.62 8.37
N LEU M 44 -4.81 -2.47 9.10
CA LEU M 44 -5.33 -2.11 10.41
C LEU M 44 -4.45 -2.62 11.54
N GLY M 45 -3.22 -3.02 11.26
CA GLY M 45 -2.25 -3.30 12.30
C GLY M 45 -2.63 -4.44 13.22
N ASN M 46 -3.21 -5.51 12.68
CA ASN M 46 -3.56 -6.70 13.44
C ASN M 46 -4.54 -6.41 14.57
N ASP M 47 -5.30 -5.32 14.49
CA ASP M 47 -6.40 -5.13 15.42
C ASP M 47 -7.53 -6.08 15.07
N TYR M 48 -8.20 -6.59 16.10
CA TYR M 48 -9.42 -7.36 15.86
C TYR M 48 -10.44 -6.48 15.15
N ILE M 49 -11.06 -7.03 14.12
CA ILE M 49 -12.07 -6.33 13.33
C ILE M 49 -13.42 -6.99 13.59
N MET M 50 -14.36 -6.22 14.11
CA MET M 50 -15.69 -6.74 14.40
C MET M 50 -16.54 -6.73 13.13
N ASP M 51 -17.54 -7.61 13.11
CA ASP M 51 -18.39 -7.72 11.92
C ASP M 51 -19.07 -6.40 11.58
N SER M 52 -19.47 -5.65 12.60
CA SER M 52 -20.08 -4.34 12.37
C SER M 52 -19.09 -3.34 11.80
N GLU M 53 -17.78 -3.58 11.96
CA GLU M 53 -16.76 -2.68 11.46
C GLU M 53 -16.28 -3.02 10.05
N ARG M 54 -16.69 -4.16 9.51
CA ARG M 54 -16.18 -4.57 8.20
C ARG M 54 -16.67 -3.63 7.11
N LEU M 55 -15.81 -3.40 6.12
CA LEU M 55 -16.16 -2.56 4.97
C LEU M 55 -16.77 -3.45 3.90
N LYS M 56 -18.05 -3.80 4.12
CA LYS M 56 -18.71 -4.77 3.27
C LYS M 56 -18.80 -4.28 1.83
N GLY M 57 -19.06 -2.99 1.63
CA GLY M 57 -19.13 -2.46 0.28
C GLY M 57 -17.81 -2.56 -0.46
N ALA M 58 -16.71 -2.17 0.21
CA ALA M 58 -15.40 -2.28 -0.41
C ALA M 58 -15.04 -3.74 -0.67
N GLU M 59 -15.37 -4.63 0.26
CA GLU M 59 -15.13 -6.06 0.05
C GLU M 59 -15.88 -6.56 -1.18
N SER M 60 -17.12 -6.11 -1.35
CA SER M 60 -17.89 -6.51 -2.52
C SER M 60 -17.21 -6.08 -3.81
N LEU M 61 -16.81 -4.81 -3.88
CA LEU M 61 -16.16 -4.32 -5.10
C LEU M 61 -14.85 -5.05 -5.36
N LEU M 62 -14.08 -5.33 -4.31
CA LEU M 62 -12.85 -6.11 -4.49
C LEU M 62 -13.17 -7.49 -5.04
N THR M 63 -14.16 -8.17 -4.46
CA THR M 63 -14.53 -9.49 -4.93
C THR M 63 -15.01 -9.46 -6.37
N ASN M 64 -15.65 -8.37 -6.79
CA ASN M 64 -16.22 -8.25 -8.14
C ASN M 64 -15.19 -7.85 -9.19
N GLY M 65 -13.98 -7.49 -8.80
CA GLY M 65 -13.04 -6.92 -9.74
C GLY M 65 -13.28 -5.46 -10.08
N SER M 66 -14.22 -4.80 -9.38
CA SER M 66 -14.47 -3.38 -9.63
C SER M 66 -13.33 -2.51 -9.13
N ILE M 67 -12.64 -2.93 -8.07
CA ILE M 67 -11.46 -2.25 -7.55
C ILE M 67 -10.34 -3.27 -7.41
N SER M 68 -9.12 -2.85 -7.71
CA SER M 68 -7.97 -3.72 -7.55
C SER M 68 -7.56 -3.81 -6.08
N VAL M 69 -6.51 -4.59 -5.81
CA VAL M 69 -6.00 -4.70 -4.46
C VAL M 69 -5.57 -3.33 -3.94
N ARG M 70 -4.83 -2.59 -4.76
CA ARG M 70 -4.36 -1.27 -4.33
C ARG M 70 -5.53 -0.34 -4.04
N GLU M 71 -6.54 -0.34 -4.89
CA GLU M 71 -7.70 0.51 -4.64
C GLU M 71 -8.47 0.03 -3.42
N PHE M 72 -8.50 -1.27 -3.18
CA PHE M 72 -9.08 -1.78 -1.93
C PHE M 72 -8.27 -1.31 -0.73
N VAL M 73 -6.94 -1.35 -0.83
CA VAL M 73 -6.09 -0.84 0.25
C VAL M 73 -6.37 0.65 0.47
N ARG M 74 -6.48 1.41 -0.63
CA ARG M 74 -6.76 2.84 -0.49
C ARG M 74 -8.13 3.08 0.14
N THR M 75 -9.12 2.26 -0.22
CA THR M 75 -10.44 2.41 0.38
C THR M 75 -10.40 2.12 1.87
N VAL M 76 -9.69 1.07 2.27
CA VAL M 76 -9.58 0.77 3.71
C VAL M 76 -8.85 1.90 4.42
N ALA M 77 -7.77 2.41 3.82
CA ALA M 77 -6.96 3.42 4.48
C ALA M 77 -7.71 4.73 4.66
N LYS M 78 -8.64 5.05 3.75
CA LYS M 78 -9.44 6.27 3.85
C LYS M 78 -10.73 6.09 4.64
N SER M 79 -11.02 4.88 5.11
CA SER M 79 -12.29 4.63 5.78
C SER M 79 -12.33 5.27 7.17
N GLU M 80 -13.54 5.50 7.67
CA GLU M 80 -13.70 5.97 9.03
C GLU M 80 -13.15 4.96 10.04
N LEU M 81 -13.16 3.68 9.69
CA LEU M 81 -12.56 2.68 10.56
C LEU M 81 -11.07 2.93 10.75
N TYR M 82 -10.35 3.20 9.65
CA TYR M 82 -8.93 3.50 9.76
C TYR M 82 -8.69 4.78 10.54
N LYS M 83 -9.45 5.83 10.21
CA LYS M 83 -9.25 7.12 10.86
C LYS M 83 -9.55 7.04 12.35
N LYS M 84 -10.60 6.31 12.72
CA LYS M 84 -10.89 6.12 14.14
C LYS M 84 -9.73 5.42 14.84
N LYS M 85 -9.17 4.39 14.21
CA LYS M 85 -8.13 3.60 14.86
C LYS M 85 -6.84 4.38 14.99
N PHE M 86 -6.50 5.19 13.99
CA PHE M 86 -5.14 5.69 13.83
C PHE M 86 -5.00 7.20 13.65
N LEU M 87 -6.06 7.92 13.28
CA LEU M 87 -5.96 9.36 13.02
C LEU M 87 -6.45 10.20 14.20
N TYR M 88 -7.71 10.03 14.59
CA TYR M 88 -8.38 11.02 15.41
C TYR M 88 -7.81 11.13 16.82
N ASN M 89 -7.04 10.14 17.26
CA ASN M 89 -6.53 10.12 18.63
C ASN M 89 -5.00 10.14 18.69
N ASN M 90 -4.34 10.58 17.63
CA ASN M 90 -2.89 10.47 17.53
C ASN M 90 -2.27 11.79 17.07
N PHE M 91 -1.06 12.04 17.58
CA PHE M 91 -0.18 13.04 16.99
C PHE M 91 0.10 12.68 15.54
N GLN M 92 0.16 13.68 14.66
CA GLN M 92 0.28 13.37 13.23
C GLN M 92 1.59 12.64 12.93
N THR M 93 2.63 12.89 13.70
CA THR M 93 3.86 12.11 13.52
C THR M 93 3.60 10.64 13.82
N ARG M 94 2.80 10.35 14.86
CA ARG M 94 2.38 8.98 15.10
C ARG M 94 1.54 8.46 13.94
N VAL M 95 0.66 9.31 13.39
CA VAL M 95 -0.11 8.90 12.21
C VAL M 95 0.81 8.56 11.06
N ILE M 96 1.83 9.39 10.82
CA ILE M 96 2.75 9.14 9.72
C ILE M 96 3.50 7.84 9.95
N GLU M 97 3.94 7.60 11.19
CA GLU M 97 4.56 6.32 11.51
C GLU M 97 3.65 5.16 11.15
N LEU M 98 2.40 5.23 11.58
CA LEU M 98 1.47 4.13 11.32
C LEU M 98 1.22 3.94 9.83
N ASN M 99 1.07 5.05 9.10
CA ASN M 99 0.83 4.95 7.66
C ASN M 99 1.97 4.23 6.96
N TYR M 100 3.22 4.56 7.33
CA TYR M 100 4.37 3.91 6.70
C TYR M 100 4.37 2.40 6.99
N LYS M 101 4.11 2.02 8.23
CA LYS M 101 4.09 0.61 8.58
C LYS M 101 2.95 -0.11 7.88
N HIS M 102 1.76 0.49 7.87
CA HIS M 102 0.59 -0.18 7.31
C HIS M 102 0.66 -0.26 5.80
N LEU M 103 0.96 0.85 5.14
CA LEU M 103 0.82 0.95 3.69
C LEU M 103 2.11 0.66 2.94
N LEU M 104 3.26 0.86 3.57
CA LEU M 104 4.55 0.59 2.95
C LEU M 104 5.36 -0.51 3.64
N GLY M 105 4.89 -1.01 4.79
CA GLY M 105 5.57 -2.11 5.43
C GLY M 105 6.97 -1.79 5.89
N ARG M 106 7.24 -0.54 6.26
CA ARG M 106 8.56 -0.15 6.75
C ARG M 106 8.40 1.09 7.62
N ALA M 107 9.46 1.40 8.36
CA ALA M 107 9.47 2.58 9.21
C ALA M 107 10.00 3.78 8.45
N PRO M 108 9.64 5.00 8.85
CA PRO M 108 10.21 6.18 8.19
C PRO M 108 11.72 6.24 8.37
N PHE M 109 12.39 6.74 7.33
CA PHE M 109 13.85 6.82 7.33
C PHE M 109 14.37 8.14 7.89
N SER M 110 13.67 9.25 7.67
CA SER M 110 14.26 10.56 7.93
C SER M 110 13.19 11.57 8.28
N GLU M 111 13.63 12.68 8.86
CA GLU M 111 12.74 13.79 9.19
C GLU M 111 12.06 14.36 7.94
N ASP M 112 12.69 14.22 6.77
CA ASP M 112 12.11 14.76 5.55
C ASP M 112 10.76 14.13 5.27
N GLU M 113 10.60 12.84 5.57
CA GLU M 113 9.32 12.18 5.38
C GLU M 113 8.25 12.78 6.29
N VAL M 114 8.59 13.07 7.55
CA VAL M 114 7.64 13.73 8.43
C VAL M 114 7.27 15.11 7.89
N ILE M 115 8.25 15.85 7.39
CA ILE M 115 7.99 17.17 6.84
C ILE M 115 7.01 17.07 5.68
N PHE M 116 7.25 16.12 4.77
CA PHE M 116 6.42 15.99 3.58
C PHE M 116 4.97 15.68 3.94
N HIS M 117 4.77 14.65 4.77
CA HIS M 117 3.41 14.18 5.04
C HIS M 117 2.67 15.08 6.03
N LEU M 118 3.37 15.71 6.96
CA LEU M 118 2.71 16.67 7.83
C LEU M 118 2.18 17.84 7.02
N ASP M 119 3.01 18.39 6.12
CA ASP M 119 2.56 19.50 5.28
C ASP M 119 1.45 19.06 4.35
N LEU M 120 1.57 17.86 3.78
CA LEU M 120 0.54 17.40 2.85
C LEU M 120 -0.80 17.23 3.55
N TYR M 121 -0.81 16.68 4.75
CA TYR M 121 -2.05 16.59 5.51
C TYR M 121 -2.59 17.98 5.81
N GLU M 122 -1.73 18.87 6.31
CA GLU M 122 -2.20 20.19 6.74
C GLU M 122 -2.72 21.01 5.57
N ASN M 123 -2.15 20.83 4.38
CA ASN M 123 -2.52 21.64 3.23
C ASN M 123 -3.62 21.02 2.39
N GLN M 124 -3.67 19.68 2.29
CA GLN M 124 -4.60 19.00 1.40
C GLN M 124 -5.52 18.01 2.11
N GLY M 125 -5.22 17.62 3.34
CA GLY M 125 -6.10 16.76 4.12
C GLY M 125 -5.62 15.31 4.15
N PHE M 126 -6.30 14.53 5.00
CA PHE M 126 -5.89 13.17 5.26
C PHE M 126 -5.95 12.31 4.01
N ASP M 127 -7.03 12.44 3.22
CA ASP M 127 -7.17 11.61 2.03
C ASP M 127 -6.06 11.88 1.03
N ALA M 128 -5.69 13.14 0.84
CA ALA M 128 -4.56 13.47 -0.02
C ALA M 128 -3.28 12.83 0.50
N ASP M 129 -3.07 12.85 1.82
CA ASP M 129 -1.85 12.26 2.37
C ASP M 129 -1.83 10.75 2.14
N ILE M 130 -2.98 10.08 2.31
CA ILE M 130 -3.02 8.64 2.09
C ILE M 130 -2.65 8.31 0.64
N ASP M 131 -3.19 9.08 -0.30
CA ASP M 131 -2.85 8.86 -1.71
C ASP M 131 -1.35 8.92 -1.95
N SER M 132 -0.63 9.77 -1.21
CA SER M 132 0.79 9.92 -1.44
C SER M 132 1.54 8.63 -1.14
N TYR M 133 1.16 7.91 -0.08
CA TYR M 133 1.78 6.63 0.21
C TYR M 133 1.48 5.62 -0.90
N ILE M 134 0.21 5.50 -1.28
CA ILE M 134 -0.20 4.41 -2.16
C ILE M 134 0.25 4.67 -3.59
N ASP M 135 0.22 5.93 -4.03
CA ASP M 135 0.67 6.30 -5.37
C ASP M 135 2.17 6.55 -5.43
N SER M 136 2.91 6.25 -4.37
CA SER M 136 4.34 6.48 -4.36
C SER M 136 5.05 5.50 -5.29
N VAL M 137 6.25 5.89 -5.73
CA VAL M 137 7.09 4.98 -6.49
C VAL M 137 7.43 3.77 -5.65
N GLU M 138 7.70 3.97 -4.36
CA GLU M 138 8.03 2.86 -3.47
C GLU M 138 6.91 1.84 -3.41
N TYR M 139 5.66 2.31 -3.27
CA TYR M 139 4.54 1.38 -3.27
C TYR M 139 4.44 0.65 -4.60
N GLN M 140 4.65 1.37 -5.70
CA GLN M 140 4.56 0.77 -7.03
C GLN M 140 5.59 -0.35 -7.20
N GLU M 141 6.81 -0.12 -6.76
CA GLU M 141 7.89 -1.07 -7.01
C GLU M 141 7.78 -2.30 -6.13
N ASN M 142 7.17 -2.19 -4.96
CA ASN M 142 7.11 -3.28 -4.00
C ASN M 142 5.82 -4.09 -4.11
N PHE M 143 4.68 -3.44 -4.30
CA PHE M 143 3.38 -4.09 -4.27
C PHE M 143 2.60 -3.94 -5.57
N GLY M 144 2.74 -2.82 -6.26
CA GLY M 144 2.04 -2.66 -7.51
C GLY M 144 0.54 -2.66 -7.31
N GLU M 145 -0.16 -3.08 -8.37
CA GLU M 145 -1.62 -3.03 -8.35
C GLU M 145 -2.24 -4.16 -7.55
N ASN M 146 -1.60 -5.33 -7.49
CA ASN M 146 -2.29 -6.57 -7.16
C ASN M 146 -1.73 -7.33 -5.95
N ILE M 147 -0.81 -6.75 -5.18
CA ILE M 147 -0.21 -7.43 -4.04
C ILE M 147 -0.51 -6.65 -2.78
N VAL M 148 -0.94 -7.35 -1.74
CA VAL M 148 -1.22 -6.72 -0.44
C VAL M 148 0.10 -6.24 0.16
N PRO M 149 0.16 -5.07 0.80
CA PRO M 149 1.40 -4.66 1.46
C PRO M 149 1.81 -5.66 2.55
N TYR M 150 3.13 -5.78 2.74
CA TYR M 150 3.69 -6.65 3.75
C TYR M 150 4.94 -6.02 4.34
N TYR M 151 5.29 -6.44 5.56
CA TYR M 151 6.48 -5.92 6.21
C TYR M 151 7.73 -6.26 5.41
N ARG M 152 8.56 -5.25 5.17
CA ARG M 152 9.82 -5.43 4.45
C ARG M 152 10.99 -5.46 5.42
N PHE M 153 11.10 -6.58 6.12
CA PHE M 153 12.18 -6.74 7.10
C PHE M 153 13.54 -6.85 6.39
N ASN M 154 13.58 -7.57 5.27
CA ASN M 154 14.84 -7.88 4.62
C ASN M 154 15.39 -6.66 3.88
N ASN M 155 16.70 -6.64 3.71
CA ASN M 155 17.34 -5.54 3.01
C ASN M 155 16.92 -5.52 1.55
N GLN M 156 16.65 -4.32 1.03
CA GLN M 156 16.31 -4.11 -0.36
C GLN M 156 17.15 -2.96 -0.92
N VAL M 157 17.17 -2.87 -2.25
CA VAL M 157 17.75 -1.70 -2.88
C VAL M 157 17.00 -0.46 -2.41
N GLY M 158 17.74 0.61 -2.14
CA GLY M 158 17.17 1.84 -1.66
C GLY M 158 16.98 1.93 -0.16
N ASP M 159 17.33 0.89 0.59
CA ASP M 159 17.17 0.89 2.03
C ASP M 159 18.22 1.78 2.71
N ARG M 160 17.93 2.15 3.95
CA ARG M 160 18.89 2.72 4.87
C ARG M 160 18.88 1.88 6.14
N THR M 161 20.02 1.79 6.80
CA THR M 161 20.12 0.90 7.96
C THR M 161 19.20 1.36 9.09
N VAL M 162 18.97 2.66 9.24
CA VAL M 162 18.11 3.16 10.30
C VAL M 162 16.70 2.60 10.16
N GLY M 163 16.28 2.29 8.93
CA GLY M 163 14.95 1.70 8.74
C GLY M 163 14.81 0.37 9.44
N PHE M 164 15.86 -0.46 9.40
CA PHE M 164 15.80 -1.77 10.02
C PHE M 164 15.58 -1.67 11.53
N THR M 165 16.35 -0.80 12.20
CA THR M 165 16.23 -0.69 13.64
C THR M 165 14.90 -0.08 14.05
N ARG M 166 14.38 0.85 13.25
CA ARG M 166 13.11 1.49 13.57
C ARG M 166 11.91 0.60 13.29
N MET M 167 12.09 -0.47 12.49
CA MET M 167 11.00 -1.41 12.26
C MET M 167 10.58 -2.06 13.57
N PHE M 168 11.53 -2.39 14.42
CA PHE M 168 11.23 -3.03 15.70
C PHE M 168 10.84 -2.04 16.78
N ARG M 169 10.87 -0.74 16.47
CA ARG M 169 10.16 0.24 17.30
C ARG M 169 8.67 0.25 17.00
N LEU M 170 8.29 -0.01 15.75
CA LEU M 170 6.89 -0.03 15.35
C LEU M 170 6.28 -1.42 15.39
N TYR M 171 7.06 -2.45 15.09
CA TYR M 171 6.61 -3.83 15.16
C TYR M 171 7.04 -4.41 16.50
N ARG M 172 6.08 -4.95 17.26
CA ARG M 172 6.32 -5.42 18.62
C ARG M 172 5.90 -6.88 18.80
N GLY M 173 5.88 -7.65 17.72
CA GLY M 173 5.62 -9.07 17.79
C GLY M 173 4.36 -9.46 17.04
N TYR M 174 4.23 -10.77 16.82
CA TYR M 174 3.13 -11.28 16.01
C TYR M 174 1.81 -11.19 16.74
N ALA M 175 1.77 -11.57 18.02
CA ALA M 175 0.54 -11.55 18.80
C ALA M 175 0.34 -10.16 19.43
N ASN M 176 0.25 -9.16 18.55
CA ASN M 176 0.24 -7.78 18.99
C ASN M 176 -0.35 -6.92 17.89
N SER M 177 -0.86 -5.76 18.29
CA SER M 177 -1.45 -4.79 17.37
C SER M 177 -0.82 -3.43 17.63
N ASP M 178 -0.94 -2.55 16.64
CA ASP M 178 -0.35 -1.21 16.75
C ASP M 178 -0.99 -0.42 17.89
N ARG M 179 -2.23 -0.72 18.24
CA ARG M 179 -2.95 -0.02 19.30
C ARG M 179 -2.81 -0.71 20.66
N SER M 180 -1.99 -1.75 20.75
CA SER M 180 -1.80 -2.52 21.99
C SER M 180 -0.31 -2.70 22.27
N GLN M 181 0.42 -1.59 22.24
CA GLN M 181 1.85 -1.58 22.53
C GLN M 181 2.11 -0.67 23.73
N LEU M 182 3.28 -0.87 24.34
CA LEU M 182 3.57 -0.19 25.61
C LEU M 182 3.54 1.32 25.49
N GLU M 183 4.07 1.85 24.38
CA GLU M 183 4.09 3.30 24.23
C GLU M 183 2.71 3.88 23.92
N ARG M 184 1.72 3.02 23.64
CA ARG M 184 0.31 3.43 23.49
C ARG M 184 0.22 4.44 22.35
N SER M 185 -0.27 5.66 22.57
CA SER M 185 -0.50 6.61 21.49
C SER M 185 0.74 7.43 21.13
N SER M 186 1.80 7.37 21.93
CA SER M 186 2.94 8.24 21.72
C SER M 186 3.68 7.90 20.44
N SER M 187 4.20 8.93 19.77
CA SER M 187 5.07 8.70 18.63
C SER M 187 6.31 7.95 19.05
N ARG M 188 6.64 6.89 18.31
CA ARG M 188 7.82 6.09 18.63
C ARG M 188 9.10 6.72 18.12
N LEU M 189 9.03 7.50 17.05
CA LEU M 189 10.20 7.94 16.30
C LEU M 189 10.35 9.45 16.22
N ALA M 190 9.54 10.21 16.96
CA ALA M 190 9.65 11.66 16.91
C ALA M 190 11.05 12.11 17.31
N THR M 191 11.57 11.56 18.40
CA THR M 191 12.93 11.91 18.83
C THR M 191 13.98 11.33 17.87
N GLU M 192 13.81 10.06 17.48
CA GLU M 192 14.80 9.43 16.61
C GLU M 192 14.92 10.16 15.28
N LEU M 193 13.78 10.56 14.70
CA LEU M 193 13.81 11.27 13.43
C LEU M 193 14.41 12.67 13.58
N GLY M 194 14.03 13.37 14.65
CA GLY M 194 14.53 14.74 14.82
C GLY M 194 16.03 14.79 15.01
N GLN M 195 16.58 13.87 15.80
CA GLN M 195 18.02 13.82 16.07
C GLN M 195 18.77 12.90 15.13
N ASN M 196 18.08 12.20 14.23
CA ASN M 196 18.70 11.22 13.34
C ASN M 196 19.45 10.17 14.14
N THR M 197 18.84 9.71 15.23
CA THR M 197 19.42 8.68 16.09
C THR M 197 18.59 7.41 16.00
N VAL M 198 19.17 6.33 16.51
CA VAL M 198 18.53 5.03 16.58
C VAL M 198 18.73 4.47 17.98
N SER M 199 18.01 3.40 18.27
CA SER M 199 18.08 2.74 19.57
C SER M 199 18.31 1.25 19.37
N ALA M 200 18.95 0.63 20.36
CA ALA M 200 19.18 -0.81 20.32
C ALA M 200 17.85 -1.54 20.17
N ILE M 201 17.84 -2.54 19.30
CA ILE M 201 16.61 -3.28 19.02
C ILE M 201 16.23 -4.10 20.24
N VAL M 202 14.98 -3.94 20.69
CA VAL M 202 14.40 -4.74 21.77
C VAL M 202 13.33 -5.62 21.14
N GLY M 203 13.52 -6.93 21.24
CA GLY M 203 12.61 -7.86 20.60
C GLY M 203 11.30 -7.97 21.34
N PRO M 204 10.34 -8.69 20.74
CA PRO M 204 9.02 -8.82 21.37
C PRO M 204 9.04 -9.63 22.66
N SER M 205 7.99 -9.43 23.45
CA SER M 205 7.80 -10.21 24.66
C SER M 205 7.66 -11.70 24.32
N GLY M 206 7.77 -12.52 25.35
CA GLY M 206 7.73 -13.96 25.18
C GLY M 206 9.11 -14.53 24.89
N SER M 207 9.73 -14.06 23.82
CA SER M 207 11.06 -14.52 23.41
C SER M 207 12.18 -13.63 23.93
N ASN M 208 11.87 -12.56 24.67
CA ASN M 208 12.88 -11.64 25.17
C ASN M 208 12.45 -11.17 26.54
N ALA M 209 13.24 -11.50 27.57
CA ALA M 209 12.88 -11.14 28.94
C ALA M 209 12.82 -9.63 29.12
N GLY M 210 13.76 -8.91 28.50
CA GLY M 210 13.81 -7.46 28.63
C GLY M 210 13.00 -6.74 27.57
N TRP M 211 11.88 -7.34 27.17
CA TRP M 211 11.05 -6.78 26.10
C TRP M 211 10.49 -5.41 26.47
N ALA M 212 10.30 -5.14 27.75
CA ALA M 212 9.59 -3.95 28.18
C ALA M 212 10.47 -2.72 28.38
N TYR M 213 11.77 -2.82 28.09
CA TYR M 213 12.64 -1.67 28.31
C TYR M 213 12.25 -0.51 27.41
N ARG M 214 11.99 0.65 28.02
CA ARG M 214 11.70 1.87 27.29
C ARG M 214 12.41 3.00 28.03
N PRO M 215 13.11 3.90 27.34
CA PRO M 215 13.78 4.99 28.04
C PRO M 215 12.78 6.03 28.53
N SER M 216 13.24 6.84 29.49
CA SER M 216 12.42 7.92 30.03
C SER M 216 12.57 9.18 29.17
N ARG M 217 11.82 10.22 29.52
CA ARG M 217 11.88 11.48 28.81
C ARG M 217 13.27 12.10 28.95
N ARG N 196 -3.22 -7.17 -36.05
CA ARG N 196 -2.72 -8.35 -35.37
C ARG N 196 -3.78 -9.43 -35.21
N ASN N 197 -4.93 -9.25 -35.87
CA ASN N 197 -5.98 -10.27 -35.91
C ASN N 197 -6.48 -10.59 -34.50
N THR N 198 -6.85 -9.54 -33.77
CA THR N 198 -7.38 -9.67 -32.42
C THR N 198 -8.62 -8.80 -32.27
N ALA N 199 -9.29 -8.96 -31.15
CA ALA N 199 -10.50 -8.22 -30.82
C ALA N 199 -10.23 -7.32 -29.61
N SER N 200 -11.21 -6.48 -29.29
CA SER N 200 -11.15 -5.59 -28.16
C SER N 200 -12.49 -5.64 -27.42
N PRO N 201 -12.49 -5.34 -26.11
CA PRO N 201 -13.76 -5.34 -25.38
C PRO N 201 -14.67 -4.23 -25.88
N VAL N 202 -15.97 -4.45 -25.73
CA VAL N 202 -17.00 -3.53 -26.19
C VAL N 202 -17.42 -2.67 -25.00
N TYR N 203 -17.24 -1.36 -25.13
CA TYR N 203 -17.58 -0.38 -24.09
C TYR N 203 -18.48 0.70 -24.67
N ALA N 204 -19.51 0.28 -25.40
CA ALA N 204 -20.49 1.18 -25.99
C ALA N 204 -21.74 1.25 -25.12
N GLY N 205 -22.49 2.33 -25.29
CA GLY N 205 -23.69 2.51 -24.49
C GLY N 205 -23.35 2.57 -23.02
N SER N 206 -24.05 1.75 -22.23
CA SER N 206 -23.85 1.68 -20.79
C SER N 206 -22.85 0.59 -20.39
N THR N 207 -22.28 -0.15 -21.34
CA THR N 207 -21.34 -1.21 -20.99
C THR N 207 -20.02 -0.67 -20.46
N ALA N 208 -19.75 0.63 -20.59
CA ALA N 208 -18.56 1.20 -20.01
C ALA N 208 -18.67 1.40 -18.50
N GLU N 209 -19.90 1.43 -17.97
CA GLU N 209 -20.11 1.79 -16.57
C GLU N 209 -19.53 0.74 -15.63
N SER N 210 -19.02 1.22 -14.50
CA SER N 210 -18.54 0.36 -13.42
C SER N 210 -19.02 0.94 -12.10
N LEU N 211 -19.09 0.07 -11.09
CA LEU N 211 -19.60 0.48 -9.79
C LEU N 211 -18.63 1.43 -9.09
N ARG N 212 -19.19 2.43 -8.41
CA ARG N 212 -18.42 3.45 -7.70
C ARG N 212 -18.34 3.15 -6.20
N GLY N 213 -19.48 3.04 -5.54
CA GLY N 213 -19.49 2.90 -4.10
C GLY N 213 -18.81 4.08 -3.43
N THR N 214 -17.96 3.78 -2.44
CA THR N 214 -17.18 4.79 -1.74
C THR N 214 -15.73 4.82 -2.21
N SER N 215 -15.41 4.17 -3.35
CA SER N 215 -14.05 4.03 -3.82
C SER N 215 -13.74 4.89 -5.04
N ALA N 216 -14.66 5.78 -5.43
CA ALA N 216 -14.52 6.56 -6.65
C ALA N 216 -14.13 8.02 -6.38
N GLY N 217 -13.54 8.31 -5.23
CA GLY N 217 -12.98 9.62 -4.98
C GLY N 217 -14.03 10.69 -4.77
N SER N 218 -13.55 11.94 -4.81
CA SER N 218 -14.40 13.08 -4.47
C SER N 218 -15.47 13.34 -5.52
N ARG N 219 -15.15 13.10 -6.79
CA ARG N 219 -16.10 13.33 -7.88
C ARG N 219 -16.98 12.12 -8.18
N ASN N 220 -16.76 10.99 -7.52
CA ASN N 220 -17.51 9.76 -7.78
C ASN N 220 -17.47 9.38 -9.26
N GLN N 221 -16.28 9.46 -9.85
CA GLN N 221 -16.07 9.13 -11.25
C GLN N 221 -14.91 8.15 -11.37
N MET N 222 -15.11 7.12 -12.17
CA MET N 222 -14.13 6.08 -12.42
C MET N 222 -13.66 6.20 -13.87
N TYR N 223 -12.37 6.00 -14.09
CA TYR N 223 -11.78 6.04 -15.43
C TYR N 223 -11.11 4.71 -15.72
N ARG N 224 -11.42 4.14 -16.87
CA ARG N 224 -10.92 2.83 -17.28
C ARG N 224 -9.76 3.03 -18.25
N LEU N 225 -8.57 2.60 -17.84
CA LEU N 225 -7.36 2.73 -18.64
C LEU N 225 -6.98 1.36 -19.18
N GLN N 226 -7.09 1.20 -20.50
CA GLN N 226 -6.62 0.00 -21.17
C GLN N 226 -5.19 0.24 -21.62
N VAL N 227 -4.27 -0.65 -21.24
CA VAL N 227 -2.86 -0.47 -21.55
C VAL N 227 -2.27 -1.77 -22.08
N ILE N 228 -1.19 -1.62 -22.83
CA ILE N 228 -0.32 -2.73 -23.22
C ILE N 228 0.96 -2.59 -22.41
N GLN N 229 1.32 -3.63 -21.67
CA GLN N 229 2.41 -3.56 -20.70
C GLN N 229 3.33 -4.76 -20.84
N GLY N 230 4.59 -4.56 -20.46
CA GLY N 230 5.56 -5.63 -20.41
C GLY N 230 6.49 -5.41 -19.23
N ALA N 231 7.29 -6.44 -18.93
CA ALA N 231 8.25 -6.38 -17.84
C ALA N 231 9.56 -5.82 -18.37
N ALA N 232 9.92 -4.63 -17.92
CA ALA N 232 11.14 -3.96 -18.37
C ALA N 232 12.30 -4.27 -17.44
N GLY N 236 10.75 -4.29 -9.66
CA GLY N 236 9.33 -4.16 -9.91
C GLY N 236 8.58 -5.46 -9.70
N THR N 237 7.25 -5.37 -9.67
CA THR N 237 6.42 -6.55 -9.50
C THR N 237 6.27 -7.29 -10.83
N ARG N 238 5.98 -8.59 -10.73
CA ARG N 238 5.83 -9.41 -11.92
C ARG N 238 4.60 -8.98 -12.71
N VAL N 239 4.73 -8.97 -14.04
CA VAL N 239 3.63 -8.71 -14.94
C VAL N 239 3.00 -10.05 -15.33
N ARG N 240 1.68 -10.15 -15.17
CA ARG N 240 0.96 -11.39 -15.47
C ARG N 240 0.28 -11.37 -16.83
N ARG N 241 -0.09 -10.20 -17.35
CA ARG N 241 -0.80 -10.08 -18.61
C ARG N 241 -0.20 -8.95 -19.42
N GLY N 242 -0.05 -9.18 -20.73
CA GLY N 242 0.43 -8.12 -21.61
C GLY N 242 -0.57 -7.01 -21.82
N LYS N 243 -1.86 -7.29 -21.65
CA LYS N 243 -2.92 -6.30 -21.72
C LYS N 243 -3.60 -6.22 -20.37
N ALA N 244 -3.82 -5.01 -19.87
CA ALA N 244 -4.37 -4.79 -18.54
C ALA N 244 -5.35 -3.63 -18.56
N GLU N 245 -6.25 -3.64 -17.58
CA GLU N 245 -7.19 -2.56 -17.37
C GLU N 245 -7.06 -2.07 -15.93
N TYR N 246 -7.09 -0.75 -15.77
CA TYR N 246 -7.05 -0.11 -14.47
C TYR N 246 -8.26 0.80 -14.32
N LEU N 247 -8.91 0.73 -13.17
CA LEU N 247 -9.99 1.63 -12.80
C LEU N 247 -9.47 2.54 -11.69
N VAL N 248 -9.41 3.84 -11.98
CA VAL N 248 -8.89 4.82 -11.04
C VAL N 248 -9.81 6.03 -11.00
N SER N 249 -9.89 6.65 -9.83
CA SER N 249 -10.71 7.83 -9.66
C SER N 249 -10.04 9.02 -10.34
N TYR N 250 -10.81 10.11 -10.45
CA TYR N 250 -10.27 11.33 -11.05
C TYR N 250 -9.08 11.83 -10.25
N ASP N 251 -9.16 11.76 -8.91
CA ASP N 251 -8.09 12.28 -8.07
C ASP N 251 -6.79 11.54 -8.29
N ASN N 252 -6.85 10.25 -8.64
CA ASN N 252 -5.67 9.44 -8.88
C ASN N 252 -5.35 9.23 -10.35
N LEU N 253 -6.14 9.83 -11.25
CA LEU N 253 -5.91 9.63 -12.68
C LEU N 253 -4.56 10.18 -13.11
N SER N 254 -4.19 11.36 -12.61
CA SER N 254 -2.89 11.92 -12.95
C SER N 254 -1.77 11.01 -12.48
N ALA N 255 -1.84 10.56 -11.22
CA ALA N 255 -0.79 9.69 -10.70
C ALA N 255 -0.69 8.40 -11.50
N LYS N 256 -1.84 7.85 -11.90
CA LYS N 256 -1.82 6.59 -12.64
C LYS N 256 -1.16 6.75 -14.01
N LEU N 257 -1.40 7.87 -14.68
CA LEU N 257 -0.78 8.09 -15.99
C LEU N 257 0.74 8.12 -15.87
N GLN N 258 1.27 8.82 -14.86
CA GLN N 258 2.72 8.85 -14.69
C GLN N 258 3.26 7.47 -14.36
N GLN N 259 2.52 6.69 -13.57
CA GLN N 259 2.91 5.31 -13.29
C GLN N 259 3.01 4.50 -14.58
N ILE N 260 1.96 4.54 -15.40
CA ILE N 260 2.00 3.87 -16.69
C ILE N 260 3.13 4.42 -17.54
N ASN N 261 3.30 5.74 -17.53
CA ASN N 261 4.35 6.38 -18.32
C ASN N 261 5.73 5.96 -17.85
N ARG N 262 5.96 5.94 -16.54
CA ARG N 262 7.28 5.61 -16.02
C ARG N 262 7.70 4.20 -16.42
N GLN N 263 6.75 3.28 -16.44
CA GLN N 263 7.02 1.89 -16.79
C GLN N 263 7.18 1.69 -18.30
N GLY N 264 6.91 2.69 -19.11
CA GLY N 264 7.02 2.56 -20.55
C GLY N 264 5.85 1.86 -21.22
N ASP N 265 4.76 1.62 -20.50
CA ASP N 265 3.62 0.93 -21.07
C ASP N 265 2.78 1.88 -21.93
N THR N 266 2.08 1.30 -22.89
CA THR N 266 1.31 2.06 -23.87
C THR N 266 -0.16 2.13 -23.45
N VAL N 267 -0.75 3.32 -23.56
CA VAL N 267 -2.16 3.51 -23.27
C VAL N 267 -2.93 3.38 -24.58
N THR N 268 -3.84 2.41 -24.64
CA THR N 268 -4.63 2.19 -25.85
C THR N 268 -5.96 2.93 -25.83
N MET N 269 -6.58 3.09 -24.67
CA MET N 269 -7.86 3.76 -24.60
C MET N 269 -8.13 4.19 -23.17
N ILE N 270 -8.77 5.35 -23.01
CA ILE N 270 -9.23 5.85 -21.73
C ILE N 270 -10.67 6.31 -21.91
N SER N 271 -11.53 5.95 -20.97
CA SER N 271 -12.92 6.37 -21.01
C SER N 271 -13.48 6.42 -19.60
N LEU N 272 -14.58 7.15 -19.46
CA LEU N 272 -15.24 7.27 -18.16
C LEU N 272 -15.99 5.98 -17.85
N ALA N 273 -15.84 5.51 -16.61
CA ALA N 273 -16.53 4.31 -16.13
C ALA N 273 -17.43 4.65 -14.96
CHA CYC O . 24.92 -20.52 -26.32
NA CYC O . 25.09 -18.14 -25.81
C1A CYC O . 24.38 -19.31 -26.01
C2A CYC O . 22.96 -19.09 -25.76
C3A CYC O . 22.83 -17.78 -25.40
C4A CYC O . 24.17 -17.19 -25.45
CMA CYC O . 21.58 -17.06 -24.96
CAA CYC O . 21.85 -20.11 -25.83
CBA CYC O . 20.97 -19.94 -27.05
CGA CYC O . 21.73 -19.89 -28.34
O1A CYC O . 21.79 -18.90 -29.02
O2A CYC O . 22.29 -21.03 -28.66
CHB CYC O . 24.48 -15.86 -25.17
NB CYC O . 22.71 -14.59 -26.32
C1B CYC O . 23.85 -14.70 -25.56
C2B CYC O . 24.24 -13.34 -25.20
C3B CYC O . 23.32 -12.47 -25.73
C4B CYC O . 22.33 -13.29 -26.46
CMB CYC O . 25.46 -13.00 -24.40
CAB CYC O . 23.04 -11.05 -25.34
CBB CYC O . 23.04 -10.11 -26.52
OB CYC O . 21.32 -12.89 -27.05
NC CYC O . 31.23 -22.31 -25.27
C1C CYC O . 32.56 -22.61 -25.06
C2C CYC O . 33.34 -21.34 -25.24
C3C CYC O . 32.27 -20.21 -25.07
C4C CYC O . 30.98 -20.96 -25.45
CMC CYC O . 34.57 -21.24 -24.35
CAC CYC O . 32.61 -18.83 -25.66
CBC CYC O . 33.34 -17.93 -24.68
OC CYC O . 33.00 -23.72 -24.80
CHD CYC O . 29.82 -20.42 -25.92
ND CYC O . 27.37 -20.18 -26.02
C1D CYC O . 28.51 -20.93 -26.21
C2D CYC O . 28.12 -22.20 -26.69
C3D CYC O . 26.73 -22.22 -26.75
C4D CYC O . 26.26 -20.94 -26.34
CMD CYC O . 29.02 -23.30 -27.17
CAD CYC O . 25.85 -23.39 -27.08
CBD CYC O . 25.09 -23.91 -25.86
CGD CYC O . 24.08 -24.98 -26.16
O1D CYC O . 23.66 -25.74 -25.30
O2D CYC O . 23.70 -25.01 -27.40
HHA CYC O . 24.23 -21.29 -26.64
HMA1 CYC O . 21.02 -17.72 -24.29
HMA2 CYC O . 20.95 -16.82 -25.81
HMA3 CYC O . 21.79 -16.14 -24.41
HAA1 CYC O . 22.23 -21.12 -25.73
HAA2 CYC O . 21.25 -19.98 -24.94
HBA1 CYC O . 20.24 -20.75 -27.07
HBA2 CYC O . 20.37 -19.04 -26.96
HHB CYC O . 25.36 -15.74 -24.54
HB CYC O . 22.24 -15.39 -26.75
HMB1 CYC O . 25.33 -13.16 -23.32
HMB2 CYC O . 26.31 -13.60 -24.71
HMB3 CYC O . 25.74 -11.95 -24.54
HAB1 CYC O . 23.78 -10.73 -24.60
HAB2 CYC O . 22.09 -11.02 -24.82
HBB1 CYC O . 24.00 -10.12 -27.04
HBB2 CYC O . 22.27 -10.36 -27.25
HBB3 CYC O . 22.85 -9.08 -26.22
HC CYC O . 30.51 -23.02 -25.23
H2C CYC O . 33.71 -21.44 -26.26
H3C CYC O . 32.19 -20.03 -23.99
HMC1 CYC O . 35.20 -20.40 -24.65
HMC2 CYC O . 35.18 -22.13 -24.40
HMC3 CYC O . 34.32 -21.07 -23.31
HAC2 CYC O . 31.70 -18.30 -25.93
HBC1 CYC O . 32.77 -17.78 -23.76
HBC2 CYC O . 33.53 -16.95 -25.09
HBC3 CYC O . 34.30 -18.33 -24.38
HHD CYC O . 29.83 -19.36 -26.13
HD CYC O . 27.33 -19.23 -25.70
HMD1 CYC O . 28.62 -23.79 -28.05
HMD2 CYC O . 30.00 -22.92 -27.44
HMD3 CYC O . 29.16 -24.08 -26.43
HAD1 CYC O . 25.15 -23.11 -27.87
HAD2 CYC O . 26.44 -24.19 -27.53
HBD1 CYC O . 24.59 -23.09 -25.34
HBD2 CYC O . 25.78 -24.28 -25.11
CHA CYC P . -7.43 17.91 -16.49
NA CYC P . -5.35 17.20 -17.56
C1A CYC P . -6.43 17.00 -16.72
C2A CYC P . -6.35 15.67 -16.12
C3A CYC P . -5.21 15.08 -16.62
C4A CYC P . -4.60 16.06 -17.50
CMA CYC P . -4.71 13.70 -16.36
CAA CYC P . -7.32 15.05 -15.15
CBA CYC P . -6.72 14.77 -13.77
CGA CYC P . -6.13 15.98 -13.10
O1A CYC P . -5.27 15.90 -12.25
O2A CYC P . -6.63 17.11 -13.53
CHB CYC P . -3.38 15.87 -18.19
NB CYC P . -1.92 15.02 -16.41
C1B CYC P . -2.17 15.42 -17.70
C2B CYC P . -0.92 15.31 -18.42
C3B CYC P . 0.04 14.84 -17.57
C4B CYC P . -0.60 14.65 -16.25
CMB CYC P . -0.75 15.68 -19.87
CAB CYC P . 1.35 14.19 -17.92
CBB CYC P . 1.36 12.69 -17.65
OB CYC P . -0.09 14.23 -15.22
NC CYC P . -8.97 23.05 -20.38
C1C CYC P . -9.28 24.02 -21.30
C2C CYC P . -8.00 24.43 -21.99
C3C CYC P . -6.91 23.52 -21.37
C4C CYC P . -7.64 22.72 -20.31
CMC CYC P . -8.13 24.33 -23.51
CAC CYC P . -5.65 24.28 -20.91
CBC CYC P . -4.85 24.84 -22.07
OC CYC P . -10.40 24.46 -21.50
CHD CYC P . -7.06 21.81 -19.45
ND CYC P . -7.01 19.73 -18.13
C1D CYC P . -7.54 20.97 -18.42
C2D CYC P . -8.61 21.19 -17.51
C3D CYC P . -8.70 20.07 -16.70
C4D CYC P . -7.70 19.16 -17.09
CMD CYC P . -9.43 22.44 -17.38
CAD CYC P . -9.71 19.85 -15.60
CBD CYC P . -10.82 18.90 -16.02
CGD CYC P . -11.88 18.70 -14.98
O1D CYC P . -12.57 17.71 -14.91
O2D CYC P . -11.98 19.69 -14.13
HHA CYC P . -8.15 17.67 -15.72
HMA1 CYC P . -5.53 12.98 -16.36
HMA2 CYC P . -4.01 13.38 -17.13
HMA3 CYC P . -4.18 13.60 -15.41
HAA1 CYC P . -8.24 15.62 -15.05
HAA2 CYC P . -7.65 14.11 -15.57
HBA1 CYC P . -5.96 13.99 -13.87
HBA2 CYC P . -7.46 14.34 -13.11
HHB CYC P . -3.43 16.11 -19.25
HB CYC P . -2.61 15.02 -15.66
HMB1 CYC P . 0.27 15.97 -20.11
HMB2 CYC P . -1.01 14.85 -20.52
HMB3 CYC P . -1.39 16.52 -20.14
HAB1 CYC P . 2.14 14.68 -17.35
HAB2 CYC P . 1.58 14.39 -18.96
HBB1 CYC P . 2.32 12.26 -17.92
HBB2 CYC P . 1.19 12.46 -16.60
HBB3 CYC P . 0.59 12.18 -18.22
HC CYC P . -9.68 22.58 -19.84
H2C CYC P . -7.87 25.49 -21.77
H3C CYC P . -6.59 22.82 -22.13
HMC1 CYC P . -8.47 23.34 -23.81
HMC2 CYC P . -8.83 25.05 -23.91
HMC3 CYC P . -7.17 24.49 -24.03
HAC1 CYC P . -5.01 23.62 -20.34
HBC1 CYC P . -5.48 25.42 -22.75
HBC2 CYC P . -4.38 24.07 -22.67
HBC3 CYC P . -4.07 25.52 -21.75
HHD CYC P . -5.98 21.69 -19.59
HD CYC P . -6.24 19.30 -18.61
HMD1 CYC P . -9.64 22.69 -16.35
HMD2 CYC P . -8.94 23.30 -17.82
HMD3 CYC P . -10.41 22.34 -17.87
HAD1 CYC P . -9.22 19.47 -14.70
HAD2 CYC P . -10.13 20.80 -15.29
HBD1 CYC P . -11.28 19.24 -16.95
HBD2 CYC P . -10.41 17.93 -16.28
CHA CYC Q . 28.18 28.68 -27.26
NA CYC Q . 26.96 28.41 -25.15
C1A CYC Q . 28.10 28.38 -25.91
C2A CYC Q . 29.21 27.84 -25.14
C3A CYC Q . 28.70 27.49 -23.91
C4A CYC Q . 27.29 27.89 -23.94
CMA CYC Q . 29.39 26.75 -22.82
CAA CYC Q . 30.65 27.74 -25.57
CBA CYC Q . 31.42 29.02 -25.31
CGA CYC Q . 30.84 30.22 -25.99
O1A CYC Q . 30.94 30.42 -27.19
O2A CYC Q . 30.23 31.04 -25.18
CHB CYC Q . 26.35 27.73 -22.88
NB CYC Q . 27.57 28.00 -20.74
C1B CYC Q . 26.44 27.76 -21.50
C2B CYC Q . 25.38 27.46 -20.56
C3B CYC Q . 25.89 27.46 -19.29
C4B CYC Q . 27.31 27.80 -19.41
CMB CYC Q . 23.93 27.29 -20.95
CAB CYC Q . 25.15 27.56 -17.99
CBB CYC Q . 25.03 26.23 -17.28
OB CYC Q . 28.14 27.89 -18.49
NC CYC Q . 23.69 31.66 -30.56
C1C CYC Q . 22.83 32.45 -31.28
C2C CYC Q . 21.42 31.93 -31.08
C3C CYC Q . 21.58 30.80 -30.03
C4C CYC Q . 23.08 30.65 -29.85
CMC CYC Q . 20.43 33.02 -30.71
CAC CYC Q . 20.83 29.52 -30.44
CBC CYC Q . 20.59 28.53 -29.32
OC CYC Q . 23.16 33.42 -31.96
CHD CYC Q . 23.74 29.72 -29.09
ND CYC Q . 25.83 29.19 -27.87
C1D CYC Q . 25.12 29.45 -29.02
C2D CYC Q . 26.05 29.44 -30.10
C3D CYC Q . 27.31 29.20 -29.57
C4D CYC Q . 27.16 29.03 -28.17
CMD CYC Q . 25.73 29.63 -31.56
CAD CYC Q . 28.59 29.14 -30.36
CBD CYC Q . 28.84 27.78 -30.99
CGD CYC Q . 29.11 26.70 -29.98
O1D CYC Q . 29.92 26.80 -29.08
O2D CYC Q . 28.40 25.62 -30.20
HHA CYC Q . 29.17 28.69 -27.70
HMA1 CYC Q . 30.06 26.00 -23.23
HMA2 CYC Q . 28.68 26.22 -22.19
HMA3 CYC Q . 29.98 27.40 -22.18
HAA1 CYC Q . 31.13 26.89 -25.08
HAA2 CYC Q . 30.70 27.48 -26.62
HBA1 CYC Q . 31.48 29.19 -24.22
HBA2 CYC Q . 32.46 28.91 -25.62
HHB CYC Q . 25.36 27.56 -23.28
HB CYC Q . 28.45 28.32 -21.12
HMB1 CYC Q . 23.76 26.91 -21.95
HMB2 CYC Q . 23.45 26.58 -20.27
HMB3 CYC Q . 23.40 28.24 -20.86
HAB1 CYC Q . 24.16 27.98 -18.18
HAB2 CYC Q . 25.66 28.28 -17.35
HBB1 CYC Q . 24.48 26.33 -16.34
HBB2 CYC Q . 25.99 25.79 -17.05
HBB3 CYC Q . 24.49 25.50 -17.89
HC CYC Q . 24.69 31.81 -30.55
H2C CYC Q . 21.12 31.52 -32.05
H3C CYC Q . 21.16 31.13 -29.08
HMC1 CYC Q . 20.43 33.83 -31.45
HMC2 CYC Q . 20.68 33.47 -29.74
HMC3 CYC Q . 19.41 32.66 -30.64
HAC1 CYC Q . 19.89 29.78 -30.91
HBC1 CYC Q . 20.38 29.04 -28.37
HBC2 CYC Q . 19.73 27.90 -29.51
HBC3 CYC Q . 21.42 27.86 -29.13
HHD CYC Q . 23.15 29.11 -28.42
HD CYC Q . 25.44 29.13 -26.94
HMD1 CYC Q . 24.70 29.38 -31.78
HMD2 CYC Q . 26.37 29.01 -32.18
HMD3 CYC Q . 25.87 30.67 -31.87
HAD1 CYC Q . 28.55 29.90 -31.14
HAD2 CYC Q . 29.43 29.45 -29.75
HBD1 CYC Q . 29.68 27.84 -31.68
HBD2 CYC Q . 28.00 27.47 -31.61
CHA CYC R . -7.65 37.93 -14.68
NA CYC R . -8.98 36.77 -12.99
C1A CYC R . -8.18 36.80 -14.12
C2A CYC R . -7.93 35.44 -14.59
C3A CYC R . -8.58 34.60 -13.73
C4A CYC R . -9.23 35.45 -12.75
CMA CYC R . -8.55 33.10 -13.71
CAA CYC R . -7.10 35.03 -15.78
CBA CYC R . -7.93 34.53 -16.94
CGA CYC R . -9.02 35.47 -17.35
O1A CYC R . -10.19 35.26 -17.16
O2A CYC R . -8.57 36.55 -17.94
CHB CYC R . -10.06 34.99 -11.70
NB CYC R . -11.41 33.21 -12.74
C1B CYC R . -11.03 34.02 -11.69
C2B CYC R . -11.84 33.62 -10.55
C3B CYC R . -12.65 32.58 -10.92
C4B CYC R . -12.36 32.31 -12.33
CMB CYC R . -11.79 34.29 -9.20
CAB CYC R . -13.36 31.58 -10.05
CBB CYC R . -14.78 31.34 -10.49
OB CYC R . -12.85 31.42 -13.05
NC CYC R . -6.78 43.75 -11.63
C1C CYC R . -6.66 44.93 -10.94
C2C CYC R . -7.83 45.05 -10.01
C3C CYC R . -8.33 43.58 -9.88
C4C CYC R . -7.84 42.98 -11.18
CMC CYC R . -7.52 45.79 -8.70
CAC CYC R . -9.79 43.38 -9.39
CBC CYC R . -9.90 43.30 -7.88
OC CYC R . -5.74 45.74 -11.08
CHD CYC R . -8.35 41.86 -11.84
ND CYC R . -8.14 39.73 -13.04
C1D CYC R . -7.96 41.09 -12.96
C2D CYC R . -7.30 41.51 -14.15
C3D CYC R . -7.07 40.36 -14.91
C4D CYC R . -7.62 39.26 -14.22
CMD CYC R . -7.02 42.91 -14.58
CAD CYC R . -6.27 40.28 -16.19
CBD CYC R . -4.95 39.53 -15.99
CGD CYC R . -4.17 39.32 -17.25
O1D CYC R . -2.97 39.18 -17.26
O2D CYC R . -4.89 39.29 -18.33
HHA CYC R . -7.20 37.80 -15.66
HMA1 CYC R . -9.19 32.70 -14.49
HMA2 CYC R . -7.54 32.74 -13.91
HMA3 CYC R . -8.85 32.67 -12.76
HAA1 CYC R . -6.41 35.81 -16.09
HAA2 CYC R . -6.44 34.23 -15.45
HBA1 CYC R . -8.36 33.55 -16.69
HBA2 CYC R . -7.31 34.33 -17.80
HHB CYC R . -9.88 35.50 -10.76
HB CYC R . -11.06 33.30 -13.69
HMB1 CYC R . -12.66 34.10 -8.60
HMB2 CYC R . -11.70 35.38 -9.32
HMB3 CYC R . -10.92 33.96 -8.64
HAB1 CYC R . -12.79 30.65 -10.05
HAB2 CYC R . -13.34 31.93 -9.02
HBB1 CYC R . -15.36 32.26 -10.48
HBB2 CYC R . -14.84 30.94 -11.51
HBB3 CYC R . -15.29 30.62 -9.86
HC CYC R . -6.13 43.48 -12.35
H2C CYC R . -8.52 45.69 -10.57
H3C CYC R . -7.74 43.13 -9.09
HMC1 CYC R . -7.00 46.72 -8.89
HMC2 CYC R . -6.91 45.19 -8.03
HMC3 CYC R . -8.43 46.04 -8.18
HAC1 CYC R . -10.21 42.47 -9.78
HBC1 CYC R . -10.93 43.13 -7.57
HBC2 CYC R . -9.32 42.47 -7.48
HBC3 CYC R . -9.56 44.21 -7.38
HHD CYC R . -9.26 41.45 -11.42
HD CYC R . -8.60 39.16 -12.34
HMD1 CYC R . -7.21 43.05 -15.64
HMD2 CYC R . -7.66 43.62 -14.05
HMD3 CYC R . -5.98 43.20 -14.41
HAD1 CYC R . -6.87 39.79 -16.96
HAD2 CYC R . -6.09 41.28 -16.58
HBD1 CYC R . -5.11 38.57 -15.52
HBD2 CYC R . -4.32 40.05 -15.28
CHA CYC S . -23.23 -10.07 -6.10
NA CYC S . -23.76 -7.69 -5.82
C1A CYC S . -22.90 -8.73 -6.10
C2A CYC S . -21.57 -8.22 -6.39
C3A CYC S . -21.65 -6.85 -6.29
C4A CYC S . -23.03 -6.55 -5.93
CMA CYC S . -20.57 -5.85 -6.53
CAA CYC S . -20.37 -9.02 -6.78
CBA CYC S . -19.38 -9.20 -5.65
CGA CYC S . -19.99 -9.78 -4.41
O1A CYC S . -20.27 -9.11 -3.44
O2A CYC S . -20.20 -11.06 -4.48
CHB CYC S . -23.55 -5.24 -5.73
NB CYC S . -21.86 -4.19 -4.29
C1B CYC S . -23.03 -4.19 -5.01
C2B CYC S . -23.63 -2.86 -4.86
C3B CYC S . -22.80 -2.12 -4.06
C4B CYC S . -21.65 -2.96 -3.70
CMB CYC S . -24.92 -2.45 -5.49
CAB CYC S . -22.80 -0.62 -3.85
CBB CYC S . -21.82 0.10 -4.74
OB CYC S . -20.68 -2.65 -3.01
NC CYC S . -29.30 -12.67 -6.76
C1C CYC S . -30.58 -13.11 -7.01
C2C CYC S . -31.54 -12.04 -6.52
C3C CYC S . -30.63 -10.91 -5.98
C4C CYC S . -29.22 -11.45 -6.14
CMC CYC S . -32.52 -11.61 -7.60
CAC CYC S . -31.00 -10.43 -4.56
CBC CYC S . -32.33 -9.73 -4.51
OC CYC S . -30.87 -14.17 -7.53
CHD CYC S . -28.07 -10.79 -5.76
ND CYC S . -25.72 -10.12 -5.95
C1D CYC S . -26.69 -11.08 -5.81
C2D CYC S . -26.04 -12.34 -5.74
C3D CYC S . -24.67 -12.12 -5.88
C4D CYC S . -24.47 -10.72 -5.99
CMD CYC S . -26.68 -13.68 -5.49
CAD CYC S . -23.61 -13.18 -5.95
CBD CYC S . -23.21 -13.49 -7.38
CGD CYC S . -22.28 -14.65 -7.52
O1D CYC S . -22.42 -15.52 -8.35
O2D CYC S . -21.30 -14.64 -6.66
HHA CYC S . -22.40 -10.76 -6.20
HMA1 CYC S . -20.00 -6.10 -7.42
HMA2 CYC S . -19.87 -5.81 -5.69
HMA3 CYC S . -20.95 -4.83 -6.66
HAA1 CYC S . -20.64 -9.98 -7.22
HAA2 CYC S . -19.87 -8.51 -7.61
HBA1 CYC S . -18.92 -8.24 -5.42
HBA2 CYC S . -18.55 -9.83 -5.96
HHB CYC S . -24.49 -5.07 -6.24
HB CYC S . -21.25 -4.99 -4.20
HMB1 CYC S . -25.38 -1.59 -4.98
HMB2 CYC S . -25.64 -3.26 -5.47
HMB3 CYC S . -24.77 -2.16 -6.52
HAB1 CYC S . -23.80 -0.24 -4.01
HAB2 CYC S . -22.58 -0.43 -2.81
HBB1 CYC S . -21.85 1.17 -4.58
HBB2 CYC S . -22.01 -0.07 -5.80
HBB3 CYC S . -20.79 -0.22 -4.57
HC CYC S . -28.50 -13.20 -7.08
H2C CYC S . -32.13 -12.51 -5.73
H3C CYC S . -30.72 -10.05 -6.63
HMC1 CYC S . -31.98 -11.28 -8.50
HMC2 CYC S . -33.16 -12.42 -7.90
HMC3 CYC S . -33.15 -10.78 -7.30
HAC1 CYC S . -30.23 -9.77 -4.19
HBC1 CYC S . -32.65 -9.56 -3.48
HBC2 CYC S . -33.13 -10.30 -4.98
HBC3 CYC S . -32.31 -8.75 -5.00
HHD CYC S . -28.25 -9.81 -5.32
HD CYC S . -25.87 -9.13 -6.01
HMD1 CYC S . -27.66 -13.58 -5.03
HMD2 CYC S . -26.06 -14.25 -4.80
HMD3 CYC S . -26.79 -14.26 -6.39
HAD1 CYC S . -23.93 -14.09 -5.45
HAD2 CYC S . -22.74 -12.86 -5.38
HBD1 CYC S . -24.10 -13.67 -7.99
HBD2 CYC S . -22.75 -12.61 -7.84
CHA CYC T . -43.39 17.36 12.12
NA CYC T . -41.59 15.80 12.73
C1A CYC T . -42.22 17.03 12.80
C2A CYC T . -41.43 17.97 13.57
C3A CYC T . -40.28 17.30 13.94
C4A CYC T . -40.42 15.94 13.42
CMA CYC T . -39.09 17.87 14.64
CAA CYC T . -41.79 19.38 13.91
CBA CYC T . -42.61 19.49 15.19
CGA CYC T . -43.98 18.90 15.08
O1A CYC T . -44.90 19.45 14.52
O2A CYC T . -44.08 17.72 15.64
CHB CYC T . -39.46 14.90 13.53
NB CYC T . -38.33 15.15 15.72
C1B CYC T . -38.54 14.54 14.51
C2B CYC T . -37.53 13.49 14.39
C3B CYC T . -36.73 13.54 15.50
C4B CYC T . -37.24 14.61 16.36
CMB CYC T . -37.47 12.49 13.28
CAB CYC T . -35.79 12.49 16.02
CBB CYC T . -34.33 12.87 15.82
OB CYC T . -36.79 15.00 17.44
NC CYC T . -47.16 13.21 9.10
C1C CYC T . -48.07 12.35 8.54
C2C CYC T . -47.32 11.40 7.62
C3C CYC T . -45.81 11.77 7.84
C4C CYC T . -45.85 12.98 8.73
CMC CYC T . -47.66 9.94 7.87
CAC CYC T . -44.99 12.01 6.56
CBC CYC T . -44.69 10.75 5.79
OC CYC T . -49.27 12.35 8.75
CHD CYC T . -44.79 13.75 9.10
ND CYC T . -43.84 15.37 10.72
C1D CYC T . -44.75 15.01 9.75
C2D CYC T . -45.64 16.09 9.57
C3D CYC T . -45.26 17.10 10.46
C4D CYC T . -44.12 16.64 11.17
CMD CYC T . -46.76 16.18 8.58
CAD CYC T . -45.98 18.40 10.63
CBD CYC T . -45.52 19.47 9.65
CGD CYC T . -44.05 19.76 9.72
O1D CYC T . -43.49 20.15 10.72
O2D CYC T . -43.44 19.55 8.58
HHA CYC T . -43.81 18.33 12.36
HMA1 CYC T . -38.91 18.89 14.32
HMA2 CYC T . -38.19 17.30 14.42
HMA3 CYC T . -39.20 17.88 15.72
HAA1 CYC T . -40.89 19.99 13.98
HAA2 CYC T . -42.33 19.84 13.08
HBA1 CYC T . -42.06 19.03 16.01
HBA2 CYC T . -42.71 20.53 15.49
HHB CYC T . -39.48 14.26 12.65
HB CYC T . -38.94 15.86 16.12
HMB1 CYC T . -37.85 12.85 12.33
HMB2 CYC T . -36.43 12.18 13.11
HMB3 CYC T . -38.04 11.60 13.53
HAB1 CYC T . -36.01 11.55 15.51
HAB2 CYC T . -36.00 12.31 17.07
HBB1 CYC T . -34.09 13.00 14.77
HBB2 CYC T . -34.08 13.80 16.32
HBB3 CYC T . -33.66 12.10 16.21
HC CYC T . -47.43 13.94 9.75
H2C CYC T . -47.64 11.63 6.61
H3C CYC T . -45.33 10.96 8.39
HMC1 CYC T . -47.39 9.63 8.89
HMC2 CYC T . -48.73 9.75 7.76
HMC3 CYC T . -47.14 9.27 7.19
HAC2 CYC T . -44.05 12.49 6.80
HBC1 CYC T . -44.13 10.95 4.88
HBC2 CYC T . -44.11 10.06 6.39
HBC3 CYC T . -45.60 10.22 5.49
HHD CYC T . -43.79 13.35 8.88
HD CYC T . -43.08 14.80 11.06
HMD1 CYC T . -46.60 15.52 7.73
HMD2 CYC T . -46.87 17.19 8.19
HMD3 CYC T . -47.72 15.89 9.02
HAD1 CYC T . -47.05 18.24 10.53
HAD2 CYC T . -45.87 18.76 11.66
HBD1 CYC T . -46.08 20.40 9.82
HBD2 CYC T . -45.78 19.20 8.63
CHA CYC U . -35.45 -20.60 5.43
NA CYC U . -33.26 -21.66 5.17
C1A CYC U . -34.19 -20.66 4.91
C2A CYC U . -33.60 -19.65 4.05
C3A CYC U . -32.31 -20.04 3.80
C4A CYC U . -32.14 -21.31 4.49
CMA CYC U . -31.26 -19.29 3.03
CAA CYC U . -34.26 -18.38 3.57
CBA CYC U . -34.70 -18.43 2.12
CGA CYC U . -35.51 -19.65 1.78
O1A CYC U . -35.05 -20.61 1.21
O2A CYC U . -36.75 -19.58 2.16
CHB CYC U . -30.95 -22.08 4.47
NB CYC U . -30.25 -21.99 2.12
C1B CYC U . -30.12 -22.40 3.42
C2B CYC U . -28.91 -23.20 3.50
C3B CYC U . -28.35 -23.24 2.25
C4B CYC U . -29.20 -22.45 1.36
CMB CYC U . -28.43 -23.87 4.75
CAB CYC U . -26.92 -23.56 1.89
CBB CYC U . -26.81 -24.62 0.82
OB CYC U . -29.03 -22.21 0.16
NC CYC U . -37.52 -23.73 10.90
C1C CYC U . -37.88 -24.43 12.03
C2C CYC U . -37.09 -25.73 12.03
C3C CYC U . -35.89 -25.41 11.10
C4C CYC U . -36.47 -24.32 10.21
CMC CYC U . -36.74 -26.23 13.43
CAC CYC U . -35.14 -26.63 10.52
CBC CYC U . -34.00 -27.11 11.39
OC CYC U . -38.70 -24.08 12.86
CHD CYC U . -36.10 -24.00 8.92
ND CYC U . -35.49 -22.39 7.16
C1D CYC U . -36.41 -22.95 8.01
C2D CYC U . -37.64 -22.27 7.81
C3D CYC U . -37.42 -21.28 6.84
C4D CYC U . -36.07 -21.38 6.43
CMD CYC U . -38.96 -22.61 8.42
CAD CYC U . -38.39 -20.24 6.39
CBD CYC U . -38.01 -18.84 6.86
CGD CYC U . -38.87 -17.74 6.35
O1D CYC U . -39.04 -16.70 6.95
O2D CYC U . -39.43 -17.98 5.20
HHA CYC U . -36.12 -19.86 4.98
HMA1 CYC U . -31.31 -18.24 3.29
HMA2 CYC U . -31.42 -19.37 1.96
HMA3 CYC U . -30.26 -19.64 3.23
HAA1 CYC U . -35.06 -18.06 4.23
HAA2 CYC U . -33.52 -17.59 3.68
HBA1 CYC U . -35.27 -17.53 1.89
HBA2 CYC U . -33.85 -18.39 1.46
HHB CYC U . -30.68 -22.47 5.44
HB CYC U . -31.04 -21.46 1.75
HMB1 CYC U . -27.69 -24.64 4.55
HMB2 CYC U . -29.25 -24.34 5.28
HMB3 CYC U . -27.97 -23.15 5.42
HAB1 CYC U . -26.39 -23.87 2.79
HAB2 CYC U . -26.42 -22.64 1.57
HBB1 CYC U . -25.78 -24.85 0.59
HBB2 CYC U . -27.28 -24.33 -0.11
HBB3 CYC U . -27.29 -25.56 1.12
HC CYC U . -37.94 -22.85 10.66
H2C CYC U . -37.79 -26.42 11.61
H3C CYC U . -35.14 -24.92 11.71
HMC1 CYC U . -36.40 -27.26 13.38
HMC2 CYC U . -37.60 -26.20 14.10
HMC3 CYC U . -35.95 -25.66 13.90
HAC2 CYC U . -34.70 -26.39 9.55
HBC1 CYC U . -33.26 -26.33 11.55
HBC2 CYC U . -33.47 -27.95 10.95
HBC3 CYC U . -34.34 -27.43 12.38
HHD CYC U . -35.38 -24.67 8.46
HD CYC U . -34.52 -22.67 7.07
HMD1 CYC U . -39.77 -22.51 7.70
HMD2 CYC U . -38.99 -23.64 8.78
HMD3 CYC U . -39.22 -21.95 9.26
HAD1 CYC U . -39.41 -20.48 6.72
HAD2 CYC U . -38.46 -20.27 5.31
HBD1 CYC U . -37.99 -18.81 7.95
HBD2 CYC U . -36.97 -18.61 6.60
CHA CYC V . 7.01 -12.30 -22.15
NA CYC V . 5.57 -14.04 -21.18
C1A CYC V . 5.97 -12.72 -21.34
C2A CYC V . 5.12 -11.84 -20.55
C3A CYC V . 4.20 -12.63 -19.92
C4A CYC V . 4.51 -14.00 -20.30
CMA CYC V . 3.04 -12.21 -19.06
CAA CYC V . 5.22 -10.34 -20.43
CBA CYC V . 5.80 -9.90 -19.10
CGA CYC V . 7.14 -10.49 -18.80
O1A CYC V . 7.42 -10.97 -17.72
O2A CYC V . 7.98 -10.41 -19.79
CHB CYC V . 3.84 -15.14 -19.82
NB CYC V . 3.82 -14.65 -17.43
C1B CYC V . 3.51 -15.43 -18.52
C2B CYC V . 2.76 -16.57 -18.02
C3B CYC V . 2.63 -16.43 -16.66
C4B CYC V . 3.31 -15.19 -16.27
CMB CYC V . 2.26 -17.69 -18.88
CAB CYC V . 1.64 -17.12 -15.76
CBB CYC V . 2.26 -17.55 -14.45
OB CYC V . 3.42 -14.70 -15.15
NC CYC V . 9.81 -15.64 -27.11
C1C CYC V . 10.22 -16.34 -28.23
C2C CYC V . 9.98 -17.81 -27.97
C3C CYC V . 9.37 -17.86 -26.52
C4C CYC V . 9.35 -16.42 -26.08
CMC CYC V . 9.09 -18.45 -29.03
CAC CYC V . 10.10 -18.83 -25.57
CBC CYC V . 9.91 -20.28 -25.96
OC CYC V . 10.70 -15.85 -29.24
CHD CYC V . 8.88 -15.95 -24.86
ND CYC V . 7.71 -14.32 -23.42
C1D CYC V . 8.73 -14.67 -24.28
C2D CYC V . 9.56 -13.52 -24.43
C3D CYC V . 8.99 -12.49 -23.69
C4D CYC V . 7.84 -13.01 -23.05
CMD CYC V . 10.85 -13.44 -25.20
CAD CYC V . 9.51 -11.09 -23.60
CBD CYC V . 8.71 -10.11 -24.44
CGD CYC V . 9.34 -8.75 -24.53
O1D CYC V . 9.64 -8.22 -25.58
O2D CYC V . 9.52 -8.19 -23.36
HHA CYC V . 7.27 -11.25 -22.09
HMA1 CYC V . 2.29 -12.98 -19.02
HMA2 CYC V . 3.37 -12.00 -18.04
HMA3 CYC V . 2.58 -11.30 -19.43
HAA1 CYC V . 4.22 -9.90 -20.57
HAA2 CYC V . 5.79 -9.91 -21.25
HBA1 CYC V . 5.84 -8.81 -19.06
HBA2 CYC V . 5.12 -10.16 -18.28
HHB CYC V . 3.56 -15.86 -20.59
HB CYC V . 4.37 -13.78 -17.48
HMB1 CYC V . 2.13 -17.42 -19.93
HMB2 CYC V . 1.30 -18.05 -18.52
HMB3 CYC V . 2.97 -18.53 -18.85
HAB1 CYC V . 0.81 -16.44 -15.58
HAB2 CYC V . 1.21 -17.97 -16.27
HBB1 CYC V . 1.56 -18.14 -13.86
HBB2 CYC V . 3.16 -18.14 -14.58
HBB3 CYC V . 2.55 -16.70 -13.83
HC CYC V . 9.83 -14.62 -27.10
H2C CYC V . 10.94 -18.30 -28.02
H3C CYC V . 8.35 -18.20 -26.60
HMC1 CYC V . 8.76 -19.44 -28.73
HMC2 CYC V . 9.63 -18.56 -29.97
HMC3 CYC V . 8.20 -17.86 -29.24
HAC1 CYC V . 9.72 -18.69 -24.56
HBC1 CYC V . 10.26 -20.47 -26.97
HBC2 CYC V . 8.86 -20.58 -25.93
HBC3 CYC V . 10.45 -20.96 -25.32
HHD CYC V . 8.55 -16.74 -24.19
HD CYC V . 6.97 -14.94 -23.11
HMD1 CYC V . 10.73 -12.94 -26.15
HMD2 CYC V . 11.59 -12.89 -24.63
HMD3 CYC V . 11.28 -14.42 -25.41
HAD1 CYC V . 10.57 -11.04 -23.87
HAD2 CYC V . 9.49 -10.77 -22.56
HBD1 CYC V . 8.57 -10.51 -25.44
HBD2 CYC V . 7.70 -10.01 -24.06
CHA CYC W . 3.55 -47.74 -7.58
NA CYC W . 4.78 -45.71 -6.93
C1A CYC W . 4.05 -46.85 -6.66
C2A CYC W . 3.75 -46.92 -5.23
C3A CYC W . 4.29 -45.80 -4.65
C4A CYC W . 4.94 -45.06 -5.75
CMA CYC W . 4.18 -45.35 -3.23
CAA CYC W . 3.01 -48.01 -4.52
CBA CYC W . 3.92 -49.13 -4.03
CGA CYC W . 4.75 -49.74 -5.13
O1A CYC W . 4.31 -50.53 -5.92
O2A CYC W . 5.98 -49.31 -5.14
CHB CYC W . 5.60 -43.80 -5.63
NB CYC W . 6.73 -43.64 -3.43
C1B CYC W . 6.39 -43.17 -4.68
C2B CYC W . 7.00 -41.85 -4.80
C3B CYC W . 7.66 -41.57 -3.64
C4B CYC W . 7.49 -42.71 -2.74
CMB CYC W . 6.94 -41.00 -6.03
CAB CYC W . 8.22 -40.26 -3.16
CBB CYC W . 7.17 -39.35 -2.57
OB CYC W . 7.88 -42.83 -1.58
NC CYC W . 5.09 -47.96 -13.78
C1C CYC W . 5.49 -48.14 -15.07
C2C CYC W . 5.45 -46.79 -15.77
C3C CYC W . 5.08 -45.79 -14.64
C4C CYC W . 4.80 -46.66 -13.43
CMC CYC W . 6.73 -46.49 -16.52
CAC CYC W . 3.93 -44.86 -15.07
CBC CYC W . 3.77 -43.63 -14.22
OC CYC W . 5.81 -49.21 -15.57
CHD CYC W . 4.35 -46.24 -12.20
ND CYC W . 4.14 -46.74 -9.78
C1D CYC W . 3.88 -47.01 -11.11
C2D CYC W . 3.08 -48.17 -11.16
C3D CYC W . 2.89 -48.61 -9.86
C4D CYC W . 3.55 -47.71 -8.99
CMD CYC W . 2.52 -48.81 -12.40
CAD CYC W . 2.13 -49.85 -9.46
CBD CYC W . 0.63 -49.65 -9.41
CGD CYC W . 0.19 -48.75 -8.29
O1D CYC W . 0.66 -48.78 -7.19
O2D CYC W . -0.77 -47.93 -8.66
HHA CYC W . 3.09 -48.64 -7.18
HMA1 CYC W . 3.20 -45.60 -2.83
HMA2 CYC W . 4.31 -44.28 -3.14
HMA3 CYC W . 4.92 -45.83 -2.58
HAA1 CYC W . 2.20 -48.41 -5.14
HAA2 CYC W . 2.47 -47.60 -3.67
HBA1 CYC W . 4.56 -48.75 -3.24
HBA2 CYC W . 3.35 -49.92 -3.56
HHB CYC W . 5.44 -43.21 -6.53
HB CYC W . 6.52 -44.57 -3.09
HMB1 CYC W . 5.99 -41.04 -6.56
HMB2 CYC W . 7.12 -39.96 -5.79
HMB3 CYC W . 7.71 -41.31 -6.74
HAB1 CYC W . 8.72 -39.77 -3.99
HAB2 CYC W . 9.00 -40.45 -2.43
HBB1 CYC W . 7.61 -38.42 -2.22
HBB2 CYC W . 6.40 -39.08 -3.30
HBB3 CYC W . 6.65 -39.81 -1.73
HC CYC W . 5.03 -48.72 -13.12
H2C CYC W . 4.65 -46.86 -16.51
H3C CYC W . 5.95 -45.17 -14.42
HMC1 CYC W . 6.66 -45.54 -17.06
HMC2 CYC W . 6.97 -47.25 -17.26
HMC3 CYC W . 7.60 -46.40 -15.87
HAC2 CYC W . 4.08 -44.57 -16.10
HBC1 CYC W . 4.74 -43.21 -13.92
HBC2 CYC W . 3.27 -42.82 -14.75
HBC3 CYC W . 3.20 -43.79 -13.31
HHD CYC W . 4.39 -45.17 -12.01
HD CYC W . 4.68 -45.97 -9.43
HMD1 CYC W . 3.16 -49.63 -12.73
HMD2 CYC W . 1.53 -49.23 -12.23
HMD3 CYC W . 2.44 -48.12 -13.24
HAD1 CYC W . 2.51 -50.27 -8.54
HAD2 CYC W . 2.37 -50.63 -10.20
HBD1 CYC W . 0.26 -49.27 -10.34
HBD2 CYC W . 0.13 -50.61 -9.30
CHA CYC X . 9.07 40.39 6.15
NA CYC X . 10.39 38.87 4.78
C1A CYC X . 9.58 39.15 5.86
C2A CYC X . 9.27 37.94 6.60
C3A CYC X . 9.92 36.92 5.94
C4A CYC X . 10.62 37.53 4.82
CMA CYC X . 9.86 35.46 6.26
CAA CYC X . 8.38 37.80 7.80
CBA CYC X . 9.15 37.60 9.10
CGA CYC X . 10.23 38.62 9.32
O1A CYC X . 11.41 38.34 9.24
O2A CYC X . 9.78 39.80 9.61
CHB CYC X . 11.41 36.84 3.89
NB CYC X . 12.73 35.33 5.30
C1B CYC X . 12.35 35.87 4.10
C2B CYC X . 13.11 35.17 3.07
C3B CYC X . 13.90 34.22 3.68
C4B CYC X . 13.65 34.32 5.12
CMB CYC X . 13.03 35.49 1.61
CAB CYC X . 14.57 33.03 3.07
CBB CYC X . 16.01 32.89 3.49
OB CYC X . 14.11 33.62 6.01
NC CYC X . 8.44 45.40 1.78
C1C CYC X . 8.32 46.36 0.82
C2C CYC X . 9.40 46.13 -0.21
C3C CYC X . 9.88 44.65 0.10
C4C CYC X . 9.41 44.44 1.54
CMC CYC X . 8.91 46.40 -1.63
CAC CYC X . 11.34 44.31 -0.30
CBC CYC X . 11.49 43.88 -1.75
OC CYC X . 7.49 47.26 0.81
CHD CYC X . 9.86 43.52 2.44
ND CYC X . 9.60 41.74 4.13
C1D CYC X . 9.45 43.04 3.72
C2D CYC X . 8.82 43.74 4.79
C3D CYC X . 8.56 42.82 5.81
C4D CYC X . 9.07 41.56 5.39
CMD CYC X . 8.58 45.22 4.87
CAD CYC X . 7.79 43.06 7.08
CBD CYC X . 6.46 42.32 7.08
CGD CYC X . 5.71 42.37 8.37
O1D CYC X . 4.51 42.24 8.44
O2D CYC X . 6.48 42.54 9.41
HHA CYC X . 8.63 40.50 7.14
HMA1 CYC X . 10.49 35.21 7.12
HMA2 CYC X . 8.84 35.16 6.51
HMA3 CYC X . 10.17 34.82 5.43
HAA1 CYC X . 7.72 36.96 7.64
HAA2 CYC X . 7.71 38.64 7.89
HBA1 CYC X . 9.57 36.59 9.12
HBA2 CYC X . 8.47 37.62 9.95
HHB CYC X . 11.24 37.14 2.86
HB CYC X . 12.39 35.65 6.20
HMB1 CYC X . 13.47 34.74 0.96
HMB2 CYC X . 11.98 35.60 1.30
HMB3 CYC X . 13.53 36.43 1.40
HAB1 CYC X . 14.01 32.14 3.36
HAB2 CYC X . 14.50 33.07 1.99
HBB1 CYC X . 16.48 32.02 3.02
HBB2 CYC X . 16.60 33.76 3.21
HBB3 CYC X . 16.11 32.77 4.57
HC CYC X . 7.81 45.37 2.57
H2C CYC X . 10.14 46.89 0.02
H3C CYC X . 9.27 43.99 -0.51
HMC1 CYC X . 9.29 45.66 -2.34
HMC2 CYC X . 9.23 47.37 -1.98
HMC3 CYC X . 7.83 46.37 -1.70
HAC1 CYC X . 11.73 43.50 0.30
HBC1 CYC X . 11.35 44.72 -2.43
HBC2 CYC X . 12.47 43.47 -1.96
HBC3 CYC X . 10.77 43.12 -2.04
HHD CYC X . 10.76 42.98 2.14
HD CYC X . 10.03 41.00 3.59
HMD1 CYC X . 8.77 45.58 5.88
HMD2 CYC X . 9.24 45.76 4.22
HMD3 CYC X . 7.55 45.50 4.64
HAD1 CYC X . 7.64 44.12 7.24
HAD2 CYC X . 8.41 42.74 7.91
HBD1 CYC X . 5.81 42.69 6.29
HBD2 CYC X . 6.57 41.27 6.80
CHA CYC Y . 22.21 -9.38 7.56
NA CYC Y . 22.90 -7.10 7.03
C1A CYC Y . 21.95 -8.04 7.36
C2A CYC Y . 20.66 -7.41 7.56
C3A CYC Y . 20.85 -6.07 7.36
C4A CYC Y . 22.25 -5.90 7.01
CMA CYC Y . 19.86 -4.95 7.55
CAA CYC Y . 19.35 -8.08 7.92
CBA CYC Y . 18.33 -8.04 6.80
CGA CYC Y . 18.73 -8.80 5.57
O1A CYC Y . 18.13 -8.71 4.51
O2A CYC Y . 19.77 -9.57 5.73
CHB CYC Y . 22.88 -4.68 6.66
NB CYC Y . 21.24 -3.53 5.21
C1B CYC Y . 22.47 -3.65 5.84
C2B CYC Y . 23.25 -2.48 5.44
C3B CYC Y . 22.48 -1.70 4.61
C4B CYC Y . 21.18 -2.37 4.47
CMB CYC Y . 24.68 -2.26 5.84
CAB CYC Y . 22.67 -0.25 4.27
CBB CYC Y . 22.15 0.10 2.88
OB CYC Y . 20.22 -1.99 3.81
NC CYC Y . 28.10 -12.08 8.92
C1C CYC Y . 29.34 -12.54 9.30
C2C CYC Y . 30.39 -11.67 8.62
C3C CYC Y . 29.56 -10.61 7.84
C4C CYC Y . 28.11 -11.01 8.06
CMC CYC Y . 31.37 -11.08 9.62
CAC CYC Y . 30.00 -10.44 6.37
CBC CYC Y . 31.37 -9.80 6.25
OC CYC Y . 29.55 -13.49 10.05
CHD CYC Y . 27.02 -10.36 7.53
ND CYC Y . 24.69 -9.57 7.53
C1D CYC Y . 25.63 -10.58 7.59
C2D CYC Y . 24.91 -11.80 7.69
C3D CYC Y . 23.55 -11.50 7.72
C4D CYC Y . 23.42 -10.10 7.61
CMD CYC Y . 25.51 -13.18 7.71
CAD CYC Y . 22.43 -12.49 7.84
CBD CYC Y . 21.81 -12.50 9.23
CGD CYC Y . 20.80 -13.61 9.42
O1D CYC Y . 20.18 -13.77 10.45
O2D CYC Y . 20.67 -14.38 8.38
HHA CYC Y . 21.34 -10.03 7.67
HMA1 CYC Y . 19.15 -4.92 6.73
HMA2 CYC Y . 19.28 -5.12 8.47
HMA3 CYC Y . 20.33 -3.98 7.64
HAA1 CYC Y . 19.49 -9.09 8.29
HAA2 CYC Y . 18.94 -7.56 8.78
HBA1 CYC Y . 18.11 -7.00 6.54
HBA2 CYC Y . 17.37 -8.44 7.14
HHB CYC Y . 23.84 -4.54 7.14
HB CYC Y . 20.51 -4.21 5.26
HMB1 CYC Y . 25.24 -3.17 6.02
HMB2 CYC Y . 25.20 -1.71 5.05
HMB3 CYC Y . 24.73 -1.65 6.74
HAB1 CYC Y . 22.17 0.36 5.00
HAB2 CYC Y . 23.73 0.00 4.35
HBB1 CYC Y . 22.48 1.09 2.59
HBB2 CYC Y . 22.46 -0.60 2.13
HBB3 CYC Y . 21.06 0.11 2.86
HC CYC Y . 27.26 -12.48 9.31
H2C CYC Y . 30.96 -12.34 7.98
H3C CYC Y . 29.71 -9.64 8.31
HMC1 CYC Y . 30.85 -10.57 10.43
HMC2 CYC Y . 32.00 -11.86 10.07
HMC3 CYC Y . 32.04 -10.35 9.17
HAC1 CYC Y . 29.29 -9.80 5.85
HBC1 CYC Y . 32.12 -10.32 6.83
HBC2 CYC Y . 31.38 -8.76 6.59
HBC3 CYC Y . 31.73 -9.79 5.23
HHD CYC Y . 27.27 -9.49 6.94
HD CYC Y . 24.90 -8.58 7.45
HMD1 CYC Y . 26.51 -13.21 7.30
HMD2 CYC Y . 25.54 -13.58 8.72
HMD3 CYC Y . 24.93 -13.88 7.11
HAD1 CYC Y . 21.68 -12.28 7.09
HAD2 CYC Y . 22.79 -13.49 7.57
HBD1 CYC Y . 22.58 -12.57 9.98
HBD2 CYC Y . 21.31 -11.56 9.43
CHA CYC Z . 44.22 13.01 -14.90
NA CYC Z . 42.34 11.48 -15.23
C1A CYC Z . 43.06 12.61 -15.53
C2A CYC Z . 42.35 13.41 -16.52
C3A CYC Z . 41.17 12.75 -16.78
C4A CYC Z . 41.20 11.54 -15.97
CMA CYC Z . 40.02 13.24 -17.61
CAA CYC Z . 42.83 14.68 -17.19
CBA CYC Z . 43.54 14.39 -18.51
CGA CYC Z . 44.64 13.38 -18.40
O1A CYC Z . 45.62 13.53 -17.69
O2A CYC Z . 44.44 12.33 -19.15
CHB CYC Z . 40.18 10.55 -15.92
NB CYC Z . 39.13 10.41 -18.15
C1B CYC Z . 39.27 10.06 -16.83
C2B CYC Z . 38.17 9.14 -16.53
C3B CYC Z . 37.40 9.02 -17.66
C4B CYC Z . 38.01 9.83 -18.71
CMB CYC Z . 38.00 8.40 -15.24
CAB CYC Z . 36.33 8.01 -17.95
CBB CYC Z . 34.94 8.57 -17.79
OB CYC Z . 37.62 10.02 -19.85
NC CYC Z . 47.72 9.43 -11.01
C1C CYC Z . 48.60 8.63 -10.31
C2C CYC Z . 47.83 7.88 -9.26
C3C CYC Z . 46.34 8.26 -9.53
C4C CYC Z . 46.41 9.32 -10.62
CMC CYC Z . 48.12 6.38 -9.24
CAC CYC Z . 45.63 8.71 -8.24
CBC CYC Z . 44.11 8.70 -8.33
OC CYC Z . 49.81 8.56 -10.52
CHD CYC Z . 45.37 10.04 -11.15
ND CYC Z . 44.54 11.33 -13.09
C1D CYC Z . 45.40 11.14 -12.03
C2D CYC Z . 46.33 12.21 -12.06
C3D CYC Z . 46.03 13.02 -13.14
C4D CYC Z . 44.89 12.47 -13.79
CMD CYC Z . 47.44 12.44 -11.06
CAD CYC Z . 46.81 14.23 -13.56
CBD CYC Z . 46.42 15.50 -12.81
CGD CYC Z . 45.04 15.99 -13.12
O1D CYC Z . 44.60 16.07 -14.25
O2D CYC Z . 44.36 16.31 -12.05
HHA CYC Z . 44.72 13.88 -15.33
HMA1 CYC Z . 39.93 14.32 -17.53
HMA2 CYC Z . 40.18 13.02 -18.66
HMA3 CYC Z . 39.07 12.81 -17.32
HAA1 CYC Z . 41.99 15.34 -17.36
HAA2 CYC Z . 43.48 15.24 -16.52
HBA1 CYC Z . 43.93 15.33 -18.92
HBA2 CYC Z . 42.83 14.05 -19.26
HHB CYC Z . 40.15 10.10 -14.93
HB CYC Z . 39.81 10.97 -18.66
HMB1 CYC Z . 38.36 8.93 -14.37
HMB2 CYC Z . 36.95 8.19 -15.06
HMB3 CYC Z . 38.52 7.45 -15.28
HAB1 CYC Z . 36.47 7.63 -18.97
HAB2 CYC Z . 36.48 7.14 -17.31
HBB1 CYC Z . 34.19 7.81 -18.02
HBB2 CYC Z . 34.75 9.42 -18.44
HBB3 CYC Z . 34.76 8.89 -16.77
HC CYC Z . 48.03 10.02 -11.77
H2C CYC Z . 48.16 8.29 -8.30
H3C CYC Z . 45.81 7.40 -9.92
HMC1 CYC Z . 47.87 5.93 -10.20
HMC2 CYC Z . 47.57 5.87 -8.46
HMC3 CYC Z . 49.18 6.18 -9.07
HAC2 CYC Z . 45.94 8.06 -7.43
HBC1 CYC Z . 43.72 9.64 -8.73
HBC2 CYC Z . 43.74 7.91 -8.98
HBC3 CYC Z . 43.64 8.56 -7.37
HHD CYC Z . 44.36 9.73 -10.88
HD CYC Z . 43.76 10.74 -13.34
HMD1 CYC Z . 47.60 13.51 -10.89
HMD2 CYC Z . 47.20 11.99 -10.10
HMD3 CYC Z . 48.38 12.03 -11.40
HAD1 CYC Z . 46.76 14.40 -14.63
HAD2 CYC Z . 47.87 14.03 -13.39
HBD1 CYC Z . 47.14 16.29 -13.02
HBD2 CYC Z . 46.51 15.35 -11.73
CHA CYC AA . 34.52 -22.44 -1.41
NA CYC AA . 32.30 -23.36 -0.94
C1A CYC AA . 33.25 -22.37 -0.89
C2A CYC AA . 32.70 -21.17 -0.28
C3A CYC AA . 31.39 -21.47 0.03
C4A CYC AA . 31.17 -22.85 -0.38
CMA CYC AA . 30.36 -20.55 0.61
CAA CYC AA . 33.38 -19.85 -0.07
CBA CYC AA . 33.83 -19.62 1.36
CGA CYC AA . 34.48 -20.81 1.99
O1A CYC AA . 33.93 -21.51 2.82
O2A CYC AA . 35.68 -21.04 1.54
CHB CYC AA . 29.96 -23.55 -0.26
NB CYC AA . 29.18 -22.98 2.01
C1B CYC AA . 29.07 -23.62 0.79
C2B CYC AA . 27.83 -24.37 0.82
C3B CYC AA . 27.21 -24.15 2.02
C4B CYC AA . 28.09 -23.25 2.79
CMB CYC AA . 27.35 -25.24 -0.31
CAB CYC AA . 25.76 -24.32 2.36
CBB CYC AA . 25.56 -25.10 3.65
OB CYC AA . 27.88 -22.78 3.92
NC CYC AA . 36.56 -26.59 -6.16
C1C CYC AA . 36.91 -27.48 -7.13
C2C CYC AA . 36.10 -28.74 -6.92
C3C CYC AA . 34.91 -28.26 -6.06
C4C CYC AA . 35.50 -27.02 -5.37
CMC CYC AA . 35.75 -29.46 -8.22
CAC CYC AA . 34.14 -29.34 -5.27
CBC CYC AA . 33.00 -29.95 -6.07
OC CYC AA . 37.74 -27.29 -8.01
CHD CYC AA . 35.11 -26.46 -4.19
ND CYC AA . 34.51 -24.53 -2.77
C1D CYC AA . 35.42 -25.26 -3.49
C2D CYC AA . 36.67 -24.59 -3.39
C3D CYC AA . 36.47 -23.42 -2.64
C4D CYC AA . 35.11 -23.42 -2.23
CMD CYC AA . 38.00 -25.08 -3.90
CAD CYC AA . 37.47 -22.33 -2.39
CBD CYC AA . 37.10 -21.04 -3.12
CGD CYC AA . 37.97 -19.87 -2.77
O1D CYC AA . 38.18 -18.96 -3.54
O2D CYC AA . 38.47 -19.93 -1.57
HHA CYC AA . 35.20 -21.67 -1.10
HMA1 CYC AA . 30.49 -20.45 1.70
HMA2 CYC AA . 30.45 -19.56 0.18
HMA3 CYC AA . 29.34 -20.89 0.43
HAA1 CYC AA . 32.70 -19.07 -0.36
HAA2 CYC AA . 34.21 -19.72 -0.76
HBA1 CYC AA . 32.97 -19.30 1.96
HBA2 CYC AA . 34.52 -18.78 1.42
HHB CYC AA . 29.70 -24.12 -1.15
HB CYC AA . 29.98 -22.42 2.29
HMB1 CYC AA . 28.15 -25.80 -0.79
HMB2 CYC AA . 26.87 -24.65 -1.08
HMB3 CYC AA . 26.63 -25.97 0.06
HAB1 CYC AA . 25.29 -23.35 2.43
HAB2 CYC AA . 25.26 -24.84 1.53
HBB1 CYC AA . 26.01 -26.08 3.59
HBB2 CYC AA . 24.50 -25.24 3.89
HBB3 CYC AA . 26.00 -24.59 4.50
HC CYC AA . 37.01 -25.69 -6.07
H2C CYC AA . 36.79 -29.38 -6.38
H3C CYC AA . 34.17 -27.86 -6.75
HMC1 CYC AA . 36.60 -29.53 -8.89
HMC2 CYC AA . 35.43 -30.48 -8.00
HMC3 CYC AA . 34.94 -28.98 -8.77
HAC2 CYC AA . 33.69 -28.91 -4.40
HBC1 CYC AA . 32.47 -30.70 -5.50
HBC2 CYC AA . 32.27 -29.20 -6.38
HBC3 CYC AA . 33.34 -30.43 -6.99
HHD CYC AA . 34.35 -27.00 -3.62
HD CYC AA . 33.53 -24.77 -2.64
HMD1 CYC AA . 38.79 -24.87 -3.18
HMD2 CYC AA . 38.28 -24.58 -4.83
HMD3 CYC AA . 38.02 -26.15 -4.07
HAD1 CYC AA . 37.54 -22.16 -1.32
HAD2 CYC AA . 38.46 -22.66 -2.68
HBD1 CYC AA . 36.07 -20.77 -2.95
HBD2 CYC AA . 37.13 -21.19 -4.19
CHA CYC BA . -7.22 -7.77 22.92
NA CYC BA . -5.94 -9.75 22.23
C1A CYC BA . -6.27 -8.41 22.15
C2A CYC BA . -5.45 -7.75 21.14
C3A CYC BA . -4.60 -8.70 20.64
C4A CYC BA . -4.93 -9.94 21.33
CMA CYC BA . -3.48 -8.51 19.67
CAA CYC BA . -5.50 -6.30 20.71
CBA CYC BA . -6.14 -6.12 19.35
CGA CYC BA . -7.60 -5.77 19.38
O1A CYC BA . -8.20 -5.37 18.40
O2A CYC BA . -8.17 -5.92 20.54
CHB CYC BA . -4.32 -11.20 21.08
NB CYC BA . -4.12 -11.27 18.62
C1B CYC BA . -3.94 -11.78 19.89
C2B CYC BA . -3.21 -13.03 19.73
C3B CYC BA . -2.94 -13.21 18.40
C4B CYC BA . -3.53 -12.07 17.68
CMB CYC BA . -2.88 -13.97 20.86
CAB CYC BA . -2.45 -14.44 17.69
CBB CYC BA . -1.20 -14.20 16.88
OB CYC BA . -3.51 -11.87 16.47
NC CYC BA . -9.84 -9.83 28.72
C1C CYC BA . -10.26 -10.31 29.94
C2C CYC BA . -10.05 -11.81 29.95
C3C CYC BA . -9.47 -12.12 28.54
C4C CYC BA . -9.40 -10.79 27.85
CMC CYC BA . -9.15 -12.26 31.09
CAC CYC BA . -10.24 -13.23 27.79
CBC CYC BA . -10.09 -14.59 28.42
OC CYC BA . -10.75 -9.65 30.84
CHD CYC BA . -8.94 -10.58 26.57
ND CYC BA . -7.86 -9.39 24.70
C1D CYC BA . -8.82 -9.48 25.69
C2D CYC BA . -9.60 -8.30 25.62
C3D CYC BA . -9.09 -7.51 24.59
C4D CYC BA . -7.99 -8.20 24.02
CMD CYC BA . -10.81 -7.96 26.45
CAD CYC BA . -9.62 -6.15 24.18
CBD CYC BA . -9.10 -5.03 25.06
CGD CYC BA . -9.63 -3.69 24.69
O1D CYC BA . -9.40 -2.69 25.33
O2D CYC BA . -10.37 -3.70 23.61
HHA CYC BA . -7.40 -6.73 22.69
HMA1 CYC BA . -2.73 -9.29 19.76
HMA2 CYC BA . -2.98 -7.56 19.85
HMA3 CYC BA . -3.82 -8.49 18.63
HAA1 CYC BA . -4.48 -5.92 20.68
HAA2 CYC BA . -5.96 -5.67 21.46
HBA1 CYC BA . -5.60 -5.36 18.79
HBA2 CYC BA . -6.03 -7.02 18.75
HHB CYC BA . -4.13 -11.76 21.98
HB CYC BA . -4.64 -10.43 18.42
HMB1 CYC BA . -2.65 -13.46 21.79
HMB2 CYC BA . -2.03 -14.59 20.61
HMB3 CYC BA . -3.72 -14.64 21.05
HAB1 CYC BA . -3.25 -14.80 17.04
HAB2 CYC BA . -2.29 -15.24 18.42
HBB1 CYC BA . -0.35 -13.94 17.53
HBB2 CYC BA . -0.90 -15.07 16.31
HBB3 CYC BA . -1.32 -13.39 16.18
HC CYC BA . -9.83 -8.84 28.53
H2C CYC BA . -11.02 -12.27 30.11
H3C CYC BA . -8.45 -12.49 28.66
HMC1 CYC BA . -9.64 -12.12 32.05
HMC2 CYC BA . -8.88 -13.31 31.01
HMC3 CYC BA . -8.22 -11.69 31.13
HAC1 CYC BA . -9.88 -13.28 26.77
HBC1 CYC BA . -10.75 -15.32 27.97
HBC2 CYC BA . -10.31 -14.59 29.49
HBC3 CYC BA . -9.08 -15.00 28.33
HHD CYC BA . -8.57 -11.48 26.09
HD CYC BA . -7.15 -10.09 24.50
HMD1 CYC BA . -11.57 -7.45 25.86
HMD2 CYC BA . -10.55 -7.30 27.27
HMD3 CYC BA . -11.29 -8.84 26.87
HAD1 CYC BA . -9.42 -5.96 23.14
HAD2 CYC BA . -10.71 -6.18 24.22
HBD1 CYC BA . -9.34 -5.25 26.10
HBD2 CYC BA . -8.01 -5.00 25.04
CHA CYC CA . -5.52 -45.46 15.89
NA CYC CA . -6.66 -43.53 14.88
C1A CYC CA . -5.99 -44.74 14.81
C2A CYC CA . -5.73 -45.09 13.42
C3A CYC CA . -6.20 -44.05 12.66
C4A CYC CA . -6.79 -43.10 13.59
CMA CYC CA . -6.07 -43.86 11.17
CAA CYC CA . -5.07 -46.34 12.91
CBA CYC CA . -6.09 -47.44 12.61
CGA CYC CA . -7.01 -47.72 13.76
O1A CYC CA . -6.65 -48.23 14.79
O2A CYC CA . -8.25 -47.35 13.53
CHB CYC CA . -7.39 -41.85 13.26
NB CYC CA . -8.52 -42.09 11.08
C1B CYC CA . -8.12 -41.38 12.19
C2B CYC CA . -8.52 -40.00 11.96
C3B CYC CA . -9.10 -39.92 10.72
C4B CYC CA . -9.11 -41.27 10.14
CMB CYC CA . -8.39 -38.90 12.97
CAB CYC CA . -9.94 -38.81 10.16
CBB CYC CA . -9.21 -38.00 9.11
OB CYC CA . -9.53 -41.60 9.04
NC CYC CA . -6.94 -44.26 22.00
C1C CYC CA . -7.35 -44.15 23.30
C2C CYC CA . -7.25 -42.69 23.70
C3C CYC CA . -6.82 -41.96 22.38
C4C CYC CA . -6.59 -43.08 21.39
CMC CYC CA . -8.53 -42.17 24.33
CAC CYC CA . -5.60 -41.03 22.61
CBC CYC CA . -5.36 -40.02 21.51
OC CYC CA . -7.71 -45.07 24.01
CHD CYC CA . -6.12 -42.98 20.10
ND CYC CA . -6.00 -43.99 17.84
C1D CYC CA . -5.73 -43.98 19.19
C2D CYC CA . -5.02 -45.17 19.48
C3D CYC CA . -4.90 -45.90 18.30
C4D CYC CA . -5.50 -45.14 17.27
CMD CYC CA . -4.47 -45.58 20.81
CAD CYC CA . -4.26 -47.26 18.18
CBD CYC CA . -2.74 -47.21 18.05
CGD CYC CA . -2.26 -46.60 16.76
O1D CYC CA . -2.61 -46.99 15.67
O2D CYC CA . -1.42 -45.63 16.94
HHA CYC CA . -5.11 -46.44 15.67
HMA1 CYC CA . -5.11 -44.27 10.84
HMA2 CYC CA . -6.86 -44.39 10.64
HMA3 CYC CA . -6.10 -42.83 10.88
HAA1 CYC CA . -4.49 -46.12 12.02
HAA2 CYC CA . -4.33 -46.71 13.62
HBA1 CYC CA . -6.66 -47.17 11.72
HBA2 CYC CA . -5.59 -48.37 12.33
HHB CYC CA . -7.21 -41.12 14.05
HB CYC CA . -8.45 -43.10 10.98
HMB1 CYC CA . -7.50 -38.99 13.60
HMB2 CYC CA . -8.35 -37.94 12.49
HMB3 CYC CA . -9.25 -38.89 13.64
HAB1 CYC CA . -10.86 -39.23 9.74
HAB2 CYC CA . -10.27 -38.16 10.97
HBB1 CYC CA . -9.83 -37.21 8.71
HBB2 CYC CA . -8.31 -37.53 9.50
HBB3 CYC CA . -8.89 -38.62 8.26
HC CYC CA . -6.94 -45.15 21.51
H2C CYC CA . -6.47 -42.62 24.44
H3C CYC CA . -7.64 -41.34 22.01
HMC1 CYC CA . -8.43 -41.14 24.66
HMC2 CYC CA . -9.37 -42.20 23.64
HMC3 CYC CA . -8.82 -42.74 25.21
HAC1 CYC CA . -5.72 -40.52 23.57
HBC1 CYC CA . -6.30 -39.64 21.08
HBC2 CYC CA . -4.78 -40.43 20.69
HBC3 CYC CA . -4.82 -39.15 21.85
HHD CYC CA . -6.07 -41.98 19.68
HD CYC CA . -6.51 -43.27 17.34
HMD1 CYC CA . -5.16 -46.26 21.32
HMD2 CYC CA . -3.52 -46.10 20.72
HMD3 CYC CA . -4.32 -44.74 21.49
HAD1 CYC CA . -4.70 -47.82 17.36
HAD2 CYC CA . -4.53 -47.83 19.06
HBD1 CYC CA . -2.33 -48.22 18.15
HBD2 CYC CA . -2.30 -46.66 18.88
CHA CYC DA . -25.00 -14.19 29.21
NA CYC DA . -25.13 -11.94 28.26
C1A CYC DA . -24.44 -13.07 28.65
C2A CYC DA . -23.03 -12.94 28.33
C3A CYC DA . -22.87 -11.72 27.72
C4A CYC DA . -24.20 -11.11 27.70
CMA CYC DA . -21.63 -11.14 27.11
CAA CYC DA . -21.93 -13.94 28.59
CBA CYC DA . -21.09 -13.59 29.79
CGA CYC DA . -21.88 -13.37 31.05
O1A CYC DA . -21.95 -12.30 31.60
O2A CYC DA . -22.49 -14.44 31.48
CHB CYC DA . -24.49 -9.84 27.19
NB CYC DA . -22.66 -8.44 28.07
C1B CYC DA . -23.83 -8.64 27.35
C2B CYC DA . -24.20 -7.36 26.79
C3B CYC DA . -23.26 -6.43 27.16
C4B CYC DA . -22.26 -7.13 27.99
CMB CYC DA . -25.43 -7.13 25.97
CAB CYC DA . -22.97 -5.10 26.54
CBB CYC DA . -22.73 -4.02 27.57
OB CYC DA . -21.25 -6.66 28.50
NC CYC DA . -31.39 -15.95 28.64
C1C CYC DA . -32.72 -16.23 28.50
C2C CYC DA . -33.45 -14.91 28.50
C3C CYC DA . -32.35 -13.89 28.11
C4C CYC DA . -31.09 -14.60 28.59
CMC CYC DA . -34.72 -14.90 27.65
CAC CYC DA . -32.63 -12.41 28.45
CBC CYC DA . -33.35 -11.67 27.33
OC CYC DA . -33.22 -17.33 28.39
CHD CYC DA . -29.89 -14.02 28.96
ND CYC DA . -27.44 -13.85 28.93
C1D CYC DA . -28.60 -14.50 29.28
C2D CYC DA . -28.23 -15.67 29.99
C3D CYC DA . -26.82 -15.72 30.01
C4D CYC DA . -26.35 -14.55 29.37
CMD CYC DA . -29.14 -16.65 30.67
CAD CYC DA . -25.96 -16.84 30.53
CBD CYC DA . -25.26 -17.59 29.40
CGD CYC DA . -24.31 -18.66 29.87
O1D CYC DA . -24.11 -19.68 29.23
O2D CYC DA . -23.73 -18.39 31.00
HHA CYC DA . -24.30 -14.90 29.65
HMA1 CYC DA . -21.86 -10.33 26.41
HMA2 CYC DA . -21.10 -11.91 26.56
HMA3 CYC DA . -20.94 -10.75 27.86
HAA1 CYC DA . -22.33 -14.96 28.65
HAA2 CYC DA . -21.30 -13.97 27.71
HBA1 CYC DA . -20.33 -14.35 29.95
HBA2 CYC DA . -20.52 -12.68 29.61
HHB CYC DA . -25.39 -9.81 26.57
HB CYC DA . -22.20 -9.16 28.61
HMB1 CYC DA . -25.73 -6.08 25.91
HMB2 CYC DA . -25.29 -7.49 24.95
HMB3 CYC DA . -26.28 -7.68 26.39
HAB1 CYC DA . -23.80 -4.82 25.89
HAB2 CYC DA . -22.11 -5.20 25.88
HBB1 CYC DA . -23.58 -3.89 28.23
HBB2 CYC DA . -22.55 -3.04 27.10
HBB3 CYC DA . -21.86 -4.23 28.18
HC CYC DA . -30.69 -16.69 28.73
H2C CYC DA . -33.77 -14.82 29.54
H3C CYC DA . -32.29 -13.90 27.02
HMC1 CYC DA . -35.35 -15.76 27.88
HMC2 CYC DA . -34.49 -14.93 26.59
HMC3 CYC DA . -35.32 -14.03 27.84
HAC2 CYC DA . -31.71 -11.87 28.61
HBC1 CYC DA . -33.52 -10.62 27.58
HBC2 CYC DA . -32.78 -11.68 26.40
HBC3 CYC DA . -34.32 -12.10 27.10
HHD CYC DA . -29.89 -12.94 28.99
HD CYC DA . -27.39 -12.97 28.43
HMD1 CYC DA . -28.73 -16.97 31.63
HMD2 CYC DA . -29.28 -17.54 30.06
HMD3 CYC DA . -30.12 -16.22 30.89
HAD1 CYC DA . -25.24 -16.45 31.23
HAD2 CYC DA . -26.57 -17.52 31.12
HBD1 CYC DA . -25.99 -18.03 28.74
HBD2 CYC DA . -24.71 -16.91 28.76
CHA CYC EA . 8.69 21.66 12.99
NA CYC EA . 6.47 21.25 13.94
C1A CYC EA . 7.64 20.84 13.32
C2A CYC EA . 7.62 19.40 13.13
C3A CYC EA . 6.46 18.94 13.68
C4A CYC EA . 5.74 20.12 14.16
CMA CYC EA . 6.07 17.52 13.92
CAA CYC EA . 8.65 18.58 12.40
CBA CYC EA . 8.39 18.53 10.90
CGA CYC EA . 8.49 19.88 10.23
O1A CYC EA . 7.53 20.46 9.80
O2A CYC EA . 9.71 20.34 10.17
CHB CYC EA . 4.43 20.17 14.73
NB CYC EA . 3.10 18.17 14.13
C1B CYC EA . 3.28 19.39 14.72
C2B CYC EA . 2.04 19.70 15.42
C3B CYC EA . 1.19 18.62 15.29
C4B CYC EA . 1.88 17.63 14.47
CMB CYC EA . 1.74 21.00 16.11
CAB CYC EA . -0.28 18.54 15.56
CBB CYC EA . -1.09 18.17 14.33
OB CYC EA . 1.50 16.50 14.19
NC CYC EA . 10.07 27.63 15.43
C1C CYC EA . 10.36 28.79 16.09
C2C CYC EA . 9.07 29.37 16.64
C3C CYC EA . 7.99 28.34 16.20
C4C CYC EA . 8.73 27.29 15.41
CMC CYC EA . 9.14 29.62 18.14
CAC CYC EA . 6.77 28.97 15.49
CBC CYC EA . 5.94 29.83 16.41
OC CYC EA . 11.48 29.28 16.19
CHD CYC EA . 8.17 26.20 14.80
ND CYC EA . 8.17 23.84 14.07
C1D CYC EA . 8.68 25.12 14.04
C2D CYC EA . 9.79 25.11 13.15
C3D CYC EA . 9.95 23.81 12.69
C4D CYC EA . 8.92 23.02 13.26
CMD CYC EA . 10.60 26.29 12.71
CAD CYC EA . 11.04 23.33 11.77
CBD CYC EA . 12.23 22.79 12.55
CGD CYC EA . 13.30 22.21 11.67
O1D CYC EA . 14.31 21.70 12.10
O2D CYC EA . 13.03 22.31 10.39
HHA CYC EA . 9.51 21.19 12.46
HMA1 CYC EA . 5.42 17.41 14.78
HMA2 CYC EA . 5.59 17.07 13.05
HMA3 CYC EA . 6.94 16.89 14.13
HAA1 CYC EA . 9.66 18.96 12.60
HAA2 CYC EA . 8.68 17.57 12.81
HBA1 CYC EA . 9.10 17.84 10.43
HBA2 CYC EA . 7.42 18.12 10.70
HHB CYC EA . 4.35 21.06 15.36
HB CYC EA . 3.71 17.74 13.47
HMB1 CYC EA . 0.69 21.24 16.14
HMB2 CYC EA . 2.10 20.98 17.13
HMB3 CYC EA . 2.24 21.82 15.59
HAB1 CYC EA . -0.65 19.45 16.00
HAB2 CYC EA . -0.41 17.77 16.30
HBB1 CYC EA . -0.86 18.84 13.49
HBB2 CYC EA . -2.16 18.25 14.50
HBB3 CYC EA . -0.91 17.15 14.00
HC CYC EA . 10.80 27.04 15.05
H2C CYC EA . 8.95 30.33 16.17
H3C CYC EA . 7.60 27.86 17.11
HMC1 CYC EA . 9.53 28.74 18.67
HMC2 CYC EA . 8.16 29.83 18.55
HMC3 CYC EA . 9.79 30.44 18.39
HAC1 CYC EA . 6.14 28.18 15.10
HBC1 CYC EA . 5.17 30.38 15.86
HBC2 CYC EA . 5.41 29.24 17.16
HBC3 CYC EA . 6.53 30.58 16.94
HHD CYC EA . 7.09 26.11 14.93
HD CYC EA . 7.36 23.54 14.60
HMD1 CYC EA . 10.78 26.26 11.64
HMD2 CYC EA . 10.08 27.22 12.91
HMD3 CYC EA . 11.57 26.34 13.19
HAD1 CYC EA . 10.65 22.57 11.09
HAD2 CYC EA . 11.35 24.13 11.11
HBD1 CYC EA . 12.66 23.58 13.16
HBD2 CYC EA . 11.92 22.03 13.26
CHA CYC FA . -27.04 34.19 20.64
NA CYC FA . -25.80 33.60 18.60
C1A CYC FA . -26.95 33.64 19.38
C2A CYC FA . -28.02 32.91 18.72
C3A CYC FA . -27.51 32.41 17.55
C4A CYC FA . -26.12 32.86 17.50
CMA CYC FA . -28.19 31.54 16.56
CAA CYC FA . -29.43 32.71 19.24
CBA CYC FA . -30.43 33.66 18.59
CGA CYC FA . -30.03 35.11 18.69
O1A CYC FA . -29.74 35.65 19.73
O2A CYC FA . -30.07 35.73 17.54
CHB CYC FA . -25.17 32.54 16.49
NB CYC FA . -26.33 32.42 14.31
C1B CYC FA . -25.22 32.32 15.13
C2B CYC FA . -24.14 31.84 14.28
C3B CYC FA . -24.64 31.62 13.03
C4B CYC FA . -26.05 32.00 13.04
CMB CYC FA . -22.71 31.70 14.72
CAB CYC FA . -23.88 31.41 11.75
CBB CYC FA . -23.82 29.96 11.33
OB CYC FA . -26.85 31.94 12.11
NC CYC FA . -22.61 37.96 23.25
C1C CYC FA . -21.77 38.91 23.78
C2C CYC FA . -20.36 38.37 23.68
C3C CYC FA . -20.50 37.03 22.90
C4C CYC FA . -22.00 36.83 22.77
CMC CYC FA . -19.39 39.38 23.08
CAC CYC FA . -19.76 35.89 23.61
CBC CYC FA . -19.51 34.67 22.73
OC CYC FA . -22.11 39.99 24.23
CHD CYC FA . -22.65 35.75 22.24
ND CYC FA . -24.70 34.88 21.16
C1D CYC FA . -24.03 35.44 22.23
C2D CYC FA . -24.98 35.67 23.24
C3D CYC FA . -26.22 35.26 22.77
C4D CYC FA . -26.04 34.75 21.46
CMD CYC FA . -24.71 36.22 24.61
CAD CYC FA . -27.53 35.39 23.52
CBD CYC FA . -27.78 34.24 24.48
CGD CYC FA . -28.03 32.92 23.81
O1D CYC FA . -28.82 32.78 22.89
O2D CYC FA . -27.34 31.94 24.30
HHA CYC FA . -28.02 34.24 21.07
HMA1 CYC FA . -27.49 30.93 16.00
HMA2 CYC FA . -28.77 32.12 15.85
HMA3 CYC FA . -28.89 30.85 17.03
HAA1 CYC FA . -29.47 32.77 20.31
HAA2 CYC FA . -29.73 31.69 19.03
HBA1 CYC FA . -30.56 33.38 17.55
HBA2 CYC FA . -31.41 33.54 19.03
HHB CYC FA . -24.18 32.44 16.94
HB CYC FA . -27.23 32.80 14.61
HMB1 CYC FA . -22.57 31.57 15.79
HMB2 CYC FA . -22.25 30.84 14.24
HMB3 CYC FA . -22.14 32.57 14.43
HAB1 CYC FA . -22.87 31.82 11.86
HAB2 CYC FA . -24.34 32.01 10.97
HBB1 CYC FA . -23.26 29.83 10.40
HBB2 CYC FA . -24.81 29.54 11.17
HBB3 CYC FA . -23.34 29.35 12.08
HC CYC FA . -23.62 38.10 23.21
H2C CYC FA . -20.03 38.19 24.71
H3C CYC FA . -20.07 37.15 21.91
HMC1 CYC FA . -19.66 39.62 22.06
HMC2 CYC FA . -19.37 40.31 23.64
HMC3 CYC FA . -18.36 39.01 23.05
HAC1 CYC FA . -18.81 36.25 24.02
HBC1 CYC FA . -19.32 34.95 21.70
HBC2 CYC FA . -18.63 34.12 23.05
HBC3 CYC FA . -20.32 33.96 22.74
HHD CYC FA . -22.04 35.01 21.73
HD CYC FA . -24.28 34.60 20.28
HMD1 CYC FA . -24.89 37.29 24.63
HMD2 CYC FA . -23.67 36.06 24.90
HMD3 CYC FA . -25.34 35.78 25.39
HAD1 CYC FA . -28.36 35.51 22.85
HAD2 CYC FA . -27.49 36.32 24.08
HBD1 CYC FA . -28.62 34.48 25.13
HBD2 CYC FA . -26.94 34.12 25.17
#